data_4BH6
#
_entry.id   4BH6
#
_cell.length_a   198.431
_cell.length_b   188.142
_cell.length_c   93.440
_cell.angle_alpha   90.00
_cell.angle_beta   92.13
_cell.angle_gamma   90.00
#
_symmetry.space_group_name_H-M   'C 1 2 1'
#
loop_
_entity.id
_entity.type
_entity.pdbx_description
1 polymer 'APC/C ACTIVATOR PROTEIN CDH1'
2 polymer 'APC/C-CDH1 MODULATOR 1'
3 water water
#
loop_
_entity_poly.entity_id
_entity_poly.type
_entity_poly.pdbx_seq_one_letter_code
_entity_poly.pdbx_strand_id
1 'polypeptide(L)'
;GKQFRQIAKVPYRVLDAPSLADDFYYSLIDWSSTDVLAVALGKSIFLTDNNTGDVVHLCDTENEYTSLSWIGAGSHLAVG
QANGLVEIYDVMKRKCIRTLSGHIDRVACLSWNNHVLTSGSRDHRILHRDVRMPDPFFETIESHTQEVCGLKWNVADNKL
ASGGNDNVVHVYEGTSKSPILTFDEHKAAVKAMAWSPHKRGVLATGGGTADRRLKIWNVNTSIKMSDIDSGSQICNMVWS
KNTNELVTSHGYSKYNLTLWDCNSMDPIAILKGHSFRVLHLTLSNDGTTVVSGAGDETLRYWKLFDKP
;
A,B,C,D,E,F,G,H
2 'polypeptide(L)' AQFMLYEETAEERNIAVHRHNEIYNNNNSVSNENNPSQVKENL(SEP)PAKICPYERAFLREGGRIALKDLSVD I,J,K,L,M,N,O,P
#
# COMPACT_ATOMS: atom_id res chain seq x y z
N ARG A 5 21.27 -28.33 -20.38
CA ARG A 5 22.14 -28.12 -21.61
C ARG A 5 23.64 -27.98 -21.27
N GLN A 6 24.49 -28.18 -22.28
CA GLN A 6 25.94 -28.28 -22.05
C GLN A 6 26.74 -26.96 -22.06
N ILE A 7 27.33 -26.62 -20.92
CA ILE A 7 28.21 -25.41 -20.81
C ILE A 7 29.70 -25.76 -20.87
N ALA A 8 30.43 -25.07 -21.74
CA ALA A 8 31.86 -25.28 -21.81
C ALA A 8 32.48 -24.94 -20.48
N LYS A 9 33.35 -25.84 -20.02
CA LYS A 9 33.96 -25.77 -18.70
C LYS A 9 35.33 -25.07 -18.70
N VAL A 10 35.73 -24.57 -19.86
CA VAL A 10 37.00 -23.85 -20.01
C VAL A 10 36.77 -22.50 -20.74
N PRO A 11 37.51 -21.43 -20.37
CA PRO A 11 37.34 -20.20 -21.14
C PRO A 11 37.89 -20.33 -22.54
N TYR A 12 37.32 -19.60 -23.49
CA TYR A 12 37.87 -19.59 -24.86
C TYR A 12 38.98 -18.54 -25.09
N ARG A 13 39.15 -17.60 -24.17
CA ARG A 13 40.22 -16.65 -24.26
C ARG A 13 40.61 -16.28 -22.85
N VAL A 14 41.91 -16.14 -22.63
CA VAL A 14 42.44 -15.66 -21.35
C VAL A 14 43.44 -14.52 -21.61
N LEU A 15 43.22 -13.34 -21.04
CA LEU A 15 44.12 -12.23 -21.30
C LEU A 15 44.93 -11.94 -20.05
N ASP A 16 46.15 -11.50 -20.24
CA ASP A 16 47.01 -11.12 -19.15
C ASP A 16 46.53 -9.77 -18.64
N ALA A 17 46.29 -9.66 -17.35
CA ALA A 17 45.81 -8.38 -16.75
C ALA A 17 46.65 -7.93 -15.56
N PRO A 18 47.93 -7.58 -15.82
CA PRO A 18 48.83 -7.27 -14.69
C PRO A 18 48.34 -6.08 -13.86
N SER A 19 48.48 -6.19 -12.54
CA SER A 19 48.04 -5.15 -11.59
C SER A 19 46.55 -5.06 -11.33
N LEU A 20 45.75 -5.99 -11.86
CA LEU A 20 44.31 -5.93 -11.66
C LEU A 20 44.03 -6.10 -10.18
N ALA A 21 43.28 -5.17 -9.58
CA ALA A 21 43.18 -5.12 -8.10
C ALA A 21 42.53 -6.38 -7.49
N ASP A 22 43.01 -6.77 -6.32
CA ASP A 22 42.37 -7.82 -5.51
C ASP A 22 41.66 -7.19 -4.30
N ASP A 23 40.80 -6.21 -4.56
CA ASP A 23 40.02 -5.59 -3.51
C ASP A 23 38.55 -5.87 -3.76
N PHE A 24 37.89 -6.49 -2.80
CA PHE A 24 36.51 -6.83 -2.95
C PHE A 24 35.68 -5.67 -3.49
N TYR A 25 35.96 -4.47 -3.00
CA TYR A 25 35.07 -3.37 -3.23
C TYR A 25 35.12 -2.79 -4.65
N TYR A 26 36.05 -3.26 -5.47
CA TYR A 26 36.24 -2.71 -6.80
C TYR A 26 35.71 -3.68 -7.83
N SER A 27 35.29 -3.15 -8.99
CA SER A 27 34.69 -3.94 -10.06
C SER A 27 35.12 -3.25 -11.35
N LEU A 28 36.26 -3.68 -11.91
CA LEU A 28 37.08 -2.83 -12.81
C LEU A 28 37.14 -3.29 -14.28
N ILE A 29 35.99 -3.66 -14.83
CA ILE A 29 35.99 -4.38 -16.06
C ILE A 29 34.57 -4.12 -16.63
N ASP A 30 34.46 -3.53 -17.82
CA ASP A 30 33.14 -3.21 -18.36
C ASP A 30 33.12 -3.34 -19.86
N TRP A 31 32.16 -4.10 -20.36
CA TRP A 31 32.02 -4.31 -21.79
C TRP A 31 30.95 -3.33 -22.36
N SER A 32 31.38 -2.41 -23.26
CA SER A 32 30.51 -1.36 -23.81
C SER A 32 29.45 -1.85 -24.80
N SER A 33 28.43 -1.02 -25.02
CA SER A 33 27.44 -1.28 -26.09
C SER A 33 28.09 -1.20 -27.48
N THR A 34 29.29 -0.62 -27.56
CA THR A 34 30.10 -0.60 -28.80
C THR A 34 31.18 -1.71 -28.85
N ASP A 35 30.98 -2.77 -28.07
CA ASP A 35 31.90 -3.91 -28.00
C ASP A 35 33.36 -3.59 -27.62
N VAL A 36 33.56 -2.59 -26.79
CA VAL A 36 34.90 -2.26 -26.29
C VAL A 36 34.98 -2.59 -24.82
N LEU A 37 35.97 -3.38 -24.45
CA LEU A 37 36.15 -3.80 -23.05
C LEU A 37 37.05 -2.83 -22.34
N ALA A 38 36.60 -2.25 -21.23
CA ALA A 38 37.40 -1.29 -20.52
C ALA A 38 37.88 -1.93 -19.23
N VAL A 39 39.18 -1.85 -18.97
CA VAL A 39 39.71 -2.43 -17.71
C VAL A 39 40.69 -1.50 -17.00
N ALA A 40 40.51 -1.37 -15.70
CA ALA A 40 41.40 -0.57 -14.90
C ALA A 40 42.46 -1.45 -14.29
N LEU A 41 43.71 -1.17 -14.61
CA LEU A 41 44.82 -1.95 -14.02
C LEU A 41 45.69 -1.01 -13.23
N GLY A 42 45.56 -1.04 -11.90
CA GLY A 42 46.34 -0.18 -11.03
C GLY A 42 46.04 1.27 -11.29
N LYS A 43 47.01 1.96 -11.88
CA LYS A 43 46.97 3.40 -12.13
C LYS A 43 46.63 3.73 -13.58
N SER A 44 46.25 2.71 -14.36
CA SER A 44 46.05 2.87 -15.80
C SER A 44 44.74 2.28 -16.30
N ILE A 45 44.19 2.83 -17.38
CA ILE A 45 43.02 2.21 -18.01
C ILE A 45 43.28 1.78 -19.45
N PHE A 46 42.88 0.58 -19.78
CA PHE A 46 43.15 0.11 -21.11
C PHE A 46 41.83 -0.24 -21.73
N LEU A 47 41.75 -0.12 -23.06
CA LEU A 47 40.58 -0.58 -23.82
C LEU A 47 40.98 -1.62 -24.84
N THR A 48 40.12 -2.62 -25.05
CA THR A 48 40.27 -3.54 -26.19
C THR A 48 39.02 -3.46 -27.05
N ASP A 49 39.23 -3.33 -28.36
CA ASP A 49 38.19 -3.57 -29.32
C ASP A 49 38.03 -5.07 -29.43
N ASN A 50 36.83 -5.57 -29.16
CA ASN A 50 36.58 -6.99 -29.34
C ASN A 50 36.63 -7.40 -30.82
N ASN A 51 36.32 -6.47 -31.72
CA ASN A 51 36.29 -6.73 -33.15
C ASN A 51 37.67 -6.66 -33.78
N THR A 52 38.54 -5.81 -33.24
CA THR A 52 39.86 -5.62 -33.82
C THR A 52 40.95 -6.40 -33.10
N GLY A 53 40.81 -6.57 -31.79
CA GLY A 53 41.91 -7.08 -30.97
C GLY A 53 42.85 -5.95 -30.60
N ASP A 54 42.50 -4.75 -31.08
CA ASP A 54 43.22 -3.50 -30.84
C ASP A 54 43.23 -3.12 -29.37
N VAL A 55 44.39 -2.69 -28.87
CA VAL A 55 44.51 -2.25 -27.46
C VAL A 55 44.92 -0.75 -27.36
N VAL A 56 44.06 0.05 -26.73
CA VAL A 56 44.33 1.47 -26.49
C VAL A 56 44.58 1.72 -25.01
N HIS A 57 45.57 2.56 -24.75
CA HIS A 57 45.96 2.91 -23.39
C HIS A 57 45.57 4.36 -23.18
N LEU A 58 44.39 4.63 -22.64
CA LEU A 58 44.08 6.04 -22.31
C LEU A 58 44.28 6.27 -20.83
N CYS A 59 44.55 7.51 -20.44
CA CYS A 59 44.67 7.93 -19.03
C CYS A 59 45.48 7.13 -17.98
N ASP A 60 46.28 7.87 -17.22
CA ASP A 60 46.96 7.38 -16.05
C ASP A 60 46.55 8.32 -14.91
N THR A 61 46.93 7.94 -13.70
CA THR A 61 46.69 8.75 -12.52
C THR A 61 47.84 8.52 -11.56
N GLU A 62 48.20 9.53 -10.77
CA GLU A 62 49.16 9.34 -9.65
C GLU A 62 48.49 8.54 -8.53
N ASN A 63 47.17 8.52 -8.57
CA ASN A 63 46.31 7.99 -7.52
C ASN A 63 46.09 6.48 -7.67
N GLU A 64 44.84 6.08 -7.83
CA GLU A 64 44.49 4.71 -8.17
C GLU A 64 43.09 4.74 -8.74
N TYR A 65 42.87 4.07 -9.87
CA TYR A 65 41.53 3.94 -10.45
C TYR A 65 40.73 2.90 -9.67
N THR A 66 39.45 3.19 -9.51
CA THR A 66 38.69 2.62 -8.41
C THR A 66 37.28 2.23 -8.84
N SER A 67 36.81 2.84 -9.93
CA SER A 67 35.58 2.38 -10.61
C SER A 67 35.53 2.84 -12.07
N LEU A 68 34.74 2.16 -12.88
CA LEU A 68 34.51 2.60 -14.26
C LEU A 68 33.16 2.17 -14.73
N SER A 69 32.58 2.94 -15.64
CA SER A 69 31.27 2.57 -16.17
C SER A 69 31.05 3.20 -17.53
N TRP A 70 30.75 2.38 -18.55
CA TRP A 70 30.48 2.89 -19.90
C TRP A 70 29.15 3.67 -19.95
N ILE A 71 29.11 4.76 -20.70
CA ILE A 71 27.86 5.50 -20.90
C ILE A 71 26.94 4.57 -21.67
N GLY A 72 25.64 4.89 -21.66
CA GLY A 72 24.70 4.08 -22.44
C GLY A 72 25.20 3.73 -23.83
N ALA A 73 25.50 4.77 -24.60
CA ALA A 73 25.84 4.66 -26.02
C ALA A 73 27.21 4.13 -26.30
N GLY A 74 28.02 4.00 -25.25
CA GLY A 74 29.34 3.40 -25.38
C GLY A 74 30.37 4.37 -25.89
N SER A 75 29.99 5.65 -26.02
CA SER A 75 30.90 6.69 -26.50
C SER A 75 31.86 7.24 -25.44
N HIS A 76 31.44 7.20 -24.19
CA HIS A 76 32.17 7.84 -23.11
C HIS A 76 32.30 6.90 -21.95
N LEU A 77 33.45 6.95 -21.26
CA LEU A 77 33.70 6.11 -20.10
C LEU A 77 33.83 6.96 -18.83
N ALA A 78 33.04 6.65 -17.81
CA ALA A 78 33.17 7.37 -16.56
C ALA A 78 34.19 6.62 -15.68
N VAL A 79 35.03 7.39 -14.96
CA VAL A 79 36.10 6.81 -14.20
C VAL A 79 36.21 7.44 -12.82
N GLY A 80 36.15 6.62 -11.75
CA GLY A 80 36.36 7.06 -10.36
C GLY A 80 37.77 6.81 -9.80
N GLN A 81 38.21 7.65 -8.84
CA GLN A 81 39.52 7.49 -8.18
C GLN A 81 39.49 7.35 -6.65
N ALA A 82 40.63 6.91 -6.09
CA ALA A 82 40.72 6.66 -4.67
C ALA A 82 40.58 7.94 -3.86
N ASN A 83 40.85 9.09 -4.49
CA ASN A 83 40.67 10.37 -3.84
C ASN A 83 39.29 11.02 -4.07
N GLY A 84 38.32 10.25 -4.58
CA GLY A 84 36.95 10.73 -4.77
C GLY A 84 36.65 11.47 -6.07
N LEU A 85 37.67 11.77 -6.85
CA LEU A 85 37.49 12.43 -8.14
C LEU A 85 36.80 11.51 -9.09
N VAL A 86 35.85 12.05 -9.84
CA VAL A 86 35.22 11.32 -10.98
C VAL A 86 35.43 12.03 -12.34
N GLU A 87 35.91 11.33 -13.33
CA GLU A 87 36.13 11.97 -14.60
C GLU A 87 35.45 11.20 -15.73
N ILE A 88 35.18 11.90 -16.85
CA ILE A 88 34.52 11.30 -18.03
C ILE A 88 35.42 11.41 -19.24
N TYR A 89 35.61 10.30 -19.94
CA TYR A 89 36.50 10.30 -21.10
C TYR A 89 35.78 10.15 -22.42
N ASP A 90 36.10 11.00 -23.39
CA ASP A 90 35.66 10.80 -24.78
C ASP A 90 36.62 9.77 -25.37
N VAL A 91 36.06 8.58 -25.63
CA VAL A 91 36.85 7.42 -26.04
C VAL A 91 37.40 7.54 -27.47
N MET A 92 36.61 8.15 -28.36
CA MET A 92 37.08 8.40 -29.70
C MET A 92 38.19 9.45 -29.73
N LYS A 93 37.97 10.53 -28.98
CA LYS A 93 38.92 11.63 -28.88
C LYS A 93 40.11 11.28 -27.99
N ARG A 94 39.93 10.30 -27.10
CA ARG A 94 40.93 9.86 -26.09
C ARG A 94 41.33 10.99 -25.16
N LYS A 95 40.38 11.88 -24.88
CA LYS A 95 40.61 13.05 -24.04
C LYS A 95 39.67 12.99 -22.82
N CYS A 96 40.07 13.61 -21.72
CA CYS A 96 39.16 13.76 -20.59
C CYS A 96 38.20 14.93 -20.78
N ILE A 97 36.96 14.59 -21.07
CA ILE A 97 35.89 15.54 -21.34
C ILE A 97 35.47 16.38 -20.13
N ARG A 98 35.44 15.78 -18.94
CA ARG A 98 35.19 16.55 -17.72
C ARG A 98 35.57 15.90 -16.38
N THR A 99 35.70 16.76 -15.35
CA THR A 99 36.30 16.45 -14.08
C THR A 99 35.29 16.82 -13.01
N LEU A 100 34.70 15.81 -12.36
CA LEU A 100 33.65 15.99 -11.35
C LEU A 100 34.11 15.78 -9.92
N SER A 101 33.93 16.81 -9.08
CA SER A 101 34.20 16.73 -7.64
C SER A 101 32.92 16.44 -6.87
N GLY A 102 32.99 16.54 -5.53
CA GLY A 102 31.86 16.23 -4.67
C GLY A 102 32.19 15.18 -3.63
N HIS A 103 32.93 14.13 -4.01
CA HIS A 103 33.33 13.06 -3.06
C HIS A 103 34.64 13.38 -2.37
N ILE A 104 34.72 13.00 -1.10
CA ILE A 104 35.91 13.30 -0.30
C ILE A 104 36.68 12.04 0.03
N ASP A 105 36.27 10.92 -0.55
CA ASP A 105 36.92 9.62 -0.35
C ASP A 105 36.57 8.71 -1.53
N ARG A 106 37.35 7.66 -1.75
CA ARG A 106 37.28 6.85 -2.98
C ARG A 106 35.87 6.54 -3.47
N VAL A 107 35.74 6.51 -4.79
CA VAL A 107 34.47 6.23 -5.45
C VAL A 107 34.60 4.83 -5.99
N ALA A 108 33.98 3.88 -5.30
CA ALA A 108 34.08 2.46 -5.63
C ALA A 108 33.06 1.98 -6.68
N CYS A 109 32.01 2.78 -6.93
CA CYS A 109 30.92 2.38 -7.83
C CYS A 109 30.23 3.53 -8.61
N LEU A 110 29.77 3.22 -9.81
CA LEU A 110 29.22 4.22 -10.75
C LEU A 110 28.13 3.61 -11.63
N SER A 111 27.10 4.37 -11.97
CA SER A 111 25.99 3.80 -12.76
C SER A 111 25.27 4.88 -13.54
N TRP A 112 25.01 4.64 -14.82
CA TRP A 112 24.43 5.63 -15.72
C TRP A 112 22.96 5.40 -15.88
N ASN A 113 22.21 6.49 -15.98
CA ASN A 113 20.84 6.44 -16.47
C ASN A 113 20.71 7.52 -17.50
N ASN A 114 20.98 7.20 -18.76
CA ASN A 114 21.10 8.22 -19.84
C ASN A 114 22.08 9.34 -19.48
N HIS A 115 21.56 10.55 -19.35
CA HIS A 115 22.40 11.71 -19.04
C HIS A 115 22.75 11.84 -17.56
N VAL A 116 22.17 11.02 -16.71
CA VAL A 116 22.50 11.08 -15.30
C VAL A 116 23.63 10.10 -15.03
N LEU A 117 24.72 10.59 -14.42
CA LEU A 117 25.78 9.72 -13.91
C LEU A 117 25.72 9.74 -12.41
N THR A 118 25.82 8.57 -11.78
CA THR A 118 25.65 8.42 -10.34
C THR A 118 26.87 7.72 -9.72
N SER A 119 27.47 8.40 -8.74
CA SER A 119 28.63 7.86 -8.08
C SER A 119 28.37 7.58 -6.59
N GLY A 120 29.02 6.55 -6.08
CA GLY A 120 28.94 6.14 -4.69
C GLY A 120 30.33 5.99 -4.13
N SER A 121 30.52 6.40 -2.87
CA SER A 121 31.84 6.62 -2.33
C SER A 121 31.99 5.99 -0.95
N ARG A 122 33.21 5.97 -0.44
CA ARG A 122 33.51 5.51 0.91
C ARG A 122 33.28 6.62 1.96
N ASP A 123 33.13 7.90 1.54
CA ASP A 123 32.34 8.84 2.38
C ASP A 123 31.00 8.16 2.30
N HIS A 124 29.94 8.63 2.89
CA HIS A 124 28.84 7.67 2.82
C HIS A 124 27.80 7.95 1.72
N ARG A 125 28.22 8.76 0.75
CA ARG A 125 27.29 9.48 -0.12
C ARG A 125 27.13 8.88 -1.50
N ILE A 126 25.94 9.12 -2.07
CA ILE A 126 25.66 8.86 -3.47
C ILE A 126 25.31 10.19 -4.11
N LEU A 127 25.87 10.45 -5.31
CA LEU A 127 25.64 11.73 -6.02
C LEU A 127 25.05 11.52 -7.41
N HIS A 128 23.97 12.25 -7.70
CA HIS A 128 23.36 12.23 -9.01
C HIS A 128 23.90 13.41 -9.81
N ARG A 129 24.39 13.17 -11.02
CA ARG A 129 25.04 14.24 -11.79
C ARG A 129 24.44 14.33 -13.18
N ASP A 130 23.95 15.52 -13.54
CA ASP A 130 23.45 15.81 -14.88
C ASP A 130 24.62 16.16 -15.77
N VAL A 131 24.94 15.24 -16.67
CA VAL A 131 26.22 15.23 -17.36
C VAL A 131 26.31 16.27 -18.51
N ARG A 132 25.16 16.85 -18.85
CA ARG A 132 25.05 17.94 -19.81
C ARG A 132 25.15 19.24 -19.11
N MET A 133 24.97 19.22 -17.79
CA MET A 133 25.03 20.44 -16.96
C MET A 133 26.43 20.81 -16.49
N PRO A 134 26.71 22.10 -16.27
CA PRO A 134 28.02 22.46 -15.74
C PRO A 134 28.18 22.18 -14.25
N ASP A 135 27.12 21.76 -13.56
CA ASP A 135 27.21 21.47 -12.12
C ASP A 135 27.82 20.12 -11.86
N PRO A 136 28.76 20.06 -10.92
CA PRO A 136 29.36 18.78 -10.53
C PRO A 136 28.31 17.73 -10.17
N PHE A 137 27.17 18.18 -9.65
CA PHE A 137 26.11 17.24 -9.23
C PHE A 137 24.89 18.05 -8.85
N PHE A 138 23.70 17.45 -9.00
CA PHE A 138 22.46 18.12 -8.63
C PHE A 138 21.76 17.55 -7.43
N GLU A 139 22.02 16.31 -7.10
CA GLU A 139 21.35 15.70 -5.99
C GLU A 139 22.32 14.84 -5.18
N THR A 140 22.17 14.91 -3.86
CA THR A 140 23.03 14.15 -2.96
C THR A 140 22.22 13.26 -2.00
N ILE A 141 22.68 12.02 -1.85
CA ILE A 141 21.93 11.04 -1.08
C ILE A 141 22.87 10.47 -0.04
N GLU A 142 22.49 10.58 1.23
CA GLU A 142 23.20 9.93 2.33
C GLU A 142 22.28 8.98 3.06
N SER A 143 22.21 7.73 2.62
CA SER A 143 21.29 6.80 3.23
C SER A 143 22.01 5.53 3.64
N HIS A 144 23.32 5.49 3.39
CA HIS A 144 24.18 4.42 3.92
C HIS A 144 25.02 4.98 5.04
N THR A 145 25.42 4.15 5.96
CA THR A 145 26.20 4.57 7.08
C THR A 145 27.63 4.09 6.91
N GLN A 146 27.92 3.49 5.75
CA GLN A 146 29.25 3.04 5.42
C GLN A 146 29.47 3.15 3.93
N GLU A 147 30.58 2.60 3.45
CA GLU A 147 30.89 2.71 2.02
C GLU A 147 29.71 2.25 1.14
N VAL A 148 29.30 3.10 0.21
CA VAL A 148 28.46 2.61 -0.87
C VAL A 148 29.32 1.84 -1.89
N CYS A 149 29.06 0.53 -2.00
CA CYS A 149 29.84 -0.33 -2.92
C CYS A 149 29.01 -1.04 -4.02
N GLY A 150 27.71 -0.77 -4.05
CA GLY A 150 26.89 -1.22 -5.14
C GLY A 150 25.98 -0.13 -5.65
N LEU A 151 25.87 -0.03 -6.97
CA LEU A 151 25.01 0.97 -7.61
C LEU A 151 24.60 0.43 -8.98
N LYS A 152 23.30 0.18 -9.18
CA LYS A 152 22.78 -0.29 -10.49
C LYS A 152 21.48 0.39 -10.81
N TRP A 153 21.48 1.14 -11.91
CA TRP A 153 20.28 1.76 -12.46
C TRP A 153 19.50 0.75 -13.27
N ASN A 154 18.18 0.87 -13.29
CA ASN A 154 17.37 0.10 -14.21
C ASN A 154 17.33 0.72 -15.61
N VAL A 155 16.98 1.99 -15.71
CA VAL A 155 16.79 2.66 -17.02
C VAL A 155 15.41 2.36 -17.62
N ALA A 156 15.10 1.09 -17.91
CA ALA A 156 13.74 0.71 -18.38
C ALA A 156 12.65 1.03 -17.37
N ASP A 157 12.72 0.43 -16.17
CA ASP A 157 12.10 1.01 -14.99
C ASP A 157 12.92 2.25 -14.71
N ASN A 158 12.37 3.23 -14.02
CA ASN A 158 13.22 4.34 -13.62
C ASN A 158 13.67 4.15 -12.17
N LYS A 159 14.54 3.16 -11.94
CA LYS A 159 14.86 2.74 -10.56
C LYS A 159 16.35 2.52 -10.26
N LEU A 160 16.78 3.01 -9.12
CA LEU A 160 18.15 2.80 -8.72
C LEU A 160 18.24 1.89 -7.50
N ALA A 161 19.19 0.96 -7.53
CA ALA A 161 19.51 0.15 -6.34
C ALA A 161 20.87 0.58 -5.84
N SER A 162 21.00 0.68 -4.52
CA SER A 162 22.31 0.87 -3.89
C SER A 162 22.54 -0.18 -2.81
N GLY A 163 23.80 -0.57 -2.69
CA GLY A 163 24.22 -1.59 -1.70
C GLY A 163 25.42 -1.02 -0.95
N GLY A 164 25.39 -1.18 0.36
CA GLY A 164 26.45 -0.70 1.21
C GLY A 164 27.27 -1.74 1.96
N ASN A 165 28.39 -1.26 2.54
CA ASN A 165 29.18 -2.05 3.46
C ASN A 165 28.50 -2.11 4.79
N ASP A 166 27.33 -1.44 4.91
CA ASP A 166 26.48 -1.53 6.11
C ASP A 166 25.47 -2.68 5.98
N ASN A 167 25.60 -3.47 4.91
CA ASN A 167 24.76 -4.65 4.64
C ASN A 167 23.36 -4.33 4.18
N VAL A 168 23.08 -3.05 3.93
CA VAL A 168 21.75 -2.57 3.55
C VAL A 168 21.61 -2.42 2.04
N VAL A 169 20.40 -2.68 1.52
CA VAL A 169 20.04 -2.37 0.13
C VAL A 169 18.88 -1.34 0.09
N HIS A 170 19.05 -0.29 -0.70
CA HIS A 170 17.98 0.66 -0.92
C HIS A 170 17.59 0.70 -2.38
N VAL A 171 16.32 1.00 -2.63
CA VAL A 171 15.78 1.15 -3.99
C VAL A 171 15.13 2.51 -4.04
N TYR A 172 15.47 3.28 -5.05
CA TYR A 172 14.99 4.67 -5.21
C TYR A 172 14.22 4.81 -6.48
N GLU A 173 13.14 5.60 -6.44
CA GLU A 173 12.38 5.91 -7.64
C GLU A 173 13.05 7.09 -8.27
N GLY A 174 13.61 6.85 -9.46
CA GLY A 174 14.35 7.87 -10.22
C GLY A 174 15.42 8.58 -9.42
N THR A 175 15.44 9.88 -9.58
CA THR A 175 16.51 10.71 -9.03
C THR A 175 16.28 11.10 -7.56
N SER A 176 15.25 10.49 -6.98
CA SER A 176 14.74 10.84 -5.67
C SER A 176 15.74 10.63 -4.53
N LYS A 177 15.69 11.55 -3.57
CA LYS A 177 16.57 11.53 -2.40
C LYS A 177 16.30 10.42 -1.38
N SER A 178 15.05 10.11 -1.11
CA SER A 178 14.70 9.05 -0.17
C SER A 178 14.41 7.76 -0.90
N PRO A 179 14.91 6.62 -0.37
CA PRO A 179 14.54 5.35 -0.98
C PRO A 179 13.03 5.06 -0.81
N ILE A 180 12.46 4.29 -1.73
CA ILE A 180 11.08 3.83 -1.59
C ILE A 180 11.04 2.46 -0.88
N LEU A 181 12.18 1.77 -0.87
CA LEU A 181 12.33 0.45 -0.23
C LEU A 181 13.71 0.29 0.39
N THR A 182 13.73 -0.45 1.50
CA THR A 182 14.97 -0.80 2.18
C THR A 182 14.95 -2.26 2.58
N PHE A 183 15.90 -3.01 2.03
CA PHE A 183 16.10 -4.41 2.42
C PHE A 183 17.36 -4.50 3.24
N ASP A 184 17.25 -4.91 4.49
CA ASP A 184 18.47 -5.05 5.27
C ASP A 184 18.63 -6.43 5.88
N GLU A 185 18.16 -7.45 5.20
CA GLU A 185 18.34 -8.81 5.62
C GLU A 185 19.81 -9.29 5.61
N HIS A 186 20.55 -8.88 4.57
CA HIS A 186 21.89 -9.40 4.36
C HIS A 186 22.79 -9.14 5.61
N LYS A 187 23.66 -10.12 5.91
CA LYS A 187 24.51 -10.09 7.07
C LYS A 187 25.92 -9.67 6.70
N ALA A 188 26.13 -9.05 5.56
CA ALA A 188 27.46 -8.74 5.02
C ALA A 188 27.32 -7.71 3.91
N ALA A 189 28.45 -7.26 3.36
CA ALA A 189 28.42 -6.22 2.35
C ALA A 189 27.57 -6.62 1.13
N VAL A 190 26.81 -5.69 0.60
CA VAL A 190 26.07 -5.96 -0.64
C VAL A 190 26.73 -5.18 -1.79
N LYS A 191 27.59 -5.85 -2.57
CA LYS A 191 28.20 -5.23 -3.72
C LYS A 191 27.55 -5.75 -5.03
N ALA A 192 27.33 -7.07 -5.06
CA ALA A 192 26.83 -7.72 -6.25
C ALA A 192 25.31 -7.59 -6.28
N MET A 193 24.79 -6.83 -7.25
CA MET A 193 23.34 -6.74 -7.50
C MET A 193 23.05 -6.57 -9.01
N ALA A 194 21.88 -6.99 -9.45
CA ALA A 194 21.53 -6.97 -10.87
C ALA A 194 20.03 -6.93 -11.06
N TRP A 195 19.56 -6.13 -12.02
CA TRP A 195 18.15 -6.08 -12.35
C TRP A 195 17.83 -7.07 -13.47
N SER A 196 16.67 -7.75 -13.42
CA SER A 196 16.25 -8.64 -14.49
C SER A 196 15.90 -7.84 -15.74
N PRO A 197 16.55 -8.13 -16.87
CA PRO A 197 16.11 -7.44 -18.09
C PRO A 197 14.84 -8.05 -18.65
N HIS A 198 14.44 -9.21 -18.13
CA HIS A 198 13.25 -9.95 -18.62
C HIS A 198 11.95 -9.64 -17.91
N LYS A 199 12.04 -9.03 -16.72
CA LYS A 199 10.87 -8.77 -15.91
C LYS A 199 11.08 -7.51 -15.08
N ARG A 200 10.31 -6.47 -15.34
CA ARG A 200 10.49 -5.19 -14.68
C ARG A 200 10.27 -5.23 -13.15
N GLY A 201 11.12 -4.53 -12.40
CA GLY A 201 11.02 -4.45 -10.95
C GLY A 201 11.52 -5.68 -10.20
N VAL A 202 12.39 -6.47 -10.83
CA VAL A 202 12.94 -7.68 -10.19
C VAL A 202 14.44 -7.47 -9.96
N LEU A 203 14.88 -7.51 -8.69
CA LEU A 203 16.28 -7.22 -8.36
C LEU A 203 17.00 -8.35 -7.67
N ALA A 204 18.22 -8.66 -8.14
CA ALA A 204 19.05 -9.71 -7.52
C ALA A 204 20.14 -9.07 -6.69
N THR A 205 20.30 -9.55 -5.44
CA THR A 205 21.33 -9.04 -4.54
C THR A 205 22.07 -10.21 -3.86
N GLY A 206 23.39 -10.05 -3.69
CA GLY A 206 24.26 -11.11 -3.18
C GLY A 206 25.18 -10.59 -2.09
N GLY A 207 25.21 -11.28 -0.96
CA GLY A 207 25.99 -10.87 0.22
C GLY A 207 27.43 -11.38 0.25
N GLY A 208 28.21 -10.80 1.15
CA GLY A 208 29.66 -11.06 1.24
C GLY A 208 29.86 -12.14 2.26
N THR A 209 31.09 -12.23 2.78
CA THR A 209 31.62 -13.44 3.41
C THR A 209 30.75 -13.99 4.49
N ALA A 210 30.31 -13.15 5.40
CA ALA A 210 29.46 -13.58 6.51
C ALA A 210 28.02 -13.91 6.10
N ASP A 211 27.64 -13.66 4.84
CA ASP A 211 26.27 -13.84 4.45
C ASP A 211 26.15 -14.93 3.36
N ARG A 212 26.82 -14.72 2.24
CA ARG A 212 26.82 -15.70 1.13
C ARG A 212 25.51 -15.93 0.34
N ARG A 213 24.47 -15.18 0.69
CA ARG A 213 23.15 -15.38 0.15
C ARG A 213 22.87 -14.64 -1.14
N LEU A 214 22.15 -15.31 -2.03
CA LEU A 214 21.63 -14.70 -3.27
C LEU A 214 20.15 -14.43 -3.04
N LYS A 215 19.76 -13.17 -2.99
CA LYS A 215 18.34 -12.91 -2.79
C LYS A 215 17.73 -12.27 -4.04
N ILE A 216 16.50 -12.68 -4.34
CA ILE A 216 15.75 -12.08 -5.44
C ILE A 216 14.50 -11.35 -4.90
N TRP A 217 14.42 -10.05 -5.18
CA TRP A 217 13.34 -9.25 -4.68
C TRP A 217 12.44 -8.84 -5.79
N ASN A 218 11.15 -8.93 -5.53
CA ASN A 218 10.17 -8.25 -6.34
C ASN A 218 9.94 -6.90 -5.78
N VAL A 219 10.61 -5.94 -6.38
CA VAL A 219 10.46 -4.53 -5.99
C VAL A 219 8.99 -4.18 -6.32
N ASN A 220 8.52 -3.00 -5.97
CA ASN A 220 7.15 -2.69 -6.31
C ASN A 220 6.00 -3.69 -5.97
N THR A 221 6.29 -4.90 -5.53
CA THR A 221 5.31 -5.62 -4.69
C THR A 221 5.83 -5.87 -3.26
N SER A 222 7.13 -5.67 -3.07
CA SER A 222 7.79 -5.85 -1.77
C SER A 222 7.76 -7.32 -1.32
N ILE A 223 8.39 -8.19 -2.09
CA ILE A 223 8.40 -9.61 -1.77
C ILE A 223 9.77 -10.16 -2.10
N LYS A 224 10.33 -10.91 -1.16
CA LYS A 224 11.52 -11.72 -1.42
C LYS A 224 11.08 -13.00 -2.13
N MET A 225 11.28 -13.03 -3.45
CA MET A 225 10.86 -14.17 -4.23
C MET A 225 11.74 -15.38 -3.96
N SER A 226 13.03 -15.12 -3.72
CA SER A 226 14.01 -16.18 -3.54
C SER A 226 15.14 -15.79 -2.63
N ASP A 227 15.79 -16.78 -2.00
CA ASP A 227 16.85 -16.56 -1.03
C ASP A 227 17.62 -17.85 -0.93
N ILE A 228 18.87 -17.86 -1.39
CA ILE A 228 19.64 -19.10 -1.50
C ILE A 228 21.05 -18.95 -0.96
N ASP A 229 21.46 -19.85 -0.06
CA ASP A 229 22.85 -19.86 0.41
C ASP A 229 23.69 -20.29 -0.77
N SER A 230 24.46 -19.40 -1.35
CA SER A 230 25.38 -19.83 -2.40
C SER A 230 26.66 -20.50 -1.88
N GLY A 231 26.81 -20.63 -0.56
CA GLY A 231 28.02 -21.22 0.06
C GLY A 231 29.37 -20.53 -0.06
N SER A 232 29.44 -19.31 -0.60
CA SER A 232 30.69 -18.52 -0.66
C SER A 232 30.42 -17.05 -0.88
N GLN A 233 31.38 -16.22 -0.55
CA GLN A 233 31.24 -14.76 -0.61
C GLN A 233 30.86 -14.34 -2.03
N ILE A 234 29.79 -13.55 -2.17
CA ILE A 234 29.35 -13.09 -3.51
C ILE A 234 30.01 -11.75 -3.86
N CYS A 235 30.81 -11.72 -4.92
CA CYS A 235 31.63 -10.56 -5.20
C CYS A 235 31.19 -9.82 -6.47
N ASN A 236 30.43 -10.47 -7.33
CA ASN A 236 29.91 -9.81 -8.51
C ASN A 236 28.78 -10.62 -9.17
N MET A 237 28.14 -9.98 -10.15
CA MET A 237 26.88 -10.49 -10.64
C MET A 237 26.50 -9.95 -12.02
N VAL A 238 25.74 -10.73 -12.78
CA VAL A 238 25.36 -10.32 -14.11
C VAL A 238 24.13 -11.12 -14.59
N TRP A 239 23.03 -10.45 -14.94
CA TRP A 239 21.84 -11.14 -15.44
C TRP A 239 21.97 -11.40 -16.96
N SER A 240 21.81 -12.66 -17.42
CA SER A 240 21.84 -13.00 -18.85
C SER A 240 20.81 -12.18 -19.65
N LYS A 241 21.22 -11.66 -20.80
CA LYS A 241 20.32 -10.89 -21.65
C LYS A 241 19.53 -11.84 -22.51
N ASN A 242 20.20 -12.90 -22.95
CA ASN A 242 19.65 -13.83 -23.93
C ASN A 242 18.88 -14.97 -23.31
N THR A 243 18.91 -15.05 -21.99
CA THR A 243 18.25 -16.14 -21.30
C THR A 243 17.93 -15.72 -19.89
N ASN A 244 16.90 -16.34 -19.28
CA ASN A 244 16.54 -15.99 -17.88
C ASN A 244 17.49 -16.66 -16.86
N GLU A 245 18.76 -16.25 -16.90
CA GLU A 245 19.78 -16.89 -16.11
C GLU A 245 20.64 -15.86 -15.43
N LEU A 246 21.16 -16.20 -14.27
CA LEU A 246 22.03 -15.27 -13.52
C LEU A 246 23.41 -15.88 -13.35
N VAL A 247 24.44 -15.04 -13.42
CA VAL A 247 25.82 -15.46 -13.14
C VAL A 247 26.35 -14.71 -11.92
N THR A 248 26.70 -15.46 -10.87
CA THR A 248 27.37 -14.88 -9.72
C THR A 248 28.88 -15.23 -9.70
N SER A 249 29.73 -14.34 -9.20
CA SER A 249 31.16 -14.63 -9.10
C SER A 249 31.59 -14.57 -7.65
N HIS A 250 32.45 -15.51 -7.28
CA HIS A 250 32.68 -15.80 -5.86
C HIS A 250 34.09 -15.56 -5.32
N GLY A 251 34.11 -15.23 -4.04
CA GLY A 251 35.35 -15.01 -3.30
C GLY A 251 35.51 -16.12 -2.30
N TYR A 252 35.74 -15.78 -1.02
CA TYR A 252 36.02 -16.79 0.03
C TYR A 252 34.85 -17.76 0.19
N SER A 253 35.08 -19.06 0.12
CA SER A 253 36.37 -19.66 -0.19
C SER A 253 36.23 -20.58 -1.43
N LYS A 254 35.51 -20.12 -2.45
CA LYS A 254 35.34 -20.87 -3.71
C LYS A 254 35.45 -19.92 -4.89
N TYR A 255 36.62 -19.82 -5.52
CA TYR A 255 36.87 -18.84 -6.57
C TYR A 255 36.28 -19.25 -7.91
N ASN A 256 34.97 -19.35 -7.94
CA ASN A 256 34.20 -19.77 -9.12
C ASN A 256 33.22 -18.73 -9.62
N LEU A 257 32.79 -18.91 -10.87
CA LEU A 257 31.52 -18.33 -11.29
C LEU A 257 30.43 -19.40 -11.17
N THR A 258 29.26 -19.05 -10.65
CA THR A 258 28.16 -19.99 -10.79
C THR A 258 27.03 -19.42 -11.70
N LEU A 259 26.55 -20.31 -12.59
CA LEU A 259 25.46 -20.03 -13.52
C LEU A 259 24.12 -20.59 -13.02
N TRP A 260 23.20 -19.68 -12.68
CA TRP A 260 21.89 -20.02 -12.11
C TRP A 260 20.71 -20.05 -13.10
N ASP A 261 19.79 -21.00 -12.89
CA ASP A 261 18.60 -21.11 -13.71
C ASP A 261 17.49 -20.03 -13.56
N CYS A 262 17.17 -19.61 -12.34
CA CYS A 262 16.16 -18.54 -12.14
C CYS A 262 14.75 -19.08 -12.03
N ASN A 263 14.30 -19.87 -13.00
CA ASN A 263 12.97 -20.47 -12.91
C ASN A 263 12.91 -21.40 -11.70
N SER A 264 13.79 -22.40 -11.67
CA SER A 264 14.22 -23.06 -10.44
C SER A 264 15.43 -22.27 -10.00
N MET A 265 15.64 -22.12 -8.73
CA MET A 265 16.80 -21.32 -8.44
C MET A 265 18.02 -22.20 -8.25
N ASP A 266 18.27 -23.02 -9.27
CA ASP A 266 19.29 -24.08 -9.18
C ASP A 266 20.55 -23.74 -9.96
N PRO A 267 21.75 -24.08 -9.42
CA PRO A 267 22.98 -23.91 -10.23
C PRO A 267 22.99 -24.85 -11.44
N ILE A 268 23.23 -24.28 -12.62
CA ILE A 268 23.27 -25.01 -13.89
C ILE A 268 24.72 -25.50 -14.05
N ALA A 269 25.67 -24.64 -13.69
CA ALA A 269 27.07 -24.95 -13.87
C ALA A 269 27.95 -24.11 -12.93
N ILE A 270 29.14 -24.65 -12.63
CA ILE A 270 30.14 -23.98 -11.79
C ILE A 270 31.46 -23.83 -12.57
N LEU A 271 31.98 -22.64 -12.72
CA LEU A 271 33.11 -22.44 -13.59
C LEU A 271 34.33 -22.09 -12.82
N LYS A 272 35.37 -22.90 -13.00
CA LYS A 272 36.55 -22.92 -12.16
C LYS A 272 37.83 -22.55 -12.90
N GLY A 273 38.84 -22.10 -12.18
CA GLY A 273 40.09 -21.69 -12.81
C GLY A 273 40.83 -20.64 -12.03
N HIS A 274 40.14 -19.56 -11.67
CA HIS A 274 40.73 -18.42 -10.98
C HIS A 274 41.34 -18.84 -9.65
N SER A 275 42.53 -18.32 -9.34
CA SER A 275 43.19 -18.63 -8.08
C SER A 275 43.15 -17.46 -7.07
N PHE A 276 42.41 -16.38 -7.42
CA PHE A 276 42.01 -15.28 -6.55
C PHE A 276 40.50 -15.11 -6.65
N ARG A 277 39.93 -14.32 -5.75
CA ARG A 277 38.51 -14.14 -5.70
C ARG A 277 38.08 -13.61 -7.05
N VAL A 278 36.92 -14.05 -7.55
CA VAL A 278 36.44 -13.51 -8.80
C VAL A 278 35.66 -12.20 -8.59
N LEU A 279 36.41 -11.08 -8.57
CA LEU A 279 35.88 -9.78 -8.17
C LEU A 279 35.24 -9.02 -9.32
N HIS A 280 35.78 -9.21 -10.53
CA HIS A 280 35.50 -8.40 -11.68
C HIS A 280 34.76 -9.24 -12.68
N LEU A 281 33.66 -8.71 -13.20
CA LEU A 281 32.73 -9.47 -14.02
C LEU A 281 31.94 -8.57 -14.96
N THR A 282 31.70 -9.01 -16.19
CA THR A 282 30.88 -8.23 -17.12
C THR A 282 30.33 -9.07 -18.25
N LEU A 283 29.22 -8.61 -18.84
CA LEU A 283 28.53 -9.36 -19.89
C LEU A 283 28.76 -8.69 -21.26
N SER A 284 29.11 -9.49 -22.27
CA SER A 284 29.37 -8.97 -23.63
C SER A 284 28.11 -8.38 -24.23
N ASN A 285 28.29 -7.44 -25.14
CA ASN A 285 27.15 -6.74 -25.73
C ASN A 285 26.11 -7.64 -26.43
N ASP A 286 26.57 -8.66 -27.15
CA ASP A 286 25.67 -9.60 -27.82
C ASP A 286 25.10 -10.68 -26.86
N GLY A 287 25.49 -10.61 -25.60
CA GLY A 287 24.89 -11.45 -24.57
C GLY A 287 25.44 -12.84 -24.47
N THR A 288 26.44 -13.15 -25.31
CA THR A 288 26.99 -14.50 -25.40
C THR A 288 28.07 -14.82 -24.37
N THR A 289 28.84 -13.80 -24.00
CA THR A 289 30.08 -14.03 -23.32
C THR A 289 30.12 -13.28 -22.01
N VAL A 290 30.61 -13.95 -20.97
CA VAL A 290 30.85 -13.29 -19.67
C VAL A 290 32.36 -13.23 -19.47
N VAL A 291 32.90 -12.06 -19.18
CA VAL A 291 34.31 -11.95 -18.85
C VAL A 291 34.48 -11.85 -17.34
N SER A 292 35.44 -12.64 -16.81
CA SER A 292 35.80 -12.57 -15.39
C SER A 292 37.26 -12.15 -15.12
N GLY A 293 37.44 -11.40 -14.05
CA GLY A 293 38.75 -10.92 -13.65
C GLY A 293 39.04 -11.14 -12.16
N ALA A 294 40.32 -11.33 -11.85
CA ALA A 294 40.71 -11.55 -10.49
C ALA A 294 42.10 -11.06 -10.25
N GLY A 295 42.45 -10.96 -8.98
CA GLY A 295 43.82 -10.64 -8.55
C GLY A 295 44.88 -11.64 -9.01
N ASP A 296 44.44 -12.75 -9.60
CA ASP A 296 45.38 -13.62 -10.32
C ASP A 296 45.82 -13.04 -11.66
N GLU A 297 45.43 -11.79 -11.93
CA GLU A 297 45.91 -11.05 -13.10
C GLU A 297 45.56 -11.70 -14.44
N THR A 298 44.37 -12.30 -14.47
CA THR A 298 43.81 -12.85 -15.71
C THR A 298 42.39 -12.32 -16.00
N LEU A 299 42.08 -12.16 -17.27
CA LEU A 299 40.71 -11.94 -17.73
C LEU A 299 40.29 -13.19 -18.47
N ARG A 300 39.14 -13.75 -18.11
CA ARG A 300 38.70 -15.01 -18.73
C ARG A 300 37.37 -14.86 -19.41
N TYR A 301 37.34 -15.21 -20.70
CA TYR A 301 36.14 -15.16 -21.57
C TYR A 301 35.41 -16.49 -21.58
N TRP A 302 34.21 -16.49 -20.99
CA TRP A 302 33.37 -17.66 -20.93
C TRP A 302 32.18 -17.55 -21.90
N LYS A 303 32.17 -18.44 -22.90
CA LYS A 303 31.05 -18.56 -23.83
C LYS A 303 29.92 -19.30 -23.11
N LEU A 304 28.88 -18.58 -22.73
CA LEU A 304 27.85 -19.13 -21.87
C LEU A 304 26.47 -19.12 -22.50
N PHE A 305 26.20 -18.19 -23.43
CA PHE A 305 24.85 -18.09 -23.99
C PHE A 305 24.82 -18.10 -25.53
N ASP A 306 23.66 -18.31 -26.10
CA ASP A 306 23.49 -18.26 -27.55
C ASP A 306 23.03 -16.90 -28.04
N LYS A 307 23.27 -16.62 -29.32
CA LYS A 307 22.79 -15.38 -29.92
C LYS A 307 21.25 -15.38 -30.05
N PRO A 308 20.60 -14.19 -29.96
CA PRO A 308 19.15 -14.06 -30.09
C PRO A 308 18.61 -14.52 -31.44
N ARG B 5 -67.77 19.31 -71.62
CA ARG B 5 -66.85 19.67 -72.74
C ARG B 5 -65.42 19.61 -72.21
N GLN B 6 -64.51 19.02 -73.00
CA GLN B 6 -63.12 18.78 -72.56
C GLN B 6 -62.17 19.97 -72.84
N ILE B 7 -61.75 20.65 -71.77
CA ILE B 7 -60.79 21.76 -71.85
C ILE B 7 -59.31 21.32 -71.65
N ALA B 8 -58.42 21.93 -72.41
CA ALA B 8 -57.00 21.59 -72.41
C ALA B 8 -56.31 21.86 -71.08
N LYS B 9 -55.47 20.92 -70.68
CA LYS B 9 -54.85 20.98 -69.37
C LYS B 9 -53.45 21.59 -69.41
N VAL B 10 -53.02 22.07 -70.58
CA VAL B 10 -51.70 22.71 -70.75
C VAL B 10 -51.82 24.07 -71.47
N PRO B 11 -51.01 25.08 -71.07
CA PRO B 11 -51.14 26.37 -71.80
C PRO B 11 -50.62 26.22 -73.22
N TYR B 12 -51.14 27.03 -74.15
CA TYR B 12 -50.66 27.00 -75.52
C TYR B 12 -49.52 27.97 -75.77
N ARG B 13 -49.37 28.94 -74.89
CA ARG B 13 -48.20 29.80 -74.92
C ARG B 13 -47.73 30.12 -73.51
N VAL B 14 -46.41 30.17 -73.35
CA VAL B 14 -45.79 30.60 -72.10
C VAL B 14 -44.77 31.68 -72.39
N LEU B 15 -44.96 32.88 -71.83
CA LEU B 15 -43.98 33.95 -72.03
C LEU B 15 -43.11 34.14 -70.78
N ASP B 16 -41.85 34.52 -71.01
CA ASP B 16 -40.92 34.86 -69.94
C ASP B 16 -41.26 36.26 -69.39
N ALA B 17 -41.49 36.37 -68.08
CA ALA B 17 -41.87 37.64 -67.47
C ALA B 17 -40.98 37.95 -66.25
N PRO B 18 -39.69 38.26 -66.50
CA PRO B 18 -38.74 38.50 -65.41
C PRO B 18 -39.14 39.72 -64.57
N SER B 19 -39.05 39.56 -63.25
CA SER B 19 -39.37 40.58 -62.25
C SER B 19 -40.87 40.78 -61.93
N LEU B 20 -41.73 39.94 -62.51
CA LEU B 20 -43.16 40.08 -62.28
C LEU B 20 -43.41 39.92 -60.78
N ALA B 21 -44.08 40.89 -60.17
CA ALA B 21 -44.22 40.90 -58.70
C ALA B 21 -44.92 39.65 -58.12
N ASP B 22 -44.48 39.26 -56.91
CA ASP B 22 -45.11 38.21 -56.08
C ASP B 22 -45.73 38.87 -54.86
N ASP B 23 -46.53 39.87 -55.08
CA ASP B 23 -47.21 40.52 -53.99
C ASP B 23 -48.69 40.43 -54.21
N PHE B 24 -49.37 39.73 -53.31
CA PHE B 24 -50.81 39.45 -53.40
C PHE B 24 -51.64 40.62 -53.93
N TYR B 25 -51.29 41.82 -53.47
CA TYR B 25 -52.12 43.02 -53.68
C TYR B 25 -52.01 43.61 -55.08
N TYR B 26 -51.06 43.14 -55.89
CA TYR B 26 -50.90 43.63 -57.25
C TYR B 26 -51.57 42.74 -58.30
N SER B 27 -51.96 43.33 -59.42
CA SER B 27 -52.61 42.59 -60.50
C SER B 27 -52.17 43.28 -61.81
N LEU B 28 -51.05 42.79 -62.36
CA LEU B 28 -50.20 43.58 -63.28
C LEU B 28 -50.19 43.10 -64.73
N ILE B 29 -51.37 42.86 -65.27
CA ILE B 29 -51.48 42.13 -66.51
C ILE B 29 -52.86 42.53 -67.02
N ASP B 30 -52.96 43.15 -68.19
CA ASP B 30 -54.28 43.52 -68.69
C ASP B 30 -54.36 43.40 -70.21
N TRP B 31 -55.39 42.71 -70.69
CA TRP B 31 -55.60 42.51 -72.12
C TRP B 31 -56.59 43.56 -72.69
N SER B 32 -56.13 44.43 -73.59
CA SER B 32 -56.95 45.54 -74.10
C SER B 32 -58.06 45.14 -75.09
N SER B 33 -59.04 46.01 -75.24
CA SER B 33 -60.05 45.86 -76.28
C SER B 33 -59.46 45.94 -77.71
N THR B 34 -58.21 46.41 -77.80
CA THR B 34 -57.44 46.42 -79.06
C THR B 34 -56.44 45.27 -79.12
N ASP B 35 -56.67 44.24 -78.31
CA ASP B 35 -55.81 43.03 -78.30
C ASP B 35 -54.31 43.28 -77.97
N VAL B 36 -54.04 44.26 -77.14
CA VAL B 36 -52.69 44.49 -76.68
C VAL B 36 -52.56 44.12 -75.21
N LEU B 37 -51.58 43.26 -74.89
CA LEU B 37 -51.41 42.82 -73.52
C LEU B 37 -50.44 43.75 -72.84
N ALA B 38 -50.87 44.39 -71.76
CA ALA B 38 -50.00 45.26 -70.99
C ALA B 38 -49.53 44.55 -69.72
N VAL B 39 -48.22 44.55 -69.48
CA VAL B 39 -47.69 43.92 -68.26
C VAL B 39 -46.62 44.75 -67.56
N ALA B 40 -46.83 44.98 -66.27
CA ALA B 40 -45.83 45.65 -65.42
C ALA B 40 -44.81 44.65 -64.83
N LEU B 41 -43.54 44.86 -65.18
CA LEU B 41 -42.46 44.03 -64.64
C LEU B 41 -41.50 44.90 -63.86
N GLY B 42 -41.63 44.89 -62.55
CA GLY B 42 -40.79 45.70 -61.65
C GLY B 42 -41.00 47.19 -61.85
N LYS B 43 -39.99 47.82 -62.46
CA LYS B 43 -39.97 49.26 -62.72
C LYS B 43 -40.33 49.64 -64.17
N SER B 44 -40.76 48.63 -64.97
CA SER B 44 -40.99 48.80 -66.41
C SER B 44 -42.36 48.32 -66.89
N ILE B 45 -42.86 48.90 -67.96
CA ILE B 45 -44.11 48.38 -68.53
C ILE B 45 -43.86 47.97 -69.95
N PHE B 46 -44.34 46.79 -70.31
CA PHE B 46 -44.16 46.29 -71.65
C PHE B 46 -45.51 46.01 -72.28
N LEU B 47 -45.58 46.16 -73.59
CA LEU B 47 -46.78 45.81 -74.31
C LEU B 47 -46.49 44.75 -75.35
N THR B 48 -47.43 43.82 -75.57
CA THR B 48 -47.36 42.92 -76.73
C THR B 48 -48.63 43.05 -77.54
N ASP B 49 -48.45 43.14 -78.85
CA ASP B 49 -49.54 43.00 -79.77
C ASP B 49 -49.77 41.51 -79.91
N ASN B 50 -50.98 41.07 -79.63
CA ASN B 50 -51.33 39.67 -79.84
C ASN B 50 -51.35 39.27 -81.33
N ASN B 51 -51.62 40.25 -82.21
CA ASN B 51 -51.69 39.99 -83.64
C ASN B 51 -50.31 40.00 -84.30
N THR B 52 -49.37 40.77 -83.76
CA THR B 52 -48.04 40.91 -84.37
C THR B 52 -46.98 40.06 -83.66
N GLY B 53 -47.14 39.86 -82.36
CA GLY B 53 -46.05 39.30 -81.55
C GLY B 53 -45.03 40.39 -81.24
N ASP B 54 -45.33 41.61 -81.69
CA ASP B 54 -44.54 42.81 -81.43
C ASP B 54 -44.46 43.13 -79.94
N VAL B 55 -43.27 43.50 -79.44
CA VAL B 55 -43.09 43.94 -78.04
C VAL B 55 -42.63 45.40 -77.90
N VAL B 56 -43.45 46.23 -77.26
CA VAL B 56 -43.10 47.64 -77.01
C VAL B 56 -42.80 47.85 -75.52
N HIS B 57 -41.73 48.61 -75.28
CA HIS B 57 -41.25 48.96 -73.95
C HIS B 57 -41.54 50.44 -73.71
N LEU B 58 -42.68 50.77 -73.12
CA LEU B 58 -42.91 52.17 -72.76
C LEU B 58 -42.68 52.35 -71.30
N CYS B 59 -42.30 53.56 -70.91
CA CYS B 59 -42.15 53.97 -69.50
C CYS B 59 -41.34 53.13 -68.51
N ASP B 60 -40.45 53.83 -67.79
CA ASP B 60 -39.80 53.32 -66.60
C ASP B 60 -40.09 54.26 -65.43
N THR B 61 -39.74 53.81 -64.23
CA THR B 61 -39.96 54.58 -63.01
C THR B 61 -38.82 54.24 -62.09
N GLU B 62 -38.38 55.20 -61.28
CA GLU B 62 -37.40 54.93 -60.21
C GLU B 62 -38.06 54.26 -59.01
N ASN B 63 -39.38 54.27 -59.02
CA ASN B 63 -40.23 53.78 -57.96
C ASN B 63 -40.53 52.28 -58.13
N GLU B 64 -41.81 51.95 -58.26
CA GLU B 64 -42.27 50.64 -58.65
C GLU B 64 -43.69 50.76 -59.22
N TYR B 65 -43.97 50.10 -60.33
CA TYR B 65 -45.34 50.05 -60.85
C TYR B 65 -46.21 49.04 -60.05
N THR B 66 -47.48 49.35 -59.90
CA THR B 66 -48.26 48.82 -58.80
C THR B 66 -49.70 48.52 -59.24
N SER B 67 -50.13 49.16 -60.32
CA SER B 67 -51.40 48.81 -60.98
C SER B 67 -51.42 49.28 -62.41
N LEU B 68 -52.23 48.60 -63.23
CA LEU B 68 -52.53 49.09 -64.59
C LEU B 68 -53.94 48.75 -65.04
N SER B 69 -54.48 49.55 -65.93
CA SER B 69 -55.84 49.31 -66.44
C SER B 69 -56.05 50.01 -67.78
N TRP B 70 -56.33 49.23 -68.80
CA TRP B 70 -56.58 49.80 -70.12
C TRP B 70 -57.86 50.62 -70.15
N ILE B 71 -57.87 51.73 -70.89
CA ILE B 71 -59.11 52.50 -71.05
C ILE B 71 -60.13 51.61 -71.81
N GLY B 72 -61.41 52.00 -71.77
CA GLY B 72 -62.45 51.28 -72.48
C GLY B 72 -62.05 50.96 -73.91
N ALA B 73 -61.65 52.01 -74.63
CA ALA B 73 -61.31 51.91 -76.06
C ALA B 73 -59.96 51.22 -76.36
N GLY B 74 -59.14 51.02 -75.33
CA GLY B 74 -57.83 50.39 -75.50
C GLY B 74 -56.74 51.32 -76.02
N SER B 75 -57.08 52.61 -76.17
CA SER B 75 -56.14 53.59 -76.71
C SER B 75 -55.14 54.08 -75.68
N HIS B 76 -55.54 54.08 -74.41
CA HIS B 76 -54.75 54.64 -73.33
C HIS B 76 -54.63 53.61 -72.21
N LEU B 77 -53.46 53.59 -71.58
CA LEU B 77 -53.23 52.77 -70.40
C LEU B 77 -53.05 53.64 -69.15
N ALA B 78 -53.83 53.34 -68.11
CA ALA B 78 -53.64 53.98 -66.80
C ALA B 78 -52.60 53.18 -65.97
N VAL B 79 -51.75 53.88 -65.23
CA VAL B 79 -50.68 53.26 -64.51
C VAL B 79 -50.45 53.92 -63.14
N GLY B 80 -50.46 53.12 -62.07
CA GLY B 80 -50.22 53.62 -60.72
C GLY B 80 -48.89 53.15 -60.19
N GLN B 81 -48.39 53.88 -59.18
CA GLN B 81 -47.07 53.65 -58.57
C GLN B 81 -47.07 53.51 -57.05
N ALA B 82 -45.96 53.02 -56.50
CA ALA B 82 -45.83 52.78 -55.07
C ALA B 82 -45.94 54.07 -54.27
N ASN B 83 -45.58 55.19 -54.87
CA ASN B 83 -45.66 56.45 -54.17
C ASN B 83 -46.99 57.17 -54.30
N GLY B 84 -47.99 56.53 -54.92
CA GLY B 84 -49.35 57.09 -55.00
C GLY B 84 -49.68 57.79 -56.29
N LEU B 85 -48.67 58.01 -57.12
CA LEU B 85 -48.85 58.69 -58.43
C LEU B 85 -49.62 57.85 -59.44
N VAL B 86 -50.52 58.50 -60.16
CA VAL B 86 -51.27 57.81 -61.22
C VAL B 86 -51.04 58.56 -62.53
N GLU B 87 -50.65 57.83 -63.58
CA GLU B 87 -50.38 58.45 -64.88
C GLU B 87 -51.11 57.70 -66.00
N ILE B 88 -51.40 58.40 -67.09
CA ILE B 88 -52.12 57.84 -68.23
C ILE B 88 -51.25 57.96 -69.47
N TYR B 89 -51.08 56.85 -70.19
CA TYR B 89 -50.24 56.79 -71.37
C TYR B 89 -51.01 56.72 -72.68
N ASP B 90 -50.67 57.58 -73.64
CA ASP B 90 -51.15 57.41 -75.00
C ASP B 90 -50.24 56.36 -75.59
N VAL B 91 -50.83 55.21 -75.86
CA VAL B 91 -50.12 54.03 -76.30
C VAL B 91 -49.60 54.16 -77.73
N MET B 92 -50.40 54.76 -78.62
CA MET B 92 -49.99 54.95 -80.00
C MET B 92 -48.83 55.96 -80.02
N LYS B 93 -48.95 57.03 -79.23
CA LYS B 93 -47.93 58.10 -79.14
C LYS B 93 -46.72 57.69 -78.29
N ARG B 94 -46.93 56.71 -77.41
CA ARG B 94 -45.92 56.23 -76.42
C ARG B 94 -45.43 57.33 -75.51
N LYS B 95 -46.33 58.25 -75.18
CA LYS B 95 -46.03 59.40 -74.34
C LYS B 95 -46.94 59.38 -73.13
N CYS B 96 -46.48 59.95 -72.02
CA CYS B 96 -47.34 60.15 -70.86
C CYS B 96 -48.25 61.37 -71.03
N ILE B 97 -49.52 61.10 -71.27
CA ILE B 97 -50.54 62.12 -71.53
C ILE B 97 -50.87 62.98 -70.30
N ARG B 98 -50.85 62.37 -69.10
CA ARG B 98 -51.09 63.10 -67.86
C ARG B 98 -50.72 62.42 -66.53
N THR B 99 -50.50 63.25 -65.51
CA THR B 99 -49.90 62.91 -64.23
C THR B 99 -50.87 63.33 -63.10
N LEU B 100 -51.48 62.32 -62.47
CA LEU B 100 -52.54 62.52 -61.45
C LEU B 100 -52.09 62.26 -60.03
N SER B 101 -52.17 63.30 -59.21
CA SER B 101 -51.88 63.15 -57.78
C SER B 101 -53.17 62.92 -57.01
N GLY B 102 -53.06 62.94 -55.68
CA GLY B 102 -54.19 62.70 -54.80
C GLY B 102 -53.85 61.66 -53.76
N HIS B 103 -53.19 60.59 -54.15
CA HIS B 103 -52.87 59.52 -53.20
C HIS B 103 -51.54 59.76 -52.56
N ILE B 104 -51.43 59.35 -51.30
CA ILE B 104 -50.20 59.60 -50.51
C ILE B 104 -49.48 58.30 -50.19
N ASP B 105 -49.91 57.23 -50.85
CA ASP B 105 -49.36 55.87 -50.68
C ASP B 105 -49.78 54.99 -51.87
N ARG B 106 -49.13 53.83 -52.03
CA ARG B 106 -49.26 53.07 -53.29
C ARG B 106 -50.69 52.88 -53.79
N VAL B 107 -50.84 52.92 -55.11
CA VAL B 107 -52.11 52.71 -55.77
C VAL B 107 -52.11 51.30 -56.31
N ALA B 108 -52.81 50.39 -55.61
CA ALA B 108 -52.80 48.95 -55.92
C ALA B 108 -53.82 48.51 -56.97
N CYS B 109 -54.83 49.36 -57.22
CA CYS B 109 -55.92 49.03 -58.14
C CYS B 109 -56.55 50.24 -58.90
N LEU B 110 -57.06 49.95 -60.10
CA LEU B 110 -57.59 50.97 -61.01
C LEU B 110 -58.76 50.42 -61.86
N SER B 111 -59.71 51.27 -62.23
CA SER B 111 -60.89 50.80 -62.95
C SER B 111 -61.56 51.92 -63.71
N TRP B 112 -61.93 51.64 -64.97
CA TRP B 112 -62.50 52.67 -65.85
C TRP B 112 -64.01 52.55 -66.01
N ASN B 113 -64.67 53.68 -66.11
CA ASN B 113 -66.05 53.74 -66.49
C ASN B 113 -66.15 54.90 -67.48
N ASN B 114 -65.91 54.56 -68.76
CA ASN B 114 -65.71 55.60 -69.80
C ASN B 114 -64.68 56.63 -69.38
N HIS B 115 -65.11 57.88 -69.22
CA HIS B 115 -64.21 59.00 -68.97
C HIS B 115 -63.85 59.09 -67.52
N VAL B 116 -64.42 58.24 -66.69
CA VAL B 116 -64.06 58.24 -65.28
C VAL B 116 -62.96 57.19 -65.01
N LEU B 117 -61.85 57.64 -64.45
CA LEU B 117 -60.85 56.73 -63.94
C LEU B 117 -60.89 56.76 -62.40
N THR B 118 -60.84 55.57 -61.79
CA THR B 118 -60.99 55.39 -60.35
C THR B 118 -59.79 54.63 -59.77
N SER B 119 -59.12 55.27 -58.82
CA SER B 119 -57.97 54.66 -58.17
C SER B 119 -58.23 54.39 -56.70
N GLY B 120 -57.67 53.28 -56.21
CA GLY B 120 -57.72 52.92 -54.80
C GLY B 120 -56.34 52.66 -54.28
N SER B 121 -56.11 52.99 -53.02
CA SER B 121 -54.74 53.11 -52.50
C SER B 121 -54.55 52.45 -51.16
N ARG B 122 -53.28 52.36 -50.73
CA ARG B 122 -52.92 51.97 -49.37
C ARG B 122 -53.09 53.08 -48.27
N ASP B 123 -53.14 54.36 -48.66
CA ASP B 123 -53.96 55.28 -47.85
C ASP B 123 -55.35 54.66 -47.94
N HIS B 124 -56.39 55.19 -47.32
CA HIS B 124 -57.55 54.29 -47.36
C HIS B 124 -58.63 54.68 -48.38
N ARG B 125 -58.18 55.45 -49.35
CA ARG B 125 -59.07 56.22 -50.21
C ARG B 125 -59.29 55.64 -51.59
N ILE B 126 -60.43 56.00 -52.12
CA ILE B 126 -60.78 55.80 -53.50
C ILE B 126 -61.02 57.18 -54.13
N LEU B 127 -60.52 57.38 -55.35
CA LEU B 127 -60.71 58.64 -56.05
C LEU B 127 -61.32 58.47 -57.46
N HIS B 128 -62.39 59.21 -57.68
CA HIS B 128 -63.03 59.30 -58.98
C HIS B 128 -62.46 60.49 -59.74
N ARG B 129 -61.95 60.22 -60.96
CA ARG B 129 -61.25 61.23 -61.75
C ARG B 129 -61.84 61.42 -63.13
N ASP B 130 -62.30 62.63 -63.44
CA ASP B 130 -62.81 62.96 -64.77
C ASP B 130 -61.63 63.26 -65.68
N VAL B 131 -61.44 62.36 -66.64
CA VAL B 131 -60.20 62.26 -67.35
C VAL B 131 -60.09 63.29 -68.50
N ARG B 132 -61.18 64.00 -68.75
CA ARG B 132 -61.22 65.07 -69.72
C ARG B 132 -61.04 66.38 -69.00
N MET B 133 -61.18 66.34 -67.68
CA MET B 133 -61.06 67.51 -66.82
C MET B 133 -59.61 67.80 -66.38
N PRO B 134 -59.26 69.09 -66.19
CA PRO B 134 -57.94 69.38 -65.66
C PRO B 134 -57.75 68.98 -64.20
N ASP B 135 -58.82 68.61 -63.48
CA ASP B 135 -58.72 68.35 -62.05
C ASP B 135 -58.15 66.99 -61.82
N PRO B 136 -57.23 66.84 -60.87
CA PRO B 136 -56.68 65.53 -60.54
C PRO B 136 -57.74 64.52 -60.18
N PHE B 137 -58.85 64.98 -59.59
CA PHE B 137 -59.97 64.09 -59.15
C PHE B 137 -61.13 64.98 -58.73
N PHE B 138 -62.36 64.49 -58.91
CA PHE B 138 -63.53 65.26 -58.50
C PHE B 138 -64.23 64.70 -57.26
N GLU B 139 -64.05 63.42 -56.99
CA GLU B 139 -64.72 62.82 -55.86
C GLU B 139 -63.80 61.90 -55.09
N THR B 140 -63.91 61.96 -53.77
CA THR B 140 -63.07 61.17 -52.88
C THR B 140 -63.91 60.31 -51.93
N ILE B 141 -63.51 59.05 -51.79
CA ILE B 141 -64.28 58.04 -51.02
C ILE B 141 -63.42 57.35 -49.98
N GLU B 142 -63.78 57.53 -48.72
CA GLU B 142 -63.06 56.87 -47.63
C GLU B 142 -63.99 55.94 -46.88
N SER B 143 -64.12 54.72 -47.35
CA SER B 143 -65.07 53.82 -46.75
C SER B 143 -64.42 52.50 -46.33
N HIS B 144 -63.14 52.37 -46.61
CA HIS B 144 -62.38 51.25 -46.12
C HIS B 144 -61.48 51.79 -45.03
N THR B 145 -61.05 50.91 -44.13
CA THR B 145 -60.18 51.28 -43.03
C THR B 145 -58.77 50.68 -43.23
N GLN B 146 -58.57 50.01 -44.36
CA GLN B 146 -57.25 49.57 -44.75
C GLN B 146 -57.11 49.67 -46.25
N GLU B 147 -56.02 49.11 -46.78
CA GLU B 147 -55.73 49.23 -48.20
C GLU B 147 -56.92 48.81 -49.08
N VAL B 148 -57.29 49.66 -50.04
CA VAL B 148 -58.24 49.27 -51.08
C VAL B 148 -57.47 48.50 -52.15
N CYS B 149 -57.80 47.23 -52.32
CA CYS B 149 -57.07 46.30 -53.19
C CYS B 149 -57.93 45.64 -54.31
N GLY B 150 -59.21 45.99 -54.36
CA GLY B 150 -60.07 45.56 -55.44
C GLY B 150 -60.97 46.71 -55.87
N LEU B 151 -61.11 46.87 -57.17
CA LEU B 151 -61.95 47.92 -57.72
C LEU B 151 -62.44 47.47 -59.09
N LYS B 152 -63.74 47.21 -59.21
CA LYS B 152 -64.32 46.88 -60.51
C LYS B 152 -65.59 47.65 -60.81
N TRP B 153 -65.56 48.36 -61.93
CA TRP B 153 -66.74 49.03 -62.51
C TRP B 153 -67.62 48.06 -63.35
N ASN B 154 -68.92 48.32 -63.35
CA ASN B 154 -69.82 47.60 -64.26
C ASN B 154 -69.89 48.26 -65.65
N VAL B 155 -70.13 49.56 -65.67
CA VAL B 155 -70.30 50.30 -66.94
C VAL B 155 -71.68 50.07 -67.56
N ALA B 156 -72.09 48.81 -67.80
CA ALA B 156 -73.47 48.51 -68.25
C ALA B 156 -74.55 48.92 -67.22
N ASP B 157 -74.53 48.27 -66.06
CA ASP B 157 -75.07 48.87 -64.83
C ASP B 157 -74.16 50.06 -64.54
N ASN B 158 -74.64 51.07 -63.83
CA ASN B 158 -73.71 52.11 -63.43
C ASN B 158 -73.22 51.87 -61.99
N LYS B 159 -72.39 50.83 -61.80
CA LYS B 159 -72.08 50.36 -60.44
C LYS B 159 -70.63 49.98 -60.22
N LEU B 160 -70.10 50.47 -59.10
CA LEU B 160 -68.72 50.19 -58.67
C LEU B 160 -68.71 49.21 -57.49
N ALA B 161 -67.81 48.22 -57.57
CA ALA B 161 -67.51 47.43 -56.40
C ALA B 161 -66.11 47.78 -55.91
N SER B 162 -65.96 47.88 -54.59
CA SER B 162 -64.66 47.98 -53.96
C SER B 162 -64.46 46.83 -52.98
N GLY B 163 -63.19 46.42 -52.85
CA GLY B 163 -62.78 45.40 -51.88
C GLY B 163 -61.54 45.86 -51.17
N GLY B 164 -61.50 45.65 -49.86
CA GLY B 164 -60.38 46.08 -49.00
C GLY B 164 -59.64 44.98 -48.25
N ASN B 165 -58.49 45.34 -47.68
CA ASN B 165 -57.74 44.50 -46.78
C ASN B 165 -58.39 44.48 -45.39
N ASP B 166 -59.47 45.24 -45.26
CA ASP B 166 -60.31 45.20 -44.08
C ASP B 166 -61.44 44.17 -44.23
N ASN B 167 -61.39 43.40 -45.32
CA ASN B 167 -62.27 42.25 -45.57
C ASN B 167 -63.66 42.68 -45.98
N VAL B 168 -63.79 43.95 -46.30
CA VAL B 168 -65.10 44.56 -46.60
C VAL B 168 -65.31 44.69 -48.10
N VAL B 169 -66.54 44.46 -48.56
CA VAL B 169 -66.89 44.81 -49.92
C VAL B 169 -68.01 45.87 -49.95
N HIS B 170 -67.78 46.93 -50.73
CA HIS B 170 -68.80 47.96 -50.92
C HIS B 170 -69.28 48.00 -52.37
N VAL B 171 -70.54 48.38 -52.54
CA VAL B 171 -71.11 48.59 -53.86
C VAL B 171 -71.69 50.01 -53.91
N TYR B 172 -71.31 50.76 -54.94
CA TYR B 172 -71.71 52.15 -55.08
C TYR B 172 -72.54 52.33 -56.34
N GLU B 173 -73.54 53.20 -56.26
CA GLU B 173 -74.28 53.66 -57.43
C GLU B 173 -73.59 54.80 -58.12
N GLY B 174 -73.05 54.53 -59.30
CA GLY B 174 -72.26 55.48 -60.01
C GLY B 174 -71.14 56.10 -59.18
N THR B 175 -71.04 57.42 -59.30
CA THR B 175 -69.92 58.19 -58.82
C THR B 175 -70.18 58.62 -57.38
N SER B 176 -71.21 58.02 -56.78
CA SER B 176 -71.66 58.37 -55.45
C SER B 176 -70.63 58.07 -54.34
N LYS B 177 -70.62 58.96 -53.35
CA LYS B 177 -69.68 58.93 -52.22
C LYS B 177 -69.93 57.82 -51.21
N SER B 178 -71.20 57.60 -50.89
CA SER B 178 -71.56 56.54 -49.95
C SER B 178 -71.96 55.28 -50.69
N PRO B 179 -71.53 54.11 -50.18
CA PRO B 179 -72.00 52.87 -50.80
C PRO B 179 -73.53 52.65 -50.58
N ILE B 180 -74.17 51.94 -51.51
CA ILE B 180 -75.55 51.52 -51.35
C ILE B 180 -75.62 50.14 -50.65
N LEU B 181 -74.54 49.36 -50.76
CA LEU B 181 -74.47 48.06 -50.11
C LEU B 181 -73.11 47.82 -49.49
N THR B 182 -73.11 47.08 -48.39
CA THR B 182 -71.88 46.65 -47.71
C THR B 182 -71.92 45.16 -47.37
N PHE B 183 -71.00 44.39 -47.93
CA PHE B 183 -70.91 42.98 -47.58
C PHE B 183 -69.63 42.79 -46.81
N ASP B 184 -69.72 42.34 -45.56
CA ASP B 184 -68.51 42.13 -44.80
C ASP B 184 -68.36 40.74 -44.23
N GLU B 185 -68.97 39.78 -44.89
CA GLU B 185 -68.88 38.38 -44.51
C GLU B 185 -67.46 37.81 -44.57
N HIS B 186 -66.69 38.22 -45.58
CA HIS B 186 -65.37 37.65 -45.85
C HIS B 186 -64.47 37.80 -44.61
N LYS B 187 -63.64 36.77 -44.38
CA LYS B 187 -62.75 36.71 -43.23
C LYS B 187 -61.29 37.08 -43.56
N ALA B 188 -61.07 37.63 -44.75
CA ALA B 188 -59.75 37.98 -45.28
C ALA B 188 -59.88 39.04 -46.36
N ALA B 189 -58.77 39.42 -46.97
CA ALA B 189 -58.76 40.48 -47.99
C ALA B 189 -59.59 40.10 -49.24
N VAL B 190 -60.33 41.06 -49.74
CA VAL B 190 -61.11 40.82 -50.94
C VAL B 190 -60.44 41.67 -52.02
N LYS B 191 -59.63 41.00 -52.82
CA LYS B 191 -59.04 41.62 -53.99
C LYS B 191 -59.80 41.11 -55.28
N ALA B 192 -60.03 39.81 -55.34
CA ALA B 192 -60.58 39.22 -56.54
C ALA B 192 -62.08 39.37 -56.55
N MET B 193 -62.57 40.19 -57.49
CA MET B 193 -64.03 40.42 -57.71
C MET B 193 -64.34 40.63 -59.18
N ALA B 194 -65.53 40.20 -59.60
CA ALA B 194 -65.92 40.30 -61.00
C ALA B 194 -67.44 40.49 -61.14
N TRP B 195 -67.88 41.34 -62.06
CA TRP B 195 -69.32 41.45 -62.43
C TRP B 195 -69.76 40.48 -63.57
N SER B 196 -70.94 39.87 -63.45
CA SER B 196 -71.45 39.01 -64.54
C SER B 196 -71.77 39.85 -65.77
N PRO B 197 -71.11 39.57 -66.92
CA PRO B 197 -71.55 40.28 -68.13
C PRO B 197 -72.89 39.75 -68.66
N HIS B 198 -73.35 38.62 -68.10
CA HIS B 198 -74.57 37.92 -68.59
C HIS B 198 -75.85 38.27 -67.84
N LYS B 199 -75.68 38.85 -66.66
CA LYS B 199 -76.80 39.15 -65.81
C LYS B 199 -76.50 40.39 -64.95
N ARG B 200 -77.25 41.48 -65.21
CA ARG B 200 -77.03 42.76 -64.57
C ARG B 200 -77.22 42.67 -63.03
N GLY B 201 -76.25 43.26 -62.29
CA GLY B 201 -76.30 43.38 -60.83
C GLY B 201 -75.90 42.13 -60.09
N VAL B 202 -75.07 41.28 -60.73
CA VAL B 202 -74.55 40.03 -60.13
C VAL B 202 -73.05 40.10 -59.96
N LEU B 203 -72.60 40.01 -58.71
CA LEU B 203 -71.17 40.23 -58.38
C LEU B 203 -70.51 38.98 -57.78
N ALA B 204 -69.31 38.68 -58.24
CA ALA B 204 -68.54 37.64 -57.67
C ALA B 204 -67.47 38.25 -56.80
N THR B 205 -67.26 37.66 -55.61
CA THR B 205 -66.14 38.14 -54.74
C THR B 205 -65.37 36.96 -54.11
N GLY B 206 -64.07 37.10 -53.96
CA GLY B 206 -63.25 36.00 -53.47
C GLY B 206 -62.33 36.40 -52.36
N GLY B 207 -62.38 35.64 -51.27
CA GLY B 207 -61.49 35.88 -50.10
C GLY B 207 -60.03 35.38 -50.17
N GLY B 208 -59.20 35.94 -49.30
CA GLY B 208 -57.77 35.57 -49.19
C GLY B 208 -57.56 34.38 -48.25
N THR B 209 -56.31 34.22 -47.80
CA THR B 209 -55.86 33.01 -47.06
C THR B 209 -56.82 32.51 -45.96
N ALA B 210 -57.19 33.40 -45.06
CA ALA B 210 -58.05 33.09 -43.92
C ALA B 210 -59.51 32.80 -44.31
N ASP B 211 -59.87 33.00 -45.56
CA ASP B 211 -61.25 32.97 -45.94
C ASP B 211 -61.49 31.94 -47.07
N ARG B 212 -60.84 32.15 -48.22
CA ARG B 212 -60.85 31.16 -49.33
C ARG B 212 -62.21 30.96 -50.03
N ARG B 213 -63.19 31.82 -49.71
CA ARG B 213 -64.59 31.70 -50.20
C ARG B 213 -64.88 32.43 -51.47
N LEU B 214 -65.61 31.80 -52.36
CA LEU B 214 -66.14 32.47 -53.54
C LEU B 214 -67.60 32.76 -53.30
N LYS B 215 -67.92 34.03 -53.18
CA LYS B 215 -69.30 34.44 -52.95
C LYS B 215 -69.89 35.15 -54.18
N ILE B 216 -71.12 34.77 -54.50
CA ILE B 216 -71.87 35.45 -55.55
C ILE B 216 -73.05 36.21 -54.96
N TRP B 217 -73.11 37.49 -55.29
CA TRP B 217 -74.14 38.38 -54.73
C TRP B 217 -75.02 38.86 -55.84
N ASN B 218 -76.30 38.84 -55.53
CA ASN B 218 -77.27 39.61 -56.27
C ASN B 218 -77.38 40.96 -55.63
N VAL B 219 -76.64 41.89 -56.20
CA VAL B 219 -76.71 43.30 -55.83
C VAL B 219 -78.13 43.71 -56.16
N ASN B 220 -78.57 44.89 -55.73
CA ASN B 220 -79.95 45.33 -56.05
C ASN B 220 -81.17 44.39 -55.72
N THR B 221 -80.94 43.13 -55.31
CA THR B 221 -81.91 42.43 -54.45
C THR B 221 -81.36 42.14 -53.07
N SER B 222 -80.04 42.33 -52.87
CA SER B 222 -79.35 42.08 -51.60
C SER B 222 -79.36 40.62 -51.15
N ILE B 223 -78.91 39.72 -52.01
CA ILE B 223 -78.96 38.32 -51.68
C ILE B 223 -77.61 37.72 -52.01
N LYS B 224 -77.07 36.94 -51.07
CA LYS B 224 -75.97 36.04 -51.39
C LYS B 224 -76.53 34.82 -52.09
N MET B 225 -76.33 34.73 -53.40
CA MET B 225 -76.85 33.64 -54.20
C MET B 225 -76.06 32.36 -53.97
N SER B 226 -74.75 32.51 -53.79
CA SER B 226 -73.89 31.35 -53.58
C SER B 226 -72.72 31.66 -52.70
N ASP B 227 -72.14 30.62 -52.11
CA ASP B 227 -71.02 30.77 -51.15
C ASP B 227 -70.24 29.45 -51.11
N ILE B 228 -69.02 29.46 -51.62
CA ILE B 228 -68.31 28.20 -51.78
C ILE B 228 -66.91 28.26 -51.23
N ASP B 229 -66.55 27.31 -50.37
CA ASP B 229 -65.14 27.17 -49.89
C ASP B 229 -64.25 26.67 -51.01
N SER B 230 -63.44 27.54 -51.60
CA SER B 230 -62.58 27.10 -52.70
C SER B 230 -61.31 26.35 -52.21
N GLY B 231 -61.24 26.05 -50.92
CA GLY B 231 -60.03 25.48 -50.35
C GLY B 231 -58.63 26.11 -50.58
N SER B 232 -58.53 27.35 -51.08
CA SER B 232 -57.25 28.09 -51.13
C SER B 232 -57.44 29.58 -51.29
N GLN B 233 -56.39 30.36 -51.08
CA GLN B 233 -56.44 31.83 -51.13
C GLN B 233 -56.81 32.31 -52.53
N ILE B 234 -57.94 33.05 -52.64
CA ILE B 234 -58.36 33.63 -53.92
C ILE B 234 -57.61 34.94 -54.20
N CYS B 235 -56.85 34.96 -55.31
CA CYS B 235 -55.95 36.08 -55.58
C CYS B 235 -56.40 36.91 -56.78
N ASN B 236 -57.17 36.29 -57.68
CA ASN B 236 -57.69 36.95 -58.89
C ASN B 236 -58.87 36.21 -59.55
N MET B 237 -59.49 36.88 -60.53
CA MET B 237 -60.85 36.53 -60.96
C MET B 237 -61.22 37.14 -62.30
N VAL B 238 -62.02 36.39 -63.07
CA VAL B 238 -62.41 36.82 -64.41
C VAL B 238 -63.68 36.06 -64.82
N TRP B 239 -64.75 36.79 -65.13
CA TRP B 239 -66.02 36.21 -65.66
C TRP B 239 -65.92 35.97 -67.16
N SER B 240 -66.11 34.73 -67.62
CA SER B 240 -66.15 34.43 -69.06
C SER B 240 -67.15 35.33 -69.78
N LYS B 241 -66.77 35.84 -70.95
CA LYS B 241 -67.65 36.63 -71.81
C LYS B 241 -68.48 35.73 -72.66
N ASN B 242 -67.88 34.64 -73.14
CA ASN B 242 -68.51 33.77 -74.12
C ASN B 242 -69.35 32.67 -73.50
N THR B 243 -69.28 32.57 -72.19
CA THR B 243 -69.95 31.49 -71.47
C THR B 243 -70.22 31.95 -70.03
N ASN B 244 -71.23 31.35 -69.41
CA ASN B 244 -71.56 31.67 -68.00
C ASN B 244 -70.65 30.92 -67.00
N GLU B 245 -69.35 31.22 -67.07
CA GLU B 245 -68.34 30.55 -66.31
C GLU B 245 -67.41 31.57 -65.66
N LEU B 246 -66.88 31.20 -64.51
CA LEU B 246 -66.00 32.05 -63.79
C LEU B 246 -64.63 31.33 -63.66
N VAL B 247 -63.56 32.11 -63.77
CA VAL B 247 -62.19 31.63 -63.52
C VAL B 247 -61.59 32.34 -62.31
N THR B 248 -61.25 31.56 -61.28
CA THR B 248 -60.51 32.03 -60.10
C THR B 248 -59.00 31.60 -60.14
N SER B 249 -58.13 32.47 -59.67
CA SER B 249 -56.70 32.10 -59.63
C SER B 249 -56.23 32.11 -58.19
N HIS B 250 -55.41 31.12 -57.84
CA HIS B 250 -55.21 30.83 -56.42
C HIS B 250 -53.78 31.00 -55.89
N GLY B 251 -53.72 31.35 -54.60
CA GLY B 251 -52.50 31.41 -53.82
C GLY B 251 -52.38 30.28 -52.85
N TYR B 252 -52.07 30.60 -51.60
CA TYR B 252 -51.81 29.58 -50.59
C TYR B 252 -53.02 28.66 -50.43
N SER B 253 -52.89 27.33 -50.56
CA SER B 253 -51.64 26.67 -50.89
C SER B 253 -51.91 25.78 -52.08
N LYS B 254 -52.63 26.31 -53.06
CA LYS B 254 -52.82 25.63 -54.33
C LYS B 254 -52.67 26.63 -55.50
N TYR B 255 -51.53 26.62 -56.17
CA TYR B 255 -51.22 27.61 -57.22
C TYR B 255 -51.85 27.19 -58.54
N ASN B 256 -53.18 27.17 -58.52
CA ASN B 256 -54.03 26.83 -59.70
C ASN B 256 -54.93 27.97 -60.19
N LEU B 257 -55.41 27.83 -61.42
CA LEU B 257 -56.67 28.49 -61.78
C LEU B 257 -57.74 27.40 -61.64
N THR B 258 -58.91 27.79 -61.12
CA THR B 258 -60.06 26.90 -61.24
C THR B 258 -61.15 27.53 -62.16
N LEU B 259 -61.79 26.69 -62.97
CA LEU B 259 -62.87 27.10 -63.89
C LEU B 259 -64.21 26.61 -63.38
N TRP B 260 -65.08 27.56 -63.04
CA TRP B 260 -66.41 27.31 -62.41
C TRP B 260 -67.53 27.30 -63.40
N ASP B 261 -68.51 26.42 -63.16
CA ASP B 261 -69.70 26.39 -63.97
C ASP B 261 -70.67 27.56 -63.76
N CYS B 262 -70.95 27.97 -62.52
CA CYS B 262 -71.92 29.09 -62.28
C CYS B 262 -73.37 28.63 -62.16
N ASN B 263 -73.89 27.86 -63.12
CA ASN B 263 -75.24 27.29 -63.00
C ASN B 263 -75.32 26.35 -61.79
N SER B 264 -74.54 25.28 -61.82
CA SER B 264 -74.16 24.59 -60.61
C SER B 264 -72.93 25.34 -60.22
N MET B 265 -72.67 25.46 -58.94
CA MET B 265 -71.46 26.22 -58.64
C MET B 265 -70.26 25.26 -58.49
N ASP B 266 -70.04 24.47 -59.53
CA ASP B 266 -69.08 23.39 -59.52
C ASP B 266 -67.84 23.71 -60.30
N PRO B 267 -66.67 23.30 -59.78
CA PRO B 267 -65.45 23.38 -60.61
C PRO B 267 -65.55 22.46 -61.82
N ILE B 268 -65.32 23.04 -63.01
CA ILE B 268 -65.29 22.30 -64.28
C ILE B 268 -63.88 21.69 -64.48
N ALA B 269 -62.85 22.46 -64.14
CA ALA B 269 -61.48 22.03 -64.34
C ALA B 269 -60.52 22.84 -63.45
N ILE B 270 -59.38 22.21 -63.17
CA ILE B 270 -58.34 22.83 -62.38
C ILE B 270 -57.06 22.84 -63.22
N LEU B 271 -56.50 24.05 -63.37
CA LEU B 271 -55.34 24.27 -64.24
C LEU B 271 -54.04 24.53 -63.48
N LYS B 272 -53.04 23.67 -63.75
CA LYS B 272 -51.89 23.54 -62.88
C LYS B 272 -50.64 23.90 -63.61
N GLY B 273 -49.58 24.23 -62.89
CA GLY B 273 -48.32 24.59 -63.52
C GLY B 273 -47.48 25.62 -62.78
N HIS B 274 -48.09 26.74 -62.42
CA HIS B 274 -47.38 27.79 -61.72
C HIS B 274 -46.77 27.26 -60.41
N SER B 275 -45.54 27.75 -60.12
CA SER B 275 -44.86 27.47 -58.86
C SER B 275 -44.81 28.65 -57.85
N PHE B 276 -45.49 29.75 -58.18
CA PHE B 276 -45.83 30.81 -57.24
C PHE B 276 -47.34 31.09 -57.33
N ARG B 277 -47.85 31.85 -56.38
CA ARG B 277 -49.29 32.14 -56.36
C ARG B 277 -49.70 32.81 -57.68
N VAL B 278 -50.87 32.42 -58.15
CA VAL B 278 -51.40 32.97 -59.40
C VAL B 278 -52.11 34.29 -59.13
N LEU B 279 -51.32 35.36 -59.17
CA LEU B 279 -51.73 36.68 -58.71
C LEU B 279 -52.32 37.53 -59.82
N HIS B 280 -51.79 37.33 -61.03
CA HIS B 280 -52.10 38.14 -62.18
C HIS B 280 -52.88 37.34 -63.20
N LEU B 281 -53.99 37.94 -63.65
CA LEU B 281 -55.00 37.27 -64.47
C LEU B 281 -55.74 38.26 -65.38
N THR B 282 -56.09 37.83 -66.59
CA THR B 282 -56.83 38.67 -67.55
C THR B 282 -57.44 37.87 -68.70
N LEU B 283 -58.56 38.37 -69.20
CA LEU B 283 -59.33 37.72 -70.27
C LEU B 283 -59.11 38.38 -71.64
N SER B 284 -58.78 37.57 -72.64
CA SER B 284 -58.52 38.05 -74.00
C SER B 284 -59.75 38.72 -74.57
N ASN B 285 -59.55 39.61 -75.53
CA ASN B 285 -60.63 40.41 -76.03
C ASN B 285 -61.70 39.58 -76.70
N ASP B 286 -61.32 38.52 -77.40
CA ASP B 286 -62.31 37.65 -78.06
C ASP B 286 -62.94 36.61 -77.11
N GLY B 287 -62.51 36.63 -75.83
CA GLY B 287 -63.11 35.84 -74.75
C GLY B 287 -62.70 34.37 -74.76
N THR B 288 -61.76 34.02 -75.64
CA THR B 288 -61.27 32.65 -75.79
C THR B 288 -60.16 32.27 -74.81
N THR B 289 -59.35 33.27 -74.45
CA THR B 289 -58.10 32.99 -73.78
C THR B 289 -57.97 33.73 -72.43
N VAL B 290 -57.49 33.02 -71.41
CA VAL B 290 -57.20 33.63 -70.12
C VAL B 290 -55.68 33.58 -69.97
N VAL B 291 -55.08 34.73 -69.66
CA VAL B 291 -53.65 34.77 -69.38
C VAL B 291 -53.44 34.86 -67.87
N SER B 292 -52.52 34.01 -67.38
CA SER B 292 -52.14 34.02 -65.95
C SER B 292 -50.68 34.31 -65.74
N GLY B 293 -50.40 35.03 -64.64
CA GLY B 293 -49.04 35.44 -64.26
C GLY B 293 -48.72 35.24 -62.79
N ALA B 294 -47.46 34.88 -62.52
CA ALA B 294 -47.02 34.62 -61.15
C ALA B 294 -45.59 35.02 -60.96
N GLY B 295 -45.20 35.18 -59.71
CA GLY B 295 -43.81 35.42 -59.34
C GLY B 295 -42.82 34.37 -59.82
N ASP B 296 -43.32 33.28 -60.36
CA ASP B 296 -42.49 32.34 -61.10
C ASP B 296 -42.00 32.93 -62.43
N GLU B 297 -42.25 34.23 -62.63
CA GLU B 297 -41.85 34.92 -63.86
C GLU B 297 -42.29 34.26 -65.21
N THR B 298 -43.51 33.73 -65.24
CA THR B 298 -44.12 33.22 -66.45
C THR B 298 -45.53 33.78 -66.65
N LEU B 299 -45.85 34.04 -67.92
CA LEU B 299 -47.22 34.33 -68.34
C LEU B 299 -47.74 33.12 -69.09
N ARG B 300 -48.93 32.65 -68.73
CA ARG B 300 -49.47 31.44 -69.35
C ARG B 300 -50.83 31.66 -70.04
N TYR B 301 -50.90 31.27 -71.32
CA TYR B 301 -52.11 31.46 -72.14
C TYR B 301 -52.91 30.19 -72.14
N TRP B 302 -54.12 30.27 -71.59
CA TRP B 302 -55.00 29.13 -71.50
C TRP B 302 -56.20 29.27 -72.45
N LYS B 303 -56.28 28.40 -73.44
CA LYS B 303 -57.42 28.36 -74.33
C LYS B 303 -58.52 27.67 -73.55
N LEU B 304 -59.50 28.46 -73.12
CA LEU B 304 -60.57 27.95 -72.27
C LEU B 304 -61.98 28.02 -72.89
N PHE B 305 -62.22 28.96 -73.81
CA PHE B 305 -63.57 29.21 -74.37
C PHE B 305 -63.62 29.23 -75.91
N ASP B 306 -64.82 29.10 -76.48
CA ASP B 306 -64.99 29.17 -77.93
C ASP B 306 -65.31 30.58 -78.43
N LYS B 307 -64.84 30.88 -79.65
CA LYS B 307 -64.98 32.21 -80.26
C LYS B 307 -66.45 32.56 -80.51
N PRO B 308 -66.82 33.86 -80.32
CA PRO B 308 -68.22 34.33 -80.45
C PRO B 308 -68.95 33.84 -81.68
N ARG C 5 65.04 -68.47 17.00
CA ARG C 5 64.07 -69.60 16.98
C ARG C 5 62.62 -69.11 16.97
N GLN C 6 61.80 -69.68 16.06
CA GLN C 6 60.39 -69.28 15.89
C GLN C 6 59.47 -69.71 17.05
N ILE C 7 58.68 -68.75 17.52
CA ILE C 7 57.80 -68.93 18.69
C ILE C 7 56.38 -68.78 18.21
N ALA C 8 55.44 -69.57 18.76
CA ALA C 8 54.02 -69.49 18.37
C ALA C 8 53.46 -68.14 18.80
N LYS C 9 52.71 -67.50 17.89
CA LYS C 9 52.25 -66.14 18.13
C LYS C 9 50.82 -66.09 18.68
N VAL C 10 50.22 -67.27 18.93
CA VAL C 10 48.84 -67.36 19.47
C VAL C 10 48.82 -68.29 20.70
N PRO C 11 47.98 -67.97 21.71
CA PRO C 11 47.90 -68.91 22.83
C PRO C 11 47.24 -70.24 22.45
N TYR C 12 47.61 -71.31 23.13
CA TYR C 12 47.00 -72.59 22.86
C TYR C 12 45.78 -72.84 23.74
N ARG C 13 45.65 -72.08 24.82
CA ARG C 13 44.44 -72.14 25.61
C ARG C 13 44.11 -70.75 26.15
N VAL C 14 42.81 -70.43 26.16
CA VAL C 14 42.32 -69.18 26.74
C VAL C 14 41.18 -69.50 27.72
N LEU C 15 41.33 -69.11 28.97
CA LEU C 15 40.31 -69.39 29.97
C LEU C 15 39.57 -68.11 30.33
N ASP C 16 38.26 -68.23 30.57
CA ASP C 16 37.45 -67.12 31.01
C ASP C 16 37.76 -66.85 32.48
N ALA C 17 38.11 -65.60 32.81
CA ALA C 17 38.48 -65.26 34.18
C ALA C 17 37.71 -64.04 34.70
N PRO C 18 36.38 -64.18 34.85
CA PRO C 18 35.56 -63.02 35.27
C PRO C 18 36.04 -62.40 36.60
N SER C 19 36.07 -61.07 36.66
CA SER C 19 36.45 -60.30 37.84
C SER C 19 37.94 -60.23 38.17
N LEU C 20 38.78 -60.74 37.29
CA LEU C 20 40.20 -60.70 37.52
C LEU C 20 40.61 -59.23 37.60
N ALA C 21 41.31 -58.84 38.66
CA ALA C 21 41.55 -57.42 38.94
C ALA C 21 42.35 -56.75 37.85
N ASP C 22 42.11 -55.45 37.68
CA ASP C 22 42.92 -54.60 36.81
C ASP C 22 43.64 -53.59 37.71
N ASP C 23 44.36 -54.09 38.70
CA ASP C 23 45.15 -53.22 39.55
C ASP C 23 46.62 -53.60 39.46
N PHE C 24 47.43 -52.66 38.99
CA PHE C 24 48.85 -52.89 38.76
C PHE C 24 49.53 -53.68 39.89
N TYR C 25 49.14 -53.33 41.12
CA TYR C 25 49.85 -53.83 42.30
C TYR C 25 49.55 -55.27 42.66
N TYR C 26 48.57 -55.88 42.01
CA TYR C 26 48.24 -57.30 42.26
C TYR C 26 48.82 -58.29 41.21
N SER C 27 49.00 -59.54 41.61
CA SER C 27 49.56 -60.54 40.73
C SER C 27 48.93 -61.86 41.21
N LEU C 28 47.81 -62.21 40.58
CA LEU C 28 46.83 -63.11 41.20
C LEU C 28 46.68 -64.45 40.51
N ILE C 29 47.77 -65.13 40.25
CA ILE C 29 47.75 -66.25 39.32
C ILE C 29 49.08 -66.98 39.64
N ASP C 30 49.01 -68.24 40.05
CA ASP C 30 50.25 -68.94 40.41
C ASP C 30 50.13 -70.43 40.04
N TRP C 31 51.16 -70.96 39.38
CA TRP C 31 51.15 -72.34 38.96
C TRP C 31 52.00 -73.16 39.94
N SER C 32 51.38 -74.14 40.61
CA SER C 32 52.08 -74.88 41.68
C SER C 32 53.05 -75.93 41.17
N SER C 33 53.95 -76.35 42.07
CA SER C 33 54.89 -77.44 41.78
C SER C 33 54.14 -78.73 41.60
N THR C 34 52.87 -78.78 42.00
CA THR C 34 51.96 -79.94 41.77
C THR C 34 51.04 -79.68 40.55
N ASP C 35 51.40 -78.73 39.71
CA ASP C 35 50.67 -78.46 38.45
C ASP C 35 49.21 -78.00 38.65
N VAL C 36 48.96 -77.24 39.72
CA VAL C 36 47.64 -76.69 39.97
C VAL C 36 47.73 -75.18 39.88
N LEU C 37 46.86 -74.60 39.05
CA LEU C 37 46.85 -73.14 38.83
C LEU C 37 45.89 -72.49 39.78
N ALA C 38 46.39 -71.57 40.59
CA ALA C 38 45.56 -70.88 41.54
C ALA C 38 45.33 -69.50 41.06
N VAL C 39 44.05 -69.11 40.98
CA VAL C 39 43.68 -67.75 40.55
C VAL C 39 42.65 -67.06 41.43
N ALA C 40 42.94 -65.80 41.78
CA ALA C 40 42.07 -64.97 42.60
C ALA C 40 41.21 -64.12 41.69
N LEU C 41 39.91 -64.34 41.77
CA LEU C 41 38.93 -63.55 41.02
C LEU C 41 38.03 -62.79 41.97
N GLY C 42 38.30 -61.51 42.15
CA GLY C 42 37.51 -60.68 43.05
C GLY C 42 37.54 -61.18 44.49
N LYS C 43 36.45 -61.80 44.92
CA LYS C 43 36.29 -62.21 46.32
C LYS C 43 36.46 -63.71 46.48
N SER C 44 36.89 -64.37 45.41
CA SER C 44 36.99 -65.83 45.38
C SER C 44 38.32 -66.39 44.91
N ILE C 45 38.61 -67.61 45.30
CA ILE C 45 39.81 -68.25 44.76
C ILE C 45 39.46 -69.57 44.11
N PHE C 46 39.96 -69.75 42.90
CA PHE C 46 39.70 -70.98 42.16
C PHE C 46 40.99 -71.71 41.85
N LEU C 47 40.91 -73.04 41.81
CA LEU C 47 42.05 -73.86 41.41
C LEU C 47 41.70 -74.67 40.19
N THR C 48 42.64 -74.82 39.27
CA THR C 48 42.48 -75.80 38.17
C THR C 48 43.62 -76.80 38.21
N ASP C 49 43.26 -78.07 38.08
CA ASP C 49 44.24 -79.11 37.86
C ASP C 49 44.57 -79.05 36.37
N ASN C 50 45.85 -78.88 36.05
CA ASN C 50 46.26 -78.90 34.65
C ASN C 50 46.14 -80.28 34.02
N ASN C 51 46.23 -81.33 34.85
CA ASN C 51 46.16 -82.70 34.37
C ASN C 51 44.72 -83.19 34.21
N THR C 52 43.80 -82.66 35.03
CA THR C 52 42.38 -83.10 35.01
C THR C 52 41.47 -82.14 34.23
N GLY C 53 41.76 -80.85 34.29
CA GLY C 53 40.83 -79.84 33.80
C GLY C 53 39.80 -79.52 34.89
N ASP C 54 39.93 -80.24 36.00
CA ASP C 54 39.11 -80.08 37.21
C ASP C 54 39.22 -78.67 37.80
N VAL C 55 38.06 -78.08 38.15
CA VAL C 55 38.03 -76.75 38.81
C VAL C 55 37.46 -76.83 40.23
N VAL C 56 38.26 -76.39 41.20
CA VAL C 56 37.88 -76.34 42.63
C VAL C 56 37.75 -74.90 43.08
N HIS C 57 36.66 -74.64 43.81
CA HIS C 57 36.31 -73.33 44.34
C HIS C 57 36.53 -73.36 45.85
N LEU C 58 37.71 -72.98 46.34
CA LEU C 58 37.89 -72.87 47.78
C LEU C 58 37.84 -71.43 48.18
N CYS C 59 37.45 -71.18 49.43
CA CYS C 59 37.43 -69.83 50.03
C CYS C 59 36.78 -68.61 49.33
N ASP C 60 35.96 -67.90 50.10
CA ASP C 60 35.47 -66.59 49.73
C ASP C 60 35.83 -65.64 50.85
N THR C 61 35.66 -64.35 50.59
CA THR C 61 35.93 -63.32 51.58
C THR C 61 34.95 -62.18 51.34
N GLU C 62 34.53 -61.51 52.41
CA GLU C 62 33.71 -60.30 52.30
C GLU C 62 34.59 -59.12 51.80
N ASN C 63 35.89 -59.29 51.92
CA ASN C 63 36.88 -58.28 51.66
C ASN C 63 37.28 -58.29 50.18
N GLU C 64 38.56 -58.50 49.89
CA GLU C 64 39.04 -58.71 48.55
C GLU C 64 40.35 -59.48 48.66
N TYR C 65 40.54 -60.51 47.84
CA TYR C 65 41.84 -61.17 47.76
C TYR C 65 42.85 -60.34 46.93
N THR C 66 44.10 -60.36 47.34
CA THR C 66 45.01 -59.29 47.02
C THR C 66 46.39 -59.83 46.69
N SER C 67 46.69 -61.03 47.19
CA SER C 67 47.88 -61.76 46.75
C SER C 67 47.71 -63.27 46.99
N LEU C 68 48.43 -64.09 46.22
CA LEU C 68 48.59 -65.51 46.54
C LEU C 68 49.98 -66.07 46.24
N SER C 69 50.34 -67.17 46.90
CA SER C 69 51.61 -67.82 46.59
C SER C 69 51.59 -69.24 47.07
N TRP C 70 51.89 -70.18 46.17
CA TRP C 70 51.91 -71.60 46.54
C TRP C 70 53.10 -71.92 47.41
N ILE C 71 52.92 -72.78 48.39
CA ILE C 71 54.08 -73.25 49.14
C ILE C 71 55.05 -74.01 48.21
N GLY C 72 56.31 -74.16 48.63
CA GLY C 72 57.34 -74.89 47.87
C GLY C 72 56.78 -76.17 47.27
N ALA C 73 56.32 -77.05 48.17
CA ALA C 73 55.77 -78.37 47.80
C ALA C 73 54.44 -78.38 47.00
N GLY C 74 53.75 -77.24 46.95
CA GLY C 74 52.47 -77.15 46.25
C GLY C 74 51.26 -77.67 47.04
N SER C 75 51.47 -78.04 48.30
CA SER C 75 50.42 -78.59 49.17
C SER C 75 49.52 -77.53 49.81
N HIS C 76 50.04 -76.32 49.98
CA HIS C 76 49.33 -75.27 50.68
C HIS C 76 49.42 -74.00 49.89
N LEU C 77 48.33 -73.21 49.92
CA LEU C 77 48.31 -71.90 49.28
C LEU C 77 48.21 -70.76 50.29
N ALA C 78 49.15 -69.80 50.23
CA ALA C 78 49.08 -68.58 51.04
C ALA C 78 48.20 -67.51 50.34
N VAL C 79 47.39 -66.82 51.13
CA VAL C 79 46.45 -65.86 50.58
C VAL C 79 46.38 -64.60 51.43
N GLY C 80 46.53 -63.43 50.80
CA GLY C 80 46.47 -62.14 51.48
C GLY C 80 45.22 -61.37 51.09
N GLN C 81 44.82 -60.42 51.94
CA GLN C 81 43.60 -59.65 51.71
C GLN C 81 43.79 -58.15 51.82
N ALA C 82 42.80 -57.39 51.34
CA ALA C 82 42.86 -55.92 51.36
C ALA C 82 42.97 -55.37 52.77
N ASN C 83 42.47 -56.11 53.74
CA ASN C 83 42.53 -55.63 55.12
C ASN C 83 43.78 -56.05 55.88
N GLY C 84 44.75 -56.64 55.19
CA GLY C 84 46.03 -57.01 55.80
C GLY C 84 46.15 -58.43 56.33
N LEU C 85 45.01 -59.12 56.36
CA LEU C 85 44.96 -60.51 56.80
C LEU C 85 45.68 -61.45 55.83
N VAL C 86 46.44 -62.39 56.39
CA VAL C 86 47.08 -63.42 55.58
C VAL C 86 46.64 -64.76 56.13
N GLU C 87 46.19 -65.64 55.23
CA GLU C 87 45.77 -67.00 55.59
C GLU C 87 46.44 -68.10 54.76
N ILE C 88 46.56 -69.29 55.33
CA ILE C 88 47.12 -70.42 54.60
C ILE C 88 46.10 -71.54 54.46
N TYR C 89 45.96 -72.07 53.25
CA TYR C 89 44.98 -73.11 52.95
C TYR C 89 45.64 -74.47 52.68
N ASP C 90 45.15 -75.51 53.34
CA ASP C 90 45.44 -76.88 52.96
C ASP C 90 44.56 -77.17 51.77
N VAL C 91 45.20 -77.32 50.62
CA VAL C 91 44.51 -77.52 49.36
C VAL C 91 43.79 -78.91 49.22
N MET C 92 44.41 -79.95 49.75
CA MET C 92 43.81 -81.28 49.71
C MET C 92 42.61 -81.35 50.64
N LYS C 93 42.76 -80.75 51.83
CA LYS C 93 41.68 -80.65 52.82
C LYS C 93 40.62 -79.57 52.49
N ARG C 94 40.98 -78.61 51.63
CA ARG C 94 40.12 -77.45 51.32
C ARG C 94 39.69 -76.65 52.56
N LYS C 95 40.56 -76.59 53.54
CA LYS C 95 40.30 -75.91 54.81
C LYS C 95 41.35 -74.80 55.01
N CYS C 96 41.00 -73.76 55.75
CA CYS C 96 41.98 -72.73 56.14
C CYS C 96 42.75 -73.15 57.38
N ILE C 97 43.99 -73.54 57.14
CA ILE C 97 44.92 -74.06 58.15
C ILE C 97 45.32 -73.03 59.22
N ARG C 98 45.54 -71.78 58.80
CA ARG C 98 45.82 -70.70 59.74
C ARG C 98 45.64 -69.27 59.25
N THR C 99 45.51 -68.37 60.21
CA THR C 99 45.09 -66.98 60.02
C THR C 99 46.13 -66.11 60.67
N LEU C 100 46.93 -65.42 59.84
CA LEU C 100 48.04 -64.58 60.30
C LEU C 100 47.74 -63.09 60.23
N SER C 101 47.86 -62.43 61.39
CA SER C 101 47.78 -60.97 61.45
C SER C 101 49.15 -60.32 61.40
N GLY C 102 49.21 -59.02 61.67
CA GLY C 102 50.44 -58.27 61.64
C GLY C 102 50.31 -57.04 60.76
N HIS C 103 49.68 -57.18 59.60
CA HIS C 103 49.55 -56.06 58.65
C HIS C 103 48.31 -55.28 58.94
N ILE C 104 48.37 -53.98 58.66
CA ILE C 104 47.27 -53.09 59.01
C ILE C 104 46.66 -52.47 57.75
N ASP C 105 47.08 -53.02 56.60
CA ASP C 105 46.62 -52.54 55.30
C ASP C 105 46.96 -53.62 54.27
N ARG C 106 46.40 -53.53 53.05
CA ARG C 106 46.41 -54.66 52.13
C ARG C 106 47.76 -55.31 51.92
N VAL C 107 47.77 -56.63 51.73
CA VAL C 107 48.97 -57.39 51.46
C VAL C 107 49.04 -57.70 49.97
N ALA C 108 49.83 -56.93 49.24
CA ALA C 108 49.86 -57.05 47.80
C ALA C 108 50.78 -58.15 47.26
N CYS C 109 51.71 -58.63 48.09
CA CYS C 109 52.70 -59.65 47.65
C CYS C 109 53.18 -60.62 48.74
N LEU C 110 53.53 -61.82 48.29
CA LEU C 110 53.91 -62.90 49.20
C LEU C 110 55.04 -63.76 48.60
N SER C 111 55.83 -64.44 49.44
CA SER C 111 56.94 -65.26 48.91
C SER C 111 57.47 -66.27 49.93
N TRP C 112 57.67 -67.52 49.52
CA TRP C 112 58.03 -68.58 50.43
C TRP C 112 59.50 -68.87 50.34
N ASN C 113 60.10 -69.23 51.46
CA ASN C 113 61.43 -69.82 51.48
C ASN C 113 61.33 -71.00 52.42
N ASN C 114 61.00 -72.18 51.87
CA ASN C 114 60.60 -73.33 52.68
C ASN C 114 59.54 -72.97 53.75
N HIS C 115 59.91 -73.03 55.02
CA HIS C 115 58.96 -72.87 56.11
C HIS C 115 58.78 -71.42 56.45
N VAL C 116 59.51 -70.55 55.77
CA VAL C 116 59.31 -69.12 55.96
C VAL C 116 58.34 -68.56 54.93
N LEU C 117 57.30 -67.90 55.40
CA LEU C 117 56.39 -67.14 54.52
C LEU C 117 56.62 -65.68 54.82
N THR C 118 56.72 -64.88 53.76
CA THR C 118 57.04 -63.46 53.85
C THR C 118 55.98 -62.63 53.12
N SER C 119 55.37 -61.70 53.84
CA SER C 119 54.34 -60.85 53.26
C SER C 119 54.77 -59.40 53.27
N GLY C 120 54.33 -58.67 52.24
CA GLY C 120 54.61 -57.24 52.10
C GLY C 120 53.30 -56.52 51.92
N SER C 121 53.20 -55.31 52.47
CA SER C 121 51.92 -54.63 52.58
C SER C 121 51.99 -53.17 52.18
N ARG C 122 50.81 -52.56 52.01
CA ARG C 122 50.66 -51.11 51.80
C ARG C 122 50.84 -50.25 53.08
N ASP C 123 50.79 -50.86 54.28
CA ASP C 123 51.55 -50.29 55.39
C ASP C 123 52.96 -50.41 54.85
N HIS C 124 54.00 -49.98 55.51
CA HIS C 124 55.21 -50.09 54.65
C HIS C 124 56.12 -51.28 54.91
N ARG C 125 55.53 -52.31 55.52
CA ARG C 125 56.25 -53.38 56.17
C ARG C 125 56.34 -54.70 55.41
N ILE C 126 57.41 -55.42 55.71
CA ILE C 126 57.61 -56.80 55.27
C ILE C 126 57.69 -57.66 56.53
N LEU C 127 57.05 -58.82 56.51
CA LEU C 127 57.04 -59.70 57.68
C LEU C 127 57.49 -61.14 57.36
N HIS C 128 58.48 -61.61 58.11
CA HIS C 128 58.93 -62.98 58.00
C HIS C 128 58.16 -63.84 59.01
N ARG C 129 57.57 -64.93 58.54
CA ARG C 129 56.72 -65.75 59.37
C ARG C 129 57.17 -67.21 59.34
N ASP C 130 57.52 -67.76 60.51
CA ASP C 130 57.80 -69.18 60.64
C ASP C 130 56.46 -69.90 60.70
N VAL C 131 56.23 -70.71 59.69
CA VAL C 131 54.89 -71.20 59.43
C VAL C 131 54.56 -72.45 60.28
N ARG C 132 55.60 -73.00 60.91
CA ARG C 132 55.48 -74.12 61.85
C ARG C 132 55.30 -73.59 63.23
N MET C 133 55.59 -72.31 63.41
CA MET C 133 55.50 -71.67 64.72
C MET C 133 54.08 -71.12 65.01
N PRO C 134 53.68 -71.05 66.29
CA PRO C 134 52.41 -70.40 66.60
C PRO C 134 52.42 -68.88 66.49
N ASP C 135 53.59 -68.27 66.31
CA ASP C 135 53.70 -66.80 66.22
C ASP C 135 53.28 -66.28 64.86
N PRO C 136 52.47 -65.21 64.83
CA PRO C 136 52.05 -64.62 63.56
C PRO C 136 53.24 -64.24 62.70
N PHE C 137 54.37 -63.93 63.33
CA PHE C 137 55.57 -63.50 62.58
C PHE C 137 56.71 -63.36 63.56
N PHE C 138 57.93 -63.57 63.08
CA PHE C 138 59.11 -63.47 63.94
C PHE C 138 59.99 -62.29 63.59
N GLU C 139 59.94 -61.82 62.37
CA GLU C 139 60.76 -60.68 62.05
C GLU C 139 60.01 -59.65 61.25
N THR C 140 60.30 -58.38 61.53
CA THR C 140 59.63 -57.29 60.84
C THR C 140 60.64 -56.34 60.19
N ILE C 141 60.35 -55.95 58.95
CA ILE C 141 61.26 -55.13 58.13
C ILE C 141 60.56 -53.90 57.57
N GLU C 142 61.06 -52.71 57.93
CA GLU C 142 60.51 -51.45 57.42
C GLU C 142 61.57 -50.73 56.71
N SER C 143 61.76 -51.05 55.45
CA SER C 143 62.80 -50.42 54.67
C SER C 143 62.28 -49.79 53.40
N HIS C 144 60.97 -49.81 53.18
CA HIS C 144 60.38 -49.02 52.10
C HIS C 144 59.55 -47.92 52.72
N THR C 145 59.30 -46.86 51.97
CA THR C 145 58.57 -45.73 52.49
C THR C 145 57.24 -45.63 51.78
N GLN C 146 56.92 -46.61 50.96
CA GLN C 146 55.59 -46.78 50.43
C GLN C 146 55.29 -48.24 50.25
N GLU C 147 54.21 -48.52 49.52
CA GLU C 147 53.70 -49.90 49.41
C GLU C 147 54.79 -50.85 48.93
N VAL C 148 54.99 -51.95 49.64
CA VAL C 148 55.84 -53.00 49.16
C VAL C 148 54.98 -53.78 48.17
N CYS C 149 55.41 -53.82 46.91
CA CYS C 149 54.65 -54.49 45.83
C CYS C 149 55.39 -55.59 45.07
N GLY C 150 56.65 -55.80 45.38
CA GLY C 150 57.39 -56.96 44.89
C GLY C 150 58.18 -57.69 45.98
N LEU C 151 58.13 -59.01 45.93
CA LEU C 151 58.81 -59.85 46.90
C LEU C 151 59.14 -61.17 46.22
N LYS C 152 60.43 -61.45 46.06
CA LYS C 152 60.89 -62.74 45.53
C LYS C 152 62.07 -63.36 46.30
N TRP C 153 61.84 -64.56 46.81
CA TRP C 153 62.89 -65.34 47.48
C TRP C 153 63.75 -66.07 46.44
N ASN C 154 65.02 -66.31 46.75
CA ASN C 154 65.84 -67.20 45.93
C ASN C 154 65.70 -68.66 46.34
N VAL C 155 65.86 -68.93 47.61
CA VAL C 155 65.82 -70.30 48.13
C VAL C 155 67.14 -71.01 47.87
N ALA C 156 67.60 -71.10 46.62
CA ALA C 156 68.93 -71.72 46.38
C ALA C 156 70.06 -70.89 46.97
N ASP C 157 70.18 -69.62 46.55
CA ASP C 157 70.87 -68.60 47.34
C ASP C 157 69.92 -68.39 48.50
N ASN C 158 70.42 -67.95 49.64
CA ASN C 158 69.48 -67.61 50.66
C ASN C 158 69.22 -66.11 50.61
N LYS C 159 68.48 -65.66 49.60
CA LYS C 159 68.35 -64.22 49.35
C LYS C 159 66.93 -63.78 49.02
N LEU C 160 66.51 -62.66 49.60
CA LEU C 160 65.22 -62.04 49.27
C LEU C 160 65.44 -60.73 48.58
N ALA C 161 64.61 -60.45 47.60
CA ALA C 161 64.57 -59.12 46.99
C ALA C 161 63.23 -58.53 47.35
N SER C 162 63.20 -57.22 47.61
CA SER C 162 61.94 -56.46 47.75
C SER C 162 61.91 -55.27 46.80
N GLY C 163 60.70 -54.93 46.37
CA GLY C 163 60.53 -53.79 45.47
C GLY C 163 59.30 -53.01 45.86
N GLY C 164 59.46 -51.70 46.06
CA GLY C 164 58.37 -50.82 46.53
C GLY C 164 57.78 -49.83 45.54
N ASN C 165 56.74 -49.15 45.98
CA ASN C 165 56.15 -48.06 45.20
C ASN C 165 56.96 -46.79 45.42
N ASP C 166 58.07 -46.93 46.15
CA ASP C 166 59.04 -45.83 46.36
C ASP C 166 60.21 -45.95 45.35
N ASN C 167 60.05 -46.92 44.43
CA ASN C 167 60.95 -47.11 43.30
C ASN C 167 62.26 -47.76 43.71
N VAL C 168 62.28 -48.27 44.94
CA VAL C 168 63.51 -48.80 45.52
C VAL C 168 63.51 -50.31 45.48
N VAL C 169 64.68 -50.89 45.23
CA VAL C 169 64.86 -52.31 45.37
C VAL C 169 65.85 -52.69 46.50
N HIS C 170 65.43 -53.61 47.36
CA HIS C 170 66.32 -54.07 48.40
C HIS C 170 66.64 -55.54 48.22
N VAL C 171 67.85 -55.93 48.60
CA VAL C 171 68.25 -57.33 48.63
C VAL C 171 68.73 -57.65 50.04
N TYR C 172 68.20 -58.74 50.61
CA TYR C 172 68.53 -59.12 51.97
C TYR C 172 69.21 -60.48 51.99
N GLU C 173 70.15 -60.69 52.90
CA GLU C 173 70.66 -62.02 53.15
C GLU C 173 69.77 -62.70 54.15
N GLY C 174 69.16 -63.77 53.69
CA GLY C 174 68.21 -64.54 54.46
C GLY C 174 67.19 -63.68 55.18
N THR C 175 67.01 -64.00 56.46
CA THR C 175 65.90 -63.53 57.23
C THR C 175 66.25 -62.18 57.87
N SER C 176 67.40 -61.64 57.46
CA SER C 176 68.00 -60.45 58.05
C SER C 176 67.16 -59.17 57.90
N LYS C 177 67.19 -58.33 58.93
CA LYS C 177 66.39 -57.12 59.04
C LYS C 177 66.83 -55.99 58.12
N SER C 178 68.14 -55.81 57.98
CA SER C 178 68.71 -54.76 57.14
C SER C 178 69.10 -55.33 55.79
N PRO C 179 68.85 -54.58 54.69
CA PRO C 179 69.25 -55.10 53.38
C PRO C 179 70.76 -55.02 53.26
N ILE C 180 71.35 -55.90 52.45
CA ILE C 180 72.78 -55.88 52.15
C ILE C 180 73.03 -54.98 50.92
N LEU C 181 72.00 -54.81 50.09
CA LEU C 181 72.10 -53.93 48.96
C LEU C 181 70.80 -53.20 48.77
N THR C 182 70.92 -52.00 48.19
CA THR C 182 69.81 -51.14 47.79
C THR C 182 70.05 -50.60 46.42
N PHE C 183 69.15 -50.89 45.49
CA PHE C 183 69.22 -50.28 44.17
C PHE C 183 68.06 -49.31 44.11
N ASP C 184 68.36 -48.03 43.90
CA ASP C 184 67.27 -47.09 43.70
C ASP C 184 67.33 -46.27 42.41
N GLU C 185 67.84 -46.87 41.35
CA GLU C 185 67.88 -46.25 40.03
C GLU C 185 66.52 -46.07 39.36
N HIS C 186 65.62 -47.06 39.53
CA HIS C 186 64.35 -47.05 38.85
C HIS C 186 63.58 -45.77 39.19
N LYS C 187 62.83 -45.24 38.19
CA LYS C 187 62.09 -43.98 38.31
C LYS C 187 60.58 -44.22 38.56
N ALA C 188 60.21 -45.42 38.94
CA ALA C 188 58.79 -45.82 39.07
C ALA C 188 58.71 -47.06 39.92
N ALA C 189 57.50 -47.60 40.10
CA ALA C 189 57.30 -48.70 41.03
C ALA C 189 57.99 -49.92 40.50
N VAL C 190 58.57 -50.73 41.40
CA VAL C 190 59.26 -51.95 41.01
C VAL C 190 58.46 -53.10 41.58
N LYS C 191 57.58 -53.68 40.76
CA LYS C 191 56.78 -54.82 41.19
C LYS C 191 57.36 -56.09 40.56
N ALA C 192 57.67 -56.02 39.25
CA ALA C 192 58.17 -57.15 38.49
C ALA C 192 59.66 -57.40 38.78
N MET C 193 59.95 -58.51 39.45
CA MET C 193 61.33 -58.94 39.65
C MET C 193 61.45 -60.46 39.59
N ALA C 194 62.62 -60.97 39.17
CA ALA C 194 62.88 -62.41 39.07
C ALA C 194 64.36 -62.76 39.27
N TRP C 195 64.62 -63.84 40.00
CA TRP C 195 65.99 -64.36 40.12
C TRP C 195 66.34 -65.38 38.97
N SER C 196 67.58 -65.37 38.50
CA SER C 196 68.01 -66.34 37.50
C SER C 196 68.09 -67.72 38.17
N PRO C 197 67.36 -68.73 37.65
CA PRO C 197 67.61 -70.05 38.22
C PRO C 197 68.91 -70.64 37.68
N HIS C 198 69.49 -70.04 36.65
CA HIS C 198 70.70 -70.57 35.99
C HIS C 198 72.00 -70.03 36.58
N LYS C 199 71.93 -68.91 37.30
CA LYS C 199 73.12 -68.28 37.78
C LYS C 199 72.84 -67.56 39.10
N ARG C 200 73.41 -68.08 40.19
CA ARG C 200 73.12 -67.58 41.52
C ARG C 200 73.54 -66.14 41.66
N GLY C 201 72.72 -65.37 42.37
CA GLY C 201 73.03 -63.99 42.67
C GLY C 201 72.69 -63.02 41.57
N VAL C 202 71.89 -63.43 40.56
CA VAL C 202 71.50 -62.57 39.39
C VAL C 202 70.04 -62.21 39.44
N LEU C 203 69.73 -60.94 39.48
CA LEU C 203 68.32 -60.51 39.70
C LEU C 203 67.83 -59.63 38.59
N ALA C 204 66.58 -59.85 38.18
CA ALA C 204 65.99 -59.00 37.13
C ALA C 204 65.07 -58.10 37.82
N THR C 205 64.99 -56.83 37.41
CA THR C 205 63.96 -55.94 37.97
C THR C 205 63.37 -55.08 36.86
N GLY C 206 62.07 -54.74 36.98
CA GLY C 206 61.39 -53.97 35.95
C GLY C 206 60.56 -52.84 36.52
N GLY C 207 60.75 -51.66 35.96
CA GLY C 207 59.99 -50.47 36.35
C GLY C 207 58.60 -50.21 35.72
N GLY C 208 57.86 -49.31 36.37
CA GLY C 208 56.51 -48.97 35.95
C GLY C 208 56.49 -47.84 34.94
N THR C 209 55.33 -47.23 34.80
CA THR C 209 55.06 -46.30 33.68
C THR C 209 56.19 -45.29 33.41
N ALA C 210 56.59 -44.55 34.44
CA ALA C 210 57.59 -43.49 34.30
C ALA C 210 59.02 -43.99 34.11
N ASP C 211 59.23 -45.31 34.11
CA ASP C 211 60.57 -45.86 34.08
C ASP C 211 60.75 -46.86 32.92
N ARG C 212 59.96 -47.93 32.90
CA ARG C 212 59.92 -48.86 31.73
C ARG C 212 61.16 -49.71 31.49
N ARG C 213 62.08 -49.64 32.44
CA ARG C 213 63.43 -50.23 32.29
C ARG C 213 63.52 -51.62 32.83
N LEU C 214 64.21 -52.47 32.08
CA LEU C 214 64.53 -53.82 32.52
C LEU C 214 66.00 -53.81 32.94
N LYS C 215 66.21 -54.00 34.23
CA LYS C 215 67.57 -54.00 34.75
C LYS C 215 67.98 -55.40 35.21
N ILE C 216 69.20 -55.80 34.89
CA ILE C 216 69.77 -57.04 35.44
C ILE C 216 70.94 -56.76 36.39
N TRP C 217 70.84 -57.26 37.61
CA TRP C 217 71.86 -56.97 38.61
C TRP C 217 72.60 -58.20 39.02
N ASN C 218 73.90 -58.09 39.01
CA ASN C 218 74.75 -59.06 39.71
C ASN C 218 74.82 -58.67 41.17
N VAL C 219 73.90 -59.20 41.96
CA VAL C 219 73.96 -59.08 43.39
C VAL C 219 75.31 -59.66 43.79
N ASN C 220 75.71 -59.50 45.04
CA ASN C 220 77.01 -60.08 45.49
C ASN C 220 78.32 -59.75 44.68
N THR C 221 78.23 -59.11 43.52
CA THR C 221 79.35 -58.29 43.04
C THR C 221 79.01 -56.81 42.96
N SER C 222 77.72 -56.49 43.12
CA SER C 222 77.19 -55.12 43.01
C SER C 222 77.34 -54.44 41.66
N ILE C 223 76.86 -55.08 40.60
CA ILE C 223 77.03 -54.53 39.28
C ILE C 223 75.72 -54.64 38.53
N LYS C 224 75.37 -53.55 37.85
CA LYS C 224 74.26 -53.59 36.91
C LYS C 224 74.83 -54.16 35.64
N MET C 225 74.46 -55.37 35.31
CA MET C 225 75.01 -56.02 34.13
C MET C 225 74.31 -55.50 32.89
N SER C 226 73.06 -55.11 33.05
CA SER C 226 72.30 -54.68 31.89
C SER C 226 71.19 -53.77 32.32
N ASP C 227 70.72 -52.96 31.35
CA ASP C 227 69.73 -51.89 31.58
C ASP C 227 69.06 -51.50 30.23
N ILE C 228 67.78 -51.84 30.06
CA ILE C 228 67.17 -51.71 28.75
C ILE C 228 65.84 -51.04 28.85
N ASP C 229 65.65 -49.98 28.07
CA ASP C 229 64.33 -49.35 27.91
C ASP C 229 63.37 -50.29 27.18
N SER C 230 62.42 -50.88 27.89
CA SER C 230 61.49 -51.79 27.25
C SER C 230 60.37 -51.02 26.51
N GLY C 231 60.38 -49.71 26.62
CA GLY C 231 59.35 -48.87 26.02
C GLY C 231 57.91 -48.99 26.46
N SER C 232 57.65 -49.69 27.58
CA SER C 232 56.31 -49.68 28.23
C SER C 232 56.39 -50.06 29.70
N GLN C 233 55.35 -49.78 30.45
CA GLN C 233 55.25 -50.14 31.87
C GLN C 233 55.44 -51.65 32.09
N ILE C 234 56.46 -52.04 32.86
CA ILE C 234 56.66 -53.45 33.21
C ILE C 234 55.83 -53.83 34.44
N CYS C 235 54.91 -54.79 34.25
CA CYS C 235 53.90 -55.15 35.29
C CYS C 235 54.17 -56.49 35.94
N ASN C 236 54.92 -57.36 35.27
CA ASN C 236 55.23 -58.68 35.80
C ASN C 236 56.36 -59.33 35.03
N MET C 237 56.80 -60.52 35.45
CA MET C 237 58.11 -61.04 35.05
C MET C 237 58.28 -62.49 35.48
N VAL C 238 58.99 -63.26 34.65
CA VAL C 238 59.21 -64.69 34.90
C VAL C 238 60.48 -65.14 34.15
N TRP C 239 61.49 -65.67 34.85
CA TRP C 239 62.73 -66.25 34.24
C TRP C 239 62.48 -67.70 33.76
N SER C 240 62.72 -68.02 32.47
CA SER C 240 62.55 -69.39 31.94
C SER C 240 63.39 -70.37 32.75
N LYS C 241 62.80 -71.52 33.07
CA LYS C 241 63.53 -72.59 33.77
C LYS C 241 64.33 -73.37 32.75
N ASN C 242 63.74 -73.62 31.59
CA ASN C 242 64.34 -74.51 30.63
C ASN C 242 65.38 -73.86 29.74
N THR C 243 65.43 -72.54 29.79
CA THR C 243 66.27 -71.77 28.88
C THR C 243 66.66 -70.46 29.58
N ASN C 244 67.79 -69.88 29.20
CA ASN C 244 68.23 -68.60 29.75
C ASN C 244 67.49 -67.42 29.08
N GLU C 245 66.19 -67.36 29.29
CA GLU C 245 65.34 -66.36 28.71
C GLU C 245 64.43 -65.75 29.76
N LEU C 246 64.05 -64.50 29.54
CA LEU C 246 63.16 -63.80 30.46
C LEU C 246 61.86 -63.40 29.74
N VAL C 247 60.75 -63.45 30.45
CA VAL C 247 59.48 -62.99 29.89
C VAL C 247 58.97 -61.88 30.75
N THR C 248 58.74 -60.73 30.13
CA THR C 248 58.17 -59.54 30.80
C THR C 248 56.74 -59.31 30.31
N SER C 249 55.84 -58.85 31.15
CA SER C 249 54.48 -58.58 30.70
C SER C 249 54.18 -57.11 30.95
N HIS C 250 53.50 -56.48 29.99
CA HIS C 250 53.47 -55.01 29.96
C HIS C 250 52.15 -54.36 30.19
N GLY C 251 52.22 -53.14 30.75
CA GLY C 251 51.08 -52.25 30.89
C GLY C 251 51.13 -51.11 29.90
N TYR C 252 50.91 -49.89 30.38
CA TYR C 252 50.82 -48.73 29.49
C TYR C 252 52.11 -48.57 28.67
N SER C 253 52.05 -48.42 27.36
CA SER C 253 50.84 -48.47 26.58
C SER C 253 50.96 -49.59 25.53
N LYS C 254 51.54 -50.71 25.93
CA LYS C 254 51.69 -51.90 25.06
C LYS C 254 51.34 -53.18 25.85
N TYR C 255 50.10 -53.67 25.70
CA TYR C 255 49.63 -54.81 26.49
C TYR C 255 50.14 -56.15 25.94
N ASN C 256 51.46 -56.31 25.99
CA ASN C 256 52.11 -57.49 25.45
C ASN C 256 52.90 -58.28 26.50
N LEU C 257 53.30 -59.50 26.12
CA LEU C 257 54.42 -60.15 26.78
C LEU C 257 55.60 -60.02 25.85
N THR C 258 56.78 -59.76 26.40
CA THR C 258 57.98 -59.82 25.57
C THR C 258 58.95 -60.87 26.13
N LEU C 259 59.54 -61.63 25.18
CA LEU C 259 60.43 -62.76 25.45
C LEU C 259 61.83 -62.33 25.14
N TRP C 260 62.67 -62.28 26.16
CA TRP C 260 64.07 -61.80 26.05
C TRP C 260 65.13 -62.92 25.97
N ASP C 261 66.15 -62.69 25.15
CA ASP C 261 67.26 -63.60 25.09
C ASP C 261 68.20 -63.67 26.30
N CYS C 262 68.55 -62.57 26.93
CA CYS C 262 69.47 -62.65 28.11
C CYS C 262 70.96 -62.72 27.75
N ASN C 263 71.37 -63.56 26.80
CA ASN C 263 72.76 -63.55 26.41
C ASN C 263 73.05 -62.25 25.70
N SER C 264 72.32 -61.97 24.61
CA SER C 264 72.20 -60.63 24.07
C SER C 264 70.96 -60.19 24.78
N MET C 265 70.84 -58.92 25.11
CA MET C 265 69.62 -58.58 25.84
C MET C 265 68.55 -58.10 24.88
N ASP C 266 68.24 -58.97 23.94
CA ASP C 266 67.40 -58.64 22.82
C ASP C 266 66.05 -59.32 22.94
N PRO C 267 64.96 -58.65 22.50
CA PRO C 267 63.65 -59.31 22.41
C PRO C 267 63.67 -60.33 21.31
N ILE C 268 63.23 -61.55 21.63
CA ILE C 268 63.14 -62.69 20.72
C ILE C 268 61.75 -62.63 20.09
N ALA C 269 60.73 -62.27 20.86
CA ALA C 269 59.35 -62.27 20.36
C ALA C 269 58.46 -61.38 21.21
N ILE C 270 57.39 -60.87 20.58
CA ILE C 270 56.40 -60.03 21.26
C ILE C 270 55.04 -60.68 21.09
N LEU C 271 54.35 -60.92 22.21
CA LEU C 271 53.11 -61.68 22.21
C LEU C 271 51.94 -60.78 22.52
N LYS C 272 50.97 -60.76 21.60
CA LYS C 272 49.88 -59.79 21.58
C LYS C 272 48.53 -60.44 21.74
N GLY C 273 47.52 -59.65 22.06
CA GLY C 273 46.18 -60.19 22.24
C GLY C 273 45.42 -59.48 23.34
N HIS C 274 46.01 -59.35 24.54
CA HIS C 274 45.30 -58.80 25.73
C HIS C 274 44.91 -57.35 25.46
N SER C 275 43.72 -56.96 25.90
CA SER C 275 43.22 -55.59 25.74
C SER C 275 43.19 -54.80 27.08
N PHE C 276 43.77 -55.41 28.11
CA PHE C 276 44.09 -54.74 29.37
C PHE C 276 45.56 -55.04 29.71
N ARG C 277 46.15 -54.25 30.60
CA ARG C 277 47.53 -54.45 30.94
C ARG C 277 47.71 -55.87 31.44
N VAL C 278 48.81 -56.48 31.02
CA VAL C 278 49.12 -57.85 31.38
C VAL C 278 49.75 -57.93 32.78
N LEU C 279 48.89 -57.98 33.78
CA LEU C 279 49.30 -57.77 35.17
C LEU C 279 49.71 -59.06 35.88
N HIS C 280 49.10 -60.16 35.44
CA HIS C 280 49.20 -61.45 36.09
C HIS C 280 49.94 -62.40 35.17
N LEU C 281 50.91 -63.13 35.74
CA LEU C 281 51.87 -63.93 34.98
C LEU C 281 52.44 -65.07 35.83
N THR C 282 52.62 -66.24 35.25
CA THR C 282 53.21 -67.35 35.97
C THR C 282 53.73 -68.42 35.01
N LEU C 283 54.80 -69.11 35.44
CA LEU C 283 55.46 -70.16 34.64
C LEU C 283 55.01 -71.57 35.06
N SER C 284 54.66 -72.41 34.09
CA SER C 284 54.22 -73.80 34.35
C SER C 284 55.32 -74.63 35.00
N ASN C 285 54.93 -75.66 35.72
CA ASN C 285 55.90 -76.42 36.49
C ASN C 285 56.96 -77.10 35.63
N ASP C 286 56.55 -77.64 34.48
CA ASP C 286 57.49 -78.24 33.53
C ASP C 286 58.29 -77.22 32.72
N GLY C 287 58.01 -75.94 32.93
CA GLY C 287 58.79 -74.84 32.34
C GLY C 287 58.48 -74.50 30.89
N THR C 288 57.48 -75.19 30.33
CA THR C 288 57.07 -75.05 28.92
C THR C 288 56.17 -73.88 28.66
N THR C 289 55.30 -73.57 29.62
CA THR C 289 54.14 -72.73 29.38
C THR C 289 54.12 -71.53 30.33
N VAL C 290 53.79 -70.37 29.77
CA VAL C 290 53.60 -69.16 30.57
C VAL C 290 52.13 -68.83 30.47
N VAL C 291 51.48 -68.62 31.61
CA VAL C 291 50.08 -68.15 31.64
C VAL C 291 50.04 -66.68 31.97
N SER C 292 49.24 -65.93 31.19
CA SER C 292 49.10 -64.51 31.44
C SER C 292 47.63 -64.17 31.68
N GLY C 293 47.42 -63.19 32.55
CA GLY C 293 46.08 -62.67 32.83
C GLY C 293 46.00 -61.17 32.88
N ALA C 294 44.80 -60.65 32.61
CA ALA C 294 44.55 -59.23 32.58
C ALA C 294 43.11 -58.95 32.93
N GLY C 295 42.84 -57.67 33.23
CA GLY C 295 41.49 -57.19 33.49
C GLY C 295 40.53 -57.42 32.35
N ASP C 296 41.04 -57.86 31.20
CA ASP C 296 40.18 -58.27 30.08
C ASP C 296 39.57 -59.63 30.39
N GLU C 297 39.71 -60.06 31.64
CA GLU C 297 39.09 -61.28 32.10
C GLU C 297 39.41 -62.56 31.30
N THR C 298 40.64 -62.65 30.81
CA THR C 298 41.11 -63.87 30.17
C THR C 298 42.43 -64.35 30.78
N LEU C 299 42.60 -65.66 30.77
CA LEU C 299 43.88 -66.27 31.08
C LEU C 299 44.41 -66.86 29.78
N ARG C 300 45.63 -66.52 29.38
CA ARG C 300 46.20 -67.06 28.15
C ARG C 300 47.45 -67.94 28.36
N TYR C 301 47.41 -69.16 27.79
CA TYR C 301 48.50 -70.14 27.87
C TYR C 301 49.40 -70.07 26.63
N TRP C 302 50.63 -69.65 26.82
CA TRP C 302 51.57 -69.51 25.73
C TRP C 302 52.64 -70.61 25.80
N LYS C 303 52.69 -71.46 24.78
CA LYS C 303 53.71 -72.51 24.73
C LYS C 303 54.99 -71.85 24.25
N LEU C 304 55.95 -71.65 25.13
CA LEU C 304 57.12 -70.84 24.82
C LEU C 304 58.44 -71.61 24.87
N PHE C 305 58.49 -72.70 25.65
CA PHE C 305 59.76 -73.44 25.85
C PHE C 305 59.63 -74.97 25.63
N ASP C 306 60.76 -75.66 25.52
CA ASP C 306 60.77 -77.10 25.35
C ASP C 306 60.99 -77.89 26.65
N LYS C 307 60.48 -79.13 26.70
CA LYS C 307 60.80 -80.11 27.72
C LYS C 307 62.32 -80.24 27.82
N PRO C 308 62.92 -80.05 29.03
CA PRO C 308 64.40 -80.10 29.16
C PRO C 308 64.94 -81.54 29.23
N PHE D 4 -21.19 -21.36 -33.45
CA PHE D 4 -21.27 -21.74 -34.91
C PHE D 4 -21.97 -23.09 -35.12
N ARG D 5 -23.00 -23.32 -34.28
CA ARG D 5 -23.86 -24.52 -34.28
C ARG D 5 -25.36 -24.17 -34.20
N GLN D 6 -26.22 -25.08 -34.67
CA GLN D 6 -27.66 -24.75 -34.85
C GLN D 6 -28.46 -24.74 -33.52
N ILE D 7 -29.34 -23.74 -33.32
CA ILE D 7 -30.08 -23.56 -32.05
C ILE D 7 -31.50 -23.01 -32.24
N ALA D 8 -32.50 -23.85 -32.01
CA ALA D 8 -33.93 -23.61 -32.31
C ALA D 8 -34.44 -22.23 -31.84
N LYS D 9 -35.21 -21.57 -32.71
CA LYS D 9 -35.64 -20.19 -32.48
C LYS D 9 -37.04 -20.09 -31.83
N VAL D 10 -37.64 -21.25 -31.51
CA VAL D 10 -38.97 -21.29 -30.92
C VAL D 10 -38.97 -22.24 -29.74
N PRO D 11 -39.71 -21.91 -28.65
CA PRO D 11 -39.74 -22.81 -27.50
C PRO D 11 -40.46 -24.11 -27.83
N TYR D 12 -40.10 -25.17 -27.14
CA TYR D 12 -40.76 -26.45 -27.37
C TYR D 12 -41.94 -26.68 -26.43
N ARG D 13 -42.01 -25.89 -25.37
CA ARG D 13 -43.17 -25.89 -24.48
C ARG D 13 -43.43 -24.49 -23.93
N VAL D 14 -44.72 -24.15 -23.86
CA VAL D 14 -45.16 -22.88 -23.30
C VAL D 14 -46.25 -23.17 -22.26
N LEU D 15 -46.02 -22.79 -21.01
CA LEU D 15 -47.02 -23.00 -19.96
C LEU D 15 -47.68 -21.68 -19.57
N ASP D 16 -48.95 -21.77 -19.24
CA ASP D 16 -49.70 -20.63 -18.76
C ASP D 16 -49.27 -20.36 -17.31
N ALA D 17 -48.86 -19.12 -17.05
CA ALA D 17 -48.42 -18.75 -15.71
C ALA D 17 -49.14 -17.50 -15.23
N PRO D 18 -50.47 -17.59 -14.95
CA PRO D 18 -51.25 -16.42 -14.55
C PRO D 18 -50.74 -15.81 -13.25
N SER D 19 -50.68 -14.49 -13.22
CA SER D 19 -50.22 -13.70 -12.06
C SER D 19 -48.72 -13.63 -11.80
N LEU D 20 -47.92 -14.21 -12.71
CA LEU D 20 -46.47 -14.18 -12.59
C LEU D 20 -45.96 -12.74 -12.57
N ALA D 21 -45.19 -12.37 -11.55
CA ALA D 21 -44.92 -10.94 -11.29
C ALA D 21 -44.15 -10.27 -12.44
N ASP D 22 -44.38 -8.98 -12.63
CA ASP D 22 -43.61 -8.20 -13.58
C ASP D 22 -42.83 -7.19 -12.77
N ASP D 23 -42.08 -7.68 -11.80
CA ASP D 23 -41.27 -6.79 -10.99
C ASP D 23 -39.82 -7.19 -11.17
N PHE D 24 -39.01 -6.26 -11.66
CA PHE D 24 -37.60 -6.53 -11.92
C PHE D 24 -36.91 -7.31 -10.81
N TYR D 25 -37.23 -6.95 -9.58
CA TYR D 25 -36.46 -7.43 -8.45
C TYR D 25 -36.77 -8.85 -8.05
N TYR D 26 -37.77 -9.46 -8.69
CA TYR D 26 -38.13 -10.86 -8.38
C TYR D 26 -37.57 -11.84 -9.41
N SER D 27 -37.38 -13.08 -8.99
CA SER D 27 -36.87 -14.15 -9.85
C SER D 27 -37.55 -15.43 -9.34
N LEU D 28 -38.70 -15.79 -9.93
CA LEU D 28 -39.68 -16.64 -9.25
C LEU D 28 -39.91 -17.96 -9.94
N ILE D 29 -38.81 -18.65 -10.24
CA ILE D 29 -38.87 -19.79 -11.14
C ILE D 29 -37.57 -20.56 -10.87
N ASP D 30 -37.67 -21.79 -10.39
CA ASP D 30 -36.47 -22.58 -10.09
C ASP D 30 -36.66 -24.07 -10.38
N TRP D 31 -35.67 -24.63 -11.07
CA TRP D 31 -35.68 -26.01 -11.50
C TRP D 31 -34.77 -26.84 -10.58
N SER D 32 -35.37 -27.72 -9.79
CA SER D 32 -34.64 -28.49 -8.78
C SER D 32 -33.71 -29.57 -9.35
N SER D 33 -32.77 -30.02 -8.53
CA SER D 33 -31.92 -31.17 -8.86
C SER D 33 -32.73 -32.48 -8.97
N THR D 34 -33.96 -32.47 -8.46
CA THR D 34 -34.89 -33.60 -8.65
C THR D 34 -35.87 -33.36 -9.81
N ASP D 35 -35.52 -32.46 -10.73
CA ASP D 35 -36.35 -32.15 -11.91
C ASP D 35 -37.79 -31.64 -11.64
N VAL D 36 -37.98 -30.91 -10.53
CA VAL D 36 -39.27 -30.28 -10.22
C VAL D 36 -39.14 -28.77 -10.40
N LEU D 37 -40.03 -28.20 -11.20
CA LEU D 37 -40.01 -26.76 -11.43
C LEU D 37 -40.87 -26.08 -10.39
N ALA D 38 -40.30 -25.11 -9.68
CA ALA D 38 -41.09 -24.36 -8.71
C ALA D 38 -41.33 -22.96 -9.22
N VAL D 39 -42.58 -22.52 -9.17
CA VAL D 39 -42.95 -21.17 -9.62
C VAL D 39 -43.90 -20.46 -8.67
N ALA D 40 -43.60 -19.20 -8.38
CA ALA D 40 -44.43 -18.38 -7.51
C ALA D 40 -45.31 -17.48 -8.36
N LEU D 41 -46.62 -17.67 -8.22
CA LEU D 41 -47.59 -16.90 -8.98
C LEU D 41 -48.42 -16.13 -7.98
N GLY D 42 -48.18 -14.82 -7.90
CA GLY D 42 -48.88 -13.96 -6.94
C GLY D 42 -48.72 -14.43 -5.51
N LYS D 43 -49.79 -14.99 -4.96
CA LYS D 43 -49.87 -15.41 -3.55
C LYS D 43 -49.80 -16.93 -3.41
N SER D 44 -49.38 -17.62 -4.47
CA SER D 44 -49.37 -19.08 -4.46
C SER D 44 -48.10 -19.65 -5.03
N ILE D 45 -47.75 -20.86 -4.60
CA ILE D 45 -46.61 -21.55 -5.21
C ILE D 45 -46.98 -22.89 -5.81
N PHE D 46 -46.58 -23.11 -7.06
CA PHE D 46 -46.94 -24.33 -7.76
C PHE D 46 -45.67 -25.11 -8.11
N LEU D 47 -45.80 -26.44 -8.17
CA LEU D 47 -44.71 -27.32 -8.59
C LEU D 47 -45.16 -28.16 -9.77
N THR D 48 -44.26 -28.33 -10.74
CA THR D 48 -44.46 -29.31 -11.82
C THR D 48 -43.34 -30.33 -11.80
N ASP D 49 -43.72 -31.59 -11.84
CA ASP D 49 -42.78 -32.65 -12.10
C ASP D 49 -42.54 -32.58 -13.61
N ASN D 50 -41.27 -32.46 -14.01
CA ASN D 50 -40.97 -32.53 -15.43
C ASN D 50 -41.16 -33.93 -16.03
N ASN D 51 -41.07 -34.95 -15.18
CA ASN D 51 -41.18 -36.33 -15.62
C ASN D 51 -42.64 -36.77 -15.73
N THR D 52 -43.50 -36.23 -14.86
CA THR D 52 -44.89 -36.65 -14.79
C THR D 52 -45.81 -35.70 -15.55
N GLY D 53 -45.48 -34.42 -15.54
CA GLY D 53 -46.43 -33.39 -15.99
C GLY D 53 -47.40 -33.03 -14.87
N ASP D 54 -47.20 -33.67 -13.71
CA ASP D 54 -47.98 -33.49 -12.50
C ASP D 54 -47.84 -32.07 -11.96
N VAL D 55 -48.95 -31.48 -11.50
CA VAL D 55 -48.91 -30.15 -10.90
C VAL D 55 -49.38 -30.13 -9.44
N VAL D 56 -48.50 -29.74 -8.53
CA VAL D 56 -48.84 -29.63 -7.11
C VAL D 56 -48.92 -28.16 -6.68
N HIS D 57 -49.93 -27.87 -5.86
CA HIS D 57 -50.21 -26.54 -5.36
C HIS D 57 -49.93 -26.58 -3.86
N LEU D 58 -48.72 -26.21 -3.45
CA LEU D 58 -48.46 -26.10 -2.02
C LEU D 58 -48.46 -24.62 -1.63
N CYS D 59 -48.76 -24.36 -0.38
CA CYS D 59 -48.74 -23.00 0.21
C CYS D 59 -49.39 -21.78 -0.49
N ASP D 60 -50.18 -21.05 0.30
CA ASP D 60 -50.66 -19.73 -0.08
C ASP D 60 -50.22 -18.76 1.00
N THR D 61 -50.37 -17.47 0.74
CA THR D 61 -50.01 -16.44 1.70
C THR D 61 -50.99 -15.30 1.49
N GLU D 62 -51.34 -14.60 2.59
CA GLU D 62 -52.13 -13.35 2.49
C GLU D 62 -51.27 -12.21 1.93
N ASN D 63 -49.96 -12.42 1.98
CA ASN D 63 -48.96 -11.46 1.62
C ASN D 63 -48.69 -11.52 0.12
N GLU D 64 -47.43 -11.78 -0.22
CA GLU D 64 -46.98 -11.98 -1.59
C GLU D 64 -45.67 -12.77 -1.55
N TYR D 65 -45.55 -13.78 -2.39
CA TYR D 65 -44.29 -14.51 -2.50
C TYR D 65 -43.32 -13.72 -3.38
N THR D 66 -42.04 -13.75 -3.02
CA THR D 66 -41.10 -12.73 -3.41
C THR D 66 -39.71 -13.32 -3.76
N SER D 67 -39.47 -14.54 -3.27
CA SER D 67 -38.32 -15.30 -3.75
C SER D 67 -38.49 -16.77 -3.44
N LEU D 68 -37.75 -17.61 -4.16
CA LEU D 68 -37.71 -19.05 -3.90
C LEU D 68 -36.38 -19.63 -4.34
N SER D 69 -35.94 -20.69 -3.68
CA SER D 69 -34.71 -21.37 -4.05
C SER D 69 -34.74 -22.81 -3.55
N TRP D 70 -34.56 -23.77 -4.46
CA TRP D 70 -34.49 -25.19 -4.07
C TRP D 70 -33.24 -25.46 -3.22
N ILE D 71 -33.38 -26.31 -2.22
CA ILE D 71 -32.21 -26.79 -1.50
C ILE D 71 -31.31 -27.56 -2.46
N GLY D 72 -30.05 -27.76 -2.08
CA GLY D 72 -29.11 -28.55 -2.88
C GLY D 72 -29.75 -29.83 -3.42
N ALA D 73 -30.20 -30.68 -2.48
CA ALA D 73 -30.72 -32.00 -2.83
C ALA D 73 -32.10 -31.99 -3.52
N GLY D 74 -32.75 -30.84 -3.58
CA GLY D 74 -34.09 -30.74 -4.19
C GLY D 74 -35.25 -31.28 -3.37
N SER D 75 -34.99 -31.61 -2.11
CA SER D 75 -36.03 -32.11 -1.18
C SER D 75 -36.86 -30.99 -0.52
N HIS D 76 -36.29 -29.79 -0.39
CA HIS D 76 -36.92 -28.67 0.30
C HIS D 76 -36.88 -27.40 -0.52
N LEU D 77 -37.93 -26.61 -0.43
CA LEU D 77 -37.97 -25.32 -1.12
C LEU D 77 -37.99 -24.15 -0.13
N ALA D 78 -37.08 -23.20 -0.30
CA ALA D 78 -37.03 -22.02 0.54
C ALA D 78 -37.87 -20.92 -0.09
N VAL D 79 -38.64 -20.23 0.72
CA VAL D 79 -39.59 -19.25 0.19
C VAL D 79 -39.57 -17.93 1.01
N GLY D 80 -39.41 -16.80 0.31
CA GLY D 80 -39.46 -15.49 0.96
C GLY D 80 -40.73 -14.72 0.65
N GLN D 81 -41.07 -13.77 1.52
CA GLN D 81 -42.28 -12.97 1.36
C GLN D 81 -42.04 -11.48 1.40
N ALA D 82 -43.01 -10.71 0.91
CA ALA D 82 -42.94 -9.25 0.92
C ALA D 82 -42.75 -8.68 2.35
N ASN D 83 -43.26 -9.36 3.37
CA ASN D 83 -43.10 -8.88 4.74
C ASN D 83 -41.82 -9.33 5.44
N GLY D 84 -40.88 -9.90 4.68
CA GLY D 84 -39.56 -10.30 5.22
C GLY D 84 -39.46 -11.70 5.78
N LEU D 85 -40.60 -12.37 5.88
CA LEU D 85 -40.64 -13.73 6.39
C LEU D 85 -40.00 -14.70 5.41
N VAL D 86 -39.23 -15.67 5.93
CA VAL D 86 -38.68 -16.74 5.08
C VAL D 86 -39.11 -18.08 5.66
N GLU D 87 -39.65 -18.96 4.81
CA GLU D 87 -40.05 -20.27 5.27
C GLU D 87 -39.44 -21.36 4.41
N ILE D 88 -39.32 -22.57 4.98
CA ILE D 88 -38.82 -23.75 4.25
C ILE D 88 -39.90 -24.84 4.20
N TYR D 89 -40.10 -25.41 3.01
CA TYR D 89 -41.13 -26.43 2.79
C TYR D 89 -40.53 -27.80 2.51
N ASP D 90 -41.02 -28.81 3.22
CA ASP D 90 -40.76 -30.20 2.84
C ASP D 90 -41.71 -30.52 1.70
N VAL D 91 -41.14 -30.69 0.52
CA VAL D 91 -41.90 -30.87 -0.71
C VAL D 91 -42.62 -32.24 -0.78
N MET D 92 -41.99 -33.29 -0.28
CA MET D 92 -42.61 -34.60 -0.23
C MET D 92 -43.78 -34.60 0.75
N LYS D 93 -43.57 -34.02 1.93
CA LYS D 93 -44.59 -33.89 2.98
C LYS D 93 -45.65 -32.81 2.66
N ARG D 94 -45.29 -31.85 1.82
CA ARG D 94 -46.15 -30.69 1.51
C ARG D 94 -46.49 -29.86 2.75
N LYS D 95 -45.57 -29.82 3.71
CA LYS D 95 -45.77 -29.08 4.95
C LYS D 95 -44.67 -28.01 5.08
N CYS D 96 -44.96 -26.94 5.83
CA CYS D 96 -43.94 -25.93 6.10
C CYS D 96 -43.08 -26.35 7.29
N ILE D 97 -41.86 -26.75 6.98
CA ILE D 97 -40.90 -27.29 7.94
C ILE D 97 -40.44 -26.27 8.97
N ARG D 98 -40.25 -25.03 8.54
CA ARG D 98 -39.88 -23.94 9.46
C ARG D 98 -40.03 -22.50 8.97
N THR D 99 -40.10 -21.58 9.93
CA THR D 99 -40.52 -20.20 9.72
C THR D 99 -39.43 -19.29 10.29
N LEU D 100 -38.70 -18.60 9.40
CA LEU D 100 -37.52 -17.83 9.80
C LEU D 100 -37.74 -16.33 9.74
N SER D 101 -37.55 -15.67 10.87
CA SER D 101 -37.62 -14.21 10.93
C SER D 101 -36.23 -13.60 10.80
N GLY D 102 -36.13 -12.29 11.03
CA GLY D 102 -34.87 -11.57 10.86
C GLY D 102 -35.01 -10.36 9.96
N HIS D 103 -35.76 -10.51 8.85
CA HIS D 103 -35.90 -9.40 7.93
C HIS D 103 -37.11 -8.59 8.26
N ILE D 104 -37.02 -7.30 7.97
CA ILE D 104 -38.08 -6.38 8.32
C ILE D 104 -38.69 -5.76 7.07
N ASP D 105 -38.37 -6.32 5.92
CA ASP D 105 -38.88 -5.87 4.63
C ASP D 105 -38.61 -6.96 3.62
N ARG D 106 -39.30 -6.92 2.48
CA ARG D 106 -39.31 -8.05 1.52
C ARG D 106 -37.96 -8.73 1.23
N VAL D 107 -38.01 -10.03 1.06
CA VAL D 107 -36.85 -10.86 0.78
C VAL D 107 -36.94 -11.22 -0.69
N ALA D 108 -36.19 -10.48 -1.50
CA ALA D 108 -36.19 -10.60 -2.95
C ALA D 108 -35.30 -11.72 -3.51
N CYS D 109 -34.34 -12.20 -2.71
CA CYS D 109 -33.36 -13.21 -3.17
C CYS D 109 -32.87 -14.18 -2.08
N LEU D 110 -32.62 -15.42 -2.47
CA LEU D 110 -32.21 -16.50 -1.55
C LEU D 110 -31.22 -17.42 -2.25
N SER D 111 -30.31 -18.03 -1.50
CA SER D 111 -29.26 -18.87 -2.08
C SER D 111 -28.74 -19.87 -1.06
N TRP D 112 -28.53 -21.12 -1.49
CA TRP D 112 -28.13 -22.21 -0.60
C TRP D 112 -26.65 -22.53 -0.76
N ASN D 113 -26.00 -22.86 0.36
CA ASN D 113 -24.68 -23.51 0.36
C ASN D 113 -24.80 -24.61 1.36
N ASN D 114 -25.21 -25.80 0.89
CA ASN D 114 -25.56 -26.97 1.72
C ASN D 114 -26.57 -26.59 2.81
N HIS D 115 -26.14 -26.66 4.06
CA HIS D 115 -27.02 -26.44 5.21
C HIS D 115 -27.14 -24.96 5.53
N VAL D 116 -26.41 -24.11 4.81
CA VAL D 116 -26.58 -22.67 5.00
C VAL D 116 -27.62 -22.10 4.02
N LEU D 117 -28.65 -21.46 4.55
CA LEU D 117 -29.52 -20.72 3.68
C LEU D 117 -29.22 -19.23 3.87
N THR D 118 -29.19 -18.46 2.78
CA THR D 118 -28.87 -17.06 2.86
C THR D 118 -29.94 -16.18 2.19
N SER D 119 -30.46 -15.22 2.94
CA SER D 119 -31.48 -14.33 2.39
C SER D 119 -31.01 -12.90 2.33
N GLY D 120 -31.50 -12.17 1.32
CA GLY D 120 -31.21 -10.75 1.13
C GLY D 120 -32.50 -10.01 0.89
N SER D 121 -32.58 -8.79 1.44
CA SER D 121 -33.84 -8.09 1.60
C SER D 121 -33.75 -6.61 1.22
N ARG D 122 -34.91 -5.98 1.14
CA ARG D 122 -35.02 -4.55 0.90
C ARG D 122 -34.76 -3.71 2.16
N ASP D 123 -34.77 -4.31 3.36
CA ASP D 123 -33.94 -3.72 4.42
C ASP D 123 -32.57 -3.91 3.82
N HIS D 124 -31.48 -3.47 4.40
CA HIS D 124 -30.28 -3.59 3.53
C HIS D 124 -29.38 -4.79 3.81
N ARG D 125 -30.00 -5.81 4.41
CA ARG D 125 -29.28 -6.88 5.06
C ARG D 125 -29.25 -8.20 4.32
N ILE D 126 -28.20 -8.97 4.56
CA ILE D 126 -28.09 -10.35 4.10
C ILE D 126 -27.90 -11.16 5.35
N LEU D 127 -28.58 -12.31 5.43
CA LEU D 127 -28.54 -13.15 6.62
C LEU D 127 -28.11 -14.57 6.31
N HIS D 128 -27.11 -15.09 7.04
CA HIS D 128 -26.70 -16.48 6.90
C HIS D 128 -27.45 -17.29 7.95
N ARG D 129 -28.08 -18.39 7.54
CA ARG D 129 -28.91 -19.20 8.43
C ARG D 129 -28.51 -20.67 8.43
N ASP D 130 -28.12 -21.19 9.59
CA ASP D 130 -27.85 -22.62 9.72
C ASP D 130 -29.19 -23.35 9.80
N VAL D 131 -29.49 -24.13 8.78
CA VAL D 131 -30.82 -24.66 8.63
C VAL D 131 -31.11 -25.90 9.50
N ARG D 132 -30.06 -26.42 10.14
CA ARG D 132 -30.18 -27.53 11.10
C ARG D 132 -30.32 -26.97 12.49
N MET D 133 -30.02 -25.69 12.64
CA MET D 133 -29.98 -25.04 13.94
C MET D 133 -31.34 -24.45 14.32
N PRO D 134 -31.62 -24.31 15.62
CA PRO D 134 -32.88 -23.64 15.97
C PRO D 134 -32.87 -22.11 15.83
N ASP D 135 -31.71 -21.51 15.59
CA ASP D 135 -31.59 -20.06 15.47
C ASP D 135 -32.03 -19.56 14.12
N PRO D 136 -32.85 -18.50 14.10
CA PRO D 136 -33.32 -17.90 12.85
C PRO D 136 -32.17 -17.56 11.92
N PHE D 137 -30.99 -17.27 12.48
CA PHE D 137 -29.83 -16.90 11.67
C PHE D 137 -28.62 -16.80 12.59
N PHE D 138 -27.43 -17.07 12.06
CA PHE D 138 -26.20 -16.96 12.86
C PHE D 138 -25.27 -15.81 12.43
N GLU D 139 -25.45 -15.25 11.27
CA GLU D 139 -24.60 -14.15 10.86
C GLU D 139 -25.39 -13.13 10.09
N THR D 140 -25.08 -11.87 10.33
CA THR D 140 -25.74 -10.82 9.59
C THR D 140 -24.74 -9.90 8.86
N ILE D 141 -25.08 -9.52 7.62
CA ILE D 141 -24.19 -8.73 6.74
C ILE D 141 -24.88 -7.49 6.18
N GLU D 142 -24.33 -6.31 6.50
CA GLU D 142 -24.90 -5.05 6.03
C GLU D 142 -23.87 -4.33 5.22
N SER D 143 -23.81 -4.65 3.94
CA SER D 143 -22.77 -4.08 3.13
C SER D 143 -23.34 -3.41 1.92
N HIS D 144 -24.65 -3.45 1.78
CA HIS D 144 -25.33 -2.72 0.72
C HIS D 144 -26.07 -1.56 1.33
N THR D 145 -26.32 -0.52 0.56
CA THR D 145 -26.99 0.63 1.09
C THR D 145 -28.36 0.72 0.48
N GLN D 146 -28.72 -0.27 -0.34
CA GLN D 146 -30.07 -0.42 -0.83
C GLN D 146 -30.44 -1.86 -0.90
N GLU D 147 -31.59 -2.14 -1.51
CA GLU D 147 -32.11 -3.51 -1.58
C GLU D 147 -31.10 -4.47 -2.11
N VAL D 148 -30.96 -5.60 -1.45
CA VAL D 148 -30.10 -6.67 -1.98
C VAL D 148 -31.02 -7.47 -2.92
N CYS D 149 -30.64 -7.53 -4.19
CA CYS D 149 -31.48 -8.17 -5.18
C CYS D 149 -30.83 -9.29 -5.95
N GLY D 150 -29.56 -9.54 -5.69
CA GLY D 150 -28.87 -10.73 -6.23
C GLY D 150 -28.01 -11.43 -5.19
N LEU D 151 -28.03 -12.77 -5.24
CA LEU D 151 -27.35 -13.58 -4.23
C LEU D 151 -27.09 -14.97 -4.84
N LYS D 152 -25.82 -15.29 -5.04
CA LYS D 152 -25.45 -16.58 -5.63
C LYS D 152 -24.24 -17.16 -4.91
N TRP D 153 -24.43 -18.35 -4.35
CA TRP D 153 -23.37 -19.16 -3.76
C TRP D 153 -22.63 -19.91 -4.81
N ASN D 154 -21.34 -20.12 -4.60
CA ASN D 154 -20.59 -21.06 -5.44
C ASN D 154 -20.75 -22.50 -4.97
N VAL D 155 -20.43 -22.78 -3.72
CA VAL D 155 -20.49 -24.17 -3.18
C VAL D 155 -19.22 -24.98 -3.48
N ALA D 156 -18.84 -25.12 -4.74
CA ALA D 156 -17.54 -25.74 -5.08
C ALA D 156 -16.38 -24.90 -4.53
N ASP D 157 -16.25 -23.63 -5.00
CA ASP D 157 -15.53 -22.58 -4.29
C ASP D 157 -16.41 -22.33 -3.11
N ASN D 158 -15.84 -21.89 -2.02
CA ASN D 158 -16.71 -21.48 -0.93
C ASN D 158 -16.96 -19.96 -0.98
N LYS D 159 -17.73 -19.51 -1.96
CA LYS D 159 -17.82 -18.07 -2.22
C LYS D 159 -19.25 -17.56 -2.47
N LEU D 160 -19.57 -16.43 -1.84
CA LEU D 160 -20.84 -15.77 -2.12
C LEU D 160 -20.69 -14.51 -2.91
N ALA D 161 -21.60 -14.28 -3.84
CA ALA D 161 -21.71 -12.97 -4.52
C ALA D 161 -23.01 -12.32 -4.11
N SER D 162 -22.95 -11.01 -3.85
CA SER D 162 -24.17 -10.26 -3.63
C SER D 162 -24.22 -9.07 -4.54
N GLY D 163 -25.44 -8.72 -4.94
CA GLY D 163 -25.67 -7.61 -5.87
C GLY D 163 -26.83 -6.79 -5.41
N GLY D 164 -26.62 -5.47 -5.38
CA GLY D 164 -27.60 -4.53 -4.80
C GLY D 164 -28.27 -3.59 -5.78
N ASN D 165 -29.27 -2.88 -5.28
CA ASN D 165 -29.88 -1.80 -6.04
C ASN D 165 -28.99 -0.55 -5.95
N ASP D 166 -27.87 -0.68 -5.22
CA ASP D 166 -26.90 0.40 -5.08
C ASP D 166 -25.81 0.28 -6.15
N ASN D 167 -26.00 -0.70 -7.06
CA ASN D 167 -25.11 -0.90 -8.21
C ASN D 167 -23.80 -1.54 -7.83
N VAL D 168 -23.71 -2.07 -6.61
CA VAL D 168 -22.46 -2.63 -6.11
C VAL D 168 -22.53 -4.14 -6.10
N VAL D 169 -21.42 -4.78 -6.36
CA VAL D 169 -21.32 -6.22 -6.23
C VAL D 169 -20.24 -6.55 -5.18
N HIS D 170 -20.57 -7.44 -4.25
CA HIS D 170 -19.58 -7.90 -3.29
C HIS D 170 -19.34 -9.36 -3.45
N VAL D 171 -18.10 -9.78 -3.13
CA VAL D 171 -17.76 -11.20 -3.05
C VAL D 171 -17.19 -11.52 -1.67
N TYR D 172 -17.72 -12.57 -1.06
CA TYR D 172 -17.35 -12.94 0.29
C TYR D 172 -16.74 -14.32 0.26
N GLU D 173 -15.79 -14.53 1.17
CA GLU D 173 -15.24 -15.87 1.41
C GLU D 173 -16.07 -16.54 2.46
N GLY D 174 -16.82 -17.54 2.02
CA GLY D 174 -17.68 -18.31 2.89
C GLY D 174 -18.63 -17.46 3.66
N THR D 175 -18.73 -17.76 4.94
CA THR D 175 -19.78 -17.21 5.73
C THR D 175 -19.35 -15.90 6.35
N SER D 176 -18.27 -15.35 5.83
CA SER D 176 -17.63 -14.19 6.40
C SER D 176 -18.44 -12.92 6.26
N LYS D 177 -18.36 -12.07 7.29
CA LYS D 177 -19.13 -10.83 7.40
C LYS D 177 -18.67 -9.74 6.46
N SER D 178 -17.36 -9.62 6.23
CA SER D 178 -16.82 -8.60 5.33
C SER D 178 -16.53 -9.19 3.97
N PRO D 179 -16.81 -8.45 2.87
CA PRO D 179 -16.49 -8.99 1.56
C PRO D 179 -14.99 -8.96 1.38
N ILE D 180 -14.48 -9.83 0.52
CA ILE D 180 -13.07 -9.82 0.16
C ILE D 180 -12.84 -8.95 -1.09
N LEU D 181 -13.92 -8.70 -1.81
CA LEU D 181 -13.86 -7.91 -3.02
C LEU D 181 -15.13 -7.09 -3.23
N THR D 182 -14.95 -5.93 -3.82
CA THR D 182 -16.08 -5.09 -4.18
C THR D 182 -15.92 -4.56 -5.60
N PHE D 183 -16.90 -4.84 -6.43
CA PHE D 183 -16.93 -4.28 -7.76
C PHE D 183 -18.06 -3.31 -7.82
N ASP D 184 -17.76 -2.02 -8.02
CA ASP D 184 -18.86 -1.10 -8.17
C ASP D 184 -18.89 -0.34 -9.47
N GLU D 185 -18.37 -0.92 -10.54
CA GLU D 185 -18.41 -0.32 -11.86
C GLU D 185 -19.82 -0.10 -12.41
N HIS D 186 -20.71 -1.05 -12.19
CA HIS D 186 -22.01 -1.01 -12.84
C HIS D 186 -22.72 0.30 -12.47
N LYS D 187 -23.53 0.80 -13.41
CA LYS D 187 -24.24 2.07 -13.28
C LYS D 187 -25.75 1.88 -12.94
N ALA D 188 -26.13 0.68 -12.53
CA ALA D 188 -27.51 0.31 -12.36
C ALA D 188 -27.57 -0.92 -11.49
N ALA D 189 -28.79 -1.35 -11.18
CA ALA D 189 -28.95 -2.47 -10.25
C ALA D 189 -28.24 -3.72 -10.76
N VAL D 190 -27.65 -4.49 -9.86
CA VAL D 190 -27.06 -5.76 -10.28
C VAL D 190 -27.89 -6.92 -9.68
N LYS D 191 -28.81 -7.49 -10.43
CA LYS D 191 -29.59 -8.64 -9.94
C LYS D 191 -29.12 -9.92 -10.61
N ALA D 192 -28.89 -9.85 -11.93
CA ALA D 192 -28.43 -11.02 -12.69
C ALA D 192 -26.90 -11.28 -12.48
N MET D 193 -26.57 -12.38 -11.81
CA MET D 193 -25.17 -12.80 -11.69
C MET D 193 -25.11 -14.32 -11.68
N ALA D 194 -23.97 -14.88 -12.13
CA ALA D 194 -23.78 -16.32 -12.23
C ALA D 194 -22.30 -16.75 -12.10
N TRP D 195 -22.03 -17.84 -11.40
CA TRP D 195 -20.67 -18.36 -11.31
C TRP D 195 -20.41 -19.40 -12.44
N SER D 196 -19.20 -19.43 -13.03
CA SER D 196 -18.92 -20.43 -14.05
C SER D 196 -18.76 -21.74 -13.32
N PRO D 197 -19.50 -22.78 -13.75
CA PRO D 197 -19.26 -24.11 -13.18
C PRO D 197 -18.03 -24.76 -13.77
N HIS D 198 -17.47 -24.18 -14.84
CA HIS D 198 -16.32 -24.78 -15.56
C HIS D 198 -14.96 -24.29 -15.05
N LYS D 199 -14.95 -23.18 -14.32
CA LYS D 199 -13.72 -22.55 -13.95
C LYS D 199 -13.99 -21.81 -12.67
N ARG D 200 -13.34 -22.26 -11.60
CA ARG D 200 -13.56 -21.71 -10.25
C ARG D 200 -13.10 -20.27 -10.15
N GLY D 201 -13.90 -19.48 -9.45
CA GLY D 201 -13.59 -18.07 -9.18
C GLY D 201 -13.90 -17.13 -10.33
N VAL D 202 -14.74 -17.58 -11.25
CA VAL D 202 -15.15 -16.74 -12.36
C VAL D 202 -16.61 -16.31 -12.19
N LEU D 203 -16.87 -15.00 -12.14
CA LEU D 203 -18.26 -14.53 -11.88
C LEU D 203 -18.79 -13.64 -12.97
N ALA D 204 -20.04 -13.86 -13.37
CA ALA D 204 -20.68 -13.03 -14.40
C ALA D 204 -21.64 -12.10 -13.71
N THR D 205 -21.63 -10.82 -14.06
CA THR D 205 -22.61 -9.89 -13.51
C THR D 205 -23.23 -9.02 -14.61
N GLY D 206 -24.53 -8.74 -14.47
CA GLY D 206 -25.26 -7.95 -15.49
C GLY D 206 -26.05 -6.78 -14.92
N GLY D 207 -25.89 -5.61 -15.53
CA GLY D 207 -26.53 -4.39 -15.07
C GLY D 207 -27.93 -4.10 -15.59
N GLY D 208 -28.60 -3.16 -14.92
CA GLY D 208 -29.96 -2.83 -15.28
C GLY D 208 -30.00 -1.67 -16.26
N THR D 209 -31.18 -1.06 -16.37
CA THR D 209 -31.53 -0.19 -17.49
C THR D 209 -30.46 0.82 -17.85
N ALA D 210 -29.96 1.55 -16.87
CA ALA D 210 -28.98 2.59 -17.12
C ALA D 210 -27.56 2.04 -17.39
N ASP D 211 -27.36 0.73 -17.26
CA ASP D 211 -26.03 0.16 -17.42
C ASP D 211 -25.94 -0.85 -18.63
N ARG D 212 -26.71 -1.92 -18.57
CA ARG D 212 -26.87 -2.85 -19.69
C ARG D 212 -25.69 -3.72 -19.97
N ARG D 213 -24.68 -3.63 -19.10
CA ARG D 213 -23.40 -4.29 -19.32
C ARG D 213 -23.32 -5.70 -18.80
N LEU D 214 -22.72 -6.59 -19.59
CA LEU D 214 -22.29 -7.90 -19.09
C LEU D 214 -20.80 -7.90 -18.78
N LYS D 215 -20.47 -8.05 -17.48
CA LYS D 215 -19.07 -8.11 -17.05
C LYS D 215 -18.76 -9.49 -16.51
N ILE D 216 -17.55 -9.95 -16.81
CA ILE D 216 -17.01 -11.23 -16.30
C ILE D 216 -15.76 -10.94 -15.48
N TRP D 217 -15.82 -11.37 -14.24
CA TRP D 217 -14.75 -11.10 -13.29
C TRP D 217 -14.03 -12.37 -12.93
N ASN D 218 -12.70 -12.29 -12.94
CA ASN D 218 -11.89 -13.31 -12.32
C ASN D 218 -11.69 -12.87 -10.93
N VAL D 219 -12.49 -13.43 -10.04
CA VAL D 219 -12.37 -13.21 -8.60
C VAL D 219 -11.01 -13.78 -8.23
N ASN D 220 -10.57 -13.56 -7.01
CA ASN D 220 -9.29 -14.21 -6.57
C ASN D 220 -8.02 -13.98 -7.45
N THR D 221 -8.16 -13.38 -8.64
CA THR D 221 -7.05 -12.61 -9.26
C THR D 221 -7.36 -11.10 -9.37
N SER D 222 -8.63 -10.73 -9.21
CA SER D 222 -9.09 -9.34 -9.27
C SER D 222 -8.95 -8.72 -10.65
N ILE D 223 -9.53 -9.36 -11.65
CA ILE D 223 -9.45 -8.86 -13.01
C ILE D 223 -10.77 -8.95 -13.73
N LYS D 224 -11.18 -7.87 -14.36
CA LYS D 224 -12.36 -7.88 -15.21
C LYS D 224 -11.89 -8.45 -16.53
N MET D 225 -12.30 -9.68 -16.80
CA MET D 225 -11.85 -10.38 -18.01
C MET D 225 -12.64 -9.89 -19.22
N SER D 226 -13.87 -9.47 -18.99
CA SER D 226 -14.73 -9.05 -20.08
C SER D 226 -15.75 -8.01 -19.65
N ASP D 227 -16.23 -7.20 -20.60
CA ASP D 227 -17.18 -6.13 -20.31
C ASP D 227 -17.88 -5.75 -21.59
N ILE D 228 -19.17 -6.06 -21.70
CA ILE D 228 -19.85 -5.93 -23.00
C ILE D 228 -21.20 -5.26 -22.89
N ASP D 229 -21.39 -4.19 -23.64
CA ASP D 229 -22.71 -3.54 -23.72
C ASP D 229 -23.73 -4.49 -24.37
N SER D 230 -24.62 -5.07 -23.58
CA SER D 230 -25.61 -5.98 -24.14
C SER D 230 -26.75 -5.24 -24.79
N GLY D 231 -26.75 -3.90 -24.69
CA GLY D 231 -27.77 -3.05 -25.31
C GLY D 231 -29.19 -3.09 -24.78
N SER D 232 -29.41 -3.73 -23.63
CA SER D 232 -30.71 -3.69 -22.95
C SER D 232 -30.58 -4.07 -21.49
N GLN D 233 -31.57 -3.73 -20.70
CA GLN D 233 -31.56 -4.05 -19.28
C GLN D 233 -31.37 -5.57 -19.04
N ILE D 234 -30.33 -5.95 -18.28
CA ILE D 234 -30.15 -7.35 -17.92
C ILE D 234 -30.94 -7.69 -16.62
N CYS D 235 -31.85 -8.65 -16.72
CA CYS D 235 -32.77 -8.95 -15.64
C CYS D 235 -32.52 -10.32 -15.02
N ASN D 236 -31.90 -11.22 -15.76
CA ASN D 236 -31.58 -12.54 -15.23
C ASN D 236 -30.50 -13.24 -16.04
N MET D 237 -30.01 -14.37 -15.52
CA MET D 237 -28.77 -14.96 -15.99
C MET D 237 -28.62 -16.42 -15.59
N VAL D 238 -27.93 -17.21 -16.41
CA VAL D 238 -27.71 -18.63 -16.15
C VAL D 238 -26.48 -19.12 -16.95
N TRP D 239 -25.48 -19.71 -16.29
CA TRP D 239 -24.29 -20.29 -16.98
C TRP D 239 -24.56 -21.74 -17.41
N SER D 240 -24.38 -22.06 -18.69
CA SER D 240 -24.61 -23.44 -19.17
C SER D 240 -23.74 -24.41 -18.36
N LYS D 241 -24.34 -25.54 -17.97
CA LYS D 241 -23.61 -26.64 -17.35
C LYS D 241 -22.90 -27.48 -18.39
N ASN D 242 -23.56 -27.73 -19.51
CA ASN D 242 -23.06 -28.65 -20.51
C ASN D 242 -22.11 -28.02 -21.52
N THR D 243 -22.00 -26.70 -21.49
CA THR D 243 -21.18 -25.97 -22.43
C THR D 243 -20.73 -24.66 -21.80
N ASN D 244 -19.62 -24.10 -22.27
CA ASN D 244 -19.08 -22.86 -21.73
C ASN D 244 -19.81 -21.67 -22.35
N GLU D 245 -21.09 -21.54 -22.03
CA GLU D 245 -21.95 -20.53 -22.62
C GLU D 245 -22.81 -19.88 -21.54
N LEU D 246 -23.21 -18.64 -21.79
CA LEU D 246 -23.99 -17.89 -20.84
C LEU D 246 -25.30 -17.44 -21.49
N VAL D 247 -26.39 -17.51 -20.73
CA VAL D 247 -27.70 -16.98 -21.16
C VAL D 247 -28.11 -15.82 -20.29
N THR D 248 -28.34 -14.68 -20.91
CA THR D 248 -28.84 -13.50 -20.23
C THR D 248 -30.30 -13.23 -20.64
N SER D 249 -31.13 -12.76 -19.73
CA SER D 249 -32.52 -12.44 -20.12
C SER D 249 -32.81 -10.93 -19.98
N HIS D 250 -33.58 -10.36 -20.87
CA HIS D 250 -33.55 -8.91 -21.01
C HIS D 250 -34.87 -8.17 -20.77
N GLY D 251 -34.72 -6.95 -20.26
CA GLY D 251 -35.83 -6.07 -19.99
C GLY D 251 -35.83 -4.95 -21.01
N TYR D 252 -35.95 -3.72 -20.54
CA TYR D 252 -36.03 -2.56 -21.44
C TYR D 252 -34.77 -2.46 -22.31
N SER D 253 -34.90 -2.32 -23.63
CA SER D 253 -36.17 -2.36 -24.34
C SER D 253 -36.15 -3.49 -25.37
N LYS D 254 -35.58 -4.64 -24.98
CA LYS D 254 -35.50 -5.83 -25.84
C LYS D 254 -35.82 -7.09 -25.03
N TYR D 255 -37.09 -7.53 -25.06
CA TYR D 255 -37.54 -8.68 -24.27
C TYR D 255 -37.10 -10.03 -24.84
N ASN D 256 -35.78 -10.22 -24.88
CA ASN D 256 -35.16 -11.45 -25.40
C ASN D 256 -34.35 -12.23 -24.37
N LEU D 257 -34.02 -13.48 -24.71
CA LEU D 257 -32.87 -14.13 -24.10
C LEU D 257 -31.72 -14.06 -25.11
N THR D 258 -30.53 -13.74 -24.63
CA THR D 258 -29.39 -13.88 -25.52
C THR D 258 -28.41 -14.93 -25.02
N LEU D 259 -27.93 -15.75 -25.95
CA LEU D 259 -27.01 -16.88 -25.70
C LEU D 259 -25.59 -16.49 -26.12
N TRP D 260 -24.68 -16.48 -25.13
CA TRP D 260 -23.31 -16.00 -25.32
C TRP D 260 -22.29 -17.12 -25.44
N ASP D 261 -21.28 -16.90 -26.28
CA ASP D 261 -20.21 -17.87 -26.41
C ASP D 261 -19.19 -17.99 -25.25
N CYS D 262 -18.78 -16.89 -24.63
CA CYS D 262 -17.79 -16.93 -23.55
C CYS D 262 -16.33 -16.99 -24.02
N ASN D 263 -15.98 -17.90 -24.92
CA ASN D 263 -14.61 -17.90 -25.42
C ASN D 263 -14.33 -16.60 -26.17
N SER D 264 -15.09 -16.35 -27.23
CA SER D 264 -15.26 -15.01 -27.74
C SER D 264 -16.46 -14.54 -26.98
N MET D 265 -16.54 -13.27 -26.67
CA MET D 265 -17.70 -12.92 -25.88
C MET D 265 -18.82 -12.46 -26.81
N ASP D 266 -19.14 -13.32 -27.76
CA ASP D 266 -20.07 -13.00 -28.84
C ASP D 266 -21.42 -13.67 -28.66
N PRO D 267 -22.52 -12.94 -28.99
CA PRO D 267 -23.84 -13.58 -29.01
C PRO D 267 -23.91 -14.65 -30.09
N ILE D 268 -24.37 -15.83 -29.69
CA ILE D 268 -24.55 -16.96 -30.58
C ILE D 268 -25.96 -16.85 -31.15
N ALA D 269 -26.94 -16.52 -30.29
CA ALA D 269 -28.34 -16.48 -30.70
C ALA D 269 -29.15 -15.52 -29.84
N ILE D 270 -30.24 -15.01 -30.41
CA ILE D 270 -31.15 -14.13 -29.68
C ILE D 270 -32.55 -14.75 -29.72
N LEU D 271 -33.16 -14.98 -28.57
CA LEU D 271 -34.44 -15.71 -28.53
C LEU D 271 -35.61 -14.79 -28.21
N LYS D 272 -36.59 -14.77 -29.10
CA LYS D 272 -37.65 -13.77 -29.04
C LYS D 272 -39.03 -14.37 -28.82
N GLY D 273 -39.96 -13.54 -28.39
CA GLY D 273 -41.30 -14.03 -28.13
C GLY D 273 -41.97 -13.31 -26.98
N HIS D 274 -41.32 -13.23 -25.83
CA HIS D 274 -41.92 -12.55 -24.66
C HIS D 274 -42.35 -11.11 -24.96
N SER D 275 -43.51 -10.72 -24.42
CA SER D 275 -44.01 -9.36 -24.62
C SER D 275 -43.95 -8.51 -23.35
N PHE D 276 -43.33 -9.08 -22.32
CA PHE D 276 -42.91 -8.37 -21.11
C PHE D 276 -41.43 -8.72 -20.87
N ARG D 277 -40.79 -7.95 -20.00
CA ARG D 277 -39.38 -8.16 -19.74
C ARG D 277 -39.17 -9.59 -19.26
N VAL D 278 -38.12 -10.23 -19.74
CA VAL D 278 -37.84 -11.60 -19.32
C VAL D 278 -37.11 -11.62 -17.99
N LEU D 279 -37.91 -11.64 -16.93
CA LEU D 279 -37.43 -11.42 -15.57
C LEU D 279 -37.03 -12.70 -14.86
N HIS D 280 -37.68 -13.80 -15.24
CA HIS D 280 -37.57 -15.06 -14.53
C HIS D 280 -36.88 -16.08 -15.44
N LEU D 281 -35.91 -16.80 -14.86
CA LEU D 281 -35.02 -17.66 -15.65
C LEU D 281 -34.45 -18.80 -14.80
N THR D 282 -34.18 -19.96 -15.41
CA THR D 282 -33.63 -21.10 -14.70
C THR D 282 -33.23 -22.18 -15.68
N LEU D 283 -32.20 -22.96 -15.30
CA LEU D 283 -31.62 -24.01 -16.12
C LEU D 283 -32.04 -25.39 -15.64
N SER D 284 -32.45 -26.26 -16.58
CA SER D 284 -32.92 -27.62 -16.28
C SER D 284 -31.80 -28.46 -15.67
N ASN D 285 -32.16 -29.43 -14.87
CA ASN D 285 -31.16 -30.19 -14.15
C ASN D 285 -30.19 -30.93 -15.10
N ASP D 286 -30.67 -31.47 -16.22
CA ASP D 286 -29.78 -32.14 -17.20
C ASP D 286 -29.03 -31.13 -18.09
N GLY D 287 -29.25 -29.85 -17.85
CA GLY D 287 -28.51 -28.79 -18.54
C GLY D 287 -28.90 -28.50 -19.98
N THR D 288 -29.93 -29.20 -20.48
CA THR D 288 -30.40 -29.07 -21.86
C THR D 288 -31.34 -27.91 -22.12
N THR D 289 -32.09 -27.53 -21.09
CA THR D 289 -33.23 -26.64 -21.26
C THR D 289 -33.15 -25.40 -20.35
N VAL D 290 -33.52 -24.26 -20.92
CA VAL D 290 -33.65 -23.04 -20.13
C VAL D 290 -35.14 -22.63 -20.14
N VAL D 291 -35.71 -22.41 -18.95
CA VAL D 291 -37.09 -21.93 -18.87
C VAL D 291 -37.08 -20.45 -18.57
N SER D 292 -37.87 -19.69 -19.35
CA SER D 292 -38.00 -18.26 -19.12
C SER D 292 -39.44 -17.89 -18.80
N GLY D 293 -39.59 -16.83 -18.00
CA GLY D 293 -40.88 -16.34 -17.53
C GLY D 293 -40.96 -14.83 -17.55
N ALA D 294 -42.16 -14.32 -17.77
CA ALA D 294 -42.41 -12.89 -17.82
C ALA D 294 -43.82 -12.56 -17.41
N GLY D 295 -44.03 -11.29 -17.12
CA GLY D 295 -45.34 -10.75 -16.80
C GLY D 295 -46.36 -10.91 -17.89
N ASP D 296 -45.92 -11.41 -19.04
CA ASP D 296 -46.86 -11.82 -20.08
C ASP D 296 -47.49 -13.17 -19.71
N GLU D 297 -47.25 -13.62 -18.49
CA GLU D 297 -47.87 -14.82 -17.91
C GLU D 297 -47.62 -16.11 -18.71
N THR D 298 -46.43 -16.23 -19.27
CA THR D 298 -46.01 -17.47 -19.93
C THR D 298 -44.65 -17.92 -19.39
N LEU D 299 -44.47 -19.23 -19.37
CA LEU D 299 -43.20 -19.87 -19.10
C LEU D 299 -42.82 -20.55 -20.40
N ARG D 300 -41.60 -20.29 -20.87
CA ARG D 300 -41.16 -20.86 -22.15
C ARG D 300 -39.92 -21.74 -22.01
N TYR D 301 -40.03 -22.95 -22.56
CA TYR D 301 -38.97 -23.95 -22.52
C TYR D 301 -38.13 -23.91 -23.79
N TRP D 302 -36.87 -23.52 -23.64
CA TRP D 302 -35.94 -23.42 -24.75
C TRP D 302 -34.89 -24.53 -24.71
N LYS D 303 -34.96 -25.45 -25.68
CA LYS D 303 -33.94 -26.50 -25.84
C LYS D 303 -32.70 -25.87 -26.43
N LEU D 304 -31.67 -25.67 -25.62
CA LEU D 304 -30.49 -24.90 -25.99
C LEU D 304 -29.19 -25.69 -25.98
N PHE D 305 -29.14 -26.78 -25.21
CA PHE D 305 -27.89 -27.54 -25.09
C PHE D 305 -28.06 -29.06 -25.27
N ASP D 306 -26.95 -29.76 -25.46
CA ASP D 306 -26.95 -31.23 -25.58
C ASP D 306 -26.60 -31.97 -24.29
N LYS D 307 -26.81 -33.29 -24.27
CA LYS D 307 -26.17 -34.15 -23.27
C LYS D 307 -24.69 -33.76 -23.10
N PRO D 308 -24.05 -34.18 -22.00
CA PRO D 308 -22.58 -34.23 -22.05
C PRO D 308 -22.06 -35.56 -22.62
N GLN E 6 70.36 -13.59 0.96
CA GLN E 6 69.17 -14.46 0.67
C GLN E 6 68.31 -14.74 1.94
N ILE E 7 67.46 -13.78 2.31
CA ILE E 7 66.66 -13.81 3.58
C ILE E 7 65.88 -15.10 3.84
N ALA E 8 66.01 -15.63 5.06
CA ALA E 8 65.24 -16.79 5.53
C ALA E 8 63.77 -16.45 5.68
N LYS E 9 62.90 -17.37 5.25
CA LYS E 9 61.42 -17.16 5.22
C LYS E 9 60.69 -17.70 6.48
N VAL E 10 61.45 -18.20 7.45
CA VAL E 10 60.92 -18.83 8.66
C VAL E 10 61.65 -18.29 9.90
N PRO E 11 60.91 -18.05 11.00
CA PRO E 11 61.63 -17.53 12.16
C PRO E 11 62.52 -18.56 12.79
N TYR E 12 63.61 -18.12 13.42
CA TYR E 12 64.50 -19.10 14.07
C TYR E 12 64.15 -19.40 15.52
N ARG E 13 63.32 -18.56 16.11
CA ARG E 13 62.75 -18.81 17.42
C ARG E 13 61.34 -18.27 17.54
N VAL E 14 60.50 -19.01 18.26
CA VAL E 14 59.12 -18.61 18.49
C VAL E 14 58.87 -18.78 20.00
N LEU E 15 58.46 -17.71 20.66
CA LEU E 15 58.15 -17.74 22.10
C LEU E 15 56.67 -17.57 22.34
N ASP E 16 56.16 -18.27 23.34
CA ASP E 16 54.76 -18.18 23.71
C ASP E 16 54.55 -16.88 24.43
N ALA E 17 53.60 -16.10 23.94
CA ALA E 17 53.34 -14.79 24.54
C ALA E 17 51.85 -14.62 24.94
N PRO E 18 51.41 -15.35 25.99
CA PRO E 18 49.98 -15.36 26.28
C PRO E 18 49.51 -14.01 26.76
N SER E 19 48.32 -13.61 26.30
CA SER E 19 47.70 -12.31 26.64
C SER E 19 48.30 -11.07 25.99
N LEU E 20 49.16 -11.24 24.98
CA LEU E 20 49.75 -10.10 24.27
C LEU E 20 48.62 -9.35 23.55
N ALA E 21 48.50 -8.05 23.84
CA ALA E 21 47.37 -7.25 23.32
C ALA E 21 47.21 -7.27 21.79
N ASP E 22 45.96 -7.27 21.35
CA ASP E 22 45.66 -7.13 19.94
C ASP E 22 45.01 -5.77 19.79
N ASP E 23 45.75 -4.73 20.19
CA ASP E 23 45.23 -3.39 20.07
C ASP E 23 46.22 -2.61 19.22
N PHE E 24 45.77 -2.16 18.05
CA PHE E 24 46.60 -1.38 17.12
C PHE E 24 47.55 -0.38 17.80
N TYR E 25 47.01 0.31 18.81
CA TYR E 25 47.69 1.46 19.37
C TYR E 25 48.82 1.12 20.34
N TYR E 26 48.91 -0.14 20.75
CA TYR E 26 50.02 -0.57 21.62
C TYR E 26 51.23 -1.12 20.84
N SER E 27 52.41 -1.03 21.42
CA SER E 27 53.62 -1.60 20.86
C SER E 27 54.48 -2.07 22.05
N LEU E 28 54.37 -3.36 22.40
CA LEU E 28 54.66 -3.82 23.76
C LEU E 28 55.82 -4.78 23.83
N ILE E 29 56.92 -4.42 23.20
CA ILE E 29 58.02 -5.36 22.96
C ILE E 29 59.27 -4.51 22.68
N ASP E 30 60.32 -4.65 23.47
CA ASP E 30 61.45 -3.77 23.29
C ASP E 30 62.73 -4.46 23.65
N TRP E 31 63.71 -4.39 22.76
CA TRP E 31 64.99 -5.09 22.92
C TRP E 31 66.04 -4.10 23.38
N SER E 32 66.59 -4.30 24.57
CA SER E 32 67.47 -3.30 25.18
C SER E 32 68.87 -3.24 24.56
N SER E 33 69.58 -2.16 24.84
CA SER E 33 71.02 -2.07 24.54
C SER E 33 71.84 -3.05 25.36
N THR E 34 71.24 -3.61 26.41
CA THR E 34 71.86 -4.70 27.19
C THR E 34 71.30 -6.07 26.79
N ASP E 35 70.72 -6.17 25.59
CA ASP E 35 70.22 -7.45 25.04
C ASP E 35 69.12 -8.14 25.86
N VAL E 36 68.32 -7.35 26.59
CA VAL E 36 67.21 -7.91 27.35
C VAL E 36 65.93 -7.51 26.61
N LEU E 37 65.10 -8.51 26.30
CA LEU E 37 63.81 -8.24 25.67
C LEU E 37 62.76 -8.00 26.74
N ALA E 38 62.10 -6.85 26.69
CA ALA E 38 60.98 -6.58 27.60
C ALA E 38 59.62 -6.71 26.87
N VAL E 39 58.71 -7.48 27.47
CA VAL E 39 57.37 -7.65 26.89
C VAL E 39 56.22 -7.51 27.89
N ALA E 40 55.19 -6.78 27.46
CA ALA E 40 54.02 -6.51 28.28
C ALA E 40 52.92 -7.48 27.86
N LEU E 41 52.54 -8.34 28.80
CA LEU E 41 51.48 -9.31 28.57
C LEU E 41 50.33 -9.06 29.53
N GLY E 42 49.28 -8.41 29.02
CA GLY E 42 48.14 -8.01 29.82
C GLY E 42 48.54 -7.14 31.01
N LYS E 43 48.51 -7.72 32.20
CA LYS E 43 48.73 -6.98 33.43
C LYS E 43 50.15 -7.16 33.99
N SER E 44 51.02 -7.77 33.18
CA SER E 44 52.33 -8.18 33.65
C SER E 44 53.43 -7.80 32.69
N ILE E 45 54.63 -7.62 33.23
CA ILE E 45 55.81 -7.42 32.39
C ILE E 45 56.87 -8.51 32.63
N PHE E 46 57.35 -9.11 31.52
CA PHE E 46 58.35 -10.14 31.57
C PHE E 46 59.60 -9.70 30.82
N LEU E 47 60.76 -10.16 31.30
CA LEU E 47 62.04 -9.90 30.65
C LEU E 47 62.68 -11.22 30.30
N THR E 48 63.33 -11.30 29.13
CA THR E 48 64.23 -12.41 28.80
C THR E 48 65.60 -11.84 28.54
N ASP E 49 66.61 -12.46 29.14
CA ASP E 49 67.99 -12.24 28.77
C ASP E 49 68.24 -13.04 27.46
N ASN E 50 68.69 -12.37 26.42
CA ASN E 50 68.99 -13.09 25.19
C ASN E 50 70.17 -14.04 25.32
N ASN E 51 71.08 -13.69 26.22
CA ASN E 51 72.29 -14.46 26.46
C ASN E 51 72.10 -15.65 27.38
N THR E 52 71.19 -15.55 28.33
CA THR E 52 70.94 -16.62 29.29
C THR E 52 69.74 -17.47 28.95
N GLY E 53 68.71 -16.89 28.35
CA GLY E 53 67.44 -17.61 28.18
C GLY E 53 66.63 -17.47 29.45
N ASP E 54 67.19 -16.74 30.41
CA ASP E 54 66.57 -16.44 31.69
C ASP E 54 65.30 -15.59 31.54
N VAL E 55 64.25 -15.93 32.28
CA VAL E 55 63.00 -15.12 32.26
C VAL E 55 62.71 -14.49 33.63
N VAL E 56 62.62 -13.17 33.67
CA VAL E 56 62.31 -12.45 34.90
C VAL E 56 60.91 -11.83 34.80
N HIS E 57 60.13 -11.95 35.87
CA HIS E 57 58.78 -11.45 35.95
C HIS E 57 58.81 -10.27 36.88
N LEU E 58 58.97 -9.05 36.36
CA LEU E 58 58.83 -7.88 37.26
C LEU E 58 57.46 -7.23 37.12
N CYS E 59 56.98 -6.59 38.17
CA CYS E 59 55.74 -5.80 38.16
C CYS E 59 54.43 -6.39 37.61
N ASP E 60 53.36 -6.21 38.36
CA ASP E 60 52.00 -6.40 37.90
C ASP E 60 51.24 -5.11 38.10
N THR E 61 50.02 -5.08 37.58
CA THR E 61 49.18 -3.92 37.78
C THR E 61 47.75 -4.44 37.80
N GLU E 62 46.88 -3.77 38.57
CA GLU E 62 45.44 -4.05 38.55
C GLU E 62 44.82 -3.50 37.27
N ASN E 63 45.54 -2.55 36.68
CA ASN E 63 45.14 -1.85 35.48
C ASN E 63 45.43 -2.66 34.22
N GLU E 64 46.24 -2.07 33.32
CA GLU E 64 46.68 -2.71 32.08
C GLU E 64 47.91 -1.98 31.58
N TYR E 65 48.98 -2.71 31.26
CA TYR E 65 50.19 -2.09 30.73
C TYR E 65 49.97 -1.78 29.28
N THR E 66 50.52 -0.66 28.85
CA THR E 66 50.03 0.04 27.67
C THR E 66 51.18 0.56 26.78
N SER E 67 52.33 0.78 27.38
CA SER E 67 53.55 1.06 26.64
C SER E 67 54.77 0.68 27.46
N LEU E 68 55.90 0.53 26.79
CA LEU E 68 57.21 0.41 27.48
C LEU E 68 58.36 0.90 26.61
N SER E 69 59.41 1.37 27.24
CA SER E 69 60.58 1.77 26.47
C SER E 69 61.81 1.69 27.35
N TRP E 70 62.85 1.01 26.87
CA TRP E 70 64.10 0.91 27.61
C TRP E 70 64.83 2.23 27.59
N ILE E 71 65.47 2.57 28.70
CA ILE E 71 66.36 3.73 28.73
C ILE E 71 67.50 3.50 27.74
N GLY E 72 68.17 4.57 27.35
CA GLY E 72 69.32 4.45 26.45
C GLY E 72 70.28 3.33 26.84
N ALA E 73 70.81 3.42 28.07
CA ALA E 73 71.80 2.46 28.61
C ALA E 73 71.26 1.05 28.89
N GLY E 74 69.94 0.87 28.84
CA GLY E 74 69.31 -0.43 29.08
C GLY E 74 69.18 -0.85 30.53
N SER E 75 69.50 0.06 31.45
CA SER E 75 69.47 -0.20 32.89
C SER E 75 68.08 -0.05 33.51
N HIS E 76 67.23 0.77 32.89
CA HIS E 76 65.92 1.07 33.42
C HIS E 76 64.85 0.93 32.35
N LEU E 77 63.67 0.46 32.75
CA LEU E 77 62.54 0.34 31.85
C LEU E 77 61.40 1.28 32.23
N ALA E 78 60.91 2.03 31.24
CA ALA E 78 59.81 2.95 31.45
C ALA E 78 58.55 2.25 31.08
N VAL E 79 57.52 2.42 31.90
CA VAL E 79 56.27 1.70 31.73
C VAL E 79 55.03 2.58 31.90
N GLY E 80 54.12 2.56 30.92
CA GLY E 80 52.87 3.31 31.00
C GLY E 80 51.67 2.43 31.20
N GLN E 81 50.60 2.98 31.77
CA GLN E 81 49.35 2.23 31.99
C GLN E 81 48.10 2.86 31.40
N ALA E 82 47.02 2.10 31.36
CA ALA E 82 45.75 2.57 30.80
C ALA E 82 45.17 3.77 31.56
N ASN E 83 45.50 3.91 32.84
CA ASN E 83 45.04 5.04 33.62
C ASN E 83 45.96 6.27 33.60
N GLY E 84 46.94 6.27 32.70
CA GLY E 84 47.77 7.45 32.46
C GLY E 84 49.06 7.45 33.23
N LEU E 85 49.19 6.50 34.16
CA LEU E 85 50.35 6.47 35.05
C LEU E 85 51.59 6.02 34.30
N VAL E 86 52.71 6.69 34.52
CA VAL E 86 53.98 6.21 33.98
C VAL E 86 54.94 5.91 35.12
N GLU E 87 55.58 4.75 35.07
CA GLU E 87 56.58 4.40 36.08
C GLU E 87 57.89 3.92 35.46
N ILE E 88 58.98 4.10 36.23
CA ILE E 88 60.31 3.65 35.81
C ILE E 88 60.84 2.56 36.74
N TYR E 89 61.35 1.48 36.14
CA TYR E 89 61.88 0.32 36.87
C TYR E 89 63.39 0.18 36.75
N ASP E 90 64.04 0.03 37.91
CA ASP E 90 65.45 -0.41 37.96
C ASP E 90 65.40 -1.91 37.74
N VAL E 91 65.99 -2.33 36.65
CA VAL E 91 65.86 -3.69 36.19
C VAL E 91 66.74 -4.64 37.01
N MET E 92 67.91 -4.15 37.39
CA MET E 92 68.82 -4.95 38.20
C MET E 92 68.25 -5.11 39.60
N LYS E 93 67.72 -4.02 40.14
CA LYS E 93 67.11 -4.01 41.48
C LYS E 93 65.73 -4.66 41.47
N ARG E 94 65.08 -4.72 40.30
CA ARG E 94 63.68 -5.18 40.13
C ARG E 94 62.66 -4.39 40.98
N LYS E 95 62.92 -3.11 41.18
CA LYS E 95 62.10 -2.23 42.02
C LYS E 95 61.60 -1.06 41.18
N CYS E 96 60.47 -0.48 41.56
CA CYS E 96 59.96 0.68 40.86
C CYS E 96 60.63 1.94 41.40
N ILE E 97 61.53 2.49 40.59
CA ILE E 97 62.34 3.66 40.93
C ILE E 97 61.52 4.96 41.08
N ARG E 98 60.53 5.17 40.22
CA ARG E 98 59.62 6.29 40.43
C ARG E 98 58.30 6.22 39.66
N THR E 99 57.37 7.05 40.11
CA THR E 99 55.98 7.01 39.69
C THR E 99 55.61 8.39 39.15
N LEU E 100 55.39 8.49 37.84
CA LEU E 100 55.12 9.78 37.20
C LEU E 100 53.66 10.00 36.82
N SER E 101 53.06 11.07 37.33
CA SER E 101 51.72 11.47 36.93
C SER E 101 51.79 12.52 35.83
N GLY E 102 50.63 13.09 35.48
CA GLY E 102 50.52 14.08 34.42
C GLY E 102 49.43 13.74 33.44
N HIS E 103 49.33 12.47 33.07
CA HIS E 103 48.31 12.05 32.11
C HIS E 103 47.05 11.60 32.79
N ILE E 104 45.93 11.86 32.12
CA ILE E 104 44.63 11.58 32.69
C ILE E 104 43.93 10.44 31.95
N ASP E 105 44.65 9.82 31.01
CA ASP E 105 44.15 8.73 30.14
C ASP E 105 45.35 7.95 29.59
N ARG E 106 45.10 6.76 29.05
CA ARG E 106 46.17 5.80 28.79
C ARG E 106 47.38 6.37 28.07
N VAL E 107 48.54 5.80 28.39
CA VAL E 107 49.78 6.23 27.77
C VAL E 107 50.18 5.15 26.79
N ALA E 108 49.95 5.41 25.51
CA ALA E 108 50.18 4.39 24.50
C ALA E 108 51.59 4.38 23.95
N CYS E 109 52.35 5.45 24.16
CA CYS E 109 53.71 5.56 23.60
C CYS E 109 54.72 6.34 24.46
N LEU E 110 55.99 5.95 24.40
CA LEU E 110 57.08 6.51 25.20
C LEU E 110 58.39 6.54 24.40
N SER E 111 59.28 7.48 24.72
CA SER E 111 60.52 7.62 23.98
C SER E 111 61.55 8.38 24.78
N TRP E 112 62.79 7.88 24.78
CA TRP E 112 63.85 8.46 25.61
C TRP E 112 64.77 9.31 24.77
N ASN E 113 65.28 10.38 25.35
CA ASN E 113 66.40 11.13 24.79
C ASN E 113 67.30 11.40 25.96
N ASN E 114 68.26 10.50 26.21
CA ASN E 114 69.08 10.50 27.43
C ASN E 114 68.21 10.61 28.69
N HIS E 115 68.35 11.73 29.42
CA HIS E 115 67.67 11.93 30.71
C HIS E 115 66.24 12.39 30.57
N VAL E 116 65.83 12.64 29.33
CA VAL E 116 64.46 13.03 29.06
C VAL E 116 63.62 11.82 28.68
N LEU E 117 62.54 11.62 29.44
CA LEU E 117 61.52 10.65 29.07
C LEU E 117 60.31 11.41 28.56
N THR E 118 59.72 10.91 27.48
CA THR E 118 58.61 11.59 26.83
C THR E 118 57.44 10.65 26.68
N SER E 119 56.29 11.06 27.19
CA SER E 119 55.09 10.22 27.12
C SER E 119 53.99 10.87 26.28
N GLY E 120 53.24 10.03 25.56
CA GLY E 120 52.11 10.46 24.73
C GLY E 120 50.88 9.70 25.14
N SER E 121 49.73 10.35 25.13
CA SER E 121 48.54 9.76 25.75
C SER E 121 47.28 9.92 24.94
N ARG E 122 46.21 9.26 25.36
CA ARG E 122 44.90 9.35 24.76
C ARG E 122 44.14 10.62 25.22
N ASP E 123 44.56 11.26 26.32
CA ASP E 123 44.32 12.73 26.44
C ASP E 123 45.10 13.25 25.24
N HIS E 124 45.16 14.51 24.91
CA HIS E 124 45.83 14.69 23.64
C HIS E 124 47.29 15.15 23.74
N ARG E 125 47.89 14.84 24.89
CA ARG E 125 49.09 15.53 25.29
C ARG E 125 50.33 14.69 25.15
N ILE E 126 51.45 15.37 25.00
CA ILE E 126 52.79 14.80 25.08
C ILE E 126 53.52 15.52 26.22
N LEU E 127 54.22 14.76 27.07
CA LEU E 127 54.96 15.34 28.23
C LEU E 127 56.45 15.02 28.23
N HIS E 128 57.27 16.06 28.29
CA HIS E 128 58.70 15.90 28.45
C HIS E 128 59.06 15.86 29.94
N ARG E 129 59.81 14.83 30.34
CA ARG E 129 60.10 14.62 31.76
C ARG E 129 61.61 14.50 32.02
N ASP E 130 62.12 15.37 32.88
CA ASP E 130 63.53 15.29 33.32
C ASP E 130 63.64 14.25 34.42
N VAL E 131 64.32 13.16 34.08
CA VAL E 131 64.21 11.95 34.86
C VAL E 131 65.11 11.98 36.11
N ARG E 132 65.98 12.98 36.16
CA ARG E 132 66.84 13.27 37.31
C ARG E 132 66.17 14.25 38.24
N MET E 133 65.15 14.94 37.73
CA MET E 133 64.44 15.94 38.49
C MET E 133 63.28 15.35 39.31
N PRO E 134 62.96 15.98 40.45
CA PRO E 134 61.78 15.53 41.22
C PRO E 134 60.41 15.85 40.59
N ASP E 135 60.41 16.66 39.52
CA ASP E 135 59.17 17.07 38.87
C ASP E 135 58.63 15.97 37.97
N PRO E 136 57.32 15.69 38.08
CA PRO E 136 56.69 14.73 37.19
C PRO E 136 56.94 15.03 35.73
N PHE E 137 57.13 16.30 35.38
CA PHE E 137 57.34 16.72 33.99
C PHE E 137 57.66 18.22 33.94
N PHE E 138 58.42 18.62 32.92
CA PHE E 138 58.80 20.02 32.80
C PHE E 138 58.15 20.72 31.63
N GLU E 139 57.82 19.97 30.60
CA GLU E 139 57.20 20.59 29.44
C GLU E 139 55.98 19.82 28.99
N THR E 140 54.97 20.56 28.56
CA THR E 140 53.73 19.95 28.06
C THR E 140 53.39 20.42 26.63
N ILE E 141 53.04 19.47 25.76
CA ILE E 141 52.77 19.72 24.33
C ILE E 141 51.40 19.21 23.95
N GLU E 142 50.55 20.13 23.50
CA GLU E 142 49.23 19.75 22.98
C GLU E 142 49.09 20.14 21.53
N SER E 143 49.52 19.27 20.62
CA SER E 143 49.52 19.61 19.22
C SER E 143 48.77 18.57 18.38
N HIS E 144 48.25 17.55 19.05
CA HIS E 144 47.36 16.60 18.39
C HIS E 144 45.95 16.82 18.89
N THR E 145 44.98 16.46 18.06
CA THR E 145 43.58 16.61 18.45
C THR E 145 42.94 15.28 18.80
N GLN E 146 43.74 14.22 18.76
CA GLN E 146 43.36 12.89 19.24
C GLN E 146 44.53 12.17 19.87
N GLU E 147 44.35 10.88 20.13
CA GLU E 147 45.38 10.11 20.83
C GLU E 147 46.70 10.21 20.14
N VAL E 148 47.74 10.54 20.92
CA VAL E 148 49.11 10.42 20.46
C VAL E 148 49.49 8.94 20.57
N CYS E 149 49.85 8.35 19.43
CA CYS E 149 50.16 6.91 19.32
C CYS E 149 51.53 6.57 18.73
N GLY E 150 52.32 7.59 18.41
CA GLY E 150 53.67 7.37 17.92
C GLY E 150 54.56 8.46 18.45
N LEU E 151 55.78 8.08 18.84
CA LEU E 151 56.72 8.97 19.53
C LEU E 151 58.12 8.40 19.40
N LYS E 152 58.95 9.03 18.57
CA LYS E 152 60.31 8.57 18.36
C LYS E 152 61.28 9.72 18.40
N TRP E 153 62.24 9.62 19.33
CA TRP E 153 63.34 10.57 19.46
C TRP E 153 64.45 10.20 18.48
N ASN E 154 65.24 11.20 18.04
CA ASN E 154 66.44 10.93 17.25
C ASN E 154 67.66 10.72 18.14
N VAL E 155 67.85 11.61 19.10
CA VAL E 155 69.04 11.58 19.98
C VAL E 155 70.29 12.09 19.24
N ALA E 156 70.66 11.48 18.11
CA ALA E 156 71.80 11.98 17.29
C ALA E 156 71.54 13.39 16.73
N ASP E 157 70.51 13.53 15.89
CA ASP E 157 69.83 14.81 15.72
C ASP E 157 69.14 15.06 17.05
N ASN E 158 68.87 16.31 17.40
CA ASN E 158 68.06 16.52 18.58
C ASN E 158 66.63 16.74 18.16
N LYS E 159 65.98 15.68 17.68
CA LYS E 159 64.64 15.82 17.10
C LYS E 159 63.63 14.75 17.53
N LEU E 160 62.40 15.19 17.79
CA LEU E 160 61.32 14.28 18.14
C LEU E 160 60.29 14.27 17.04
N ALA E 161 59.77 13.09 16.73
CA ALA E 161 58.59 12.96 15.86
C ALA E 161 57.38 12.46 16.66
N SER E 162 56.23 13.08 16.41
CA SER E 162 55.01 12.57 17.01
C SER E 162 53.94 12.22 15.97
N GLY E 163 53.17 11.19 16.26
CA GLY E 163 52.14 10.78 15.34
C GLY E 163 50.86 10.54 16.10
N GLY E 164 49.74 11.03 15.56
CA GLY E 164 48.50 10.86 16.26
C GLY E 164 47.42 10.08 15.51
N ASN E 165 46.32 9.82 16.20
CA ASN E 165 45.15 9.24 15.61
C ASN E 165 44.38 10.30 14.81
N ASP E 166 44.95 11.50 14.75
CA ASP E 166 44.34 12.57 13.98
C ASP E 166 44.98 12.58 12.59
N ASN E 167 45.81 11.56 12.33
CA ASN E 167 46.52 11.41 11.05
C ASN E 167 47.68 12.42 10.80
N VAL E 168 48.09 13.11 11.85
CA VAL E 168 49.04 14.18 11.71
C VAL E 168 50.37 13.71 12.21
N VAL E 169 51.44 14.11 11.54
CA VAL E 169 52.80 13.92 12.08
C VAL E 169 53.44 15.25 12.37
N HIS E 170 54.01 15.38 13.57
CA HIS E 170 54.79 16.57 13.96
C HIS E 170 56.26 16.23 14.16
N VAL E 171 57.13 17.19 13.85
CA VAL E 171 58.55 17.11 14.16
C VAL E 171 58.94 18.33 15.01
N TYR E 172 59.59 18.07 16.14
CA TYR E 172 60.01 19.14 17.07
C TYR E 172 61.52 19.22 17.17
N GLU E 173 62.04 20.43 17.30
CA GLU E 173 63.44 20.59 17.62
C GLU E 173 63.59 20.48 19.12
N GLY E 174 64.23 19.40 19.53
CA GLY E 174 64.48 19.15 20.94
C GLY E 174 63.23 19.21 21.78
N THR E 175 63.37 19.87 22.91
CA THR E 175 62.37 19.85 23.97
C THR E 175 61.30 20.91 23.72
N SER E 176 61.34 21.52 22.54
CA SER E 176 60.49 22.64 22.16
C SER E 176 59.00 22.32 22.09
N LYS E 177 58.19 23.29 22.51
CA LYS E 177 56.74 23.14 22.64
C LYS E 177 56.03 23.12 21.30
N SER E 178 56.46 23.97 20.38
CA SER E 178 55.85 24.02 19.04
C SER E 178 56.64 23.18 18.07
N PRO E 179 55.96 22.45 17.18
CA PRO E 179 56.68 21.71 16.16
C PRO E 179 57.33 22.65 15.15
N ILE E 180 58.42 22.21 14.53
CA ILE E 180 59.05 22.95 13.44
C ILE E 180 58.46 22.50 12.10
N LEU E 181 57.86 21.32 12.07
CA LEU E 181 57.22 20.80 10.85
C LEU E 181 55.95 20.01 11.16
N THR E 182 55.02 20.06 10.23
CA THR E 182 53.78 19.28 10.32
C THR E 182 53.47 18.61 9.00
N PHE E 183 53.38 17.30 9.01
CA PHE E 183 53.00 16.56 7.80
C PHE E 183 51.65 15.96 8.07
N ASP E 184 50.65 16.39 7.30
CA ASP E 184 49.35 15.80 7.54
C ASP E 184 48.73 15.12 6.32
N GLU E 185 49.60 14.60 5.45
CA GLU E 185 49.17 13.88 4.24
C GLU E 185 48.40 12.57 4.53
N HIS E 186 48.87 11.80 5.51
CA HIS E 186 48.33 10.48 5.82
C HIS E 186 46.82 10.57 6.05
N LYS E 187 46.08 9.57 5.61
CA LYS E 187 44.61 9.57 5.74
C LYS E 187 44.11 8.66 6.88
N ALA E 188 45.04 8.23 7.73
CA ALA E 188 44.78 7.33 8.85
C ALA E 188 45.80 7.56 9.96
N ALA E 189 45.62 6.86 11.06
CA ALA E 189 46.51 6.99 12.19
C ALA E 189 47.97 6.74 11.85
N VAL E 190 48.86 7.52 12.45
CA VAL E 190 50.27 7.33 12.19
C VAL E 190 50.90 6.90 13.50
N LYS E 191 51.13 5.59 13.63
CA LYS E 191 51.76 5.03 14.80
C LYS E 191 53.18 4.62 14.45
N ALA E 192 53.32 3.99 13.28
CA ALA E 192 54.61 3.46 12.89
C ALA E 192 55.47 4.54 12.26
N MET E 193 56.57 4.86 12.92
CA MET E 193 57.54 5.81 12.41
C MET E 193 58.97 5.45 12.88
N ALA E 194 59.97 5.85 12.08
CA ALA E 194 61.36 5.55 12.35
C ALA E 194 62.35 6.56 11.73
N TRP E 195 63.39 6.89 12.48
CA TRP E 195 64.45 7.74 12.00
C TRP E 195 65.56 6.90 11.37
N SER E 196 66.10 7.32 10.22
CA SER E 196 67.26 6.64 9.61
C SER E 196 68.48 6.83 10.51
N PRO E 197 69.12 5.72 10.95
CA PRO E 197 70.38 5.92 11.68
C PRO E 197 71.54 6.22 10.73
N HIS E 198 71.33 6.08 9.42
CA HIS E 198 72.40 6.27 8.41
C HIS E 198 72.49 7.67 7.83
N LYS E 199 71.47 8.48 8.04
CA LYS E 199 71.38 9.76 7.38
C LYS E 199 70.51 10.67 8.25
N ARG E 200 71.15 11.66 8.88
CA ARG E 200 70.49 12.58 9.82
C ARG E 200 69.29 13.32 9.18
N GLY E 201 68.21 13.46 9.95
CA GLY E 201 67.04 14.20 9.49
C GLY E 201 66.12 13.51 8.50
N VAL E 202 66.24 12.18 8.38
CA VAL E 202 65.39 11.39 7.48
C VAL E 202 64.41 10.56 8.29
N LEU E 203 63.12 10.74 8.07
CA LEU E 203 62.10 10.09 8.87
C LEU E 203 61.11 9.25 8.04
N ALA E 204 60.81 8.06 8.54
CA ALA E 204 59.87 7.17 7.88
C ALA E 204 58.55 7.19 8.65
N THR E 205 57.42 7.27 7.95
CA THR E 205 56.14 7.23 8.65
C THR E 205 55.19 6.35 7.87
N GLY E 206 54.32 5.64 8.60
CA GLY E 206 53.41 4.69 7.99
C GLY E 206 51.98 4.89 8.44
N GLY E 207 51.07 4.84 7.48
CA GLY E 207 49.64 5.00 7.78
C GLY E 207 48.83 3.75 8.11
N GLY E 208 47.67 3.97 8.71
CA GLY E 208 46.78 2.91 9.11
C GLY E 208 45.86 2.49 7.97
N THR E 209 44.80 1.76 8.33
CA THR E 209 43.99 0.99 7.44
C THR E 209 43.53 1.74 6.20
N ALA E 210 42.97 2.93 6.39
CA ALA E 210 42.48 3.70 5.25
C ALA E 210 43.59 4.30 4.37
N ASP E 211 44.85 4.20 4.77
CA ASP E 211 45.93 4.96 4.15
C ASP E 211 46.98 4.03 3.58
N ARG E 212 47.57 3.20 4.43
CA ARG E 212 48.47 2.12 3.99
C ARG E 212 49.83 2.55 3.45
N ARG E 213 50.10 3.85 3.48
CA ARG E 213 51.27 4.42 2.83
C ARG E 213 52.51 4.50 3.68
N LEU E 214 53.65 4.21 3.06
CA LEU E 214 54.95 4.38 3.67
C LEU E 214 55.55 5.64 3.09
N LYS E 215 55.66 6.68 3.90
CA LYS E 215 56.28 7.92 3.44
C LYS E 215 57.65 8.17 4.08
N ILE E 216 58.59 8.68 3.28
CA ILE E 216 59.91 9.02 3.79
C ILE E 216 60.14 10.50 3.61
N TRP E 217 60.43 11.16 4.72
CA TRP E 217 60.58 12.61 4.74
C TRP E 217 62.02 13.02 4.98
N ASN E 218 62.48 13.98 4.19
CA ASN E 218 63.68 14.67 4.53
C ASN E 218 63.22 15.84 5.36
N VAL E 219 63.30 15.66 6.68
CA VAL E 219 63.10 16.75 7.62
C VAL E 219 64.19 17.78 7.30
N ASN E 220 64.13 18.96 7.91
CA ASN E 220 65.14 20.01 7.67
C ASN E 220 65.50 20.40 6.20
N THR E 221 64.97 19.68 5.21
CA THR E 221 64.81 20.27 3.86
C THR E 221 63.33 20.34 3.46
N SER E 222 62.46 19.70 4.23
CA SER E 222 61.00 19.69 3.98
C SER E 222 60.61 19.07 2.63
N ILE E 223 61.01 17.82 2.43
CA ILE E 223 60.75 17.15 1.17
C ILE E 223 60.32 15.72 1.45
N LYS E 224 59.22 15.32 0.82
CA LYS E 224 58.79 13.93 0.83
C LYS E 224 59.63 13.25 -0.23
N MET E 225 60.60 12.45 0.22
CA MET E 225 61.51 11.78 -0.70
C MET E 225 60.84 10.59 -1.34
N SER E 226 59.95 9.95 -0.60
CA SER E 226 59.26 8.78 -1.10
C SER E 226 57.86 8.63 -0.51
N ASP E 227 57.02 7.86 -1.21
CA ASP E 227 55.61 7.65 -0.84
C ASP E 227 55.11 6.42 -1.58
N ILE E 228 54.81 5.35 -0.84
CA ILE E 228 54.51 4.06 -1.47
C ILE E 228 53.32 3.44 -0.79
N ASP E 229 52.30 3.07 -1.58
CA ASP E 229 51.16 2.29 -1.06
C ASP E 229 51.64 0.85 -0.74
N SER E 230 51.74 0.52 0.55
CA SER E 230 52.19 -0.80 0.96
C SER E 230 51.03 -1.82 0.87
N GLY E 231 49.84 -1.35 0.47
CA GLY E 231 48.70 -2.22 0.34
C GLY E 231 48.10 -2.87 1.58
N SER E 232 48.49 -2.44 2.79
CA SER E 232 47.85 -2.90 4.04
C SER E 232 48.15 -1.96 5.19
N GLN E 233 47.36 -2.08 6.24
CA GLN E 233 47.52 -1.24 7.42
C GLN E 233 48.96 -1.30 8.01
N ILE E 234 49.64 -0.16 8.12
CA ILE E 234 50.99 -0.21 8.75
C ILE E 234 50.89 -0.07 10.27
N CYS E 235 51.42 -1.05 11.01
CA CYS E 235 51.20 -1.11 12.45
C CYS E 235 52.47 -0.92 13.24
N ASN E 236 53.61 -1.09 12.61
CA ASN E 236 54.88 -0.84 13.29
C ASN E 236 56.03 -0.82 12.31
N MET E 237 57.22 -0.48 12.78
CA MET E 237 58.29 -0.13 11.88
C MET E 237 59.64 -0.17 12.60
N VAL E 238 60.72 -0.44 11.88
CA VAL E 238 62.09 -0.52 12.46
C VAL E 238 63.14 -0.32 11.33
N TRP E 239 64.06 0.64 11.50
CA TRP E 239 65.11 0.93 10.49
C TRP E 239 66.31 0.03 10.79
N SER E 240 66.80 -0.74 9.82
CA SER E 240 67.99 -1.61 10.04
C SER E 240 69.17 -0.78 10.47
N LYS E 241 69.93 -1.28 11.46
CA LYS E 241 71.16 -0.62 11.91
C LYS E 241 72.33 -0.98 11.02
N ASN E 242 72.34 -2.23 10.58
CA ASN E 242 73.46 -2.79 9.85
C ASN E 242 73.35 -2.60 8.36
N THR E 243 72.17 -2.22 7.91
CA THR E 243 71.96 -2.04 6.47
C THR E 243 70.96 -0.91 6.27
N ASN E 244 71.03 -0.23 5.11
CA ASN E 244 70.05 0.82 4.77
C ASN E 244 68.69 0.22 4.33
N GLU E 245 68.03 -0.48 5.27
CA GLU E 245 66.80 -1.19 5.00
C GLU E 245 65.74 -0.91 6.06
N LEU E 246 64.48 -0.98 5.66
CA LEU E 246 63.38 -0.71 6.57
C LEU E 246 62.49 -1.93 6.69
N VAL E 247 62.00 -2.19 7.90
CA VAL E 247 61.04 -3.29 8.13
C VAL E 247 59.74 -2.75 8.66
N THR E 248 58.65 -3.00 7.92
CA THR E 248 57.32 -2.54 8.31
C THR E 248 56.51 -3.74 8.73
N SER E 249 55.68 -3.61 9.77
CA SER E 249 54.83 -4.75 10.14
C SER E 249 53.35 -4.39 9.92
N HIS E 250 52.56 -5.36 9.45
CA HIS E 250 51.24 -5.04 8.91
C HIS E 250 50.02 -5.64 9.58
N GLY E 251 48.93 -4.91 9.43
CA GLY E 251 47.62 -5.33 9.94
C GLY E 251 46.69 -5.63 8.79
N TYR E 252 45.47 -5.07 8.81
CA TYR E 252 44.46 -5.45 7.87
C TYR E 252 44.94 -5.08 6.49
N SER E 253 44.92 -5.98 5.50
CA SER E 253 44.48 -7.36 5.64
C SER E 253 45.58 -8.31 5.25
N LYS E 254 46.82 -7.98 5.61
CA LYS E 254 47.98 -8.83 5.31
C LYS E 254 48.89 -8.84 6.52
N TYR E 255 48.70 -9.84 7.38
CA TYR E 255 49.53 -9.96 8.59
C TYR E 255 51.01 -10.36 8.36
N ASN E 256 51.74 -9.53 7.60
CA ASN E 256 53.15 -9.75 7.30
C ASN E 256 54.14 -8.76 7.88
N LEU E 257 55.41 -9.11 7.84
CA LEU E 257 56.45 -8.08 7.87
C LEU E 257 56.97 -7.87 6.46
N THR E 258 57.16 -6.63 6.03
CA THR E 258 57.83 -6.46 4.75
C THR E 258 59.19 -5.74 4.94
N LEU E 259 60.20 -6.21 4.20
CA LEU E 259 61.56 -5.68 4.26
C LEU E 259 61.85 -4.87 3.02
N TRP E 260 62.16 -3.60 3.23
CA TRP E 260 62.34 -2.61 2.16
C TRP E 260 63.79 -2.25 1.92
N ASP E 261 64.13 -2.07 0.65
CA ASP E 261 65.47 -1.69 0.26
C ASP E 261 65.87 -0.27 0.63
N CYS E 262 65.00 0.71 0.44
CA CYS E 262 65.38 2.12 0.73
C CYS E 262 66.10 2.86 -0.40
N ASN E 263 67.13 2.27 -1.00
CA ASN E 263 67.76 2.89 -2.18
C ASN E 263 66.81 2.94 -3.37
N SER E 264 66.31 1.78 -3.81
CA SER E 264 65.07 1.71 -4.55
C SER E 264 64.06 1.53 -3.45
N MET E 265 62.87 2.04 -3.60
CA MET E 265 61.97 1.80 -2.48
C MET E 265 61.16 0.51 -2.67
N ASP E 266 61.88 -0.59 -2.87
CA ASP E 266 61.27 -1.83 -3.29
C ASP E 266 61.23 -2.83 -2.17
N PRO E 267 60.13 -3.60 -2.06
CA PRO E 267 60.16 -4.72 -1.12
C PRO E 267 61.17 -5.79 -1.55
N ILE E 268 62.03 -6.18 -0.61
CA ILE E 268 63.06 -7.19 -0.80
C ILE E 268 62.38 -8.51 -0.49
N ALA E 269 61.59 -8.55 0.59
CA ALA E 269 61.00 -9.82 1.07
C ALA E 269 59.74 -9.57 1.86
N ILE E 270 58.86 -10.57 1.89
CA ILE E 270 57.60 -10.56 2.71
C ILE E 270 57.58 -11.76 3.67
N LEU E 271 57.51 -11.48 4.97
CA LEU E 271 57.61 -12.54 5.99
C LEU E 271 56.27 -12.87 6.57
N LYS E 272 55.88 -14.14 6.47
CA LYS E 272 54.53 -14.58 6.78
C LYS E 272 54.48 -15.57 7.94
N GLY E 273 53.31 -15.74 8.53
CA GLY E 273 53.14 -16.63 9.68
C GLY E 273 52.08 -16.13 10.66
N HIS E 274 52.14 -14.88 11.09
CA HIS E 274 51.23 -14.40 12.10
C HIS E 274 49.79 -14.50 11.61
N SER E 275 48.89 -14.88 12.51
CA SER E 275 47.49 -14.97 12.20
C SER E 275 46.69 -13.84 12.86
N PHE E 276 47.39 -12.89 13.48
CA PHE E 276 46.78 -11.63 13.92
C PHE E 276 47.66 -10.51 13.39
N ARG E 277 47.18 -9.26 13.43
CA ARG E 277 47.96 -8.11 12.93
C ARG E 277 49.28 -8.00 13.64
N VAL E 278 50.35 -7.77 12.87
CA VAL E 278 51.69 -7.72 13.49
C VAL E 278 51.93 -6.34 14.13
N LEU E 279 51.49 -6.19 15.38
CA LEU E 279 51.42 -4.90 16.07
C LEU E 279 52.71 -4.53 16.79
N HIS E 280 53.42 -5.55 17.24
CA HIS E 280 54.58 -5.36 18.09
C HIS E 280 55.82 -5.76 17.32
N LEU E 281 56.85 -4.95 17.45
CA LEU E 281 58.06 -5.10 16.64
C LEU E 281 59.29 -4.44 17.31
N THR E 282 60.47 -5.03 17.17
CA THR E 282 61.70 -4.44 17.75
C THR E 282 62.97 -5.05 17.16
N LEU E 283 64.01 -4.25 17.08
CA LEU E 283 65.26 -4.67 16.49
C LEU E 283 66.27 -5.06 17.57
N SER E 284 66.96 -6.20 17.36
CA SER E 284 67.96 -6.71 18.34
C SER E 284 69.14 -5.77 18.41
N ASN E 285 69.78 -5.76 19.58
CA ASN E 285 70.89 -4.82 19.83
C ASN E 285 72.04 -4.90 18.82
N ASP E 286 72.42 -6.11 18.43
CA ASP E 286 73.44 -6.30 17.38
C ASP E 286 72.91 -6.10 15.94
N GLY E 287 71.61 -5.83 15.82
CA GLY E 287 71.02 -5.40 14.55
C GLY E 287 70.74 -6.52 13.55
N THR E 288 70.94 -7.75 13.99
CA THR E 288 70.75 -8.96 13.16
C THR E 288 69.31 -9.45 13.11
N THR E 289 68.58 -9.22 14.19
CA THR E 289 67.35 -9.92 14.44
C THR E 289 66.22 -8.95 14.69
N VAL E 290 65.07 -9.24 14.04
CA VAL E 290 63.86 -8.48 14.27
C VAL E 290 62.86 -9.40 14.94
N VAL E 291 62.28 -8.96 16.07
CA VAL E 291 61.29 -9.77 16.78
C VAL E 291 59.94 -9.15 16.55
N SER E 292 58.96 -9.99 16.19
CA SER E 292 57.60 -9.54 15.96
C SER E 292 56.60 -10.24 16.86
N GLY E 293 55.57 -9.51 17.25
CA GLY E 293 54.53 -10.07 18.11
C GLY E 293 53.15 -9.69 17.63
N ALA E 294 52.16 -10.51 17.97
CA ALA E 294 50.78 -10.29 17.57
C ALA E 294 49.81 -10.92 18.59
N GLY E 295 48.54 -10.57 18.44
CA GLY E 295 47.43 -11.14 19.24
C GLY E 295 47.33 -12.64 19.15
N ASP E 296 48.08 -13.23 18.22
CA ASP E 296 48.13 -14.67 18.11
C ASP E 296 49.03 -15.23 19.21
N GLU E 297 49.43 -14.38 20.13
CA GLU E 297 50.21 -14.79 21.28
C GLU E 297 51.55 -15.50 21.00
N THR E 298 52.20 -15.09 19.90
CA THR E 298 53.57 -15.52 19.60
C THR E 298 54.51 -14.34 19.41
N LEU E 299 55.76 -14.51 19.82
CA LEU E 299 56.85 -13.63 19.47
C LEU E 299 57.76 -14.38 18.51
N ARG E 300 58.07 -13.77 17.35
CA ARG E 300 58.86 -14.48 16.31
C ARG E 300 60.16 -13.78 16.01
N TYR E 301 61.26 -14.53 16.07
CA TYR E 301 62.63 -14.02 15.83
C TYR E 301 63.07 -14.24 14.38
N TRP E 302 63.20 -13.14 13.67
CA TRP E 302 63.61 -13.19 12.29
C TRP E 302 65.06 -12.77 12.12
N LYS E 303 65.90 -13.69 11.67
CA LYS E 303 67.27 -13.35 11.32
C LYS E 303 67.22 -12.68 9.95
N LEU E 304 67.40 -11.35 9.95
CA LEU E 304 67.33 -10.59 8.73
C LEU E 304 68.64 -9.92 8.25
N PHE E 305 69.56 -9.64 9.16
CA PHE E 305 70.76 -8.87 8.79
C PHE E 305 72.05 -9.55 9.24
N ASP E 306 73.19 -9.07 8.72
CA ASP E 306 74.54 -9.53 9.13
C ASP E 306 75.34 -8.52 9.97
N LYS E 307 76.69 -8.59 9.82
CA LYS E 307 77.75 -7.87 10.63
C LYS E 307 77.45 -8.07 12.10
N PRO E 308 77.27 -9.36 12.43
CA PRO E 308 76.67 -9.87 13.66
C PRO E 308 77.63 -9.86 14.87
N ARG F 5 15.93 -49.76 33.60
CA ARG F 5 15.49 -48.62 32.75
C ARG F 5 16.62 -48.15 31.83
N GLN F 6 16.44 -48.32 30.50
CA GLN F 6 17.40 -47.86 29.46
C GLN F 6 17.93 -46.41 29.65
N ILE F 7 19.04 -46.26 30.40
CA ILE F 7 19.62 -44.94 30.83
C ILE F 7 20.66 -44.30 29.90
N ALA F 8 20.47 -43.01 29.55
CA ALA F 8 21.31 -42.34 28.55
C ALA F 8 22.77 -42.23 28.95
N LYS F 9 23.65 -42.67 28.05
CA LYS F 9 25.08 -42.76 28.36
C LYS F 9 25.89 -41.51 27.98
N VAL F 10 25.21 -40.45 27.56
CA VAL F 10 25.86 -39.24 27.08
C VAL F 10 25.15 -38.04 27.70
N PRO F 11 25.90 -36.97 28.02
CA PRO F 11 25.21 -35.80 28.58
C PRO F 11 24.38 -35.09 27.53
N TYR F 12 23.31 -34.43 27.95
CA TYR F 12 22.48 -33.67 27.00
C TYR F 12 22.91 -32.21 26.87
N ARG F 13 23.65 -31.72 27.85
CA ARG F 13 24.30 -30.43 27.73
C ARG F 13 25.70 -30.42 28.34
N VAL F 14 26.63 -29.72 27.70
CA VAL F 14 27.99 -29.57 28.20
C VAL F 14 28.34 -28.08 28.15
N LEU F 15 28.66 -27.51 29.30
CA LEU F 15 29.04 -26.11 29.33
C LEU F 15 30.52 -25.95 29.58
N ASP F 16 31.09 -24.89 28.99
CA ASP F 16 32.50 -24.54 29.15
C ASP F 16 32.65 -23.94 30.55
N ALA F 17 33.59 -24.45 31.33
CA ALA F 17 33.78 -23.97 32.69
C ALA F 17 35.25 -23.67 32.96
N PRO F 18 35.81 -22.66 32.29
CA PRO F 18 37.25 -22.40 32.41
C PRO F 18 37.65 -22.04 33.83
N SER F 19 38.78 -22.58 34.27
CA SER F 19 39.36 -22.35 35.61
C SER F 19 38.71 -23.08 36.77
N LEU F 20 37.79 -24.02 36.47
CA LEU F 20 37.08 -24.78 37.51
C LEU F 20 38.11 -25.60 38.25
N ALA F 21 38.15 -25.48 39.57
CA ALA F 21 39.26 -26.07 40.36
C ALA F 21 39.39 -27.59 40.27
N ASP F 22 40.62 -28.09 40.26
CA ASP F 22 40.91 -29.53 40.31
C ASP F 22 41.45 -29.85 41.68
N ASP F 23 40.75 -29.41 42.72
CA ASP F 23 41.17 -29.73 44.04
C ASP F 23 40.08 -30.55 44.69
N PHE F 24 40.46 -31.77 45.13
CA PHE F 24 39.55 -32.73 45.76
C PHE F 24 38.62 -32.10 46.76
N TYR F 25 39.17 -31.24 47.60
CA TYR F 25 38.45 -30.72 48.74
C TYR F 25 37.40 -29.69 48.40
N TYR F 26 37.33 -29.24 47.14
CA TYR F 26 36.29 -28.26 46.76
C TYR F 26 35.07 -28.90 46.08
N SER F 27 33.93 -28.23 46.19
CA SER F 27 32.71 -28.66 45.53
C SER F 27 31.92 -27.41 45.09
N LEU F 28 32.12 -26.99 43.83
CA LEU F 28 31.90 -25.59 43.46
C LEU F 28 30.75 -25.37 42.49
N ILE F 29 29.63 -25.98 42.75
CA ILE F 29 28.63 -26.15 41.72
C ILE F 29 27.35 -26.48 42.51
N ASP F 30 26.33 -25.62 42.44
CA ASP F 30 25.11 -25.83 43.20
C ASP F 30 23.89 -25.37 42.43
N TRP F 31 22.86 -26.21 42.41
CA TRP F 31 21.63 -25.94 41.68
C TRP F 31 20.57 -25.47 42.66
N SER F 32 20.12 -24.23 42.56
CA SER F 32 19.20 -23.67 43.56
C SER F 32 17.77 -24.21 43.44
N SER F 33 17.00 -23.99 44.51
CA SER F 33 15.57 -24.28 44.50
C SER F 33 14.83 -23.38 43.52
N THR F 34 15.46 -22.28 43.11
CA THR F 34 14.90 -21.41 42.06
C THR F 34 15.48 -21.74 40.66
N ASP F 35 16.06 -22.93 40.51
CA ASP F 35 16.62 -23.42 39.23
C ASP F 35 17.73 -22.55 38.65
N VAL F 36 18.54 -21.96 39.54
CA VAL F 36 19.72 -21.20 39.12
C VAL F 36 20.93 -22.01 39.49
N LEU F 37 21.80 -22.26 38.52
CA LEU F 37 23.07 -22.98 38.77
C LEU F 37 24.17 -22.00 39.15
N ALA F 38 24.77 -22.20 40.32
CA ALA F 38 25.86 -21.33 40.75
C ALA F 38 27.19 -22.07 40.62
N VAL F 39 28.16 -21.46 39.96
CA VAL F 39 29.48 -22.11 39.83
C VAL F 39 30.65 -21.17 40.08
N ALA F 40 31.60 -21.68 40.85
CA ALA F 40 32.79 -20.93 41.18
C ALA F 40 33.90 -21.33 40.22
N LEU F 41 34.37 -20.35 39.44
CA LEU F 41 35.49 -20.55 38.54
C LEU F 41 36.66 -19.68 38.99
N GLY F 42 37.65 -20.28 39.62
CA GLY F 42 38.83 -19.54 40.05
C GLY F 42 38.48 -18.43 41.03
N LYS F 43 38.55 -17.18 40.57
CA LYS F 43 38.35 -16.02 41.42
C LYS F 43 36.98 -15.40 41.20
N SER F 44 36.13 -16.07 40.44
CA SER F 44 34.84 -15.50 40.02
C SER F 44 33.64 -16.41 40.29
N ILE F 45 32.45 -15.84 40.43
CA ILE F 45 31.27 -16.67 40.52
C ILE F 45 30.27 -16.31 39.44
N PHE F 46 29.77 -17.34 38.75
CA PHE F 46 28.81 -17.16 37.67
C PHE F 46 27.52 -17.88 37.99
N LEU F 47 26.41 -17.32 37.52
CA LEU F 47 25.10 -17.94 37.66
C LEU F 47 24.50 -18.18 36.27
N THR F 48 23.84 -19.32 36.10
CA THR F 48 22.96 -19.54 34.93
C THR F 48 21.53 -19.78 35.38
N ASP F 49 20.59 -19.09 34.74
CA ASP F 49 19.19 -19.42 34.84
C ASP F 49 18.96 -20.63 33.95
N ASN F 50 18.44 -21.71 34.52
CA ASN F 50 18.14 -22.88 33.69
C ASN F 50 16.97 -22.64 32.74
N ASN F 51 16.07 -21.73 33.10
CA ASN F 51 14.93 -21.41 32.27
C ASN F 51 15.25 -20.40 31.16
N THR F 52 16.20 -19.49 31.39
CA THR F 52 16.51 -18.43 30.42
C THR F 52 17.72 -18.76 29.55
N GLY F 53 18.70 -19.46 30.13
CA GLY F 53 20.01 -19.61 29.50
C GLY F 53 20.88 -18.39 29.83
N ASP F 54 20.29 -17.45 30.55
CA ASP F 54 20.94 -16.22 30.98
C ASP F 54 22.15 -16.50 31.87
N VAL F 55 23.25 -15.76 31.66
CA VAL F 55 24.44 -15.89 32.53
C VAL F 55 24.76 -14.59 33.25
N VAL F 56 24.79 -14.65 34.58
CA VAL F 56 25.15 -13.51 35.42
C VAL F 56 26.52 -13.73 36.08
N HIS F 57 27.31 -12.66 36.10
CA HIS F 57 28.63 -12.66 36.67
C HIS F 57 28.56 -11.78 37.90
N LEU F 58 28.32 -12.38 39.07
CA LEU F 58 28.44 -11.61 40.32
C LEU F 58 29.76 -11.89 41.03
N CYS F 59 30.25 -10.90 41.77
CA CYS F 59 31.47 -11.02 42.62
C CYS F 59 32.78 -11.62 42.07
N ASP F 60 33.85 -10.90 42.35
CA ASP F 60 35.20 -11.39 42.18
C ASP F 60 35.91 -11.30 43.51
N THR F 61 37.11 -11.87 43.58
CA THR F 61 37.92 -11.85 44.78
C THR F 61 39.38 -11.82 44.32
N GLU F 62 40.25 -11.16 45.09
CA GLU F 62 41.70 -11.24 44.86
C GLU F 62 42.25 -12.58 45.33
N ASN F 63 41.45 -13.26 46.15
CA ASN F 63 41.78 -14.51 46.82
C ASN F 63 41.48 -15.72 45.92
N GLU F 64 40.61 -16.60 46.41
CA GLU F 64 40.11 -17.74 45.64
C GLU F 64 38.82 -18.22 46.28
N TYR F 65 37.79 -18.46 45.47
CA TYR F 65 36.53 -19.00 45.97
C TYR F 65 36.67 -20.50 46.20
N THR F 66 36.06 -20.99 47.27
CA THR F 66 36.48 -22.23 47.87
C THR F 66 35.28 -23.11 48.29
N SER F 67 34.13 -22.47 48.42
CA SER F 67 32.87 -23.19 48.61
C SER F 67 31.69 -22.30 48.28
N LEU F 68 30.55 -22.91 47.98
CA LEU F 68 29.29 -22.19 47.83
C LEU F 68 28.08 -23.03 48.19
N SER F 69 27.01 -22.39 48.61
CA SER F 69 25.80 -23.11 48.94
C SER F 69 24.59 -22.16 48.89
N TRP F 70 23.59 -22.54 48.11
CA TRP F 70 22.38 -21.77 48.01
C TRP F 70 21.58 -21.85 49.31
N ILE F 71 20.96 -20.74 49.70
CA ILE F 71 20.01 -20.74 50.82
C ILE F 71 18.82 -21.65 50.48
N GLY F 72 18.06 -22.06 51.50
CA GLY F 72 16.89 -22.90 51.32
C GLY F 72 16.05 -22.40 50.17
N ALA F 73 15.58 -21.15 50.29
CA ALA F 73 14.66 -20.51 49.32
C ALA F 73 15.27 -20.15 47.96
N GLY F 74 16.59 -20.23 47.85
CA GLY F 74 17.27 -19.94 46.58
C GLY F 74 17.46 -18.46 46.28
N SER F 75 17.16 -17.61 47.27
CA SER F 75 17.28 -16.16 47.14
C SER F 75 18.69 -15.62 47.41
N HIS F 76 19.46 -16.35 48.21
CA HIS F 76 20.79 -15.91 48.61
C HIS F 76 21.82 -17.00 48.40
N LEU F 77 23.04 -16.62 48.06
CA LEU F 77 24.12 -17.59 47.91
C LEU F 77 25.23 -17.34 48.92
N ALA F 78 25.59 -18.39 49.65
CA ALA F 78 26.72 -18.33 50.59
C ALA F 78 28.02 -18.69 49.87
N VAL F 79 29.08 -17.95 50.18
CA VAL F 79 30.36 -18.10 49.48
C VAL F 79 31.56 -18.03 50.45
N GLY F 80 32.39 -19.09 50.41
CA GLY F 80 33.62 -19.17 51.20
C GLY F 80 34.90 -18.91 50.41
N GLN F 81 35.93 -18.41 51.08
CA GLN F 81 37.23 -18.12 50.42
C GLN F 81 38.41 -18.82 51.03
N ALA F 82 39.53 -18.81 50.30
CA ALA F 82 40.76 -19.44 50.76
C ALA F 82 41.31 -18.80 52.06
N ASN F 83 40.99 -17.54 52.30
CA ASN F 83 41.44 -16.88 53.53
C ASN F 83 40.48 -17.02 54.72
N GLY F 84 39.45 -17.84 54.58
CA GLY F 84 38.51 -18.13 55.67
C GLY F 84 37.27 -17.26 55.74
N LEU F 85 37.23 -16.25 54.88
CA LEU F 85 36.11 -15.31 54.86
C LEU F 85 34.88 -15.98 54.28
N VAL F 86 33.72 -15.74 54.88
CA VAL F 86 32.48 -16.24 54.30
C VAL F 86 31.58 -15.06 54.04
N GLU F 87 31.00 -15.01 52.85
CA GLU F 87 30.07 -13.92 52.54
C GLU F 87 28.74 -14.44 52.00
N ILE F 88 27.68 -13.63 52.08
CA ILE F 88 26.34 -13.99 51.59
C ILE F 88 25.90 -12.96 50.56
N TYR F 89 25.44 -13.46 49.41
CA TYR F 89 25.00 -12.58 48.33
C TYR F 89 23.50 -12.60 48.10
N ASP F 90 22.90 -11.40 48.05
CA ASP F 90 21.54 -11.25 47.52
C ASP F 90 21.66 -11.34 46.01
N VAL F 91 21.10 -12.42 45.47
CA VAL F 91 21.23 -12.76 44.06
C VAL F 91 20.39 -11.86 43.15
N MET F 92 19.19 -11.48 43.60
CA MET F 92 18.35 -10.54 42.85
C MET F 92 19.02 -9.16 42.81
N LYS F 93 19.50 -8.70 43.97
CA LYS F 93 20.17 -7.39 44.13
C LYS F 93 21.59 -7.37 43.56
N ARG F 94 22.19 -8.56 43.44
CA ARG F 94 23.59 -8.75 43.02
C ARG F 94 24.59 -8.01 43.91
N LYS F 95 24.27 -7.91 45.19
CA LYS F 95 25.10 -7.20 46.17
C LYS F 95 25.52 -8.18 47.27
N CYS F 96 26.64 -7.87 47.93
CA CYS F 96 27.05 -8.69 49.07
C CYS F 96 26.32 -8.20 50.32
N ILE F 97 25.34 -9.00 50.74
CA ILE F 97 24.51 -8.73 51.90
C ILE F 97 25.29 -8.71 53.23
N ARG F 98 26.23 -9.65 53.41
CA ARG F 98 27.09 -9.63 54.62
C ARG F 98 28.40 -10.43 54.55
N THR F 99 29.30 -10.12 55.49
CA THR F 99 30.68 -10.56 55.48
C THR F 99 30.98 -11.21 56.85
N LEU F 100 31.10 -12.53 56.85
CA LEU F 100 31.30 -13.31 58.08
C LEU F 100 32.75 -13.78 58.32
N SER F 101 33.32 -13.37 59.44
CA SER F 101 34.63 -13.85 59.87
C SER F 101 34.47 -15.00 60.85
N GLY F 102 35.59 -15.41 61.42
CA GLY F 102 35.62 -16.54 62.35
C GLY F 102 36.68 -17.55 61.97
N HIS F 103 36.78 -17.85 60.67
CA HIS F 103 37.76 -18.82 60.19
C HIS F 103 39.08 -18.15 59.88
N ILE F 104 40.15 -18.89 60.16
CA ILE F 104 41.51 -18.37 60.01
C ILE F 104 42.24 -19.10 58.87
N ASP F 105 41.51 -19.92 58.13
CA ASP F 105 42.03 -20.69 56.98
C ASP F 105 40.85 -21.11 56.10
N ARG F 106 41.13 -21.50 54.87
CA ARG F 106 40.07 -21.69 53.86
C ARG F 106 38.83 -22.44 54.32
N VAL F 107 37.70 -22.01 53.78
CA VAL F 107 36.40 -22.62 54.07
C VAL F 107 36.01 -23.48 52.88
N ALA F 108 36.19 -24.78 53.04
CA ALA F 108 35.99 -25.71 51.93
C ALA F 108 34.55 -26.19 51.75
N CYS F 109 33.74 -26.02 52.80
CA CYS F 109 32.37 -26.51 52.79
C CYS F 109 31.37 -25.67 53.61
N LEU F 110 30.12 -25.62 53.12
CA LEU F 110 29.03 -24.84 53.70
C LEU F 110 27.66 -25.57 53.62
N SER F 111 26.76 -25.35 54.57
CA SER F 111 25.47 -26.04 54.58
C SER F 111 24.43 -25.28 55.37
N TRP F 112 23.22 -25.17 54.81
CA TRP F 112 22.17 -24.36 55.41
C TRP F 112 21.15 -25.21 56.14
N ASN F 113 20.68 -24.72 57.28
CA ASN F 113 19.49 -25.25 57.93
C ASN F 113 18.59 -24.07 58.25
N ASN F 114 17.68 -23.74 57.34
CA ASN F 114 16.93 -22.47 57.38
C ASN F 114 17.82 -21.24 57.60
N HIS F 115 17.63 -20.57 58.74
CA HIS F 115 18.37 -19.35 59.07
C HIS F 115 19.77 -19.63 59.60
N VAL F 116 20.10 -20.89 59.83
CA VAL F 116 21.43 -21.25 60.25
C VAL F 116 22.32 -21.55 59.03
N LEU F 117 23.44 -20.83 58.93
CA LEU F 117 24.50 -21.17 58.00
C LEU F 117 25.67 -21.74 58.77
N THR F 118 26.23 -22.82 58.23
CA THR F 118 27.28 -23.58 58.89
C THR F 118 28.49 -23.69 57.96
N SER F 119 29.66 -23.26 58.45
CA SER F 119 30.90 -23.35 57.66
C SER F 119 31.92 -24.24 58.33
N GLY F 120 32.66 -24.97 57.49
CA GLY F 120 33.76 -25.82 57.91
C GLY F 120 35.04 -25.38 57.21
N SER F 121 36.16 -25.48 57.93
CA SER F 121 37.40 -24.91 57.44
C SER F 121 38.63 -25.83 57.59
N ARG F 122 39.72 -25.42 56.98
CA ARG F 122 41.02 -26.07 57.14
C ARG F 122 41.75 -25.73 58.47
N ASP F 123 41.34 -24.66 59.17
CA ASP F 123 41.51 -24.67 60.62
C ASP F 123 40.66 -25.87 60.98
N HIS F 124 40.56 -26.31 62.21
CA HIS F 124 39.80 -27.56 62.27
C HIS F 124 38.34 -27.44 62.69
N ARG F 125 37.79 -26.24 62.50
CA ARG F 125 36.56 -25.81 63.14
C ARG F 125 35.34 -25.82 62.25
N ILE F 126 34.20 -26.07 62.87
CA ILE F 126 32.90 -25.86 62.25
C ILE F 126 32.20 -24.71 63.00
N LEU F 127 31.54 -23.79 62.27
CA LEU F 127 30.84 -22.65 62.90
C LEU F 127 29.36 -22.57 62.50
N HIS F 128 28.48 -22.50 63.51
CA HIS F 128 27.06 -22.30 63.31
C HIS F 128 26.77 -20.81 63.37
N ARG F 129 26.06 -20.30 62.35
CA ARG F 129 25.84 -18.85 62.22
C ARG F 129 24.35 -18.51 62.07
N ASP F 130 23.82 -17.73 62.99
CA ASP F 130 22.45 -17.20 62.87
C ASP F 130 22.46 -16.01 61.92
N VAL F 131 21.87 -16.24 60.76
CA VAL F 131 22.05 -15.38 59.62
C VAL F 131 21.21 -14.10 59.72
N ARG F 132 20.25 -14.11 60.66
CA ARG F 132 19.41 -12.95 60.98
C ARG F 132 20.09 -12.13 62.07
N MET F 133 21.04 -12.74 62.75
CA MET F 133 21.75 -12.09 63.86
C MET F 133 22.95 -11.27 63.39
N PRO F 134 23.28 -10.19 64.14
CA PRO F 134 24.50 -9.43 63.82
C PRO F 134 25.81 -10.14 64.18
N ASP F 135 25.73 -11.24 64.93
CA ASP F 135 26.94 -11.99 65.30
C ASP F 135 27.47 -12.82 64.14
N PRO F 136 28.80 -12.77 63.96
CA PRO F 136 29.47 -13.61 62.96
C PRO F 136 29.14 -15.10 63.10
N PHE F 137 28.89 -15.55 64.34
CA PHE F 137 28.58 -16.95 64.63
C PHE F 137 28.18 -17.07 66.09
N PHE F 138 27.32 -18.04 66.40
CA PHE F 138 26.89 -18.26 67.77
C PHE F 138 27.46 -19.52 68.41
N GLU F 139 27.85 -20.50 67.59
CA GLU F 139 28.37 -21.75 68.13
C GLU F 139 29.58 -22.23 67.36
N THR F 140 30.57 -22.73 68.09
CA THR F 140 31.81 -23.21 67.50
C THR F 140 32.08 -24.68 67.88
N ILE F 141 32.44 -25.50 66.88
CA ILE F 141 32.63 -26.95 67.03
C ILE F 141 34.01 -27.34 66.56
N GLU F 142 34.80 -27.92 67.45
CA GLU F 142 36.10 -28.45 67.10
C GLU F 142 36.15 -29.93 67.39
N SER F 143 35.72 -30.74 66.44
CA SER F 143 35.67 -32.16 66.68
C SER F 143 36.44 -32.95 65.62
N HIS F 144 36.99 -32.23 64.64
CA HIS F 144 37.92 -32.84 63.68
C HIS F 144 39.35 -32.43 64.00
N THR F 145 40.30 -33.26 63.60
CA THR F 145 41.71 -32.97 63.88
C THR F 145 42.44 -32.55 62.62
N GLN F 146 41.70 -32.48 61.52
CA GLN F 146 42.18 -31.89 60.28
C GLN F 146 41.05 -31.16 59.58
N GLU F 147 41.29 -30.78 58.33
CA GLU F 147 40.34 -29.96 57.58
C GLU F 147 39.00 -30.62 57.55
N VAL F 148 37.96 -29.85 57.84
CA VAL F 148 36.57 -30.28 57.65
C VAL F 148 36.25 -30.00 56.19
N CYS F 149 35.84 -31.06 55.49
CA CYS F 149 35.67 -31.02 54.04
C CYS F 149 34.30 -31.56 53.60
N GLY F 150 33.48 -31.95 54.58
CA GLY F 150 32.13 -32.43 54.31
C GLY F 150 31.19 -31.89 55.37
N LEU F 151 30.03 -31.39 54.93
CA LEU F 151 29.07 -30.75 55.80
C LEU F 151 27.72 -30.80 55.11
N LYS F 152 26.80 -31.58 55.68
CA LYS F 152 25.44 -31.72 55.14
C LYS F 152 24.39 -31.73 56.24
N TRP F 153 23.46 -30.79 56.14
CA TRP F 153 22.30 -30.67 57.04
C TRP F 153 21.16 -31.54 56.56
N ASN F 154 20.36 -32.04 57.49
CA ASN F 154 19.14 -32.75 57.12
C ASN F 154 17.98 -31.78 56.93
N VAL F 155 17.75 -30.91 57.91
CA VAL F 155 16.60 -29.98 57.87
C VAL F 155 15.29 -30.69 58.25
N ALA F 156 14.90 -31.75 57.53
CA ALA F 156 13.70 -32.53 57.92
C ALA F 156 13.90 -33.18 59.29
N ASP F 157 14.85 -34.10 59.40
CA ASP F 157 15.48 -34.41 60.69
C ASP F 157 16.23 -33.17 61.08
N ASN F 158 16.45 -32.94 62.35
CA ASN F 158 17.27 -31.80 62.66
C ASN F 158 18.71 -32.25 62.89
N LYS F 159 19.40 -32.64 61.82
CA LYS F 159 20.68 -33.34 61.97
C LYS F 159 21.77 -32.91 60.99
N LEU F 160 22.97 -32.71 61.54
CA LEU F 160 24.12 -32.34 60.75
C LEU F 160 25.13 -33.47 60.74
N ALA F 161 25.70 -33.72 59.55
CA ALA F 161 26.82 -34.63 59.38
C ALA F 161 28.05 -33.83 58.98
N SER F 162 29.19 -34.16 59.59
CA SER F 162 30.45 -33.58 59.18
C SER F 162 31.44 -34.64 58.78
N GLY F 163 32.30 -34.30 57.83
CA GLY F 163 33.33 -35.23 57.38
C GLY F 163 34.67 -34.53 57.28
N GLY F 164 35.71 -35.20 57.75
CA GLY F 164 37.02 -34.59 57.73
C GLY F 164 38.12 -35.30 56.99
N ASN F 165 39.23 -34.58 56.84
CA ASN F 165 40.45 -35.14 56.30
C ASN F 165 41.15 -36.01 57.33
N ASP F 166 40.54 -36.15 58.51
CA ASP F 166 41.00 -37.11 59.52
C ASP F 166 40.27 -38.45 59.38
N ASN F 167 39.48 -38.59 58.29
CA ASN F 167 38.75 -39.84 57.98
C ASN F 167 37.53 -40.11 58.88
N VAL F 168 37.11 -39.08 59.59
CA VAL F 168 36.08 -39.23 60.62
C VAL F 168 34.78 -38.59 60.15
N VAL F 169 33.67 -39.25 60.46
CA VAL F 169 32.37 -38.68 60.28
C VAL F 169 31.68 -38.51 61.61
N HIS F 170 31.17 -37.30 61.84
CA HIS F 170 30.35 -36.97 63.00
C HIS F 170 28.90 -36.66 62.63
N VAL F 171 27.98 -36.99 63.53
CA VAL F 171 26.58 -36.64 63.38
C VAL F 171 26.16 -35.89 64.64
N TYR F 172 25.60 -34.69 64.46
CA TYR F 172 25.17 -33.85 65.59
C TYR F 172 23.67 -33.69 65.59
N GLU F 173 23.08 -33.61 66.78
CA GLU F 173 21.68 -33.25 66.91
C GLU F 173 21.52 -31.74 66.94
N GLY F 174 20.89 -31.22 65.89
CA GLY F 174 20.75 -29.78 65.72
C GLY F 174 22.04 -29.01 65.87
N THR F 175 21.95 -27.93 66.63
CA THR F 175 22.99 -26.93 66.72
C THR F 175 24.00 -27.28 67.81
N SER F 176 23.87 -28.50 68.32
CA SER F 176 24.67 -28.99 69.43
C SER F 176 26.18 -29.09 69.18
N LYS F 177 26.95 -28.82 70.23
CA LYS F 177 28.42 -28.75 70.16
C LYS F 177 29.11 -30.12 70.08
N SER F 178 28.55 -31.10 70.79
CA SER F 178 29.12 -32.44 70.77
C SER F 178 28.33 -33.32 69.81
N PRO F 179 29.04 -34.16 69.03
CA PRO F 179 28.32 -35.10 68.17
C PRO F 179 27.60 -36.16 68.98
N ILE F 180 26.49 -36.67 68.46
CA ILE F 180 25.79 -37.80 69.08
C ILE F 180 26.35 -39.14 68.55
N LEU F 181 26.99 -39.11 67.38
CA LEU F 181 27.58 -40.30 66.77
C LEU F 181 28.88 -39.99 66.08
N THR F 182 29.79 -40.95 66.12
CA THR F 182 31.07 -40.86 65.42
C THR F 182 31.34 -42.16 64.67
N PHE F 183 31.46 -42.06 63.35
CA PHE F 183 31.86 -43.19 62.54
C PHE F 183 33.26 -42.90 62.06
N ASP F 184 34.22 -43.73 62.43
CA ASP F 184 35.57 -43.52 61.91
C ASP F 184 36.15 -44.73 61.19
N GLU F 185 35.27 -45.50 60.53
CA GLU F 185 35.67 -46.66 59.74
C GLU F 185 36.51 -46.34 58.52
N HIS F 186 36.13 -45.31 57.77
CA HIS F 186 36.77 -44.92 56.51
C HIS F 186 38.27 -44.72 56.70
N LYS F 187 39.02 -45.15 55.70
CA LYS F 187 40.48 -45.10 55.69
C LYS F 187 41.05 -43.91 54.90
N ALA F 188 40.21 -42.91 54.67
CA ALA F 188 40.56 -41.80 53.84
C ALA F 188 39.59 -40.67 54.09
N ALA F 189 39.80 -39.54 53.45
CA ALA F 189 39.02 -38.36 53.69
C ALA F 189 37.56 -38.65 53.35
N VAL F 190 36.67 -38.10 54.17
CA VAL F 190 35.24 -38.19 53.87
C VAL F 190 34.71 -36.80 53.46
N LYS F 191 34.59 -36.57 52.15
CA LYS F 191 34.00 -35.33 51.68
C LYS F 191 32.59 -35.57 51.15
N ALA F 192 32.43 -36.68 50.43
CA ALA F 192 31.15 -36.99 49.83
C ALA F 192 30.24 -37.68 50.83
N MET F 193 29.17 -36.99 51.19
CA MET F 193 28.09 -37.55 52.01
C MET F 193 26.69 -36.98 51.62
N ALA F 194 25.64 -37.74 51.94
CA ALA F 194 24.30 -37.36 51.56
C ALA F 194 23.24 -38.01 52.45
N TRP F 195 22.23 -37.26 52.83
CA TRP F 195 21.10 -37.80 53.58
C TRP F 195 20.00 -38.32 52.64
N SER F 196 19.42 -39.49 52.92
CA SER F 196 18.25 -39.98 52.17
C SER F 196 17.04 -39.05 52.34
N PRO F 197 16.52 -38.48 51.24
CA PRO F 197 15.26 -37.74 51.41
C PRO F 197 14.04 -38.66 51.62
N HIS F 198 14.23 -39.97 51.42
CA HIS F 198 13.14 -40.95 51.44
C HIS F 198 12.94 -41.64 52.77
N LYS F 199 13.92 -41.54 53.63
CA LYS F 199 13.91 -42.26 54.89
C LYS F 199 14.73 -41.49 55.93
N ARG F 200 14.06 -40.90 56.91
CA ARG F 200 14.72 -40.11 57.95
C ARG F 200 15.83 -40.87 58.73
N GLY F 201 16.96 -40.20 58.94
CA GLY F 201 18.08 -40.74 59.72
C GLY F 201 19.01 -41.67 58.97
N VAL F 202 18.94 -41.67 57.64
CA VAL F 202 19.80 -42.55 56.82
C VAL F 202 20.83 -41.70 56.09
N LEU F 203 22.11 -41.99 56.34
CA LEU F 203 23.23 -41.20 55.78
C LEU F 203 24.16 -42.03 54.89
N ALA F 204 24.56 -41.47 53.75
CA ALA F 204 25.53 -42.12 52.88
C ALA F 204 26.83 -41.39 53.06
N THR F 205 27.94 -42.12 53.13
CA THR F 205 29.27 -41.50 53.20
C THR F 205 30.25 -42.23 52.29
N GLY F 206 31.15 -41.48 51.63
CA GLY F 206 32.08 -42.05 50.66
C GLY F 206 33.51 -41.64 50.93
N GLY F 207 34.41 -42.63 50.90
CA GLY F 207 35.83 -42.41 51.20
C GLY F 207 36.71 -42.09 50.01
N GLY F 208 37.90 -41.57 50.29
CA GLY F 208 38.83 -41.12 49.27
C GLY F 208 39.74 -42.22 48.83
N THR F 209 40.82 -41.84 48.15
CA THR F 209 41.68 -42.75 47.43
C THR F 209 42.00 -44.05 48.16
N ALA F 210 42.54 -43.95 49.35
CA ALA F 210 42.94 -45.16 50.06
C ALA F 210 41.75 -46.06 50.43
N ASP F 211 40.52 -45.56 50.34
CA ASP F 211 39.35 -46.20 51.01
C ASP F 211 38.29 -46.63 50.00
N ARG F 212 37.74 -45.67 49.26
CA ARG F 212 36.95 -45.97 48.08
C ARG F 212 35.56 -46.53 48.37
N ARG F 213 35.25 -46.64 49.66
CA ARG F 213 34.01 -47.27 50.12
C ARG F 213 32.81 -46.36 50.15
N LEU F 214 31.68 -46.93 49.80
CA LEU F 214 30.40 -46.29 49.98
C LEU F 214 29.68 -46.97 51.14
N LYS F 215 29.53 -46.22 52.24
CA LYS F 215 28.87 -46.72 53.42
C LYS F 215 27.50 -46.05 53.60
N ILE F 216 26.51 -46.84 54.03
CA ILE F 216 25.19 -46.32 54.36
C ILE F 216 24.89 -46.59 55.85
N TRP F 217 24.62 -45.51 56.59
CA TRP F 217 24.42 -45.60 58.04
C TRP F 217 22.99 -45.31 58.40
N ASN F 218 22.44 -46.17 59.24
CA ASN F 218 21.22 -45.83 59.93
C ASN F 218 21.62 -45.10 61.21
N VAL F 219 21.59 -43.77 61.13
CA VAL F 219 21.80 -42.92 62.27
C VAL F 219 20.67 -43.29 63.23
N ASN F 220 20.68 -42.77 64.45
CA ASN F 220 19.60 -43.05 65.41
C ASN F 220 19.20 -44.53 65.68
N THR F 221 19.71 -45.49 64.90
CA THR F 221 19.79 -46.87 65.41
C THR F 221 21.23 -47.30 65.57
N SER F 222 22.16 -46.55 64.96
CA SER F 222 23.60 -46.85 65.00
C SER F 222 23.96 -48.15 64.27
N ILE F 223 23.58 -48.25 63.01
CA ILE F 223 23.88 -49.44 62.23
C ILE F 223 24.41 -49.06 60.85
N LYS F 224 25.49 -49.72 60.43
CA LYS F 224 25.97 -49.63 59.07
C LYS F 224 25.14 -50.62 58.29
N MET F 225 24.22 -50.09 57.51
CA MET F 225 23.31 -50.92 56.70
C MET F 225 24.00 -51.50 55.48
N SER F 226 24.98 -50.77 54.95
CA SER F 226 25.70 -51.19 53.77
C SER F 226 27.14 -50.66 53.73
N ASP F 227 27.97 -51.30 52.94
CA ASP F 227 29.39 -50.98 52.82
C ASP F 227 29.92 -51.63 51.54
N ILE F 228 30.26 -50.82 50.56
CA ILE F 228 30.65 -51.32 49.25
C ILE F 228 31.90 -50.61 48.70
N ASP F 229 32.91 -51.41 48.34
CA ASP F 229 34.11 -50.90 47.67
C ASP F 229 33.69 -50.44 46.29
N SER F 230 33.61 -49.14 46.10
CA SER F 230 33.27 -48.63 44.75
C SER F 230 34.45 -48.68 43.75
N GLY F 231 35.59 -49.15 44.22
CA GLY F 231 36.77 -49.27 43.37
C GLY F 231 37.49 -48.03 42.89
N SER F 232 37.10 -46.85 43.38
CA SER F 232 37.85 -45.62 43.08
C SER F 232 37.56 -44.58 44.13
N GLN F 233 38.41 -43.56 44.21
CA GLN F 233 38.24 -42.41 45.12
C GLN F 233 36.85 -41.75 44.94
N ILE F 234 36.08 -41.68 46.03
CA ILE F 234 34.77 -41.02 45.98
C ILE F 234 34.94 -39.51 46.25
N CYS F 235 34.56 -38.66 45.30
CA CYS F 235 34.81 -37.23 45.44
C CYS F 235 33.56 -36.40 45.68
N ASN F 236 32.39 -36.97 45.41
CA ASN F 236 31.14 -36.25 45.60
C ASN F 236 29.97 -37.23 45.50
N MET F 237 28.75 -36.72 45.77
CA MET F 237 27.61 -37.57 46.04
C MET F 237 26.32 -36.77 46.05
N VAL F 238 25.22 -37.43 45.68
CA VAL F 238 23.91 -36.80 45.57
C VAL F 238 22.85 -37.92 45.60
N TRP F 239 21.84 -37.80 46.49
CA TRP F 239 20.76 -38.79 46.62
C TRP F 239 19.61 -38.36 45.73
N SER F 240 19.14 -39.24 44.84
CA SER F 240 17.97 -38.92 43.99
C SER F 240 16.75 -38.51 44.79
N LYS F 241 16.06 -37.48 44.32
CA LYS F 241 14.84 -37.01 44.97
C LYS F 241 13.65 -37.81 44.50
N ASN F 242 13.67 -38.15 43.22
CA ASN F 242 12.52 -38.75 42.55
C ASN F 242 12.54 -40.24 42.63
N THR F 243 13.66 -40.78 43.09
CA THR F 243 13.83 -42.22 43.14
C THR F 243 14.80 -42.57 44.27
N ASN F 244 14.72 -43.79 44.79
CA ASN F 244 15.62 -44.24 45.86
C ASN F 244 16.94 -44.68 45.29
N GLU F 245 17.67 -43.75 44.71
CA GLU F 245 18.94 -44.00 44.03
C GLU F 245 20.00 -42.98 44.39
N LEU F 246 21.26 -43.43 44.38
CA LEU F 246 22.40 -42.59 44.75
C LEU F 246 23.33 -42.42 43.58
N VAL F 247 23.84 -41.20 43.41
CA VAL F 247 24.90 -40.97 42.42
C VAL F 247 26.21 -40.54 43.09
N THR F 248 27.26 -41.32 42.85
CA THR F 248 28.62 -41.01 43.34
C THR F 248 29.50 -40.52 42.19
N SER F 249 30.39 -39.57 42.45
CA SER F 249 31.30 -39.13 41.40
C SER F 249 32.75 -39.39 41.76
N HIS F 250 33.52 -39.89 40.82
CA HIS F 250 34.79 -40.50 41.19
C HIS F 250 36.08 -39.84 40.75
N GLY F 251 37.13 -40.08 41.54
CA GLY F 251 38.47 -39.59 41.25
C GLY F 251 39.36 -40.75 40.84
N TYR F 252 40.56 -40.78 41.39
CA TYR F 252 41.55 -41.79 41.03
C TYR F 252 40.99 -43.19 41.26
N SER F 253 41.03 -44.08 40.26
CA SER F 253 41.55 -43.79 38.96
C SER F 253 40.49 -44.05 37.91
N LYS F 254 39.25 -43.63 38.16
CA LYS F 254 38.14 -43.83 37.25
C LYS F 254 37.30 -42.57 37.35
N TYR F 255 37.45 -41.68 36.37
CA TYR F 255 36.70 -40.43 36.37
C TYR F 255 35.27 -40.57 35.88
N ASN F 256 34.49 -41.35 36.61
CA ASN F 256 33.09 -41.58 36.25
C ASN F 256 32.07 -41.08 37.26
N LEU F 257 30.81 -40.99 36.86
CA LEU F 257 29.72 -41.01 37.85
C LEU F 257 29.18 -42.45 37.93
N THR F 258 28.89 -42.95 39.14
CA THR F 258 28.14 -44.20 39.17
C THR F 258 26.78 -44.06 39.85
N LEU F 259 25.77 -44.70 39.26
CA LEU F 259 24.38 -44.61 39.70
C LEU F 259 23.99 -45.91 40.41
N TRP F 260 23.61 -45.79 41.69
CA TRP F 260 23.35 -46.94 42.54
C TRP F 260 21.87 -47.14 42.79
N ASP F 261 21.46 -48.40 42.86
CA ASP F 261 20.09 -48.77 43.17
C ASP F 261 19.61 -48.58 44.63
N CYS F 262 20.42 -48.86 45.63
CA CYS F 262 20.00 -48.62 47.03
C CYS F 262 19.19 -49.74 47.64
N ASN F 263 18.16 -50.23 46.95
CA ASN F 263 17.47 -51.40 47.45
C ASN F 263 18.37 -52.63 47.46
N SER F 264 18.94 -52.97 46.30
CA SER F 264 20.13 -53.78 46.20
C SER F 264 21.19 -52.71 46.14
N MET F 265 22.36 -52.95 46.69
CA MET F 265 23.31 -51.88 46.58
C MET F 265 24.18 -52.02 45.32
N ASP F 266 23.49 -52.14 44.19
CA ASP F 266 24.13 -52.46 42.91
C ASP F 266 24.25 -51.27 42.02
N PRO F 267 25.38 -51.18 41.28
CA PRO F 267 25.46 -50.12 40.28
C PRO F 267 24.50 -50.42 39.15
N ILE F 268 23.71 -49.41 38.79
CA ILE F 268 22.74 -49.46 37.72
C ILE F 268 23.47 -49.04 36.44
N ALA F 269 24.34 -48.03 36.54
CA ALA F 269 24.99 -47.48 35.33
C ALA F 269 26.23 -46.72 35.72
N ILE F 270 27.19 -46.67 34.78
CA ILE F 270 28.45 -45.95 34.97
C ILE F 270 28.58 -44.91 33.87
N LEU F 271 28.76 -43.65 34.24
CA LEU F 271 28.75 -42.54 33.27
C LEU F 271 30.14 -41.96 33.05
N LYS F 272 30.56 -41.95 31.79
CA LYS F 272 31.95 -41.68 31.46
C LYS F 272 32.10 -40.47 30.55
N GLY F 273 33.30 -39.91 30.52
CA GLY F 273 33.56 -38.75 29.70
C GLY F 273 34.60 -37.84 30.29
N HIS F 274 34.43 -37.44 31.55
CA HIS F 274 35.40 -36.53 32.17
C HIS F 274 36.81 -37.07 32.10
N SER F 275 37.77 -36.16 31.91
CA SER F 275 39.20 -36.53 31.83
C SER F 275 39.99 -35.96 33.00
N PHE F 276 39.28 -35.40 33.97
CA PHE F 276 39.79 -35.12 35.31
C PHE F 276 38.84 -35.71 36.37
N ARG F 277 39.25 -35.68 37.62
CA ARG F 277 38.41 -36.25 38.66
C ARG F 277 37.06 -35.51 38.71
N VAL F 278 35.96 -36.24 38.82
CA VAL F 278 34.64 -35.61 38.89
C VAL F 278 34.38 -35.13 40.32
N LEU F 279 34.80 -33.91 40.58
CA LEU F 279 34.87 -33.37 41.93
C LEU F 279 33.64 -32.60 42.27
N HIS F 280 33.00 -32.00 41.27
CA HIS F 280 31.85 -31.13 41.48
C HIS F 280 30.58 -31.78 40.95
N LEU F 281 29.51 -31.67 41.73
CA LEU F 281 28.29 -32.44 41.47
C LEU F 281 27.10 -31.77 42.13
N THR F 282 25.92 -31.86 41.54
CA THR F 282 24.70 -31.25 42.11
C THR F 282 23.46 -31.76 41.37
N LEU F 283 22.34 -31.79 42.09
CA LEU F 283 21.06 -32.31 41.56
C LEU F 283 20.07 -31.19 41.24
N SER F 284 19.43 -31.31 40.08
CA SER F 284 18.55 -30.26 39.56
C SER F 284 17.33 -30.19 40.46
N ASN F 285 16.69 -29.02 40.49
CA ASN F 285 15.58 -28.78 41.42
C ASN F 285 14.40 -29.73 41.18
N ASP F 286 14.14 -30.04 39.92
CA ASP F 286 13.05 -30.99 39.60
C ASP F 286 13.49 -32.46 39.70
N GLY F 287 14.76 -32.68 40.06
CA GLY F 287 15.25 -34.01 40.40
C GLY F 287 15.58 -34.89 39.23
N THR F 288 15.44 -34.34 38.01
CA THR F 288 15.66 -35.08 36.75
C THR F 288 17.11 -35.15 36.33
N THR F 289 17.86 -34.12 36.66
CA THR F 289 19.16 -33.89 36.06
C THR F 289 20.27 -33.78 37.10
N VAL F 290 21.40 -34.44 36.84
CA VAL F 290 22.59 -34.31 37.66
C VAL F 290 23.64 -33.57 36.85
N VAL F 291 24.20 -32.49 37.42
CA VAL F 291 25.28 -31.82 36.73
C VAL F 291 26.62 -32.18 37.30
N SER F 292 27.59 -32.51 36.46
CA SER F 292 28.92 -32.81 36.97
C SER F 292 30.02 -31.86 36.42
N GLY F 293 31.00 -31.58 37.28
CA GLY F 293 32.12 -30.72 36.92
C GLY F 293 33.46 -31.35 37.22
N ALA F 294 34.48 -30.97 36.46
CA ALA F 294 35.85 -31.40 36.71
C ALA F 294 36.86 -30.37 36.23
N GLY F 295 38.12 -30.62 36.58
CA GLY F 295 39.23 -29.78 36.17
C GLY F 295 39.46 -29.86 34.69
N ASP F 296 38.69 -30.70 34.00
CA ASP F 296 38.70 -30.69 32.54
C ASP F 296 37.85 -29.53 32.04
N GLU F 297 37.45 -28.65 32.95
CA GLU F 297 36.78 -27.41 32.60
C GLU F 297 35.46 -27.60 31.82
N THR F 298 34.74 -28.68 32.13
CA THR F 298 33.42 -28.91 31.55
C THR F 298 32.40 -29.15 32.66
N LEU F 299 31.19 -28.66 32.43
CA LEU F 299 30.02 -29.01 33.21
C LEU F 299 29.10 -29.88 32.38
N ARG F 300 28.75 -31.06 32.86
CA ARG F 300 27.95 -32.00 32.06
C ARG F 300 26.61 -32.32 32.71
N TYR F 301 25.54 -32.15 31.93
CA TYR F 301 24.16 -32.38 32.39
C TYR F 301 23.70 -33.78 32.01
N TRP F 302 23.50 -34.59 33.05
CA TRP F 302 23.03 -35.95 32.85
C TRP F 302 21.56 -36.12 33.18
N LYS F 303 20.75 -36.45 32.17
CA LYS F 303 19.34 -36.76 32.38
C LYS F 303 19.26 -38.18 32.94
N LEU F 304 18.99 -38.28 34.23
CA LEU F 304 19.01 -39.56 34.95
C LEU F 304 17.65 -40.01 35.54
N PHE F 305 16.73 -39.10 35.84
CA PHE F 305 15.50 -39.46 36.51
C PHE F 305 14.26 -38.85 35.84
N ASP F 306 13.07 -39.35 36.18
CA ASP F 306 11.80 -38.84 35.64
C ASP F 306 11.10 -37.87 36.60
N LYS F 307 10.10 -37.15 36.13
CA LYS F 307 9.35 -36.29 37.04
C LYS F 307 7.95 -36.88 37.32
N PRO F 308 7.84 -37.74 38.36
CA PRO F 308 6.66 -38.54 38.74
C PRO F 308 5.36 -38.16 38.03
N ARG G 5 -16.57 33.31 -55.23
CA ARG G 5 -16.27 32.46 -54.01
C ARG G 5 -17.56 32.02 -53.29
N GLN G 6 -17.61 30.74 -52.90
CA GLN G 6 -18.88 30.07 -52.54
C GLN G 6 -19.33 30.17 -51.07
N ILE G 7 -20.44 30.87 -50.88
CA ILE G 7 -21.05 31.09 -49.57
C ILE G 7 -21.88 29.90 -49.04
N ALA G 8 -21.53 29.40 -47.84
CA ALA G 8 -22.22 28.23 -47.24
C ALA G 8 -23.64 28.63 -46.94
N LYS G 9 -24.58 27.76 -47.26
CA LYS G 9 -26.00 28.08 -47.17
C LYS G 9 -26.62 27.55 -45.87
N VAL G 10 -25.79 26.96 -45.01
CA VAL G 10 -26.30 26.37 -43.77
C VAL G 10 -25.44 26.88 -42.64
N PRO G 11 -26.05 27.14 -41.44
CA PRO G 11 -25.22 27.59 -40.30
C PRO G 11 -24.30 26.49 -39.77
N TYR G 12 -23.14 26.85 -39.23
CA TYR G 12 -22.27 25.83 -38.67
C TYR G 12 -22.52 25.53 -37.19
N ARG G 13 -23.23 26.44 -36.52
CA ARG G 13 -23.69 26.20 -35.16
C ARG G 13 -25.06 26.80 -34.93
N VAL G 14 -25.90 26.08 -34.21
CA VAL G 14 -27.24 26.56 -33.83
C VAL G 14 -27.39 26.41 -32.31
N LEU G 15 -27.64 27.50 -31.61
CA LEU G 15 -27.83 27.41 -30.17
C LEU G 15 -29.27 27.64 -29.79
N ASP G 16 -29.72 26.92 -28.75
CA ASP G 16 -31.08 27.09 -28.21
C ASP G 16 -31.14 28.40 -27.43
N ALA G 17 -32.10 29.24 -27.79
CA ALA G 17 -32.26 30.55 -27.15
C ALA G 17 -33.69 30.78 -26.67
N PRO G 18 -34.11 30.03 -25.63
CA PRO G 18 -35.50 30.09 -25.16
C PRO G 18 -35.85 31.48 -24.62
N SER G 19 -37.02 31.99 -25.02
CA SER G 19 -37.53 33.31 -24.61
C SER G 19 -36.94 34.53 -25.33
N LEU G 20 -36.08 34.30 -26.32
CA LEU G 20 -35.53 35.41 -27.08
C LEU G 20 -36.68 36.21 -27.68
N ALA G 21 -36.72 37.51 -27.42
CA ALA G 21 -37.90 38.34 -27.79
C ALA G 21 -38.21 38.38 -29.30
N ASP G 22 -39.48 38.43 -29.64
CA ASP G 22 -39.92 38.62 -31.01
C ASP G 22 -40.48 40.02 -31.13
N ASP G 23 -39.69 41.01 -30.78
CA ASP G 23 -40.15 42.39 -30.89
C ASP G 23 -39.18 43.12 -31.79
N PHE G 24 -39.73 43.66 -32.87
CA PHE G 24 -38.94 44.37 -33.87
C PHE G 24 -37.91 45.32 -33.28
N TYR G 25 -38.31 46.03 -32.24
CA TYR G 25 -37.52 47.14 -31.72
C TYR G 25 -36.30 46.71 -30.85
N TYR G 26 -36.20 45.41 -30.54
CA TYR G 26 -35.10 44.94 -29.72
C TYR G 26 -33.99 44.35 -30.59
N SER G 27 -32.78 44.38 -30.06
CA SER G 27 -31.63 43.79 -30.73
C SER G 27 -30.68 43.25 -29.64
N LEU G 28 -30.91 41.99 -29.25
CA LEU G 28 -30.46 41.47 -27.93
C LEU G 28 -29.35 40.43 -27.98
N ILE G 29 -28.27 40.74 -28.67
CA ILE G 29 -27.30 39.75 -29.08
C ILE G 29 -26.07 40.57 -29.46
N ASP G 30 -24.97 40.43 -28.73
CA ASP G 30 -23.78 41.21 -29.05
C ASP G 30 -22.49 40.43 -28.83
N TRP G 31 -21.64 40.44 -29.85
CA TRP G 31 -20.37 39.72 -29.79
C TRP G 31 -19.22 40.67 -29.35
N SER G 32 -18.63 40.43 -28.19
CA SER G 32 -17.61 41.35 -27.66
C SER G 32 -16.26 41.31 -28.39
N SER G 33 -15.45 42.36 -28.18
CA SER G 33 -14.07 42.38 -28.65
C SER G 33 -13.20 41.35 -27.92
N THR G 34 -13.69 40.83 -26.79
CA THR G 34 -13.06 39.69 -26.10
C THR G 34 -13.69 38.32 -26.47
N ASP G 35 -14.37 38.26 -27.61
CA ASP G 35 -15.03 37.05 -28.11
C ASP G 35 -16.07 36.39 -27.17
N VAL G 36 -16.73 37.22 -26.37
CA VAL G 36 -17.85 36.76 -25.54
C VAL G 36 -19.17 37.21 -26.17
N LEU G 37 -20.08 36.26 -26.42
CA LEU G 37 -21.41 36.57 -26.93
C LEU G 37 -22.37 36.85 -25.78
N ALA G 38 -22.96 38.05 -25.75
CA ALA G 38 -23.98 38.35 -24.75
C ALA G 38 -25.39 38.30 -25.37
N VAL G 39 -26.26 37.53 -24.72
CA VAL G 39 -27.66 37.46 -25.17
C VAL G 39 -28.69 37.64 -24.05
N ALA G 40 -29.68 38.47 -24.33
CA ALA G 40 -30.79 38.72 -23.43
C ALA G 40 -31.95 37.80 -23.80
N LEU G 41 -32.35 36.96 -22.84
CA LEU G 41 -33.48 36.05 -22.99
C LEU G 41 -34.52 36.35 -21.92
N GLY G 42 -35.59 37.02 -22.32
CA GLY G 42 -36.64 37.40 -21.40
C GLY G 42 -36.12 38.27 -20.28
N LYS G 43 -36.05 37.70 -19.09
CA LYS G 43 -35.68 38.43 -17.90
C LYS G 43 -34.23 38.17 -17.46
N SER G 44 -33.46 37.50 -18.31
CA SER G 44 -32.13 37.05 -17.92
C SER G 44 -31.06 37.38 -18.95
N ILE G 45 -29.82 37.52 -18.51
CA ILE G 45 -28.73 37.68 -19.47
C ILE G 45 -27.72 36.55 -19.40
N PHE G 46 -27.39 35.99 -20.55
CA PHE G 46 -26.40 34.93 -20.57
C PHE G 46 -25.21 35.31 -21.44
N LEU G 47 -24.04 34.80 -21.05
CA LEU G 47 -22.82 34.98 -21.83
C LEU G 47 -22.27 33.63 -22.27
N THR G 48 -21.71 33.57 -23.48
CA THR G 48 -20.93 32.42 -23.91
C THR G 48 -19.52 32.88 -24.27
N ASP G 49 -18.53 32.16 -23.76
CA ASP G 49 -17.18 32.28 -24.29
C ASP G 49 -17.15 31.49 -25.61
N ASN G 50 -16.71 32.15 -26.68
CA ASN G 50 -16.59 31.46 -27.95
C ASN G 50 -15.42 30.48 -27.98
N ASN G 51 -14.41 30.79 -27.15
CA ASN G 51 -13.22 29.95 -27.01
C ASN G 51 -13.41 28.77 -26.07
N THR G 52 -14.23 28.92 -25.04
CA THR G 52 -14.43 27.84 -24.04
C THR G 52 -15.69 27.00 -24.28
N GLY G 53 -16.73 27.64 -24.84
CA GLY G 53 -18.06 27.02 -24.87
C GLY G 53 -18.76 27.20 -23.53
N ASP G 54 -18.05 27.85 -22.60
CA ASP G 54 -18.52 28.17 -21.27
C ASP G 54 -19.75 29.08 -21.28
N VAL G 55 -20.76 28.77 -20.45
CA VAL G 55 -21.97 29.63 -20.36
C VAL G 55 -22.14 30.26 -18.97
N VAL G 56 -22.11 31.59 -18.90
CA VAL G 56 -22.31 32.31 -17.65
C VAL G 56 -23.67 33.00 -17.62
N HIS G 57 -24.34 32.90 -16.48
CA HIS G 57 -25.65 33.47 -16.25
C HIS G 57 -25.46 34.62 -15.26
N LEU G 58 -25.29 35.85 -15.76
CA LEU G 58 -25.29 37.01 -14.87
C LEU G 58 -26.62 37.73 -14.93
N CYS G 59 -26.99 38.42 -13.86
CA CYS G 59 -28.22 39.25 -13.73
C CYS G 59 -29.61 38.74 -14.19
N ASP G 60 -30.59 38.97 -13.33
CA ASP G 60 -31.99 38.81 -13.67
C ASP G 60 -32.67 40.12 -13.36
N THR G 61 -33.92 40.23 -13.75
CA THR G 61 -34.71 41.41 -13.51
C THR G 61 -36.16 40.97 -13.33
N GLU G 62 -36.93 41.71 -12.53
CA GLU G 62 -38.37 41.49 -12.44
C GLU G 62 -39.08 42.09 -13.66
N ASN G 63 -38.34 42.97 -14.34
CA ASN G 63 -38.80 43.72 -15.48
C ASN G 63 -38.69 42.91 -16.78
N GLU G 64 -37.94 43.46 -17.74
CA GLU G 64 -37.61 42.78 -19.00
C GLU G 64 -36.38 43.47 -19.58
N TYR G 65 -35.37 42.71 -19.97
CA TYR G 65 -34.20 43.29 -20.62
C TYR G 65 -34.54 43.66 -22.05
N THR G 66 -33.97 44.75 -22.53
CA THR G 66 -34.56 45.46 -23.65
C THR G 66 -33.46 45.93 -24.63
N SER G 67 -32.25 46.06 -24.12
CA SER G 67 -31.07 46.33 -24.96
C SER G 67 -29.80 45.92 -24.24
N LEU G 68 -28.73 45.70 -25.01
CA LEU G 68 -27.38 45.47 -24.47
C LEU G 68 -26.31 45.95 -25.44
N SER G 69 -25.16 46.33 -24.92
CA SER G 69 -24.04 46.73 -25.79
C SER G 69 -22.73 46.60 -25.03
N TRP G 70 -21.81 45.81 -25.58
CA TRP G 70 -20.49 45.63 -24.97
C TRP G 70 -19.73 46.93 -24.98
N ILE G 71 -18.94 47.19 -23.96
CA ILE G 71 -18.00 48.32 -23.98
C ILE G 71 -16.95 48.08 -25.08
N GLY G 72 -16.28 49.14 -25.50
CA GLY G 72 -15.20 49.03 -26.49
C GLY G 72 -14.29 47.85 -26.21
N ALA G 73 -13.66 47.87 -25.03
CA ALA G 73 -12.69 46.85 -24.59
C ALA G 73 -13.27 45.45 -24.31
N GLY G 74 -14.59 45.33 -24.22
CA GLY G 74 -15.23 44.02 -23.96
C GLY G 74 -15.27 43.59 -22.50
N SER G 75 -14.81 44.48 -21.61
CA SER G 75 -14.73 44.22 -20.18
C SER G 75 -16.07 44.42 -19.46
N HIS G 76 -16.92 45.29 -20.02
CA HIS G 76 -18.18 45.68 -19.38
C HIS G 76 -19.34 45.60 -20.34
N LEU G 77 -20.50 45.21 -19.81
CA LEU G 77 -21.72 45.13 -20.62
C LEU G 77 -22.81 46.11 -20.15
N ALA G 78 -23.26 46.96 -21.06
CA ALA G 78 -24.32 47.86 -20.75
C ALA G 78 -25.63 47.15 -21.00
N VAL G 79 -26.59 47.37 -20.09
CA VAL G 79 -27.91 46.73 -20.17
C VAL G 79 -29.06 47.69 -19.88
N GLY G 80 -30.03 47.76 -20.80
CA GLY G 80 -31.26 48.54 -20.59
C GLY G 80 -32.52 47.72 -20.31
N GLN G 81 -33.49 48.35 -19.63
CA GLN G 81 -34.73 47.67 -19.26
C GLN G 81 -36.00 48.36 -19.72
N ALA G 82 -37.11 47.64 -19.65
CA ALA G 82 -38.40 48.13 -20.11
C ALA G 82 -38.84 49.35 -19.33
N ASN G 83 -38.38 49.47 -18.08
CA ASN G 83 -38.72 50.64 -17.25
C ASN G 83 -37.75 51.81 -17.37
N GLY G 84 -36.86 51.76 -18.35
CA GLY G 84 -35.96 52.89 -18.63
C GLY G 84 -34.63 52.89 -17.88
N LEU G 85 -34.48 51.94 -16.97
CA LEU G 85 -33.25 51.77 -16.22
C LEU G 85 -32.11 51.25 -17.12
N VAL G 86 -30.94 51.86 -16.97
CA VAL G 86 -29.74 51.38 -17.65
C VAL G 86 -28.71 51.00 -16.61
N GLU G 87 -28.11 49.82 -16.75
CA GLU G 87 -27.07 49.38 -15.82
C GLU G 87 -25.84 48.85 -16.55
N ILE G 88 -24.68 48.95 -15.88
CA ILE G 88 -23.43 48.47 -16.43
C ILE G 88 -22.89 47.33 -15.57
N TYR G 89 -22.46 46.26 -16.22
CA TYR G 89 -21.95 45.10 -15.52
C TYR G 89 -20.45 44.89 -15.75
N ASP G 90 -19.70 44.68 -14.67
CA ASP G 90 -18.34 44.17 -14.76
C ASP G 90 -18.47 42.67 -14.96
N VAL G 91 -18.04 42.24 -16.15
CA VAL G 91 -18.24 40.87 -16.60
C VAL G 91 -17.32 39.89 -15.88
N MET G 92 -16.08 40.32 -15.57
CA MET G 92 -15.14 39.47 -14.84
C MET G 92 -15.60 39.30 -13.37
N LYS G 93 -16.03 40.40 -12.76
CA LYS G 93 -16.53 40.41 -11.40
C LYS G 93 -17.92 39.80 -11.27
N ARG G 94 -18.67 39.83 -12.38
CA ARG G 94 -20.09 39.43 -12.43
C ARG G 94 -20.98 40.25 -11.50
N LYS G 95 -20.64 41.52 -11.34
CA LYS G 95 -21.35 42.40 -10.43
C LYS G 95 -21.87 43.59 -11.23
N CYS G 96 -22.95 44.21 -10.74
CA CYS G 96 -23.46 45.43 -11.37
C CYS G 96 -22.70 46.65 -10.85
N ILE G 97 -21.84 47.18 -11.73
CA ILE G 97 -20.95 48.30 -11.44
C ILE G 97 -21.67 49.63 -11.22
N ARG G 98 -22.74 49.88 -11.98
CA ARG G 98 -23.57 51.07 -11.76
C ARG G 98 -24.97 51.07 -12.40
N THR G 99 -25.80 51.97 -11.87
CA THR G 99 -27.23 52.02 -12.14
C THR G 99 -27.58 53.43 -12.61
N LEU G 100 -27.92 53.56 -13.89
CA LEU G 100 -28.18 54.88 -14.49
C LEU G 100 -29.66 55.16 -14.74
N SER G 101 -30.16 56.21 -14.13
CA SER G 101 -31.51 56.67 -14.44
C SER G 101 -31.52 57.72 -15.56
N GLY G 102 -32.68 58.34 -15.77
CA GLY G 102 -32.81 59.38 -16.80
C GLY G 102 -34.01 59.10 -17.69
N HIS G 103 -34.15 57.85 -18.12
CA HIS G 103 -35.26 57.47 -18.98
C HIS G 103 -36.49 57.10 -18.19
N ILE G 104 -37.65 57.42 -18.76
CA ILE G 104 -38.91 57.20 -18.10
C ILE G 104 -39.73 56.12 -18.79
N ASP G 105 -39.13 55.46 -19.79
CA ASP G 105 -39.76 54.41 -20.59
C ASP G 105 -38.66 53.57 -21.25
N ARG G 106 -38.99 52.39 -21.73
CA ARG G 106 -37.99 51.38 -22.12
C ARG G 106 -36.84 51.91 -22.94
N VAL G 107 -35.67 51.32 -22.71
CA VAL G 107 -34.45 51.68 -23.45
C VAL G 107 -34.17 50.58 -24.47
N ALA G 108 -34.52 50.85 -25.73
CA ALA G 108 -34.47 49.86 -26.78
C ALA G 108 -33.11 49.76 -27.46
N CYS G 109 -32.26 50.78 -27.27
CA CYS G 109 -30.95 50.83 -27.94
C CYS G 109 -29.83 51.56 -27.17
N LEU G 110 -28.60 51.11 -27.36
CA LEU G 110 -27.41 51.61 -26.67
C LEU G 110 -26.18 51.58 -27.59
N SER G 111 -25.22 52.48 -27.35
CA SER G 111 -24.04 52.55 -28.21
C SER G 111 -22.90 53.26 -27.48
N TRP G 112 -21.70 52.71 -27.57
CA TRP G 112 -20.53 53.22 -26.86
C TRP G 112 -19.63 54.04 -27.76
N ASN G 113 -19.04 55.09 -27.19
CA ASN G 113 -17.94 55.83 -27.83
C ASN G 113 -16.90 56.03 -26.76
N ASN G 114 -15.99 55.06 -26.65
CA ASN G 114 -15.10 54.97 -25.49
C ASN G 114 -15.86 55.12 -24.15
N HIS G 115 -15.58 56.21 -23.43
CA HIS G 115 -16.12 56.43 -22.09
C HIS G 115 -17.54 57.02 -22.12
N VAL G 116 -18.02 57.31 -23.32
CA VAL G 116 -19.38 57.76 -23.48
C VAL G 116 -20.32 56.58 -23.80
N LEU G 117 -21.31 56.39 -22.92
CA LEU G 117 -22.42 55.49 -23.19
C LEU G 117 -23.67 56.31 -23.55
N THR G 118 -24.36 55.88 -24.59
CA THR G 118 -25.49 56.61 -25.12
C THR G 118 -26.71 55.69 -25.20
N SER G 119 -27.79 56.11 -24.53
CA SER G 119 -29.03 55.34 -24.54
C SER G 119 -30.17 56.08 -25.25
N GLY G 120 -31.00 55.31 -25.94
CA GLY G 120 -32.20 55.81 -26.60
C GLY G 120 -33.42 55.06 -26.12
N SER G 121 -34.54 55.79 -25.97
CA SER G 121 -35.71 55.24 -25.31
C SER G 121 -37.01 55.44 -26.06
N ARG G 122 -38.07 54.84 -25.52
CA ARG G 122 -39.41 55.04 -26.00
C ARG G 122 -40.08 56.30 -25.43
N ASP G 123 -39.51 56.93 -24.39
CA ASP G 123 -39.70 58.39 -24.25
C ASP G 123 -38.99 58.88 -25.50
N HIS G 124 -38.93 60.15 -25.84
CA HIS G 124 -38.34 60.33 -27.17
C HIS G 124 -36.86 60.74 -27.17
N ARG G 125 -36.19 60.41 -26.08
CA ARG G 125 -34.92 61.01 -25.77
C ARG G 125 -33.73 60.13 -26.03
N ILE G 126 -32.60 60.78 -26.30
CA ILE G 126 -31.29 60.14 -26.34
C ILE G 126 -30.45 60.79 -25.24
N LEU G 127 -29.72 59.97 -24.46
CA LEU G 127 -28.85 60.49 -23.38
C LEU G 127 -27.38 60.11 -23.53
N HIS G 128 -26.53 61.13 -23.45
CA HIS G 128 -25.06 60.93 -23.45
C HIS G 128 -24.61 60.84 -22.01
N ARG G 129 -23.87 59.78 -21.67
CA ARG G 129 -23.45 59.53 -20.29
C ARG G 129 -21.94 59.35 -20.20
N ASP G 130 -21.30 60.18 -19.39
CA ASP G 130 -19.88 60.00 -19.08
C ASP G 130 -19.73 58.91 -18.02
N VAL G 131 -19.14 57.81 -18.42
CA VAL G 131 -19.23 56.59 -17.65
C VAL G 131 -18.22 56.56 -16.47
N ARG G 132 -17.31 57.54 -16.48
CA ARG G 132 -16.32 57.71 -15.43
C ARG G 132 -16.84 58.73 -14.43
N MET G 133 -17.89 59.44 -14.83
CA MET G 133 -18.48 60.49 -14.00
C MET G 133 -19.57 59.96 -13.08
N PRO G 134 -19.77 60.60 -11.90
CA PRO G 134 -20.88 60.19 -11.04
C PRO G 134 -22.27 60.61 -11.54
N ASP G 135 -22.32 61.43 -12.58
CA ASP G 135 -23.60 61.88 -13.14
C ASP G 135 -24.29 60.83 -13.98
N PRO G 136 -25.62 60.67 -13.79
CA PRO G 136 -26.39 59.72 -14.60
C PRO G 136 -26.25 60.01 -16.11
N PHE G 137 -26.01 61.26 -16.48
CA PHE G 137 -25.88 61.66 -17.87
C PHE G 137 -25.47 63.13 -17.92
N PHE G 138 -24.80 63.51 -19.01
CA PHE G 138 -24.37 64.90 -19.15
C PHE G 138 -25.09 65.68 -20.24
N GLU G 139 -25.59 64.96 -21.23
CA GLU G 139 -26.25 65.62 -22.34
C GLU G 139 -27.51 64.89 -22.73
N THR G 140 -28.56 65.67 -23.01
CA THR G 140 -29.85 65.12 -23.40
C THR G 140 -30.30 65.64 -24.77
N ILE G 141 -30.74 64.73 -25.63
CA ILE G 141 -31.11 65.03 -27.01
C ILE G 141 -32.53 64.60 -27.26
N GLU G 142 -33.40 65.54 -27.66
CA GLU G 142 -34.77 65.21 -28.06
C GLU G 142 -35.04 65.62 -29.48
N SER G 143 -34.71 64.75 -30.43
CA SER G 143 -34.82 65.13 -31.83
C SER G 143 -35.68 64.13 -32.59
N HIS G 144 -36.17 63.12 -31.90
CA HIS G 144 -37.16 62.21 -32.46
C HIS G 144 -38.51 62.46 -31.82
N THR G 145 -39.57 62.16 -32.57
CA THR G 145 -40.92 62.41 -32.10
C THR G 145 -41.61 61.09 -31.72
N GLN G 146 -40.87 60.01 -31.90
CA GLN G 146 -41.24 58.70 -31.38
C GLN G 146 -40.06 57.91 -30.88
N GLU G 147 -40.27 56.64 -30.60
CA GLU G 147 -39.26 55.82 -29.96
C GLU G 147 -37.98 55.84 -30.73
N VAL G 148 -36.87 56.09 -30.02
CA VAL G 148 -35.54 55.95 -30.62
C VAL G 148 -35.17 54.47 -30.58
N CYS G 149 -34.98 53.89 -31.77
CA CYS G 149 -34.78 52.45 -31.92
C CYS G 149 -33.50 52.06 -32.65
N GLY G 150 -32.73 53.04 -33.10
CA GLY G 150 -31.42 52.80 -33.65
C GLY G 150 -30.42 53.83 -33.15
N LEU G 151 -29.22 53.34 -32.81
CA LEU G 151 -28.16 54.18 -32.25
C LEU G 151 -26.82 53.54 -32.53
N LYS G 152 -26.01 54.15 -33.40
CA LYS G 152 -24.68 53.64 -33.73
C LYS G 152 -23.61 54.72 -33.75
N TRP G 153 -22.61 54.55 -32.90
CA TRP G 153 -21.46 55.45 -32.89
C TRP G 153 -20.46 55.06 -33.96
N ASN G 154 -19.73 56.03 -34.50
CA ASN G 154 -18.61 55.72 -35.37
C ASN G 154 -17.33 55.44 -34.59
N VAL G 155 -16.96 56.37 -33.70
CA VAL G 155 -15.72 56.25 -32.90
C VAL G 155 -14.50 56.68 -33.71
N ALA G 156 -14.26 56.08 -34.89
CA ALA G 156 -13.15 56.52 -35.78
C ALA G 156 -13.40 57.94 -36.31
N ASP G 157 -14.49 58.12 -37.05
CA ASP G 157 -15.13 59.42 -37.15
C ASP G 157 -15.70 59.66 -35.77
N ASN G 158 -15.87 60.92 -35.39
CA ASN G 158 -16.57 61.19 -34.15
C ASN G 158 -18.04 61.50 -34.45
N LYS G 159 -18.78 60.48 -34.87
CA LYS G 159 -20.15 60.69 -35.33
C LYS G 159 -21.16 59.67 -34.84
N LEU G 160 -22.33 60.17 -34.45
CA LEU G 160 -23.44 59.33 -34.02
C LEU G 160 -24.56 59.34 -35.05
N ALA G 161 -25.15 58.17 -35.26
CA ALA G 161 -26.38 58.09 -36.03
C ALA G 161 -27.53 57.67 -35.10
N SER G 162 -28.69 58.27 -35.26
CA SER G 162 -29.88 57.81 -34.54
C SER G 162 -30.97 57.52 -35.53
N GLY G 163 -31.81 56.56 -35.15
CA GLY G 163 -32.96 56.19 -36.00
C GLY G 163 -34.22 56.00 -35.16
N GLY G 164 -35.33 56.53 -35.65
CA GLY G 164 -36.55 56.50 -34.87
C GLY G 164 -37.72 55.81 -35.53
N ASN G 165 -38.73 55.52 -34.72
CA ASN G 165 -40.00 55.01 -35.19
C ASN G 165 -40.78 56.15 -35.87
N ASP G 166 -40.15 57.31 -35.98
CA ASP G 166 -40.75 58.43 -36.70
C ASP G 166 -40.25 58.42 -38.15
N ASN G 167 -39.46 57.40 -38.47
CA ASN G 167 -38.91 57.22 -39.81
C ASN G 167 -37.78 58.18 -40.15
N VAL G 168 -37.23 58.81 -39.12
CA VAL G 168 -36.19 59.83 -39.31
C VAL G 168 -34.83 59.28 -38.91
N VAL G 169 -33.81 59.67 -39.68
CA VAL G 169 -32.43 59.41 -39.32
C VAL G 169 -31.68 60.73 -39.05
N HIS G 170 -30.99 60.78 -37.92
CA HIS G 170 -30.16 61.95 -37.59
C HIS G 170 -28.71 61.55 -37.50
N VAL G 171 -27.82 62.47 -37.87
CA VAL G 171 -26.38 62.31 -37.70
C VAL G 171 -25.86 63.50 -36.89
N TYR G 172 -25.11 63.22 -35.83
CA TYR G 172 -24.59 64.23 -34.90
C TYR G 172 -23.09 64.23 -34.94
N GLU G 173 -22.51 65.42 -34.82
CA GLU G 173 -21.06 65.53 -34.63
C GLU G 173 -20.70 65.42 -33.16
N GLY G 174 -20.08 64.29 -32.82
CA GLY G 174 -19.74 64.00 -31.44
C GLY G 174 -20.94 64.12 -30.52
N THR G 175 -20.69 64.76 -29.39
CA THR G 175 -21.59 64.73 -28.26
C THR G 175 -22.65 65.83 -28.39
N SER G 176 -22.65 66.45 -29.56
CA SER G 176 -23.46 67.63 -29.84
C SER G 176 -24.96 67.37 -29.75
N LYS G 177 -25.69 68.37 -29.25
CA LYS G 177 -27.13 68.30 -29.03
C LYS G 177 -27.96 68.32 -30.31
N SER G 178 -27.55 69.12 -31.29
CA SER G 178 -28.28 69.23 -32.54
C SER G 178 -27.65 68.35 -33.60
N PRO G 179 -28.47 67.65 -34.40
CA PRO G 179 -27.87 66.92 -35.52
C PRO G 179 -27.27 67.84 -36.58
N ILE G 180 -26.22 67.40 -37.27
CA ILE G 180 -25.67 68.13 -38.40
C ILE G 180 -26.40 67.72 -39.70
N LEU G 181 -27.05 66.55 -39.67
CA LEU G 181 -27.79 66.08 -40.83
C LEU G 181 -29.05 65.35 -40.43
N THR G 182 -30.08 65.45 -41.27
CA THR G 182 -31.32 64.72 -41.09
C THR G 182 -31.75 64.10 -42.43
N PHE G 183 -31.91 62.78 -42.45
CA PHE G 183 -32.47 62.09 -43.59
C PHE G 183 -33.83 61.58 -43.18
N ASP G 184 -34.86 62.07 -43.84
CA ASP G 184 -36.17 61.54 -43.52
C ASP G 184 -36.92 60.91 -44.70
N GLU G 185 -36.17 60.38 -45.66
CA GLU G 185 -36.73 59.64 -46.80
C GLU G 185 -37.52 58.38 -46.48
N HIS G 186 -37.01 57.57 -45.52
CA HIS G 186 -37.61 56.29 -45.18
C HIS G 186 -39.09 56.43 -44.83
N LYS G 187 -39.88 55.45 -45.21
CA LYS G 187 -41.32 55.49 -44.99
C LYS G 187 -41.76 54.62 -43.82
N ALA G 188 -40.80 54.19 -43.01
CA ALA G 188 -41.04 53.26 -41.93
C ALA G 188 -39.93 53.39 -40.90
N ALA G 189 -40.03 52.67 -39.79
CA ALA G 189 -39.04 52.79 -38.72
C ALA G 189 -37.67 52.48 -39.25
N VAL G 190 -36.67 53.18 -38.73
CA VAL G 190 -35.29 52.90 -39.09
C VAL G 190 -34.61 52.41 -37.84
N LYS G 191 -34.48 51.09 -37.72
CA LYS G 191 -33.72 50.52 -36.61
C LYS G 191 -32.36 50.07 -37.07
N ALA G 192 -32.34 49.42 -38.24
CA ALA G 192 -31.12 48.84 -38.77
C ALA G 192 -30.21 49.88 -39.46
N MET G 193 -29.04 50.11 -38.86
CA MET G 193 -28.09 51.04 -39.45
C MET G 193 -26.68 50.63 -39.10
N ALA G 194 -25.71 51.08 -39.89
CA ALA G 194 -24.33 50.63 -39.79
C ALA G 194 -23.36 51.56 -40.52
N TRP G 195 -22.23 51.85 -39.86
CA TRP G 195 -21.17 52.65 -40.46
C TRP G 195 -20.15 51.76 -41.19
N SER G 196 -19.69 52.19 -42.36
CA SER G 196 -18.62 51.48 -43.08
C SER G 196 -17.31 51.62 -42.29
N PRO G 197 -16.70 50.49 -41.91
CA PRO G 197 -15.35 50.58 -41.31
C PRO G 197 -14.27 50.82 -42.36
N HIS G 198 -14.62 50.70 -43.64
CA HIS G 198 -13.66 50.84 -44.76
C HIS G 198 -13.56 52.26 -45.33
N LYS G 199 -14.57 53.08 -45.08
CA LYS G 199 -14.65 54.40 -45.69
C LYS G 199 -15.34 55.39 -44.74
N ARG G 200 -14.57 56.34 -44.20
CA ARG G 200 -15.10 57.26 -43.18
C ARG G 200 -16.30 58.08 -43.71
N GLY G 201 -17.33 58.22 -42.87
CA GLY G 201 -18.48 59.06 -43.18
C GLY G 201 -19.51 58.42 -44.10
N VAL G 202 -19.49 57.08 -44.17
CA VAL G 202 -20.47 56.35 -45.00
C VAL G 202 -21.43 55.54 -44.12
N LEU G 203 -22.72 55.79 -44.25
CA LEU G 203 -23.71 55.17 -43.36
C LEU G 203 -24.75 54.37 -44.11
N ALA G 204 -25.07 53.19 -43.60
CA ALA G 204 -26.13 52.39 -44.19
C ALA G 204 -27.33 52.48 -43.28
N THR G 205 -28.50 52.59 -43.87
CA THR G 205 -29.74 52.62 -43.09
C THR G 205 -30.80 51.72 -43.76
N GLY G 206 -31.61 51.06 -42.95
CA GLY G 206 -32.64 50.16 -43.47
C GLY G 206 -33.99 50.42 -42.88
N GLY G 207 -35.00 50.48 -43.73
CA GLY G 207 -36.39 50.71 -43.28
C GLY G 207 -37.21 49.49 -42.96
N GLY G 208 -38.32 49.72 -42.27
CA GLY G 208 -39.21 48.62 -41.88
C GLY G 208 -40.28 48.31 -42.92
N THR G 209 -41.33 47.64 -42.45
CA THR G 209 -42.33 47.00 -43.29
C THR G 209 -42.81 47.82 -44.48
N ALA G 210 -43.33 49.01 -44.22
CA ALA G 210 -43.85 49.86 -45.28
C ALA G 210 -42.77 50.40 -46.27
N ASP G 211 -41.48 50.22 -45.95
CA ASP G 211 -40.39 50.91 -46.65
C ASP G 211 -39.45 49.92 -47.32
N ARG G 212 -38.80 49.10 -46.52
CA ARG G 212 -38.02 47.96 -47.02
C ARG G 212 -36.70 48.32 -47.69
N ARG G 213 -36.38 49.60 -47.69
CA ARG G 213 -35.24 50.12 -48.47
C ARG G 213 -33.95 50.06 -47.71
N LEU G 214 -32.87 49.74 -48.44
CA LEU G 214 -31.51 49.90 -47.94
C LEU G 214 -30.89 51.11 -48.59
N LYS G 215 -30.62 52.11 -47.76
CA LYS G 215 -30.02 53.35 -48.25
C LYS G 215 -28.58 53.51 -47.73
N ILE G 216 -27.71 53.99 -48.62
CA ILE G 216 -26.32 54.28 -48.28
C ILE G 216 -26.08 55.76 -48.45
N TRP G 217 -25.66 56.40 -47.36
CA TRP G 217 -25.43 57.84 -47.34
C TRP G 217 -23.95 58.14 -47.19
N ASN G 218 -23.46 59.02 -48.06
CA ASN G 218 -22.22 59.73 -47.80
C ASN G 218 -22.52 60.94 -46.93
N VAL G 219 -22.39 60.75 -45.62
CA VAL G 219 -22.45 61.83 -44.65
C VAL G 219 -21.34 62.80 -45.04
N ASN G 220 -21.30 63.98 -44.43
CA ASN G 220 -20.24 64.95 -44.74
C ASN G 220 -19.98 65.34 -46.23
N THR G 221 -20.60 64.65 -47.19
CA THR G 221 -20.90 65.27 -48.51
C THR G 221 -22.42 65.42 -48.78
N SER G 222 -23.25 64.81 -47.93
CA SER G 222 -24.69 64.87 -48.03
C SER G 222 -25.23 64.27 -49.33
N ILE G 223 -24.90 63.02 -49.59
CA ILE G 223 -25.34 62.39 -50.83
C ILE G 223 -25.82 60.97 -50.55
N LYS G 224 -27.00 60.64 -51.08
CA LYS G 224 -27.48 59.28 -51.04
C LYS G 224 -26.75 58.58 -52.17
N MET G 225 -25.79 57.74 -51.82
CA MET G 225 -25.00 57.02 -52.81
C MET G 225 -25.77 55.85 -53.43
N SER G 226 -26.65 55.24 -52.62
CA SER G 226 -27.44 54.10 -53.05
C SER G 226 -28.78 54.01 -52.34
N ASP G 227 -29.72 53.31 -52.96
CA ASP G 227 -31.10 53.19 -52.46
C ASP G 227 -31.76 51.99 -53.17
N ILE G 228 -32.04 50.93 -52.41
CA ILE G 228 -32.43 49.65 -53.02
C ILE G 228 -33.56 49.02 -52.25
N ASP G 229 -34.67 48.74 -52.94
CA ASP G 229 -35.79 48.03 -52.35
C ASP G 229 -35.35 46.60 -52.05
N SER G 230 -35.17 46.27 -50.79
CA SER G 230 -34.75 44.91 -50.43
C SER G 230 -35.90 43.92 -50.40
N GLY G 231 -37.09 44.42 -50.76
CA GLY G 231 -38.35 43.66 -50.78
C GLY G 231 -38.88 43.01 -49.50
N SER G 232 -38.33 43.37 -48.34
CA SER G 232 -38.89 42.92 -47.06
C SER G 232 -38.45 43.84 -45.94
N GLN G 233 -39.14 43.75 -44.81
CA GLN G 233 -38.86 44.61 -43.66
C GLN G 233 -37.38 44.43 -43.16
N ILE G 234 -36.60 45.50 -43.11
CA ILE G 234 -35.22 45.42 -42.61
C ILE G 234 -35.18 45.57 -41.08
N CYS G 235 -34.68 44.52 -40.41
CA CYS G 235 -34.78 44.44 -38.96
C CYS G 235 -33.43 44.59 -38.28
N ASN G 236 -32.35 44.37 -39.02
CA ASN G 236 -31.04 44.53 -38.45
C ASN G 236 -29.98 44.54 -39.54
N MET G 237 -28.72 44.79 -39.15
CA MET G 237 -27.67 45.13 -40.09
C MET G 237 -26.27 45.04 -39.48
N VAL G 238 -25.28 44.76 -40.31
CA VAL G 238 -23.90 44.60 -39.88
C VAL G 238 -22.99 44.71 -41.11
N TRP G 239 -22.04 45.65 -41.07
CA TRP G 239 -21.04 45.86 -42.15
C TRP G 239 -19.86 44.92 -41.94
N SER G 240 -19.48 44.15 -42.96
CA SER G 240 -18.31 43.26 -42.87
C SER G 240 -17.05 44.06 -42.50
N LYS G 241 -16.24 43.53 -41.57
CA LYS G 241 -14.94 44.09 -41.25
C LYS G 241 -13.91 43.63 -42.26
N ASN G 242 -13.99 42.37 -42.67
CA ASN G 242 -12.96 41.75 -43.51
C ASN G 242 -13.16 41.98 -44.97
N THR G 243 -14.32 42.50 -45.33
CA THR G 243 -14.67 42.67 -46.74
C THR G 243 -15.70 43.81 -46.86
N ASN G 244 -15.73 44.48 -48.02
CA ASN G 244 -16.64 45.60 -48.24
C ASN G 244 -18.03 45.08 -48.58
N GLU G 245 -18.68 44.48 -47.60
CA GLU G 245 -19.95 43.79 -47.77
C GLU G 245 -20.86 44.05 -46.59
N LEU G 246 -22.15 44.05 -46.88
CA LEU G 246 -23.16 44.36 -45.88
C LEU G 246 -24.12 43.19 -45.69
N VAL G 247 -24.47 42.92 -44.44
CA VAL G 247 -25.48 41.88 -44.15
C VAL G 247 -26.70 42.49 -43.50
N THR G 248 -27.83 42.28 -44.14
CA THR G 248 -29.12 42.75 -43.62
C THR G 248 -29.97 41.56 -43.15
N SER G 249 -30.68 41.70 -42.04
CA SER G 249 -31.57 40.63 -41.62
C SER G 249 -33.05 41.11 -41.68
N HIS G 250 -33.93 40.18 -42.03
CA HIS G 250 -35.25 40.58 -42.49
C HIS G 250 -36.47 40.05 -41.73
N GLY G 251 -37.49 40.88 -41.68
CA GLY G 251 -38.76 40.49 -41.14
C GLY G 251 -39.75 40.26 -42.25
N TYR G 252 -40.96 40.77 -42.06
CA TYR G 252 -42.09 40.55 -43.00
C TYR G 252 -41.71 40.91 -44.43
N SER G 253 -41.92 40.03 -45.41
CA SER G 253 -42.38 38.67 -45.21
C SER G 253 -41.33 37.71 -45.74
N LYS G 254 -40.05 37.95 -45.43
CA LYS G 254 -38.97 37.06 -45.82
C LYS G 254 -37.97 37.00 -44.67
N TYR G 255 -38.03 35.94 -43.87
CA TYR G 255 -37.16 35.79 -42.69
C TYR G 255 -35.77 35.30 -43.03
N ASN G 256 -35.05 36.12 -43.80
CA ASN G 256 -33.71 35.78 -44.29
C ASN G 256 -32.64 36.74 -43.79
N LEU G 257 -31.36 36.32 -43.91
CA LEU G 257 -30.26 37.30 -44.00
C LEU G 257 -29.92 37.50 -45.50
N THR G 258 -29.68 38.74 -45.93
CA THR G 258 -29.10 38.92 -47.26
C THR G 258 -27.71 39.58 -47.22
N LEU G 259 -26.80 39.06 -48.03
CA LEU G 259 -25.41 39.50 -48.06
C LEU G 259 -25.19 40.33 -49.32
N TRP G 260 -24.85 41.61 -49.12
CA TRP G 260 -24.68 42.56 -50.22
C TRP G 260 -23.23 42.81 -50.60
N ASP G 261 -22.99 43.05 -51.88
CA ASP G 261 -21.67 43.36 -52.37
C ASP G 261 -21.13 44.77 -52.08
N CYS G 262 -21.96 45.80 -52.15
CA CYS G 262 -21.49 47.19 -51.86
C CYS G 262 -20.87 47.91 -53.02
N ASN G 263 -19.89 47.30 -53.69
CA ASN G 263 -19.36 47.90 -54.91
C ASN G 263 -20.45 48.01 -56.00
N SER G 264 -21.01 46.88 -56.40
CA SER G 264 -22.31 46.86 -57.06
C SER G 264 -23.20 46.71 -55.84
N MET G 265 -24.37 47.31 -55.86
CA MET G 265 -25.18 47.08 -54.70
C MET G 265 -26.08 45.86 -54.88
N ASP G 266 -25.44 44.74 -55.18
CA ASP G 266 -26.11 43.49 -55.52
C ASP G 266 -26.10 42.46 -54.39
N PRO G 267 -27.23 41.75 -54.21
CA PRO G 267 -27.18 40.63 -53.27
C PRO G 267 -26.25 39.54 -53.81
N ILE G 268 -25.33 39.10 -52.94
CA ILE G 268 -24.40 38.00 -53.21
C ILE G 268 -25.11 36.68 -52.88
N ALA G 269 -25.82 36.64 -51.75
CA ALA G 269 -26.44 35.40 -51.21
C ALA G 269 -27.61 35.71 -50.29
N ILE G 270 -28.52 34.76 -50.17
CA ILE G 270 -29.68 34.88 -49.28
C ILE G 270 -29.65 33.68 -48.36
N LEU G 271 -29.66 33.94 -47.06
CA LEU G 271 -29.53 32.87 -46.07
C LEU G 271 -30.84 32.61 -45.33
N LYS G 272 -31.28 31.35 -45.44
CA LYS G 272 -32.63 30.96 -45.02
C LYS G 272 -32.60 29.99 -43.85
N GLY G 273 -33.74 29.84 -43.19
CA GLY G 273 -33.87 28.94 -42.06
C GLY G 273 -34.79 29.44 -40.97
N HIS G 274 -34.55 30.64 -40.45
CA HIS G 274 -35.38 31.16 -39.39
C HIS G 274 -36.87 31.12 -39.77
N SER G 275 -37.72 30.79 -38.78
CA SER G 275 -39.17 30.81 -38.98
C SER G 275 -39.87 31.96 -38.22
N PHE G 276 -39.09 32.90 -37.70
CA PHE G 276 -39.58 34.18 -37.18
C PHE G 276 -38.66 35.24 -37.77
N ARG G 277 -39.04 36.50 -37.64
CA ARG G 277 -38.27 37.63 -38.20
C ARG G 277 -36.87 37.64 -37.61
N VAL G 278 -35.86 37.83 -38.45
CA VAL G 278 -34.47 37.84 -37.99
C VAL G 278 -34.13 39.20 -37.41
N LEU G 279 -34.43 39.35 -36.12
CA LEU G 279 -34.40 40.64 -35.42
C LEU G 279 -33.06 40.93 -34.75
N HIS G 280 -32.34 39.88 -34.39
CA HIS G 280 -31.12 40.00 -33.62
C HIS G 280 -29.97 39.56 -34.48
N LEU G 281 -28.87 40.31 -34.43
CA LEU G 281 -27.78 40.13 -35.37
C LEU G 281 -26.47 40.73 -34.83
N THR G 282 -25.34 40.09 -35.10
CA THR G 282 -24.07 40.62 -34.61
C THR G 282 -22.90 39.93 -35.29
N LEU G 283 -21.80 40.67 -35.43
CA LEU G 283 -20.60 40.20 -36.15
C LEU G 283 -19.48 39.78 -35.19
N SER G 284 -18.89 38.61 -35.47
CA SER G 284 -17.85 38.01 -34.61
C SER G 284 -16.64 38.95 -34.60
N ASN G 285 -15.89 38.94 -33.50
CA ASN G 285 -14.71 39.77 -33.37
C ASN G 285 -13.70 39.59 -34.50
N ASP G 286 -13.45 38.37 -34.94
CA ASP G 286 -12.49 38.15 -36.04
C ASP G 286 -13.09 38.46 -37.45
N GLY G 287 -14.35 38.86 -37.49
CA GLY G 287 -15.01 39.24 -38.74
C GLY G 287 -15.44 38.12 -39.68
N THR G 288 -15.26 36.86 -39.25
CA THR G 288 -15.60 35.68 -40.06
C THR G 288 -17.06 35.24 -39.95
N THR G 289 -17.68 35.49 -38.80
CA THR G 289 -18.96 34.89 -38.45
C THR G 289 -20.02 35.90 -38.08
N VAL G 290 -21.21 35.68 -38.60
CA VAL G 290 -22.38 36.47 -38.27
C VAL G 290 -23.34 35.57 -37.48
N VAL G 291 -23.79 36.05 -36.32
CA VAL G 291 -24.79 35.33 -35.55
C VAL G 291 -26.14 36.00 -35.68
N SER G 292 -27.15 35.20 -35.96
CA SER G 292 -28.53 35.69 -36.08
C SER G 292 -29.49 35.01 -35.09
N GLY G 293 -30.41 35.81 -34.55
CA GLY G 293 -31.39 35.31 -33.61
C GLY G 293 -32.79 35.74 -33.98
N ALA G 294 -33.76 34.94 -33.57
CA ALA G 294 -35.17 35.23 -33.86
C ALA G 294 -36.07 34.65 -32.78
N GLY G 295 -37.32 35.10 -32.78
CA GLY G 295 -38.35 34.57 -31.88
C GLY G 295 -38.65 33.10 -32.08
N ASP G 296 -38.05 32.50 -33.10
CA ASP G 296 -37.99 31.05 -33.20
C ASP G 296 -37.00 30.41 -32.17
N GLU G 297 -36.47 31.24 -31.26
CA GLU G 297 -35.64 30.79 -30.17
C GLU G 297 -34.36 30.04 -30.56
N THR G 298 -33.81 30.39 -31.73
CA THR G 298 -32.53 29.87 -32.15
C THR G 298 -31.53 30.99 -32.41
N LEU G 299 -30.26 30.71 -32.08
CA LEU G 299 -29.14 31.52 -32.54
C LEU G 299 -28.39 30.78 -33.63
N ARG G 300 -28.18 31.41 -34.78
CA ARG G 300 -27.48 30.72 -35.88
C ARG G 300 -26.15 31.38 -36.27
N TYR G 301 -25.08 30.58 -36.31
CA TYR G 301 -23.75 31.07 -36.67
C TYR G 301 -23.48 30.81 -38.14
N TRP G 302 -23.27 31.90 -38.88
CA TRP G 302 -23.02 31.80 -40.31
C TRP G 302 -21.58 32.19 -40.62
N LYS G 303 -20.79 31.23 -41.13
CA LYS G 303 -19.43 31.50 -41.58
C LYS G 303 -19.55 32.16 -42.94
N LEU G 304 -19.29 33.46 -42.96
CA LEU G 304 -19.49 34.27 -44.15
C LEU G 304 -18.21 34.92 -44.76
N PHE G 305 -17.18 35.14 -43.93
CA PHE G 305 -15.99 35.88 -44.38
C PHE G 305 -14.71 35.17 -44.01
N ASP G 306 -13.60 35.59 -44.61
CA ASP G 306 -12.30 34.96 -44.36
C ASP G 306 -11.49 35.65 -43.28
N LYS G 307 -10.74 34.81 -42.56
CA LYS G 307 -9.88 35.20 -41.45
C LYS G 307 -8.62 35.80 -42.00
N ALA H 8 -65.85 5.53 -19.99
CA ALA H 8 -65.06 6.06 -21.14
C ALA H 8 -63.57 6.05 -20.80
N LYS H 9 -62.76 5.62 -21.76
CA LYS H 9 -61.34 5.40 -21.50
C LYS H 9 -60.45 6.58 -21.93
N VAL H 10 -61.08 7.69 -22.30
CA VAL H 10 -60.36 8.87 -22.77
C VAL H 10 -60.95 10.11 -22.09
N PRO H 11 -60.11 11.10 -21.73
CA PRO H 11 -60.68 12.31 -21.14
C PRO H 11 -61.48 13.12 -22.14
N TYR H 12 -62.50 13.83 -21.68
CA TYR H 12 -63.31 14.67 -22.57
C TYR H 12 -62.78 16.10 -22.70
N ARG H 13 -61.91 16.49 -21.77
CA ARG H 13 -61.18 17.74 -21.89
C ARG H 13 -59.76 17.60 -21.35
N VAL H 14 -58.82 18.27 -21.99
CA VAL H 14 -57.43 18.31 -21.54
C VAL H 14 -56.98 19.77 -21.59
N LEU H 15 -56.54 20.28 -20.46
CA LEU H 15 -56.07 21.67 -20.40
C LEU H 15 -54.56 21.70 -20.23
N ASP H 16 -53.94 22.70 -20.82
CA ASP H 16 -52.52 22.94 -20.67
C ASP H 16 -52.26 23.51 -19.28
N ALA H 17 -51.37 22.89 -18.53
CA ALA H 17 -51.06 23.36 -17.18
C ALA H 17 -49.56 23.51 -16.97
N PRO H 18 -48.96 24.51 -17.63
CA PRO H 18 -47.52 24.69 -17.55
C PRO H 18 -47.03 24.95 -16.12
N SER H 19 -45.93 24.29 -15.75
CA SER H 19 -45.27 24.44 -14.43
C SER H 19 -45.95 23.74 -13.27
N LEU H 20 -46.98 22.93 -13.55
CA LEU H 20 -47.64 22.16 -12.50
C LEU H 20 -46.63 21.23 -11.84
N ALA H 21 -46.50 21.33 -10.52
CA ALA H 21 -45.43 20.62 -9.79
C ALA H 21 -45.47 19.11 -9.93
N ASP H 22 -44.28 18.50 -9.98
CA ASP H 22 -44.12 17.04 -9.99
C ASP H 22 -43.53 16.65 -8.65
N ASP H 23 -44.16 17.11 -7.59
CA ASP H 23 -43.69 16.76 -6.26
C ASP H 23 -44.79 15.99 -5.55
N PHE H 24 -44.50 14.75 -5.18
CA PHE H 24 -45.47 13.86 -4.55
C PHE H 24 -46.31 14.54 -3.48
N TYR H 25 -45.66 15.39 -2.70
CA TYR H 25 -46.30 15.90 -1.50
C TYR H 25 -47.31 17.01 -1.75
N TYR H 26 -47.39 17.50 -2.98
CA TYR H 26 -48.34 18.56 -3.30
C TYR H 26 -49.60 18.01 -3.97
N SER H 27 -50.70 18.73 -3.79
CA SER H 27 -51.98 18.41 -4.40
C SER H 27 -52.67 19.73 -4.76
N LEU H 28 -52.49 20.18 -5.99
CA LEU H 28 -52.64 21.61 -6.35
C LEU H 28 -53.78 21.91 -7.31
N ILE H 29 -54.96 21.39 -6.99
CA ILE H 29 -56.03 21.34 -7.97
C ILE H 29 -57.31 21.11 -7.13
N ASP H 30 -58.23 22.06 -7.14
CA ASP H 30 -59.44 21.90 -6.32
C ASP H 30 -60.66 22.46 -7.06
N TRP H 31 -61.72 21.67 -7.06
CA TRP H 31 -62.98 22.07 -7.72
C TRP H 31 -63.98 22.58 -6.66
N SER H 32 -64.33 23.86 -6.70
CA SER H 32 -65.17 24.45 -5.66
C SER H 32 -66.64 24.02 -5.70
N SER H 33 -67.35 24.25 -4.58
CA SER H 33 -68.79 24.07 -4.54
C SER H 33 -69.52 25.08 -5.45
N THR H 34 -68.82 26.12 -5.91
CA THR H 34 -69.35 27.07 -6.91
C THR H 34 -68.85 26.75 -8.33
N ASP H 35 -68.39 25.51 -8.55
CA ASP H 35 -67.90 25.03 -9.86
C ASP H 35 -66.72 25.80 -10.46
N VAL H 36 -65.84 26.33 -9.59
CA VAL H 36 -64.62 26.99 -10.04
C VAL H 36 -63.41 26.10 -9.74
N LEU H 37 -62.63 25.80 -10.77
CA LEU H 37 -61.42 25.00 -10.58
C LEU H 37 -60.27 25.91 -10.23
N ALA H 38 -59.63 25.63 -9.09
CA ALA H 38 -58.42 26.36 -8.69
C ALA H 38 -57.18 25.51 -8.91
N VAL H 39 -56.18 26.07 -9.60
CA VAL H 39 -54.93 25.35 -9.83
C VAL H 39 -53.69 26.21 -9.58
N ALA H 40 -52.74 25.64 -8.84
CA ALA H 40 -51.46 26.28 -8.56
C ALA H 40 -50.41 25.81 -9.56
N LEU H 41 -49.89 26.76 -10.33
CA LEU H 41 -48.85 26.48 -11.30
C LEU H 41 -47.63 27.28 -10.90
N GLY H 42 -46.65 26.60 -10.34
CA GLY H 42 -45.41 27.23 -9.89
C GLY H 42 -45.65 28.34 -8.86
N LYS H 43 -45.51 29.58 -9.30
CA LYS H 43 -45.59 30.75 -8.43
C LYS H 43 -46.90 31.49 -8.60
N SER H 44 -47.84 30.88 -9.31
CA SER H 44 -49.10 31.55 -9.67
C SER H 44 -50.33 30.69 -9.40
N ILE H 45 -51.47 31.35 -9.19
CA ILE H 45 -52.72 30.62 -9.07
C ILE H 45 -53.73 31.07 -10.11
N PHE H 46 -54.33 30.10 -10.79
CA PHE H 46 -55.32 30.39 -11.80
C PHE H 46 -56.65 29.74 -11.45
N LEU H 47 -57.73 30.39 -11.85
CA LEU H 47 -59.07 29.88 -11.68
C LEU H 47 -59.74 29.73 -13.03
N THR H 48 -60.52 28.67 -13.20
CA THR H 48 -61.43 28.56 -14.34
C THR H 48 -62.84 28.38 -13.85
N ASP H 49 -63.75 29.15 -14.45
CA ASP H 49 -65.18 28.92 -14.30
C ASP H 49 -65.52 27.77 -15.23
N ASN H 50 -66.11 26.71 -14.69
CA ASN H 50 -66.51 25.58 -15.52
C ASN H 50 -67.71 25.93 -16.41
N ASN H 51 -68.49 26.90 -15.96
CA ASN H 51 -69.68 27.34 -16.69
C ASN H 51 -69.33 28.34 -17.78
N THR H 52 -68.29 29.16 -17.57
CA THR H 52 -67.94 30.20 -18.53
C THR H 52 -66.79 29.80 -19.45
N GLY H 53 -65.86 29.02 -18.93
CA GLY H 53 -64.59 28.78 -19.62
C GLY H 53 -63.64 29.92 -19.33
N ASP H 54 -64.10 30.84 -18.47
CA ASP H 54 -63.35 32.04 -18.06
C ASP H 54 -62.13 31.67 -17.23
N VAL H 55 -61.01 32.33 -17.48
CA VAL H 55 -59.78 32.09 -16.70
C VAL H 55 -59.34 33.36 -15.97
N VAL H 56 -59.26 33.26 -14.64
CA VAL H 56 -58.79 34.36 -13.81
C VAL H 56 -57.43 34.03 -13.21
N HIS H 57 -56.54 35.02 -13.24
CA HIS H 57 -55.19 34.94 -12.70
C HIS H 57 -55.14 35.78 -11.43
N LEU H 58 -55.38 35.19 -10.27
CA LEU H 58 -55.16 35.91 -9.01
C LEU H 58 -53.83 35.50 -8.37
N CYS H 59 -53.23 36.41 -7.63
CA CYS H 59 -52.01 36.17 -6.83
C CYS H 59 -50.76 35.48 -7.43
N ASP H 60 -49.62 36.12 -7.20
CA ASP H 60 -48.33 35.52 -7.45
C ASP H 60 -47.56 35.51 -6.14
N THR H 61 -46.41 34.85 -6.16
CA THR H 61 -45.54 34.78 -5.01
C THR H 61 -44.10 34.69 -5.50
N GLU H 62 -43.15 35.26 -4.74
CA GLU H 62 -41.71 35.10 -5.02
C GLU H 62 -41.26 33.71 -4.61
N ASN H 63 -42.08 33.09 -3.77
CA ASN H 63 -41.83 31.82 -3.14
C ASN H 63 -42.24 30.68 -4.07
N GLU H 64 -43.16 29.85 -3.59
CA GLU H 64 -43.77 28.78 -4.35
C GLU H 64 -45.09 28.37 -3.65
N TYR H 65 -46.17 28.24 -4.42
CA TYR H 65 -47.43 27.76 -3.88
C TYR H 65 -47.40 26.25 -3.73
N THR H 66 -47.99 25.77 -2.65
CA THR H 66 -47.63 24.50 -2.07
C THR H 66 -48.87 23.72 -1.63
N SER H 67 -49.96 24.44 -1.41
CA SER H 67 -51.25 23.79 -1.20
C SER H 67 -52.36 24.79 -1.48
N LEU H 68 -53.56 24.28 -1.72
CA LEU H 68 -54.77 25.10 -1.78
C LEU H 68 -56.00 24.32 -1.38
N SER H 69 -57.01 25.02 -0.87
CA SER H 69 -58.28 24.39 -0.51
C SER H 69 -59.42 25.40 -0.48
N TRP H 70 -60.48 25.12 -1.23
CA TRP H 70 -61.65 25.98 -1.28
C TRP H 70 -62.39 25.95 0.05
N ILE H 71 -62.91 27.09 0.47
CA ILE H 71 -63.80 27.12 1.63
C ILE H 71 -65.07 26.34 1.31
N GLY H 72 -65.81 25.94 2.34
CA GLY H 72 -67.04 25.18 2.16
C GLY H 72 -67.90 25.78 1.06
N ALA H 73 -68.24 27.05 1.24
CA ALA H 73 -69.15 27.77 0.35
C ALA H 73 -68.57 28.11 -1.01
N GLY H 74 -67.26 27.95 -1.16
CA GLY H 74 -66.59 28.24 -2.44
C GLY H 74 -66.32 29.70 -2.71
N SER H 75 -66.54 30.54 -1.70
CA SER H 75 -66.34 31.97 -1.83
C SER H 75 -64.88 32.38 -1.64
N HIS H 76 -64.14 31.59 -0.86
CA HIS H 76 -62.77 31.93 -0.50
C HIS H 76 -61.82 30.76 -0.78
N LEU H 77 -60.59 31.08 -1.18
CA LEU H 77 -59.58 30.06 -1.39
C LEU H 77 -58.40 30.20 -0.41
N ALA H 78 -58.09 29.12 0.29
CA ALA H 78 -56.95 29.07 1.20
C ALA H 78 -55.71 28.63 0.44
N VAL H 79 -54.59 29.30 0.71
CA VAL H 79 -53.35 29.07 -0.05
C VAL H 79 -52.12 29.02 0.85
N GLY H 80 -51.35 27.93 0.74
CA GLY H 80 -50.11 27.77 1.49
C GLY H 80 -48.86 27.87 0.63
N GLN H 81 -47.74 28.25 1.27
CA GLN H 81 -46.48 28.47 0.56
C GLN H 81 -45.31 27.67 1.12
N ALA H 82 -44.23 27.64 0.35
CA ALA H 82 -43.04 26.89 0.74
C ALA H 82 -42.40 27.42 2.02
N ASN H 83 -42.60 28.71 2.29
CA ASN H 83 -42.05 29.31 3.51
C ASN H 83 -42.95 29.23 4.75
N GLY H 84 -44.06 28.50 4.64
CA GLY H 84 -44.96 28.25 5.78
C GLY H 84 -46.14 29.20 5.91
N LEU H 85 -46.14 30.23 5.08
CA LEU H 85 -47.20 31.23 5.09
C LEU H 85 -48.49 30.65 4.54
N VAL H 86 -49.60 30.94 5.21
CA VAL H 86 -50.92 30.58 4.71
C VAL H 86 -51.74 31.85 4.50
N GLU H 87 -52.36 31.98 3.34
CA GLU H 87 -53.21 33.15 3.07
C GLU H 87 -54.60 32.76 2.53
N ILE H 88 -55.59 33.63 2.77
CA ILE H 88 -56.96 33.41 2.32
C ILE H 88 -57.37 34.49 1.32
N TYR H 89 -57.90 34.06 0.19
CA TYR H 89 -58.32 34.98 -0.87
C TYR H 89 -59.84 35.08 -1.02
N ASP H 90 -60.36 36.32 -1.05
CA ASP H 90 -61.72 36.58 -1.51
C ASP H 90 -61.69 36.51 -3.03
N VAL H 91 -62.39 35.53 -3.57
CA VAL H 91 -62.31 35.19 -4.97
C VAL H 91 -63.10 36.17 -5.85
N MET H 92 -64.25 36.63 -5.34
CA MET H 92 -65.03 37.65 -6.03
C MET H 92 -64.30 38.99 -6.05
N LYS H 93 -63.72 39.37 -4.91
CA LYS H 93 -62.93 40.60 -4.77
C LYS H 93 -61.54 40.50 -5.41
N ARG H 94 -61.05 39.27 -5.58
CA ARG H 94 -59.68 38.99 -6.04
C ARG H 94 -58.60 39.63 -5.18
N LYS H 95 -58.84 39.69 -3.87
CA LYS H 95 -57.93 40.33 -2.93
C LYS H 95 -57.53 39.31 -1.87
N CYS H 96 -56.38 39.51 -1.25
CA CYS H 96 -55.96 38.65 -0.14
C CYS H 96 -56.57 39.12 1.17
N ILE H 97 -57.56 38.36 1.63
CA ILE H 97 -58.34 38.69 2.82
C ILE H 97 -57.52 38.63 4.10
N ARG H 98 -56.64 37.64 4.23
CA ARG H 98 -55.74 37.61 5.39
C ARG H 98 -54.53 36.68 5.26
N THR H 99 -53.58 36.94 6.14
CA THR H 99 -52.24 36.37 6.08
C THR H 99 -51.93 35.68 7.41
N LEU H 100 -51.89 34.34 7.39
CA LEU H 100 -51.71 33.52 8.60
C LEU H 100 -50.32 32.93 8.75
N SER H 101 -49.65 33.27 9.85
CA SER H 101 -48.36 32.68 10.20
C SER H 101 -48.56 31.51 11.14
N GLY H 102 -47.45 31.00 11.69
CA GLY H 102 -47.47 29.86 12.58
C GLY H 102 -46.52 28.77 12.14
N HIS H 103 -46.48 28.51 10.84
CA HIS H 103 -45.59 27.47 10.31
C HIS H 103 -44.24 28.03 9.98
N ILE H 104 -43.21 27.22 10.18
CA ILE H 104 -41.84 27.65 9.94
C ILE H 104 -41.21 26.92 8.74
N ASP H 105 -42.03 26.16 8.00
CA ASP H 105 -41.60 25.40 6.83
C ASP H 105 -42.83 25.11 5.98
N ARG H 106 -42.64 24.76 4.72
CA ARG H 106 -43.74 24.60 3.76
C ARG H 106 -45.02 23.92 4.25
N VAL H 107 -46.15 24.46 3.79
CA VAL H 107 -47.46 23.95 4.13
C VAL H 107 -47.95 23.16 2.94
N ALA H 108 -47.89 21.83 3.06
CA ALA H 108 -48.20 20.93 1.95
C ALA H 108 -49.69 20.60 1.79
N CYS H 109 -50.45 20.77 2.87
CA CYS H 109 -51.87 20.37 2.92
C CYS H 109 -52.77 21.27 3.80
N LEU H 110 -54.03 21.40 3.39
CA LEU H 110 -55.01 22.27 4.05
C LEU H 110 -56.39 21.62 4.02
N SER H 111 -57.24 21.93 5.01
CA SER H 111 -58.58 21.35 5.07
C SER H 111 -59.52 22.18 5.91
N TRP H 112 -60.73 22.41 5.39
CA TRP H 112 -61.76 23.24 6.04
C TRP H 112 -62.82 22.43 6.76
N ASN H 113 -63.22 22.93 7.94
CA ASN H 113 -64.42 22.46 8.62
C ASN H 113 -65.19 23.72 8.99
N ASN H 114 -66.10 24.15 8.12
CA ASN H 114 -66.75 25.46 8.22
C ASN H 114 -65.75 26.60 8.44
N HIS H 115 -65.83 27.23 9.62
CA HIS H 115 -64.99 28.39 9.96
C HIS H 115 -63.60 28.01 10.44
N VAL H 116 -63.34 26.71 10.59
CA VAL H 116 -62.01 26.24 10.96
C VAL H 116 -61.22 25.91 9.71
N LEU H 117 -60.06 26.56 9.59
CA LEU H 117 -59.07 26.17 8.60
C LEU H 117 -57.90 25.48 9.28
N THR H 118 -57.45 24.37 8.70
CA THR H 118 -56.41 23.52 9.30
C THR H 118 -55.26 23.33 8.31
N SER H 119 -54.05 23.66 8.75
CA SER H 119 -52.87 23.53 7.91
C SER H 119 -51.88 22.54 8.50
N GLY H 120 -51.24 21.78 7.63
CA GLY H 120 -50.19 20.82 7.98
C GLY H 120 -48.92 21.16 7.22
N SER H 121 -47.78 20.99 7.86
CA SER H 121 -46.53 21.51 7.33
C SER H 121 -45.39 20.51 7.38
N ARG H 122 -44.27 20.90 6.79
CA ARG H 122 -43.02 20.12 6.88
C ARG H 122 -42.24 20.36 8.19
N ASP H 123 -42.56 21.41 8.95
CA ASP H 123 -42.32 21.34 10.39
C ASP H 123 -43.24 20.19 10.76
N HIS H 124 -43.33 19.76 11.99
CA HIS H 124 -44.13 18.56 12.07
C HIS H 124 -45.58 18.77 12.52
N ARG H 125 -46.03 20.02 12.36
CA ARG H 125 -47.20 20.51 13.07
C ARG H 125 -48.45 20.62 12.23
N ILE H 126 -49.58 20.46 12.90
CA ILE H 126 -50.91 20.79 12.36
C ILE H 126 -51.51 21.96 13.19
N LEU H 127 -52.11 22.93 12.50
CA LEU H 127 -52.67 24.10 13.16
C LEU H 127 -54.13 24.30 12.82
N HIS H 128 -54.95 24.39 13.87
CA HIS H 128 -56.37 24.72 13.76
C HIS H 128 -56.54 26.24 13.86
N ARG H 129 -57.22 26.84 12.89
CA ARG H 129 -57.37 28.30 12.83
C ARG H 129 -58.84 28.72 12.74
N ASP H 130 -59.28 29.56 13.69
CA ASP H 130 -60.61 30.15 13.65
C ASP H 130 -60.55 31.35 12.71
N VAL H 131 -61.21 31.20 11.57
CA VAL H 131 -61.00 32.09 10.46
C VAL H 131 -61.78 33.42 10.61
N ARG H 132 -62.68 33.46 11.59
CA ARG H 132 -63.40 34.68 11.96
C ARG H 132 -62.63 35.43 13.03
N MET H 133 -61.69 34.73 13.66
CA MET H 133 -60.91 35.28 14.77
C MET H 133 -59.66 36.02 14.28
N PRO H 134 -59.21 37.04 15.04
CA PRO H 134 -57.96 37.72 14.67
C PRO H 134 -56.70 36.91 14.96
N ASP H 135 -56.82 35.78 15.65
CA ASP H 135 -55.67 34.96 15.99
C ASP H 135 -55.23 34.11 14.80
N PRO H 136 -53.90 34.07 14.55
CA PRO H 136 -53.35 33.23 13.49
C PRO H 136 -53.77 31.75 13.61
N PHE H 137 -53.99 31.29 14.86
CA PHE H 137 -54.41 29.91 15.15
C PHE H 137 -54.78 29.78 16.63
N PHE H 138 -55.68 28.86 16.95
CA PHE H 138 -56.06 28.64 18.34
C PHE H 138 -55.56 27.34 18.91
N GLU H 139 -55.31 26.35 18.06
CA GLU H 139 -54.85 25.04 18.54
C GLU H 139 -53.69 24.53 17.71
N THR H 140 -52.74 23.90 18.39
CA THR H 140 -51.56 23.33 17.74
C THR H 140 -51.41 21.82 18.06
N ILE H 141 -51.15 21.02 17.01
CA ILE H 141 -51.05 19.56 17.12
C ILE H 141 -49.71 19.06 16.59
N GLU H 142 -48.94 18.42 17.45
CA GLU H 142 -47.69 17.80 17.01
C GLU H 142 -47.73 16.32 17.28
N SER H 143 -48.27 15.56 16.34
CA SER H 143 -48.39 14.14 16.56
C SER H 143 -47.74 13.35 15.43
N HIS H 144 -47.15 14.05 14.46
CA HIS H 144 -46.33 13.40 13.44
C HIS H 144 -44.86 13.70 13.69
N THR H 145 -44.00 12.80 13.24
CA THR H 145 -42.58 12.98 13.46
C THR H 145 -41.89 13.39 12.16
N GLN H 146 -42.68 13.51 11.09
CA GLN H 146 -42.19 14.10 9.85
C GLN H 146 -43.24 14.94 9.22
N GLU H 147 -43.05 15.27 7.95
CA GLU H 147 -43.96 16.19 7.26
C GLU H 147 -45.39 15.68 7.32
N VAL H 148 -46.33 16.56 7.63
CA VAL H 148 -47.73 16.24 7.51
C VAL H 148 -48.10 16.52 6.06
N CYS H 149 -48.52 15.49 5.34
CA CYS H 149 -48.81 15.61 3.90
C CYS H 149 -50.23 15.21 3.49
N GLY H 150 -51.05 14.83 4.48
CA GLY H 150 -52.47 14.51 4.29
C GLY H 150 -53.34 15.07 5.42
N LEU H 151 -54.48 15.64 5.05
CA LEU H 151 -55.35 16.31 5.99
C LEU H 151 -56.73 16.38 5.34
N LYS H 152 -57.69 15.65 5.92
CA LYS H 152 -59.07 15.66 5.46
C LYS H 152 -60.06 15.68 6.62
N TRP H 153 -60.88 16.73 6.63
CA TRP H 153 -62.01 16.90 7.54
C TRP H 153 -63.23 16.12 7.08
N ASN H 154 -64.04 15.63 8.01
CA ASN H 154 -65.31 15.01 7.63
C ASN H 154 -66.40 16.07 7.50
N VAL H 155 -66.53 16.94 8.51
CA VAL H 155 -67.61 17.97 8.56
C VAL H 155 -68.93 17.34 9.00
N ALA H 156 -69.44 16.35 8.27
CA ALA H 156 -70.66 15.62 8.68
C ALA H 156 -70.47 14.92 10.04
N ASP H 157 -69.55 13.96 10.09
CA ASP H 157 -68.92 13.57 11.34
C ASP H 157 -68.08 14.77 11.73
N ASN H 158 -67.78 14.93 13.00
CA ASN H 158 -66.83 15.98 13.34
C ASN H 158 -65.46 15.39 13.52
N LYS H 159 -64.88 14.94 12.42
CA LYS H 159 -63.63 14.19 12.47
C LYS H 159 -62.55 14.63 11.45
N LEU H 160 -61.32 14.69 11.93
CA LEU H 160 -60.18 14.99 11.08
C LEU H 160 -59.27 13.77 10.96
N ALA H 161 -58.74 13.56 9.75
CA ALA H 161 -57.70 12.57 9.53
C ALA H 161 -56.45 13.29 9.15
N SER H 162 -55.32 12.84 9.67
CA SER H 162 -54.02 13.33 9.21
C SER H 162 -53.11 12.15 8.79
N GLY H 163 -52.25 12.44 7.81
CA GLY H 163 -51.34 11.43 7.31
C GLY H 163 -49.97 12.04 7.14
N GLY H 164 -48.95 11.29 7.52
CA GLY H 164 -47.63 11.88 7.54
C GLY H 164 -46.63 11.14 6.70
N ASN H 165 -45.45 11.75 6.55
CA ASN H 165 -44.32 11.12 5.89
C ASN H 165 -43.66 10.18 6.86
N ASP H 166 -44.24 10.06 8.04
CA ASP H 166 -43.79 9.06 9.02
C ASP H 166 -44.59 7.78 8.91
N ASN H 167 -45.42 7.70 7.87
CA ASN H 167 -46.23 6.51 7.58
C ASN H 167 -47.40 6.29 8.55
N VAL H 168 -47.75 7.33 9.29
CA VAL H 168 -48.74 7.25 10.33
C VAL H 168 -50.00 7.98 9.91
N VAL H 169 -51.15 7.39 10.21
CA VAL H 169 -52.43 8.07 10.11
C VAL H 169 -53.05 8.27 11.50
N HIS H 170 -53.49 9.50 11.77
CA HIS H 170 -54.21 9.83 12.99
C HIS H 170 -55.63 10.29 12.70
N VAL H 171 -56.54 9.98 13.62
CA VAL H 171 -57.91 10.44 13.52
C VAL H 171 -58.23 11.20 14.81
N TYR H 172 -58.75 12.41 14.65
CA TYR H 172 -59.09 13.27 15.78
C TYR H 172 -60.60 13.54 15.85
N GLU H 173 -61.12 13.63 17.07
CA GLU H 173 -62.47 14.10 17.29
C GLU H 173 -62.45 15.60 17.37
N GLY H 174 -63.06 16.21 16.37
CA GLY H 174 -63.08 17.65 16.23
C GLY H 174 -61.74 18.34 16.35
N THR H 175 -61.72 19.38 17.15
CA THR H 175 -60.60 20.30 17.22
C THR H 175 -59.59 19.83 18.26
N SER H 176 -59.82 18.63 18.76
CA SER H 176 -59.03 18.05 19.83
C SER H 176 -57.55 17.86 19.48
N LYS H 177 -56.69 18.06 20.49
CA LYS H 177 -55.22 18.00 20.36
C LYS H 177 -54.64 16.61 20.22
N SER H 178 -55.21 15.63 20.93
CA SER H 178 -54.79 14.24 20.87
C SER H 178 -55.67 13.46 19.92
N PRO H 179 -55.08 12.58 19.11
CA PRO H 179 -55.92 11.75 18.24
C PRO H 179 -56.68 10.72 19.08
N ILE H 180 -57.83 10.29 18.57
CA ILE H 180 -58.58 9.21 19.22
C ILE H 180 -58.14 7.84 18.65
N LEU H 181 -57.60 7.86 17.43
CA LEU H 181 -57.09 6.65 16.78
C LEU H 181 -55.79 6.88 16.06
N THR H 182 -54.95 5.85 16.05
CA THR H 182 -53.71 5.87 15.29
C THR H 182 -53.56 4.57 14.51
N PHE H 183 -53.46 4.68 13.18
CA PHE H 183 -53.18 3.53 12.33
C PHE H 183 -51.80 3.74 11.82
N ASP H 184 -50.88 2.83 12.14
CA ASP H 184 -49.55 2.94 11.55
C ASP H 184 -49.09 1.71 10.77
N GLU H 185 -50.02 1.01 10.16
CA GLU H 185 -49.73 -0.14 9.30
C GLU H 185 -48.93 0.17 8.04
N HIS H 186 -49.26 1.28 7.36
CA HIS H 186 -48.64 1.63 6.07
C HIS H 186 -47.11 1.74 6.22
N LYS H 187 -46.41 1.32 5.18
CA LYS H 187 -44.95 1.24 5.16
C LYS H 187 -44.35 2.37 4.37
N ALA H 188 -45.16 3.40 4.11
CA ALA H 188 -44.77 4.53 3.26
C ALA H 188 -45.59 5.73 3.61
N ALA H 189 -45.33 6.85 2.94
CA ALA H 189 -46.06 8.10 3.22
C ALA H 189 -47.50 7.90 2.94
N VAL H 190 -48.34 8.51 3.77
CA VAL H 190 -49.78 8.50 3.53
C VAL H 190 -50.24 9.92 3.20
N LYS H 191 -50.37 10.19 1.91
CA LYS H 191 -50.90 11.48 1.48
C LYS H 191 -52.35 11.35 1.02
N ALA H 192 -52.63 10.31 0.25
CA ALA H 192 -53.98 10.13 -0.26
C ALA H 192 -54.90 9.53 0.79
N MET H 193 -55.92 10.28 1.16
CA MET H 193 -56.94 9.76 2.08
C MET H 193 -58.29 10.41 1.80
N ALA H 194 -59.38 9.70 2.11
CA ALA H 194 -60.75 10.17 1.80
C ALA H 194 -61.83 9.56 2.71
N TRP H 195 -62.80 10.38 3.12
CA TRP H 195 -63.88 9.91 3.93
C TRP H 195 -65.05 9.51 3.02
N SER H 196 -65.73 8.39 3.32
CA SER H 196 -66.96 8.02 2.60
C SER H 196 -68.09 9.03 2.89
N PRO H 197 -68.64 9.68 1.83
CA PRO H 197 -69.82 10.51 2.07
C PRO H 197 -71.08 9.67 2.28
N HIS H 198 -71.01 8.38 2.00
CA HIS H 198 -72.18 7.48 2.07
C HIS H 198 -72.35 6.78 3.41
N LYS H 199 -71.29 6.75 4.22
CA LYS H 199 -71.30 6.00 5.45
C LYS H 199 -70.39 6.65 6.47
N ARG H 200 -70.97 7.18 7.56
CA ARG H 200 -70.24 7.97 8.54
C ARG H 200 -69.15 7.13 9.20
N GLY H 201 -67.97 7.72 9.38
CA GLY H 201 -66.88 7.07 10.11
C GLY H 201 -66.03 6.09 9.32
N VAL H 202 -66.16 6.11 8.00
CA VAL H 202 -65.41 5.23 7.12
C VAL H 202 -64.34 6.03 6.39
N LEU H 203 -63.07 5.66 6.57
CA LEU H 203 -61.93 6.36 5.97
C LEU H 203 -61.09 5.51 5.01
N ALA H 204 -60.72 6.07 3.87
CA ALA H 204 -59.84 5.38 2.94
C ALA H 204 -58.46 6.00 3.02
N THR H 205 -57.41 5.18 3.06
CA THR H 205 -56.04 5.68 3.09
C THR H 205 -55.17 4.90 2.12
N GLY H 206 -54.23 5.61 1.49
CA GLY H 206 -53.35 5.02 0.51
C GLY H 206 -51.87 5.32 0.73
N GLY H 207 -51.05 4.28 0.62
CA GLY H 207 -49.64 4.36 0.86
C GLY H 207 -48.79 4.66 -0.36
N GLY H 208 -47.56 5.10 -0.09
CA GLY H 208 -46.62 5.50 -1.14
C GLY H 208 -45.78 4.34 -1.64
N THR H 209 -44.67 4.67 -2.29
CA THR H 209 -43.94 3.73 -3.13
C THR H 209 -43.68 2.37 -2.47
N ALA H 210 -43.12 2.37 -1.29
CA ALA H 210 -42.79 1.11 -0.64
C ALA H 210 -44.01 0.31 -0.17
N ASP H 211 -45.18 0.92 -0.18
CA ASP H 211 -46.38 0.33 0.46
C ASP H 211 -47.47 -0.03 -0.55
N ARG H 212 -47.95 0.97 -1.31
CA ARG H 212 -48.88 0.78 -2.43
C ARG H 212 -50.31 0.34 -2.06
N ARG H 213 -50.62 0.26 -0.78
CA ARG H 213 -51.84 -0.36 -0.33
C ARG H 213 -52.98 0.63 -0.17
N LEU H 214 -54.17 0.21 -0.57
CA LEU H 214 -55.39 0.94 -0.27
C LEU H 214 -56.08 0.28 0.93
N LYS H 215 -56.19 1.01 2.04
CA LYS H 215 -56.81 0.47 3.24
C LYS H 215 -58.08 1.25 3.54
N ILE H 216 -59.11 0.53 3.98
CA ILE H 216 -60.37 1.13 4.37
C ILE H 216 -60.65 0.81 5.85
N TRP H 217 -60.84 1.87 6.63
CA TRP H 217 -60.99 1.75 8.06
C TRP H 217 -62.38 2.13 8.46
N ASN H 218 -62.98 1.32 9.31
CA ASN H 218 -64.11 1.74 10.10
C ASN H 218 -63.58 2.41 11.33
N VAL H 219 -63.51 3.74 11.30
CA VAL H 219 -63.21 4.55 12.46
C VAL H 219 -64.33 4.28 13.47
N ASN H 220 -64.21 4.74 14.71
CA ASN H 220 -65.29 4.51 15.69
C ASN H 220 -65.82 3.06 15.93
N THR H 221 -65.44 2.09 15.10
CA THR H 221 -65.41 0.68 15.55
C THR H 221 -63.99 0.09 15.62
N SER H 222 -63.03 0.82 15.05
CA SER H 222 -61.62 0.40 15.03
C SER H 222 -61.38 -0.90 14.27
N ILE H 223 -61.79 -0.93 13.01
CA ILE H 223 -61.65 -2.12 12.19
C ILE H 223 -61.15 -1.80 10.79
N LYS H 224 -60.14 -2.52 10.35
CA LYS H 224 -59.69 -2.40 8.99
C LYS H 224 -60.63 -3.28 8.20
N MET H 225 -61.52 -2.66 7.45
CA MET H 225 -62.52 -3.40 6.67
C MET H 225 -61.91 -3.99 5.42
N SER H 226 -60.90 -3.31 4.88
CA SER H 226 -60.30 -3.73 3.64
C SER H 226 -58.85 -3.30 3.53
N ASP H 227 -58.09 -4.01 2.68
CA ASP H 227 -56.63 -3.82 2.55
C ASP H 227 -56.13 -4.45 1.26
N ILE H 228 -55.79 -3.62 0.28
CA ILE H 228 -55.52 -4.13 -1.06
C ILE H 228 -54.23 -3.55 -1.64
N ASP H 229 -53.34 -4.43 -2.08
CA ASP H 229 -52.14 -3.99 -2.80
C ASP H 229 -52.51 -3.45 -4.19
N SER H 230 -52.43 -2.14 -4.36
CA SER H 230 -52.81 -1.52 -5.63
C SER H 230 -51.67 -1.62 -6.64
N GLY H 231 -50.54 -2.19 -6.20
CA GLY H 231 -49.43 -2.41 -7.10
C GLY H 231 -48.75 -1.20 -7.68
N SER H 232 -49.05 0.00 -7.19
CA SER H 232 -48.21 1.19 -7.48
C SER H 232 -48.39 2.27 -6.42
N GLN H 233 -47.51 3.26 -6.43
CA GLN H 233 -47.52 4.32 -5.44
C GLN H 233 -48.85 5.11 -5.47
N ILE H 234 -49.54 5.21 -4.34
CA ILE H 234 -50.80 5.95 -4.33
C ILE H 234 -50.49 7.42 -4.04
N CYS H 235 -50.87 8.31 -4.95
CA CYS H 235 -50.53 9.73 -4.83
C CYS H 235 -51.72 10.65 -4.52
N ASN H 236 -52.93 10.18 -4.74
CA ASN H 236 -54.11 10.97 -4.45
C ASN H 236 -55.37 10.11 -4.51
N MET H 237 -56.51 10.70 -4.13
CA MET H 237 -57.69 9.91 -3.85
C MET H 237 -58.92 10.79 -3.79
N VAL H 238 -60.08 10.22 -4.14
CA VAL H 238 -61.38 10.94 -4.19
C VAL H 238 -62.54 9.92 -4.11
N TRP H 239 -63.43 10.08 -3.13
CA TRP H 239 -64.61 9.19 -2.98
C TRP H 239 -65.75 9.72 -3.84
N SER H 240 -66.30 8.91 -4.75
CA SER H 240 -67.46 9.34 -5.54
C SER H 240 -68.62 9.83 -4.67
N LYS H 241 -69.23 10.95 -5.05
CA LYS H 241 -70.43 11.46 -4.36
C LYS H 241 -71.71 10.76 -4.83
N ASN H 242 -71.78 10.49 -6.12
CA ASN H 242 -72.98 9.94 -6.75
C ASN H 242 -73.05 8.42 -6.70
N THR H 243 -71.96 7.78 -6.31
CA THR H 243 -71.88 6.32 -6.29
C THR H 243 -70.86 5.88 -5.24
N ASN H 244 -71.04 4.68 -4.70
CA ASN H 244 -70.14 4.16 -3.67
C ASN H 244 -68.87 3.62 -4.31
N GLU H 245 -68.11 4.54 -4.91
CA GLU H 245 -66.90 4.20 -5.65
C GLU H 245 -65.76 5.10 -5.26
N LEU H 246 -64.55 4.55 -5.37
CA LEU H 246 -63.34 5.29 -5.02
C LEU H 246 -62.41 5.42 -6.24
N VAL H 247 -61.80 6.60 -6.38
CA VAL H 247 -60.81 6.81 -7.42
C VAL H 247 -59.46 7.12 -6.78
N THR H 248 -58.46 6.29 -7.08
CA THR H 248 -57.07 6.48 -6.65
C THR H 248 -56.20 6.90 -7.84
N SER H 249 -55.26 7.81 -7.64
CA SER H 249 -54.35 8.20 -8.71
C SER H 249 -52.91 7.82 -8.36
N HIS H 250 -52.18 7.32 -9.34
CA HIS H 250 -50.94 6.61 -9.03
C HIS H 250 -49.66 7.22 -9.54
N GLY H 251 -48.60 6.92 -8.81
CA GLY H 251 -47.22 7.29 -9.15
C GLY H 251 -46.48 6.07 -9.62
N TYR H 252 -45.27 5.86 -9.06
CA TYR H 252 -44.36 4.80 -9.51
C TYR H 252 -44.99 3.41 -9.33
N SER H 253 -45.04 2.56 -10.36
CA SER H 253 -44.57 2.86 -11.70
C SER H 253 -45.69 2.65 -12.69
N LYS H 254 -46.87 3.17 -12.37
CA LYS H 254 -48.06 3.05 -13.21
C LYS H 254 -48.83 4.35 -13.13
N TYR H 255 -48.63 5.25 -14.10
CA TYR H 255 -49.23 6.57 -14.02
C TYR H 255 -50.71 6.58 -14.42
N ASN H 256 -51.53 5.91 -13.59
CA ASN H 256 -52.95 5.73 -13.88
C ASN H 256 -53.85 6.31 -12.82
N LEU H 257 -55.13 6.48 -13.18
CA LEU H 257 -56.17 6.52 -12.17
C LEU H 257 -56.83 5.14 -12.18
N THR H 258 -57.13 4.60 -10.99
CA THR H 258 -57.98 3.41 -10.94
C THR H 258 -59.31 3.66 -10.18
N LEU H 259 -60.37 3.11 -10.74
CA LEU H 259 -61.71 3.32 -10.21
C LEU H 259 -62.13 2.04 -9.49
N TRP H 260 -62.39 2.16 -8.19
CA TRP H 260 -62.76 1.01 -7.35
C TRP H 260 -64.26 0.88 -7.02
N ASP H 261 -64.73 -0.36 -6.95
CA ASP H 261 -66.12 -0.62 -6.63
C ASP H 261 -66.53 -0.37 -5.17
N CYS H 262 -65.69 -0.71 -4.21
CA CYS H 262 -66.03 -0.54 -2.77
C CYS H 262 -66.90 -1.66 -2.14
N ASN H 263 -68.00 -2.06 -2.80
CA ASN H 263 -68.77 -3.22 -2.33
C ASN H 263 -67.94 -4.50 -2.40
N SER H 264 -67.51 -4.87 -3.61
CA SER H 264 -66.34 -5.72 -3.77
C SER H 264 -65.21 -4.72 -3.87
N MET H 265 -64.03 -5.06 -3.38
CA MET H 265 -62.99 -4.05 -3.46
C MET H 265 -62.19 -4.25 -4.73
N ASP H 266 -62.92 -4.27 -5.83
CA ASP H 266 -62.35 -4.59 -7.14
C ASP H 266 -62.18 -3.36 -8.02
N PRO H 267 -61.07 -3.30 -8.78
CA PRO H 267 -60.96 -2.24 -9.77
C PRO H 267 -61.97 -2.43 -10.91
N ILE H 268 -62.74 -1.37 -11.16
CA ILE H 268 -63.77 -1.32 -12.20
C ILE H 268 -63.05 -0.95 -13.50
N ALA H 269 -62.14 0.03 -13.43
CA ALA H 269 -61.46 0.53 -14.63
C ALA H 269 -60.11 1.14 -14.29
N ILE H 270 -59.21 1.16 -15.29
CA ILE H 270 -57.90 1.78 -15.16
C ILE H 270 -57.72 2.85 -16.23
N LEU H 271 -57.43 4.08 -15.83
CA LEU H 271 -57.42 5.20 -16.77
C LEU H 271 -56.01 5.68 -17.04
N LYS H 272 -55.65 5.65 -18.32
CA LYS H 272 -54.28 5.86 -18.73
C LYS H 272 -54.11 7.10 -19.58
N GLY H 273 -52.86 7.55 -19.69
CA GLY H 273 -52.54 8.72 -20.48
C GLY H 273 -51.40 9.55 -19.92
N HIS H 274 -51.46 9.87 -18.62
CA HIS H 274 -50.45 10.72 -18.03
C HIS H 274 -49.06 10.08 -18.14
N SER H 275 -48.05 10.91 -18.40
CA SER H 275 -46.67 10.43 -18.54
C SER H 275 -45.81 10.90 -17.38
N PHE H 276 -46.44 11.54 -16.40
CA PHE H 276 -45.87 11.81 -15.07
C PHE H 276 -46.83 11.26 -14.00
N ARG H 277 -46.34 11.15 -12.78
CA ARG H 277 -47.15 10.59 -11.71
C ARG H 277 -48.38 11.44 -11.53
N VAL H 278 -49.54 10.79 -11.41
CA VAL H 278 -50.81 11.49 -11.26
C VAL H 278 -50.96 11.98 -9.81
N LEU H 279 -50.41 13.16 -9.56
CA LEU H 279 -50.28 13.66 -8.20
C LEU H 279 -51.45 14.51 -7.77
N HIS H 280 -52.10 15.15 -8.75
CA HIS H 280 -53.17 16.11 -8.49
C HIS H 280 -54.54 15.59 -8.95
N LEU H 281 -55.53 15.71 -8.07
CA LEU H 281 -56.83 15.10 -8.33
C LEU H 281 -57.98 15.82 -7.60
N THR H 282 -59.16 15.88 -8.21
CA THR H 282 -60.33 16.53 -7.58
C THR H 282 -61.65 16.16 -8.25
N LEU H 283 -62.72 16.17 -7.47
CA LEU H 283 -64.01 15.75 -7.95
C LEU H 283 -64.89 16.96 -8.23
N SER H 284 -65.57 16.94 -9.38
CA SER H 284 -66.43 18.06 -9.79
C SER H 284 -67.60 18.20 -8.82
N ASN H 285 -68.14 19.41 -8.71
CA ASN H 285 -69.19 19.68 -7.75
C ASN H 285 -70.45 18.82 -7.94
N ASP H 286 -70.85 18.59 -9.20
CA ASP H 286 -72.00 17.74 -9.50
C ASP H 286 -71.69 16.23 -9.42
N GLY H 287 -70.42 15.91 -9.15
CA GLY H 287 -69.96 14.54 -8.87
C GLY H 287 -69.78 13.65 -10.09
N THR H 288 -69.90 14.25 -11.28
CA THR H 288 -69.82 13.52 -12.56
C THR H 288 -68.39 13.36 -13.07
N THR H 289 -67.55 14.32 -12.72
CA THR H 289 -66.25 14.48 -13.35
C THR H 289 -65.11 14.49 -12.33
N VAL H 290 -64.04 13.77 -12.67
CA VAL H 290 -62.79 13.78 -11.91
C VAL H 290 -61.70 14.44 -12.77
N VAL H 291 -61.04 15.45 -12.23
CA VAL H 291 -59.94 16.08 -12.92
C VAL H 291 -58.62 15.58 -12.35
N SER H 292 -57.72 15.18 -13.25
CA SER H 292 -56.40 14.76 -12.85
C SER H 292 -55.29 15.62 -13.46
N GLY H 293 -54.23 15.82 -12.68
CA GLY H 293 -53.07 16.60 -13.10
C GLY H 293 -51.74 15.95 -12.76
N ALA H 294 -50.73 16.27 -13.57
CA ALA H 294 -49.41 15.70 -13.41
C ALA H 294 -48.36 16.66 -13.92
N GLY H 295 -47.11 16.36 -13.57
CA GLY H 295 -45.96 17.11 -14.06
C GLY H 295 -45.79 17.06 -15.57
N ASP H 296 -46.64 16.28 -16.25
CA ASP H 296 -46.67 16.30 -17.69
C ASP H 296 -47.46 17.53 -18.13
N GLU H 297 -47.74 18.43 -17.20
CA GLU H 297 -48.37 19.74 -17.47
C GLU H 297 -49.73 19.69 -18.20
N THR H 298 -50.50 18.65 -17.90
CA THR H 298 -51.87 18.52 -18.39
C THR H 298 -52.86 18.29 -17.24
N LEU H 299 -54.05 18.85 -17.42
CA LEU H 299 -55.21 18.59 -16.58
C LEU H 299 -56.19 17.79 -17.41
N ARG H 300 -56.65 16.66 -16.91
CA ARG H 300 -57.53 15.79 -17.69
C ARG H 300 -58.88 15.55 -17.03
N TYR H 301 -59.95 15.83 -17.77
CA TYR H 301 -61.32 15.70 -17.29
C TYR H 301 -61.90 14.36 -17.67
N TRP H 302 -62.16 13.54 -16.66
CA TRP H 302 -62.72 12.21 -16.87
C TRP H 302 -64.18 12.14 -16.43
N LYS H 303 -65.08 11.97 -17.39
CA LYS H 303 -66.49 11.75 -17.11
C LYS H 303 -66.65 10.33 -16.57
N LEU H 304 -66.90 10.21 -15.27
CA LEU H 304 -66.90 8.91 -14.62
C LEU H 304 -68.23 8.51 -13.98
N PHE H 305 -69.06 9.49 -13.62
CA PHE H 305 -70.30 9.20 -12.89
C PHE H 305 -71.53 9.90 -13.49
N ASP H 306 -72.73 9.46 -13.06
CA ASP H 306 -73.99 10.03 -13.55
C ASP H 306 -74.61 11.08 -12.64
N GLN I 2 22.82 10.00 -27.38
CA GLN I 2 21.66 10.75 -27.98
C GLN I 2 21.38 12.06 -27.24
N PHE I 3 22.44 12.65 -26.65
CA PHE I 3 22.44 13.97 -25.99
C PHE I 3 23.84 14.63 -26.03
N MET I 4 23.96 15.85 -25.54
CA MET I 4 25.22 16.59 -25.66
C MET I 4 26.00 16.65 -24.35
N LEU I 5 27.04 15.85 -24.21
CA LEU I 5 27.87 15.90 -23.01
C LEU I 5 28.47 17.29 -22.87
N TYR I 6 28.45 17.86 -21.66
CA TYR I 6 29.15 19.14 -21.40
C TYR I 6 30.67 18.99 -21.40
N GLU I 7 31.37 19.78 -22.22
CA GLU I 7 32.82 19.61 -22.40
C GLU I 7 33.62 20.73 -21.74
N GLU I 8 34.57 20.35 -20.89
CA GLU I 8 35.43 21.23 -20.11
C GLU I 8 36.50 21.88 -20.92
N THR I 9 36.80 23.14 -20.63
CA THR I 9 38.00 23.77 -21.17
C THR I 9 39.17 23.34 -20.29
N ALA I 10 40.39 23.42 -20.82
CA ALA I 10 41.57 23.02 -20.04
C ALA I 10 41.61 23.75 -18.69
N GLU I 11 41.17 25.01 -18.69
CA GLU I 11 41.23 25.85 -17.51
C GLU I 11 40.21 25.38 -16.51
N GLU I 12 39.01 25.06 -17.01
CA GLU I 12 37.92 24.61 -16.16
C GLU I 12 38.31 23.38 -15.36
N ARG I 13 39.01 22.45 -16.02
CA ARG I 13 39.54 21.26 -15.37
C ARG I 13 40.53 21.61 -14.23
N ASN I 14 41.44 22.54 -14.50
CA ASN I 14 42.41 22.92 -13.49
C ASN I 14 41.77 23.52 -12.24
N ILE I 15 40.82 24.42 -12.44
CA ILE I 15 40.01 24.84 -11.32
C ILE I 15 39.47 23.61 -10.58
N ALA I 16 38.74 22.75 -11.30
CA ALA I 16 38.01 21.66 -10.67
C ALA I 16 38.92 20.77 -9.86
N VAL I 17 40.06 20.41 -10.45
CA VAL I 17 41.05 19.51 -9.83
C VAL I 17 41.58 20.11 -8.54
N HIS I 18 42.00 21.38 -8.63
CA HIS I 18 42.55 22.13 -7.52
C HIS I 18 41.58 22.22 -6.36
N ARG I 19 40.33 22.63 -6.62
CA ARG I 19 39.36 22.79 -5.55
C ARG I 19 39.13 21.46 -4.86
N HIS I 20 38.98 20.42 -5.67
CA HIS I 20 38.76 19.07 -5.16
C HIS I 20 39.90 18.66 -4.25
N ASN I 21 41.12 18.82 -4.73
CA ASN I 21 42.29 18.47 -3.93
C ASN I 21 42.35 19.15 -2.57
N GLU I 22 41.82 20.35 -2.47
CA GLU I 22 41.85 21.02 -1.20
C GLU I 22 40.70 20.56 -0.34
N ILE I 23 39.53 20.39 -0.95
CA ILE I 23 38.40 19.89 -0.20
C ILE I 23 38.80 18.55 0.39
N TYR I 24 39.46 17.73 -0.42
CA TYR I 24 39.83 16.36 -0.05
C TYR I 24 40.89 16.31 1.05
N ASN I 25 41.88 17.21 0.97
CA ASN I 25 42.97 17.23 1.93
C ASN I 25 42.58 17.84 3.26
N ASN I 26 41.50 18.62 3.26
CA ASN I 26 40.90 19.16 4.47
C ASN I 26 40.26 18.12 5.39
N ASN I 27 39.53 17.17 4.82
CA ASN I 27 38.58 16.42 5.60
C ASN I 27 39.13 15.25 6.35
N ASN I 28 40.40 15.37 6.79
CA ASN I 28 41.09 14.36 7.61
C ASN I 28 40.21 13.86 8.77
N SER I 29 39.44 12.82 8.51
CA SER I 29 38.51 12.27 9.50
C SER I 29 39.13 11.14 10.35
N VAL I 30 38.79 11.14 11.63
CA VAL I 30 39.39 10.26 12.62
C VAL I 30 38.80 8.87 12.58
N SER I 31 39.63 7.86 12.83
CA SER I 31 39.16 6.50 12.73
C SER I 31 39.61 5.63 13.89
N ASN I 32 39.07 4.43 13.91
CA ASN I 32 39.34 3.44 14.95
C ASN I 32 40.10 2.30 14.30
N GLU I 33 41.39 2.30 14.58
CA GLU I 33 42.31 1.45 13.87
C GLU I 33 42.16 0.02 14.33
N ASN I 34 41.27 -0.24 15.29
CA ASN I 34 40.99 -1.58 15.76
C ASN I 34 39.63 -2.05 15.27
N ASN I 35 39.06 -1.31 14.33
CA ASN I 35 37.79 -1.66 13.75
C ASN I 35 37.95 -1.92 12.25
N PRO I 36 37.72 -3.20 11.83
CA PRO I 36 37.94 -3.64 10.48
C PRO I 36 36.67 -3.65 9.59
N SER I 37 35.53 -3.08 10.03
CA SER I 37 34.34 -2.99 9.16
C SER I 37 34.71 -2.53 7.81
N GLN I 38 35.44 -1.41 7.76
CA GLN I 38 35.63 -0.68 6.50
C GLN I 38 36.31 -1.56 5.45
N VAL I 39 36.86 -2.67 5.92
CA VAL I 39 37.68 -3.52 5.13
C VAL I 39 37.30 -5.00 5.41
N LYS I 40 36.09 -5.21 5.94
CA LYS I 40 35.62 -6.55 6.33
C LYS I 40 35.53 -7.54 5.17
N GLU I 41 35.16 -7.07 3.98
CA GLU I 41 34.93 -8.00 2.91
C GLU I 41 36.23 -8.42 2.28
N ASN I 42 37.31 -7.96 2.88
CA ASN I 42 38.66 -8.29 2.40
C ASN I 42 39.48 -9.21 3.27
N LEU I 43 38.90 -9.62 4.40
CA LEU I 43 39.44 -10.55 5.39
C LEU I 43 38.95 -11.93 5.11
N SEP I 44 39.90 -12.82 4.86
CA SEP I 44 39.57 -14.20 4.54
CB SEP I 44 40.79 -14.83 3.97
OG SEP I 44 41.83 -14.83 4.94
C SEP I 44 39.19 -14.90 5.81
O SEP I 44 39.56 -14.45 6.89
P SEP I 44 43.39 -15.19 4.53
O1P SEP I 44 43.68 -14.23 3.37
O2P SEP I 44 44.24 -14.95 5.78
O3P SEP I 44 43.18 -16.66 4.22
N PRO I 45 38.43 -16.02 5.72
CA PRO I 45 37.94 -16.62 6.98
C PRO I 45 39.06 -17.11 7.91
N ALA I 46 40.27 -17.38 7.40
CA ALA I 46 41.43 -17.60 8.26
C ALA I 46 41.66 -16.40 9.20
N LYS I 47 41.58 -15.20 8.66
CA LYS I 47 41.71 -13.98 9.46
C LYS I 47 40.51 -13.72 10.37
N ILE I 48 39.27 -13.97 9.91
CA ILE I 48 38.07 -13.85 10.76
C ILE I 48 38.14 -14.91 11.87
N CYS I 49 38.78 -16.05 11.58
CA CYS I 49 39.17 -17.06 12.59
C CYS I 49 37.96 -17.31 13.46
N PRO I 50 36.74 -17.36 12.85
CA PRO I 50 35.42 -16.81 13.28
C PRO I 50 34.72 -17.27 14.56
N TYR I 51 33.94 -18.36 14.52
CA TYR I 51 33.02 -18.67 15.64
C TYR I 51 33.24 -19.98 16.37
N GLU I 52 32.99 -21.07 15.65
CA GLU I 52 33.17 -22.40 16.18
C GLU I 52 34.10 -22.29 17.41
N ARG I 53 33.76 -22.90 18.54
CA ARG I 53 34.68 -22.76 19.68
C ARG I 53 35.99 -23.63 19.79
N ALA I 54 36.99 -23.06 20.46
CA ALA I 54 38.36 -23.55 20.51
C ALA I 54 38.98 -23.47 21.94
N LEU I 56 45.51 -26.41 26.74
CA LEU I 56 45.73 -26.75 28.13
C LEU I 56 44.77 -25.93 28.99
N ARG I 57 44.83 -26.08 30.32
CA ARG I 57 43.89 -25.40 31.20
C ARG I 57 44.07 -23.88 31.11
N GLU I 58 43.10 -23.12 31.59
CA GLU I 58 43.27 -21.67 31.67
C GLU I 58 44.06 -21.40 32.95
N GLY I 59 45.17 -20.67 32.80
CA GLY I 59 46.10 -20.46 33.91
C GLY I 59 47.35 -21.31 33.75
N GLY I 60 47.30 -22.26 32.83
CA GLY I 60 48.39 -23.22 32.64
C GLY I 60 49.34 -22.78 31.56
N ARG I 61 49.27 -21.51 31.23
CA ARG I 61 49.92 -21.04 30.04
C ARG I 61 51.28 -20.35 30.37
N ILE I 62 52.40 -20.84 29.86
CA ILE I 62 53.69 -20.34 30.40
C ILE I 62 54.32 -19.16 29.63
N ALA I 63 54.50 -18.04 30.32
CA ALA I 63 54.91 -16.79 29.65
C ALA I 63 56.35 -16.83 29.16
N LEU I 64 56.54 -16.35 27.93
CA LEU I 64 57.87 -16.27 27.24
C LEU I 64 58.50 -17.61 26.95
N LYS I 65 57.83 -18.68 27.37
CA LYS I 65 58.28 -20.04 27.10
C LYS I 65 58.54 -20.26 25.63
N ASP I 66 59.66 -20.92 25.36
CA ASP I 66 60.10 -21.22 24.02
C ASP I 66 59.29 -22.35 23.32
N LEU I 67 58.54 -22.03 22.27
CA LEU I 67 57.75 -23.05 21.62
C LEU I 67 58.67 -23.74 20.62
N GLN J 2 -64.26 57.32 -76.97
CA GLN J 2 -65.39 58.13 -77.56
C GLN J 2 -65.56 59.48 -76.84
N PHE J 3 -64.46 60.02 -76.30
CA PHE J 3 -64.37 61.34 -75.62
C PHE J 3 -62.94 61.87 -75.69
N MET J 4 -62.73 63.10 -75.24
CA MET J 4 -61.41 63.76 -75.35
C MET J 4 -60.58 63.74 -74.07
N LEU J 5 -59.56 62.88 -73.99
CA LEU J 5 -58.67 62.90 -72.82
C LEU J 5 -57.99 64.26 -72.71
N TYR J 6 -57.96 64.84 -71.51
CA TYR J 6 -57.21 66.09 -71.26
C TYR J 6 -55.72 65.79 -71.31
N GLU J 7 -54.98 66.60 -72.09
CA GLU J 7 -53.54 66.36 -72.32
C GLU J 7 -52.62 67.43 -71.70
N GLU J 8 -51.68 66.95 -70.88
CA GLU J 8 -50.72 67.78 -70.14
C GLU J 8 -49.65 68.40 -71.00
N THR J 9 -49.29 69.64 -70.69
CA THR J 9 -48.08 70.20 -71.26
C THR J 9 -46.91 69.66 -70.44
N ALA J 10 -45.70 69.68 -71.01
CA ALA J 10 -44.52 69.23 -70.30
C ALA J 10 -44.38 69.92 -68.94
N GLU J 11 -44.70 71.21 -68.94
CA GLU J 11 -44.60 72.04 -67.75
C GLU J 11 -45.61 71.59 -66.72
N GLU J 12 -46.86 71.40 -67.16
CA GLU J 12 -47.94 70.97 -66.26
C GLU J 12 -47.57 69.73 -65.49
N ARG J 13 -46.90 68.80 -66.16
CA ARG J 13 -46.47 67.54 -65.53
C ARG J 13 -45.43 67.83 -64.45
N ASN J 14 -44.49 68.72 -64.76
CA ASN J 14 -43.41 69.02 -63.81
C ASN J 14 -43.95 69.62 -62.53
N ILE J 15 -44.85 70.59 -62.65
CA ILE J 15 -45.62 71.05 -61.50
C ILE J 15 -46.20 69.83 -60.76
N ALA J 16 -47.00 69.01 -61.46
CA ALA J 16 -47.80 67.95 -60.83
C ALA J 16 -46.93 66.96 -60.04
N VAL J 17 -45.80 66.60 -60.67
CA VAL J 17 -44.85 65.65 -60.11
C VAL J 17 -44.24 66.24 -58.85
N HIS J 18 -43.80 67.49 -58.96
CA HIS J 18 -43.13 68.16 -57.86
C HIS J 18 -44.02 68.27 -56.63
N ARG J 19 -45.27 68.71 -56.84
CA ARG J 19 -46.16 68.95 -55.74
C ARG J 19 -46.43 67.64 -55.04
N HIS J 20 -46.74 66.62 -55.83
CA HIS J 20 -46.98 65.29 -55.31
C HIS J 20 -45.81 64.83 -54.46
N ASN J 21 -44.59 64.95 -54.97
CA ASN J 21 -43.42 64.48 -54.26
C ASN J 21 -43.25 65.15 -52.91
N GLU J 22 -43.69 66.40 -52.80
CA GLU J 22 -43.61 67.04 -51.53
C GLU J 22 -44.75 66.62 -50.61
N ILE J 23 -45.97 66.54 -51.15
CA ILE J 23 -47.11 66.05 -50.36
C ILE J 23 -46.77 64.67 -49.79
N TYR J 24 -46.17 63.83 -50.63
CA TYR J 24 -45.86 62.46 -50.27
C TYR J 24 -44.75 62.35 -49.23
N ASN J 25 -43.71 63.18 -49.37
CA ASN J 25 -42.56 63.14 -48.45
C ASN J 25 -42.84 63.75 -47.09
N ASN J 26 -43.89 64.57 -47.04
CA ASN J 26 -44.42 65.13 -45.80
C ASN J 26 -45.08 64.15 -44.86
N ASN J 27 -45.92 63.29 -45.42
CA ASN J 27 -46.86 62.52 -44.59
C ASN J 27 -46.30 61.28 -43.92
N ASN J 28 -45.02 61.33 -43.54
CA ASN J 28 -44.36 60.29 -42.76
C ASN J 28 -45.22 59.81 -41.56
N SER J 29 -46.08 58.82 -41.80
CA SER J 29 -46.97 58.31 -40.77
C SER J 29 -46.36 57.15 -39.97
N VAL J 30 -46.61 57.18 -38.67
CA VAL J 30 -46.02 56.24 -37.71
C VAL J 30 -46.69 54.87 -37.78
N SER J 31 -45.89 53.83 -37.59
CA SER J 31 -46.42 52.47 -37.66
C SER J 31 -46.01 51.59 -36.51
N ASN J 32 -46.63 50.41 -36.45
CA ASN J 32 -46.37 49.40 -35.44
C ASN J 32 -45.67 48.25 -36.14
N GLU J 33 -44.36 48.21 -35.95
CA GLU J 33 -43.54 47.29 -36.68
C GLU J 33 -43.73 45.83 -36.25
N ASN J 34 -44.63 45.59 -35.29
CA ASN J 34 -44.94 44.25 -34.87
C ASN J 34 -46.33 43.83 -35.34
N ASN J 35 -46.91 44.64 -36.21
CA ASN J 35 -48.26 44.41 -36.70
C ASN J 35 -48.21 44.13 -38.19
N PRO J 36 -48.56 42.89 -38.57
CA PRO J 36 -48.39 42.47 -39.95
C PRO J 36 -49.62 42.58 -40.82
N SER J 37 -50.72 43.16 -40.32
CA SER J 37 -51.96 43.28 -41.11
C SER J 37 -51.68 43.77 -42.51
N GLN J 38 -50.92 44.87 -42.59
CA GLN J 38 -50.72 45.58 -43.83
C GLN J 38 -50.08 44.65 -44.86
N VAL J 39 -49.57 43.53 -44.37
CA VAL J 39 -48.82 42.59 -45.21
C VAL J 39 -49.33 41.13 -44.98
N LYS J 40 -50.53 41.01 -44.40
CA LYS J 40 -51.07 39.69 -44.01
C LYS J 40 -51.34 38.71 -45.14
N GLU J 41 -51.64 39.22 -46.34
CA GLU J 41 -51.97 38.28 -47.40
C GLU J 41 -50.72 37.84 -48.14
N ASN J 42 -49.55 38.22 -47.63
CA ASN J 42 -48.29 37.77 -48.19
C ASN J 42 -47.50 36.87 -47.29
N LEU J 43 -48.06 36.61 -46.10
CA LEU J 43 -47.54 35.64 -45.15
C LEU J 43 -48.07 34.24 -45.43
N SEP J 44 -47.19 33.32 -45.79
CA SEP J 44 -47.56 31.92 -46.07
CB SEP J 44 -46.36 31.25 -46.71
OG SEP J 44 -45.26 31.25 -45.76
C SEP J 44 -47.96 31.20 -44.80
O SEP J 44 -47.58 31.62 -43.71
P SEP J 44 -43.79 30.76 -46.20
O1P SEP J 44 -43.40 31.71 -47.30
O2P SEP J 44 -42.91 30.87 -45.02
O3P SEP J 44 -44.13 29.34 -46.63
N PRO J 45 -48.73 30.09 -44.90
CA PRO J 45 -49.17 29.49 -43.63
C PRO J 45 -48.03 28.97 -42.73
N ALA J 46 -46.83 28.71 -43.29
CA ALA J 46 -45.65 28.39 -42.45
C ALA J 46 -45.38 29.54 -41.50
N LYS J 47 -45.40 30.75 -42.05
CA LYS J 47 -45.26 32.00 -41.30
C LYS J 47 -46.39 32.26 -40.30
N ILE J 48 -47.66 32.08 -40.72
CA ILE J 48 -48.78 32.26 -39.79
C ILE J 48 -48.72 31.21 -38.66
N CYS J 49 -48.11 30.04 -38.96
CA CYS J 49 -47.75 28.98 -37.97
C CYS J 49 -48.97 28.76 -37.04
N PRO J 50 -50.20 28.73 -37.62
CA PRO J 50 -51.48 29.35 -37.15
C PRO J 50 -52.17 28.95 -35.83
N TYR J 51 -53.01 27.90 -35.83
CA TYR J 51 -53.87 27.59 -34.68
C TYR J 51 -53.61 26.23 -34.02
N PHE J 55 -40.88 21.62 -27.91
CA PHE J 55 -41.75 21.62 -26.75
C PHE J 55 -41.41 20.54 -25.65
N LEU J 56 -40.78 21.02 -24.57
CA LEU J 56 -40.28 20.19 -23.45
C LEU J 56 -41.28 20.13 -22.26
N ARG J 57 -40.79 20.46 -21.06
CA ARG J 57 -41.61 20.94 -19.95
C ARG J 57 -41.14 22.38 -19.73
N GLU J 58 -41.93 23.19 -19.02
CA GLU J 58 -41.50 24.54 -18.63
C GLU J 58 -40.34 24.54 -17.62
N GLY J 59 -39.32 25.35 -17.91
CA GLY J 59 -38.12 25.45 -17.07
C GLY J 59 -37.05 24.47 -17.54
N GLY J 60 -37.33 23.87 -18.70
CA GLY J 60 -36.52 22.80 -19.28
C GLY J 60 -35.33 23.27 -20.09
N ARG J 61 -35.57 24.16 -21.06
CA ARG J 61 -34.53 24.63 -21.97
C ARG J 61 -33.38 25.18 -21.19
N ILE J 62 -32.17 24.83 -21.57
CA ILE J 62 -31.02 25.58 -21.07
C ILE J 62 -30.71 26.54 -22.19
N ALA J 63 -30.29 27.74 -21.83
CA ALA J 63 -29.96 28.73 -22.84
C ALA J 63 -28.63 28.35 -23.41
N LEU J 64 -28.52 28.42 -24.73
CA LEU J 64 -27.24 28.23 -25.43
C LEU J 64 -26.72 26.78 -25.29
N LYS J 65 -27.61 25.84 -25.60
CA LYS J 65 -27.24 24.43 -25.77
C LYS J 65 -26.99 24.27 -27.28
N ASP J 66 -25.98 23.51 -27.69
CA ASP J 66 -25.84 23.26 -29.13
C ASP J 66 -26.94 22.34 -29.64
N LEU J 67 -27.30 22.50 -30.90
CA LEU J 67 -28.43 21.79 -31.50
C LEU J 67 -28.11 21.37 -32.94
N GLN K 2 57.48 -80.66 53.08
CA GLN K 2 58.53 -81.50 53.75
C GLN K 2 58.80 -80.99 55.20
N PHE K 3 57.79 -80.33 55.78
CA PHE K 3 57.78 -79.88 57.19
C PHE K 3 56.34 -79.79 57.73
N MET K 4 56.19 -79.51 59.03
CA MET K 4 54.85 -79.53 59.67
C MET K 4 54.23 -78.15 59.84
N LEU K 5 53.26 -77.78 59.00
CA LEU K 5 52.58 -76.48 59.15
C LEU K 5 51.85 -76.39 60.47
N TYR K 6 52.00 -75.26 61.18
CA TYR K 6 51.26 -75.08 62.45
C TYR K 6 49.79 -74.87 62.17
N GLU K 7 48.95 -75.68 62.81
CA GLU K 7 47.51 -75.66 62.56
C GLU K 7 46.68 -75.07 63.71
N GLU K 8 45.86 -74.07 63.35
CA GLU K 8 45.00 -73.32 64.26
C GLU K 8 43.79 -74.09 64.75
N THR K 9 43.48 -73.95 66.05
CA THR K 9 42.17 -74.36 66.53
C THR K 9 41.16 -73.29 66.12
N ALA K 10 39.88 -73.65 66.07
CA ALA K 10 38.83 -72.69 65.72
C ALA K 10 38.88 -71.48 66.63
N GLU K 11 39.20 -71.72 67.91
CA GLU K 11 39.27 -70.67 68.91
C GLU K 11 40.42 -69.73 68.64
N GLU K 12 41.59 -70.32 68.40
CA GLU K 12 42.79 -69.56 68.04
C GLU K 12 42.59 -68.55 66.90
N ARG K 13 41.87 -68.98 65.86
CA ARG K 13 41.50 -68.11 64.75
C ARG K 13 40.66 -66.93 65.20
N ASN K 14 39.68 -67.18 66.05
CA ASN K 14 38.79 -66.11 66.47
C ASN K 14 39.51 -65.02 67.26
N ILE K 15 40.41 -65.44 68.14
CA ILE K 15 41.32 -64.51 68.79
C ILE K 15 42.05 -63.69 67.74
N ALA K 16 42.79 -64.37 66.85
CA ALA K 16 43.62 -63.72 65.83
C ALA K 16 42.86 -62.69 64.99
N VAL K 17 41.68 -63.10 64.49
CA VAL K 17 40.82 -62.26 63.66
C VAL K 17 40.40 -61.02 64.45
N HIS K 18 39.97 -61.25 65.68
CA HIS K 18 39.44 -60.20 66.52
C HIS K 18 40.51 -59.15 66.82
N ARG K 19 41.71 -59.60 67.17
CA ARG K 19 42.78 -58.69 67.53
C ARG K 19 43.23 -57.88 66.33
N HIS K 20 43.37 -58.57 65.21
CA HIS K 20 43.67 -57.91 63.96
C HIS K 20 42.69 -56.80 63.62
N ASN K 21 41.40 -57.11 63.67
CA ASN K 21 40.36 -56.15 63.35
C ASN K 21 40.40 -54.88 64.20
N GLU K 22 40.87 -55.01 65.42
CA GLU K 22 40.95 -53.83 66.27
C GLU K 22 42.22 -53.06 66.01
N ILE K 23 43.33 -53.77 65.86
CA ILE K 23 44.58 -53.14 65.45
C ILE K 23 44.38 -52.35 64.15
N TYR K 24 43.72 -52.98 63.18
CA TYR K 24 43.44 -52.38 61.88
C TYR K 24 42.51 -51.17 61.96
N ASN K 25 41.47 -51.25 62.78
CA ASN K 25 40.49 -50.19 62.80
C ASN K 25 40.97 -48.99 63.59
N ASN K 26 41.98 -49.23 64.42
CA ASN K 26 42.69 -48.18 65.14
C ASN K 26 43.49 -47.21 64.29
N ASN K 27 44.24 -47.75 63.34
CA ASN K 27 45.31 -47.00 62.72
C ASN K 27 44.90 -46.05 61.59
N ASN K 28 43.70 -45.48 61.70
CA ASN K 28 43.21 -44.45 60.77
C ASN K 28 44.27 -43.35 60.51
N SER K 29 45.13 -43.60 59.52
CA SER K 29 46.17 -42.64 59.14
C SER K 29 45.71 -41.59 58.09
N VAL K 30 46.12 -40.34 58.31
CA VAL K 30 45.72 -39.19 57.50
C VAL K 30 46.42 -39.14 56.16
N SER K 31 45.71 -38.65 55.15
CA SER K 31 46.27 -38.66 53.82
C SER K 31 46.01 -37.37 53.07
N ASN K 32 46.70 -37.23 51.94
CA ASN K 32 46.62 -36.06 51.07
C ASN K 32 45.88 -36.41 49.79
N GLU K 33 44.63 -35.98 49.75
CA GLU K 33 43.74 -36.48 48.75
C GLU K 33 44.04 -35.87 47.39
N ASN K 34 45.09 -35.07 47.30
CA ASN K 34 45.47 -34.57 45.99
C ASN K 34 46.75 -35.21 45.48
N ASN K 35 47.17 -36.29 46.13
CA ASN K 35 48.46 -36.89 45.84
C ASN K 35 48.21 -38.29 45.46
N PRO K 36 48.44 -38.57 44.17
CA PRO K 36 48.12 -39.83 43.55
C PRO K 36 49.23 -40.87 43.55
N SER K 37 50.37 -40.63 44.21
CA SER K 37 51.44 -41.66 44.25
C SER K 37 50.87 -43.03 44.53
N GLN K 38 50.12 -43.11 45.63
CA GLN K 38 49.76 -44.39 46.17
C GLN K 38 49.02 -45.19 45.14
N VAL K 39 48.59 -44.54 44.06
CA VAL K 39 47.78 -45.18 43.06
C VAL K 39 48.36 -44.87 41.65
N LYS K 40 49.60 -44.35 41.61
CA LYS K 40 50.22 -43.84 40.38
C LYS K 40 50.35 -44.80 39.24
N GLU K 41 50.48 -46.10 39.50
CA GLU K 41 50.68 -47.05 38.42
C GLU K 41 49.34 -47.49 37.83
N ASN K 42 48.26 -46.86 38.28
CA ASN K 42 46.93 -47.18 37.75
C ASN K 42 46.33 -46.02 36.96
N LEU K 43 47.09 -44.93 36.87
CA LEU K 43 46.73 -43.79 36.06
C LEU K 43 47.24 -43.97 34.67
N SEP K 44 46.35 -44.08 33.68
CA SEP K 44 46.75 -44.21 32.28
CB SEP K 44 45.50 -44.63 31.52
OG SEP K 44 44.59 -43.55 31.58
C SEP K 44 47.32 -42.91 31.75
O SEP K 44 47.07 -41.83 32.33
P SEP K 44 43.11 -43.80 31.09
O1P SEP K 44 42.63 -44.99 31.87
O2P SEP K 44 42.43 -42.45 31.41
O3P SEP K 44 43.36 -44.02 29.60
N PRO K 45 48.11 -42.96 30.64
CA PRO K 45 48.75 -41.70 30.20
C PRO K 45 47.74 -40.62 29.81
N ALA K 46 46.50 -40.98 29.46
CA ALA K 46 45.48 -39.95 29.23
C ALA K 46 45.30 -39.17 30.52
N LYS K 47 45.28 -39.90 31.62
CA LYS K 47 45.17 -39.27 32.93
C LYS K 47 46.44 -38.53 33.36
N ILE K 48 47.61 -39.10 33.11
CA ILE K 48 48.85 -38.36 33.43
C ILE K 48 48.96 -37.08 32.60
N CYS K 49 48.41 -37.12 31.36
CA CYS K 49 48.23 -35.96 30.44
C CYS K 49 49.56 -35.19 30.38
N PRO K 50 50.69 -35.91 30.29
CA PRO K 50 51.96 -35.68 30.97
C PRO K 50 52.77 -34.39 30.71
N TYR K 51 53.71 -34.45 29.80
CA TYR K 51 54.69 -33.39 29.68
C TYR K 51 54.40 -32.46 28.48
N GLU K 52 53.83 -32.97 27.38
CA GLU K 52 53.45 -32.20 26.17
C GLU K 52 52.84 -30.80 26.43
N ARG K 53 53.00 -29.84 25.51
CA ARG K 53 52.32 -28.53 25.61
C ARG K 53 51.00 -28.29 24.82
N PHE K 55 41.91 -24.24 21.24
CA PHE K 55 41.82 -23.53 22.50
C PHE K 55 42.17 -22.04 22.25
N LEU K 56 41.15 -21.19 21.99
CA LEU K 56 41.20 -19.66 21.91
C LEU K 56 42.37 -18.91 22.51
N ARG K 57 42.28 -17.59 22.60
CA ARG K 57 43.39 -16.83 23.21
C ARG K 57 43.21 -16.57 24.71
N GLU K 58 44.27 -16.16 25.43
CA GLU K 58 44.17 -16.00 26.89
C GLU K 58 43.28 -14.86 27.38
N GLY K 59 42.18 -15.26 28.01
CA GLY K 59 41.14 -14.33 28.38
C GLY K 59 39.96 -14.57 27.48
N GLY K 60 40.17 -15.37 26.45
CA GLY K 60 39.11 -15.67 25.46
C GLY K 60 37.92 -16.46 25.96
N ARG K 61 38.10 -17.16 27.06
CA ARG K 61 37.11 -18.11 27.53
C ARG K 61 35.79 -17.47 27.99
N ILE K 62 34.69 -18.17 27.69
CA ILE K 62 33.34 -17.65 27.94
C ILE K 62 32.67 -18.55 28.99
N ALA K 63 32.73 -18.14 30.25
CA ALA K 63 32.08 -18.89 31.29
C ALA K 63 30.73 -19.43 30.80
N LEU K 64 30.57 -20.74 30.89
CA LEU K 64 29.28 -21.40 30.74
C LEU K 64 28.71 -21.43 29.32
N LYS K 65 29.51 -21.05 28.32
CA LYS K 65 29.13 -21.24 26.91
C LYS K 65 28.74 -22.70 26.63
N ASP K 66 27.73 -22.95 25.79
CA ASP K 66 27.39 -24.33 25.34
C ASP K 66 28.34 -24.86 24.27
N LEU K 67 28.87 -26.08 24.46
CA LEU K 67 29.81 -26.61 23.49
C LEU K 67 29.20 -27.74 22.65
N GLN L 2 -28.84 -34.52 2.26
CA GLN L 2 -27.76 -35.30 2.90
C GLN L 2 -27.40 -34.79 4.34
N PHE L 3 -28.38 -34.11 4.98
CA PHE L 3 -28.30 -33.63 6.39
C PHE L 3 -29.71 -33.47 6.96
N MET L 4 -29.81 -33.21 8.27
CA MET L 4 -31.11 -33.17 8.97
C MET L 4 -31.67 -31.78 9.17
N LEU L 5 -32.67 -31.39 8.40
CA LEU L 5 -33.26 -30.06 8.55
C LEU L 5 -33.93 -29.95 9.89
N TYR L 6 -33.76 -28.82 10.57
CA TYR L 6 -34.40 -28.61 11.87
C TYR L 6 -35.89 -28.34 11.70
N GLU L 7 -36.72 -29.11 12.41
CA GLU L 7 -38.17 -29.06 12.22
C GLU L 7 -38.94 -28.43 13.39
N GLU L 8 -39.74 -27.42 13.04
CA GLU L 8 -40.50 -26.63 13.99
C GLU L 8 -41.70 -27.36 14.56
N THR L 9 -41.95 -27.17 15.86
CA THR L 9 -43.24 -27.55 16.43
C THR L 9 -44.24 -26.45 16.08
N ALA L 10 -45.53 -26.78 16.09
CA ALA L 10 -46.58 -25.80 15.77
C ALA L 10 -46.44 -24.56 16.65
N GLU L 11 -46.06 -24.79 17.91
CA GLU L 11 -45.92 -23.71 18.86
C GLU L 11 -44.75 -22.82 18.53
N GLU L 12 -43.62 -23.45 18.22
CA GLU L 12 -42.41 -22.73 17.81
C GLU L 12 -42.66 -21.74 16.68
N ARG L 13 -43.41 -22.17 15.67
CA ARG L 13 -43.81 -21.32 14.57
C ARG L 13 -44.60 -20.12 15.06
N ASN L 14 -45.54 -20.35 15.97
CA ASN L 14 -46.38 -19.24 16.41
C ASN L 14 -45.60 -18.19 17.16
N ILE L 15 -44.65 -18.63 17.98
CA ILE L 15 -43.69 -17.69 18.55
C ILE L 15 -42.99 -16.90 17.43
N ALA L 16 -42.34 -17.61 16.51
CA ALA L 16 -41.51 -16.98 15.48
C ALA L 16 -42.29 -15.96 14.70
N VAL L 17 -43.48 -16.35 14.25
CA VAL L 17 -44.36 -15.50 13.46
C VAL L 17 -44.67 -14.21 14.23
N HIS L 18 -45.14 -14.39 15.47
CA HIS L 18 -45.55 -13.30 16.34
C HIS L 18 -44.43 -12.28 16.56
N ARG L 19 -43.23 -12.77 16.88
CA ARG L 19 -42.10 -11.90 17.15
C ARG L 19 -41.74 -11.10 15.90
N HIS L 20 -41.66 -11.81 14.79
CA HIS L 20 -41.39 -11.20 13.51
C HIS L 20 -42.35 -10.07 13.19
N ASN L 21 -43.65 -10.35 13.32
CA ASN L 21 -44.67 -9.36 13.04
C ASN L 21 -44.53 -8.09 13.88
N GLU L 22 -44.02 -8.23 15.09
CA GLU L 22 -43.84 -7.06 15.91
C GLU L 22 -42.56 -6.31 15.57
N ILE L 23 -41.48 -7.05 15.38
CA ILE L 23 -40.25 -6.45 14.88
C ILE L 23 -40.51 -5.70 13.58
N TYR L 24 -41.28 -6.32 12.70
CA TYR L 24 -41.61 -5.72 11.39
C TYR L 24 -42.48 -4.46 11.48
N ASN L 25 -43.51 -4.50 12.31
CA ASN L 25 -44.43 -3.38 12.40
C ASN L 25 -43.87 -2.19 13.18
N ASN L 26 -42.81 -2.44 13.95
CA ASN L 26 -42.06 -1.41 14.62
C ASN L 26 -41.27 -0.48 13.72
N ASN L 27 -40.59 -1.05 12.73
CA ASN L 27 -39.51 -0.34 12.08
C ASN L 27 -39.93 0.62 10.96
N ASN L 28 -41.11 1.23 11.11
CA ASN L 28 -41.62 2.25 10.17
C ASN L 28 -40.56 3.31 9.84
N SER L 29 -39.78 3.04 8.78
CA SER L 29 -38.68 3.92 8.38
C SER L 29 -39.11 4.94 7.33
N VAL L 30 -38.60 6.17 7.48
CA VAL L 30 -39.07 7.33 6.71
C VAL L 30 -38.46 7.34 5.34
N SER L 31 -39.20 7.85 4.36
CA SER L 31 -38.70 7.80 3.01
C SER L 31 -38.96 9.09 2.24
N ASN L 32 -38.36 9.17 1.05
CA ASN L 32 -38.48 10.33 0.20
C ASN L 32 -39.28 9.95 -1.03
N GLU L 33 -40.52 10.39 -1.01
CA GLU L 33 -41.49 9.94 -1.98
C GLU L 33 -41.21 10.51 -3.37
N ASN L 34 -40.21 11.37 -3.47
CA ASN L 34 -39.82 11.88 -4.78
C ASN L 34 -38.54 11.24 -5.28
N ASN L 35 -38.11 10.17 -4.61
CA ASN L 35 -36.92 9.45 -5.02
C ASN L 35 -37.29 8.06 -5.45
N PRO L 36 -37.13 7.76 -6.75
CA PRO L 36 -37.49 6.49 -7.35
C PRO L 36 -36.40 5.41 -7.40
N SER L 37 -35.22 5.62 -6.78
CA SER L 37 -34.18 4.55 -6.74
C SER L 37 -34.76 3.25 -6.42
N GLN L 38 -35.46 3.19 -5.29
CA GLN L 38 -35.90 1.91 -4.76
C GLN L 38 -36.69 1.09 -5.78
N VAL L 39 -37.13 1.74 -6.85
CA VAL L 39 -38.02 1.14 -7.80
C VAL L 39 -37.54 1.46 -9.23
N LYS L 40 -36.29 1.93 -9.35
CA LYS L 40 -35.74 2.41 -10.64
C LYS L 40 -35.74 1.40 -11.78
N GLU L 41 -35.56 0.12 -11.47
CA GLU L 41 -35.47 -0.86 -12.53
C GLU L 41 -36.85 -1.25 -13.05
N ASN L 42 -37.89 -0.64 -12.52
CA ASN L 42 -39.25 -0.91 -12.97
C ASN L 42 -39.89 0.23 -13.76
N LEU L 43 -39.12 1.31 -13.93
CA LEU L 43 -39.48 2.44 -14.78
C LEU L 43 -38.96 2.23 -16.20
N SEP L 44 -39.89 2.09 -17.15
CA SEP L 44 -39.58 1.96 -18.56
CB SEP L 44 -40.89 1.63 -19.19
OG SEP L 44 -41.77 2.73 -19.02
C SEP L 44 -39.03 3.25 -19.09
O SEP L 44 -39.24 4.29 -18.49
P SEP L 44 -43.31 2.62 -19.48
O1P SEP L 44 -43.85 1.43 -18.67
O2P SEP L 44 -43.93 3.96 -19.16
O3P SEP L 44 -43.21 2.40 -20.97
N PRO L 45 -38.32 3.23 -20.21
CA PRO L 45 -37.66 4.47 -20.67
C PRO L 45 -38.63 5.59 -21.03
N ALA L 46 -39.87 5.27 -21.36
CA ALA L 46 -40.88 6.31 -21.51
C ALA L 46 -41.00 7.14 -20.24
N LYS L 47 -41.04 6.47 -19.08
CA LYS L 47 -41.05 7.13 -17.77
C LYS L 47 -39.71 7.79 -17.41
N ILE L 48 -38.57 7.15 -17.69
CA ILE L 48 -37.26 7.81 -17.49
C ILE L 48 -37.13 9.06 -18.38
N CYS L 49 -37.76 9.02 -19.57
CA CYS L 49 -37.94 10.19 -20.47
C CYS L 49 -36.60 10.92 -20.63
N PRO L 50 -35.50 10.17 -20.80
CA PRO L 50 -34.18 10.33 -20.18
C PRO L 50 -33.28 11.53 -20.50
N TYR L 51 -32.49 11.49 -21.56
CA TYR L 51 -31.39 12.46 -21.72
C TYR L 51 -31.48 13.53 -22.81
N GLU L 52 -31.23 13.28 -24.10
CA GLU L 52 -31.41 14.36 -25.15
C GLU L 52 -32.84 15.00 -25.06
N ARG L 53 -33.14 16.17 -25.63
CA ARG L 53 -32.60 16.81 -26.85
C ARG L 53 -31.11 17.16 -26.93
N GLN M 2 11.87 -18.38 54.52
CA GLN M 2 10.84 -18.21 55.59
C GLN M 2 11.09 -17.00 56.50
N PHE M 3 12.17 -16.26 56.22
CA PHE M 3 12.69 -15.24 57.14
C PHE M 3 13.55 -14.16 56.48
N MET M 4 14.01 -13.22 57.33
CA MET M 4 14.78 -12.05 56.89
C MET M 4 16.20 -12.09 57.41
N LEU M 5 17.15 -11.67 56.57
CA LEU M 5 18.58 -11.75 56.90
C LEU M 5 19.14 -10.43 57.41
N TYR M 6 20.24 -10.50 58.15
CA TYR M 6 20.96 -9.31 58.57
C TYR M 6 21.80 -8.78 57.40
N GLU M 7 21.73 -7.47 57.16
CA GLU M 7 22.50 -6.80 56.09
C GLU M 7 23.49 -5.75 56.65
N GLU M 8 24.71 -5.77 56.15
CA GLU M 8 25.79 -4.93 56.68
C GLU M 8 25.83 -3.57 56.02
N THR M 9 26.34 -2.57 56.75
CA THR M 9 26.65 -1.28 56.17
C THR M 9 28.03 -1.33 55.53
N ALA M 10 28.35 -0.28 54.78
CA ALA M 10 29.69 -0.09 54.22
C ALA M 10 30.76 -0.20 55.32
N GLU M 11 30.51 0.48 56.45
CA GLU M 11 31.43 0.49 57.59
C GLU M 11 31.73 -0.92 58.10
N GLU M 12 30.69 -1.76 58.17
CA GLU M 12 30.80 -3.12 58.71
C GLU M 12 31.52 -4.11 57.80
N ARG M 13 31.33 -3.96 56.49
CA ARG M 13 32.06 -4.77 55.50
C ARG M 13 33.56 -4.44 55.57
N ASN M 14 33.87 -3.17 55.88
CA ASN M 14 35.25 -2.72 55.99
C ASN M 14 35.94 -3.09 57.30
N ILE M 15 35.17 -3.08 58.39
CA ILE M 15 35.69 -3.47 59.70
C ILE M 15 35.99 -4.98 59.75
N ALA M 16 35.09 -5.79 59.21
CA ALA M 16 35.25 -7.24 59.18
C ALA M 16 36.42 -7.71 58.30
N VAL M 17 36.62 -7.02 57.18
CA VAL M 17 37.70 -7.34 56.22
C VAL M 17 39.10 -6.98 56.76
N HIS M 18 39.19 -5.90 57.53
CA HIS M 18 40.47 -5.50 58.10
C HIS M 18 40.92 -6.40 59.24
N ARG M 19 39.98 -6.77 60.12
CA ARG M 19 40.27 -7.70 61.22
C ARG M 19 40.90 -9.01 60.69
N HIS M 20 40.55 -9.35 59.44
CA HIS M 20 40.93 -10.63 58.85
C HIS M 20 42.43 -10.80 58.59
N ASN M 21 43.05 -9.78 57.99
CA ASN M 21 44.39 -9.93 57.42
C ASN M 21 45.57 -10.06 58.39
N GLU M 22 46.78 -10.15 57.82
CA GLU M 22 48.02 -10.27 58.58
C GLU M 22 49.22 -9.88 57.73
N GLN N 2 74.21 7.82 30.29
CA GLN N 2 75.41 8.71 30.34
C GLN N 2 75.58 9.41 31.71
N PHE N 3 74.63 9.15 32.63
CA PHE N 3 74.28 10.02 33.77
C PHE N 3 73.44 9.28 34.84
N MET N 4 73.15 9.97 35.94
CA MET N 4 72.44 9.42 37.10
C MET N 4 70.95 9.86 37.17
N LEU N 5 70.07 8.94 37.59
CA LEU N 5 68.62 9.23 37.66
C LEU N 5 68.16 9.60 39.06
N TYR N 6 67.01 10.26 39.13
CA TYR N 6 66.33 10.50 40.40
C TYR N 6 65.57 9.26 40.86
N GLU N 7 65.76 8.87 42.14
CA GLU N 7 65.06 7.73 42.77
C GLU N 7 64.15 8.15 43.94
N GLU N 8 62.92 7.63 43.94
CA GLU N 8 61.87 8.04 44.88
C GLU N 8 61.93 7.25 46.16
N THR N 9 61.52 7.88 47.26
CA THR N 9 61.33 7.17 48.52
C THR N 9 59.95 6.53 48.49
N ALA N 10 59.70 5.65 49.47
CA ALA N 10 58.39 5.04 49.70
C ALA N 10 57.32 6.13 49.80
N GLU N 11 57.60 7.18 50.57
CA GLU N 11 56.69 8.31 50.78
C GLU N 11 56.26 8.94 49.45
N GLU N 12 57.23 9.10 48.55
CA GLU N 12 57.01 9.79 47.27
C GLU N 12 56.24 8.94 46.27
N ARG N 13 56.50 7.64 46.23
CA ARG N 13 55.71 6.73 45.38
C ARG N 13 54.26 6.70 45.87
N ASN N 14 54.06 6.90 47.16
CA ASN N 14 52.71 6.91 47.73
C ASN N 14 52.00 8.22 47.53
N ILE N 15 52.74 9.33 47.55
CA ILE N 15 52.15 10.65 47.33
C ILE N 15 51.73 10.87 45.87
N ALA N 16 52.58 10.45 44.93
CA ALA N 16 52.29 10.61 43.51
C ALA N 16 51.10 9.75 43.03
N VAL N 17 50.99 8.54 43.59
CA VAL N 17 49.91 7.58 43.27
C VAL N 17 48.52 8.07 43.74
N HIS N 18 48.47 8.73 44.88
CA HIS N 18 47.21 9.19 45.46
C HIS N 18 46.69 10.41 44.74
N ARG N 19 47.60 11.32 44.38
CA ARG N 19 47.26 12.52 43.62
C ARG N 19 46.59 12.14 42.29
N HIS N 20 46.89 10.93 41.83
CA HIS N 20 46.41 10.48 40.55
C HIS N 20 44.91 10.20 40.46
N ASN N 21 44.36 9.46 41.44
CA ASN N 21 43.00 8.92 41.33
C ASN N 21 41.84 9.90 41.53
N GLN O 2 -7.76 50.98 -21.45
CA GLN O 2 -7.85 52.37 -21.95
C GLN O 2 -8.16 53.37 -20.83
N PHE O 3 -9.30 53.21 -20.17
CA PHE O 3 -9.72 54.13 -19.10
C PHE O 3 -10.51 53.44 -17.99
N MET O 4 -10.69 54.15 -16.89
CA MET O 4 -11.29 53.62 -15.67
C MET O 4 -12.70 54.14 -15.43
N LEU O 5 -13.60 53.26 -15.00
CA LEU O 5 -15.02 53.62 -14.79
C LEU O 5 -15.37 53.99 -13.36
N TYR O 6 -16.48 54.71 -13.19
CA TYR O 6 -17.04 55.02 -11.87
C TYR O 6 -17.82 53.82 -11.34
N GLU O 7 -17.55 53.43 -10.10
CA GLU O 7 -18.25 52.31 -9.44
C GLU O 7 -19.05 52.75 -8.20
N GLU O 8 -20.29 52.26 -8.12
CA GLU O 8 -21.24 52.67 -7.06
C GLU O 8 -21.07 51.88 -5.77
N THR O 9 -21.36 52.51 -4.64
CA THR O 9 -21.52 51.80 -3.38
C THR O 9 -22.92 51.22 -3.28
N ALA O 10 -23.10 50.37 -2.27
CA ALA O 10 -24.41 49.80 -1.99
C ALA O 10 -25.43 50.91 -1.81
N GLU O 11 -25.07 51.95 -1.05
CA GLU O 11 -25.95 53.09 -0.79
C GLU O 11 -26.44 53.75 -2.07
N GLU O 12 -25.51 53.90 -3.03
CA GLU O 12 -25.80 54.61 -4.27
C GLU O 12 -26.70 53.80 -5.21
N ARG O 13 -26.52 52.47 -5.25
CA ARG O 13 -27.41 51.64 -6.05
C ARG O 13 -28.82 51.67 -5.49
N ASN O 14 -28.90 51.85 -4.18
CA ASN O 14 -30.18 51.91 -3.53
C ASN O 14 -30.88 53.24 -3.70
N ILE O 15 -30.10 54.32 -3.72
CA ILE O 15 -30.64 55.68 -3.90
C ILE O 15 -31.19 55.90 -5.31
N ALA O 16 -30.44 55.43 -6.30
CA ALA O 16 -30.82 55.59 -7.71
C ALA O 16 -32.07 54.78 -8.08
N VAL O 17 -32.20 53.58 -7.50
CA VAL O 17 -33.33 52.66 -7.74
C VAL O 17 -34.64 53.18 -7.15
N HIS O 18 -34.56 53.83 -5.99
CA HIS O 18 -35.74 54.38 -5.36
C HIS O 18 -36.28 55.63 -6.02
N ARG O 19 -35.38 56.53 -6.40
CA ARG O 19 -35.75 57.72 -7.20
C ARG O 19 -36.54 57.35 -8.46
N HIS O 20 -36.29 56.15 -8.97
CA HIS O 20 -36.91 55.70 -10.20
C HIS O 20 -38.44 55.50 -10.14
N ASN O 21 -38.92 54.77 -9.14
CA ASN O 21 -40.30 54.27 -9.14
C ASN O 21 -41.39 55.29 -8.87
N GLN P 2 -71.23 31.12 5.30
CA GLN P 2 -72.08 31.24 6.51
C GLN P 2 -71.44 32.10 7.62
N PHE P 3 -70.36 32.85 7.31
CA PHE P 3 -69.49 33.51 8.34
C PHE P 3 -68.64 34.72 7.89
N MET P 4 -68.43 35.71 8.79
CA MET P 4 -67.59 36.88 8.48
C MET P 4 -66.12 36.67 8.90
N LEU P 5 -65.19 36.97 7.99
CA LEU P 5 -63.74 36.75 8.23
C LEU P 5 -63.00 38.00 8.68
N TYR P 6 -61.89 37.82 9.38
CA TYR P 6 -61.02 38.92 9.72
C TYR P 6 -60.19 39.38 8.51
N GLU P 7 -60.14 40.70 8.27
CA GLU P 7 -59.37 41.28 7.15
C GLU P 7 -58.24 42.21 7.61
N GLU P 8 -57.06 42.03 7.03
CA GLU P 8 -55.85 42.74 7.47
C GLU P 8 -55.72 44.08 6.78
N THR P 9 -55.02 44.99 7.47
CA THR P 9 -54.59 46.25 6.86
C THR P 9 -53.28 46.03 6.12
N ALA P 10 -52.89 47.03 5.34
CA ALA P 10 -51.58 47.06 4.69
C ALA P 10 -50.45 46.85 5.69
N GLU P 11 -50.55 47.53 6.85
CA GLU P 11 -49.56 47.44 7.92
C GLU P 11 -49.40 46.01 8.44
N GLU P 12 -50.51 45.30 8.58
CA GLU P 12 -50.51 43.94 9.11
C GLU P 12 -49.98 42.87 8.15
N ARG P 13 -50.26 43.02 6.86
CA ARG P 13 -49.69 42.14 5.82
C ARG P 13 -48.18 42.32 5.76
N ASN P 14 -47.71 43.53 6.03
CA ASN P 14 -46.28 43.84 6.05
C ASN P 14 -45.56 43.37 7.33
N ILE P 15 -46.25 43.42 8.48
CA ILE P 15 -45.68 42.98 9.75
C ILE P 15 -45.52 41.44 9.80
N ALA P 16 -46.56 40.73 9.35
CA ALA P 16 -46.56 39.27 9.32
C ALA P 16 -45.53 38.66 8.35
N VAL P 17 -45.35 39.31 7.20
CA VAL P 17 -44.37 38.89 6.16
C VAL P 17 -42.90 39.07 6.59
N HIS P 18 -42.63 40.14 7.35
CA HIS P 18 -41.27 40.42 7.84
C HIS P 18 -40.85 39.47 8.97
N ARG P 19 -41.76 39.22 9.91
CA ARG P 19 -41.53 38.24 11.00
C ARG P 19 -41.14 36.87 10.46
N HIS P 20 -41.54 36.58 9.21
CA HIS P 20 -41.37 35.28 8.61
C HIS P 20 -39.92 34.94 8.23
N ASN P 21 -39.23 35.88 7.57
CA ASN P 21 -37.94 35.59 6.92
C ASN P 21 -36.73 35.43 7.85
N GLU P 22 -35.54 35.71 7.32
CA GLU P 22 -34.27 35.61 8.05
C GLU P 22 -33.95 34.17 8.49
#